data_5LZL
#
_entry.id   5LZL
#
_cell.length_a   205.561
_cell.length_b   205.561
_cell.length_c   199.171
_cell.angle_alpha   90.00
_cell.angle_beta   90.00
_cell.angle_gamma   120.00
#
_symmetry.space_group_name_H-M   'P 31 2 1'
#
loop_
_entity.id
_entity.type
_entity.pdbx_description
1 polymer 'Delta-aminolevulinic acid dehydratase'
2 non-polymer 'ZINC ION'
3 water water
#
_entity_poly.entity_id   1
_entity_poly.type   'polypeptide(L)'
_entity_poly.pdbx_seq_one_letter_code
;MRVQFPTTRPRRLRASKIIRDAVAETQIDAGDFIYPLFVKPGGEREPIGPMPGIYRWPVGRELINHVEEALSLGINKFIL
FGVLPDELKNPEGTGGYDPEGVVPRAIRLIKEIFGDRVLVFADVCLCEYTDHGHCGVVKEKRDRWYVDNDETIKLYAKEA
VVYAEAGADFVAPSGMMDGQVREIRRALDAHGFEEVGIMAYSAKYASAFYGPFRVAAASAPKFGDRRTYQMDPRNAYEAL
KEVAMDLEEGADIVMVKPALAYLDVIRLVKQHFPWVPLAAYNVSGEYSLVKAAATAGYVDERTITLEILTAIKRAGADLI
LTYHALEAAKWIKEGLPF
;
_entity_poly.pdbx_strand_id   A,B,C,D,E,F,G,H,I,J,K,L
#
# COMPACT_ATOMS: atom_id res chain seq x y z
N MET A 1 22.80 -5.35 -17.53
CA MET A 1 21.76 -6.39 -17.89
C MET A 1 22.10 -7.08 -19.21
N ARG A 2 21.98 -8.41 -19.20
CA ARG A 2 22.32 -9.24 -20.35
C ARG A 2 20.98 -9.73 -20.95
N VAL A 3 20.05 -8.78 -21.12
CA VAL A 3 18.68 -9.00 -21.54
C VAL A 3 18.40 -8.15 -22.80
N GLN A 4 17.74 -8.76 -23.79
CA GLN A 4 17.54 -8.20 -25.16
C GLN A 4 16.11 -8.13 -25.66
N PHE A 5 15.89 -7.22 -26.60
CA PHE A 5 14.63 -7.16 -27.33
C PHE A 5 14.82 -7.92 -28.64
N PRO A 6 13.85 -8.70 -29.16
CA PRO A 6 12.46 -8.77 -28.76
C PRO A 6 12.08 -9.85 -27.72
N THR A 7 13.09 -10.55 -27.18
CA THR A 7 12.86 -11.68 -26.25
C THR A 7 12.29 -11.21 -24.95
N THR A 8 12.97 -10.27 -24.30
CA THR A 8 12.38 -9.60 -23.12
C THR A 8 11.70 -8.37 -23.65
N ARG A 9 10.47 -8.19 -23.19
CA ARG A 9 9.64 -7.09 -23.55
C ARG A 9 9.22 -6.37 -22.29
N PRO A 10 10.02 -5.40 -21.84
CA PRO A 10 9.72 -4.62 -20.64
C PRO A 10 8.27 -4.29 -20.35
N ARG A 11 7.42 -4.35 -21.39
CA ARG A 11 6.03 -3.94 -21.36
C ARG A 11 4.97 -5.03 -21.07
N ARG A 12 5.33 -6.31 -20.93
CA ARG A 12 4.33 -7.32 -20.50
C ARG A 12 3.99 -7.02 -19.05
N LEU A 13 4.98 -6.49 -18.33
CA LEU A 13 4.80 -6.07 -16.96
C LEU A 13 4.02 -4.76 -16.82
N ARG A 14 3.69 -4.10 -17.93
CA ARG A 14 2.95 -2.83 -17.89
C ARG A 14 1.50 -2.97 -18.43
N ALA A 15 1.13 -4.21 -18.78
CA ALA A 15 -0.02 -4.42 -19.65
C ALA A 15 -1.38 -4.36 -18.96
N SER A 16 -1.45 -4.48 -17.63
CA SER A 16 -2.70 -4.32 -16.86
C SER A 16 -2.45 -3.70 -15.50
N LYS A 17 -3.47 -3.05 -14.93
CA LYS A 17 -3.48 -2.54 -13.52
C LYS A 17 -3.09 -3.59 -12.49
N ILE A 18 -3.48 -4.84 -12.73
CA ILE A 18 -3.17 -5.93 -11.84
C ILE A 18 -1.68 -6.27 -11.89
N ILE A 19 -1.15 -6.54 -13.10
CA ILE A 19 0.26 -6.92 -13.25
C ILE A 19 1.21 -5.82 -12.76
N ARG A 20 0.86 -4.57 -13.05
CA ARG A 20 1.60 -3.41 -12.57
C ARG A 20 1.55 -3.32 -11.03
N ASP A 21 0.35 -3.47 -10.45
CA ASP A 21 0.19 -3.53 -8.98
C ASP A 21 0.92 -4.72 -8.39
N ALA A 22 0.93 -5.84 -9.11
CA ALA A 22 1.63 -7.07 -8.68
C ALA A 22 3.13 -6.92 -8.46
N VAL A 23 3.81 -6.39 -9.47
CA VAL A 23 5.28 -6.21 -9.44
C VAL A 23 5.80 -4.85 -8.91
N ALA A 24 4.94 -3.95 -8.49
CA ALA A 24 5.38 -2.66 -8.01
C ALA A 24 6.44 -2.71 -6.91
N GLU A 25 7.45 -1.84 -7.01
CA GLU A 25 8.56 -1.81 -6.05
C GLU A 25 8.17 -1.07 -4.80
N THR A 26 7.79 0.20 -4.90
CA THR A 26 7.23 0.99 -3.78
C THR A 26 5.78 0.61 -3.41
N GLN A 27 5.35 0.99 -2.23
CA GLN A 27 3.92 1.16 -1.93
C GLN A 27 3.81 2.28 -0.89
N ILE A 28 2.62 2.55 -0.38
CA ILE A 28 2.45 3.66 0.56
C ILE A 28 1.12 3.50 1.24
N ASP A 29 1.02 3.84 2.52
CA ASP A 29 -0.26 3.70 3.23
C ASP A 29 -0.37 4.58 4.46
N ALA A 30 -1.60 4.99 4.79
CA ALA A 30 -1.88 5.90 5.89
C ALA A 30 -0.81 5.94 7.00
N GLY A 31 -0.37 4.75 7.40
CA GLY A 31 0.68 4.56 8.42
C GLY A 31 2.08 5.05 8.12
N ASP A 32 2.38 5.35 6.87
CA ASP A 32 3.66 5.94 6.54
C ASP A 32 3.69 7.44 6.86
N PHE A 33 2.53 8.05 7.11
CA PHE A 33 2.43 9.50 7.35
C PHE A 33 2.56 9.96 8.80
N ILE A 34 3.19 11.14 8.94
CA ILE A 34 3.21 11.93 10.16
C ILE A 34 2.67 13.31 9.87
N TYR A 35 1.45 13.57 10.37
CA TYR A 35 0.68 14.80 10.09
C TYR A 35 0.99 15.92 11.08
N PRO A 36 1.51 17.06 10.57
CA PRO A 36 1.72 18.20 11.45
C PRO A 36 0.43 18.99 11.74
N LEU A 37 0.39 19.51 12.97
CA LEU A 37 -0.67 20.34 13.49
C LEU A 37 0.04 21.58 13.96
N PHE A 38 -0.39 22.75 13.49
CA PHE A 38 -0.01 24.00 14.16
C PHE A 38 -0.86 24.25 15.43
N VAL A 39 -0.28 24.96 16.39
CA VAL A 39 -0.97 25.28 17.64
C VAL A 39 -0.70 26.71 18.12
N LYS A 40 -1.73 27.29 18.74
CA LYS A 40 -1.69 28.63 19.33
C LYS A 40 -2.45 28.62 20.67
N PRO A 41 -2.05 29.49 21.61
CA PRO A 41 -2.77 29.51 22.90
C PRO A 41 -4.23 29.97 22.74
N GLY A 42 -4.44 31.14 22.14
CA GLY A 42 -5.75 31.80 22.10
C GLY A 42 -6.85 31.16 21.26
N GLY A 43 -7.73 30.42 21.94
CA GLY A 43 -8.91 29.71 21.37
C GLY A 43 -9.57 30.28 20.13
N GLU A 44 -8.86 30.19 19.02
CA GLU A 44 -9.29 30.75 17.74
C GLU A 44 -8.82 29.86 16.59
N ARG A 45 -9.68 28.95 16.12
CA ARG A 45 -9.35 28.06 14.99
C ARG A 45 -9.14 28.83 13.67
N GLU A 46 -7.88 29.08 13.33
CA GLU A 46 -7.51 30.08 12.33
C GLU A 46 -7.06 29.41 11.05
N PRO A 47 -7.58 29.87 9.90
CA PRO A 47 -7.18 29.27 8.65
C PRO A 47 -5.93 29.90 8.03
N ILE A 48 -5.02 29.05 7.55
CA ILE A 48 -3.84 29.52 6.84
C ILE A 48 -4.13 29.47 5.35
N GLY A 49 -4.84 30.48 4.84
CA GLY A 49 -5.06 30.68 3.40
C GLY A 49 -3.79 30.98 2.58
N PRO A 50 -2.68 31.38 3.25
CA PRO A 50 -1.34 31.37 2.65
C PRO A 50 -0.74 29.98 2.43
N MET A 51 -1.45 28.94 2.86
CA MET A 51 -1.04 27.59 2.63
C MET A 51 -1.64 27.06 1.34
N PRO A 52 -2.91 26.57 1.18
CA PRO A 52 -4.08 26.80 2.00
C PRO A 52 -4.55 25.52 2.73
N GLY A 53 -5.70 24.94 2.40
CA GLY A 53 -6.16 23.65 2.97
C GLY A 53 -6.29 23.49 4.49
N ILE A 54 -5.18 23.57 5.23
CA ILE A 54 -5.18 23.29 6.69
C ILE A 54 -5.32 24.59 7.49
N TYR A 55 -5.64 24.43 8.76
CA TYR A 55 -5.85 25.52 9.69
C TYR A 55 -4.70 25.51 10.70
N ARG A 56 -5.00 25.85 11.96
CA ARG A 56 -3.99 26.29 12.93
C ARG A 56 -4.62 26.27 14.33
N TRP A 57 -4.67 25.06 14.88
CA TRP A 57 -5.59 24.74 15.97
C TRP A 57 -5.21 25.35 17.33
N PRO A 58 -6.19 25.84 18.12
CA PRO A 58 -5.89 26.20 19.48
C PRO A 58 -6.02 24.97 20.34
N VAL A 59 -5.31 24.98 21.47
CA VAL A 59 -5.24 23.76 22.26
C VAL A 59 -6.55 23.54 23.01
N GLY A 60 -7.40 22.68 22.45
CA GLY A 60 -8.67 22.37 23.11
C GLY A 60 -9.54 21.40 22.35
N ARG A 61 -10.85 21.59 22.49
CA ARG A 61 -11.88 20.63 22.08
C ARG A 61 -11.89 20.25 20.61
N GLU A 62 -11.66 21.21 19.72
CA GLU A 62 -11.60 20.95 18.26
C GLU A 62 -10.38 20.11 17.88
N LEU A 63 -9.19 20.61 18.18
CA LEU A 63 -7.91 19.92 17.92
C LEU A 63 -7.95 18.44 18.26
N ILE A 64 -8.39 18.14 19.47
CA ILE A 64 -8.56 16.77 19.91
C ILE A 64 -9.51 15.98 18.99
N ASN A 65 -10.54 16.63 18.45
CA ASN A 65 -11.37 16.00 17.42
C ASN A 65 -10.69 15.90 16.04
N HIS A 66 -9.81 16.84 15.70
CA HIS A 66 -9.03 16.77 14.44
C HIS A 66 -8.04 15.63 14.43
N VAL A 67 -7.41 15.36 15.58
CA VAL A 67 -6.52 14.20 15.68
C VAL A 67 -7.39 12.93 15.71
N GLU A 68 -8.52 13.00 16.41
CA GLU A 68 -9.52 11.90 16.44
C GLU A 68 -9.85 11.50 15.01
N GLU A 69 -10.00 12.52 14.18
CA GLU A 69 -10.38 12.37 12.80
C GLU A 69 -9.23 11.73 12.05
N ALA A 70 -8.05 12.29 12.14
CA ALA A 70 -6.90 11.75 11.39
C ALA A 70 -6.61 10.33 11.85
N LEU A 71 -6.61 10.11 13.17
CA LEU A 71 -6.46 8.77 13.74
C LEU A 71 -7.45 7.81 13.13
N SER A 72 -8.65 8.31 12.87
CA SER A 72 -9.72 7.52 12.29
C SER A 72 -9.45 7.08 10.87
N LEU A 73 -8.59 7.78 10.12
CA LEU A 73 -8.10 7.24 8.82
C LEU A 73 -6.76 6.54 8.95
N GLY A 74 -6.40 6.07 10.14
CA GLY A 74 -5.09 5.49 10.36
C GLY A 74 -3.97 6.49 10.14
N ILE A 75 -4.14 7.69 10.67
CA ILE A 75 -3.01 8.61 10.82
C ILE A 75 -2.86 8.82 12.33
N ASN A 76 -1.92 8.10 12.88
CA ASN A 76 -1.72 8.00 14.31
C ASN A 76 -0.43 8.66 14.78
N LYS A 77 0.22 9.45 13.90
CA LYS A 77 1.51 10.10 14.23
C LYS A 77 1.41 11.59 13.97
N PHE A 78 1.86 12.40 14.92
CA PHE A 78 1.66 13.83 14.84
C PHE A 78 2.91 14.53 15.25
N ILE A 79 3.22 15.64 14.57
CA ILE A 79 4.34 16.50 14.98
C ILE A 79 3.79 17.92 15.26
N LEU A 80 4.24 18.54 16.35
CA LEU A 80 3.55 19.71 16.95
C LEU A 80 4.37 20.98 16.96
N PHE A 81 3.91 21.95 16.18
CA PHE A 81 4.62 23.21 16.01
C PHE A 81 3.91 24.31 16.77
N GLY A 82 4.66 25.12 17.51
CA GLY A 82 4.08 26.24 18.25
C GLY A 82 3.98 27.50 17.41
N VAL A 83 2.93 28.29 17.62
CA VAL A 83 2.77 29.60 16.98
C VAL A 83 2.36 30.61 18.03
N LEU A 84 3.27 31.54 18.32
CA LEU A 84 3.03 32.59 19.30
C LEU A 84 2.90 33.95 18.59
N PRO A 85 2.23 34.90 19.25
CA PRO A 85 2.20 36.28 18.79
C PRO A 85 3.48 37.02 19.21
N ASP A 86 3.58 38.29 18.82
CA ASP A 86 4.81 39.07 19.03
C ASP A 86 5.15 39.51 20.46
N GLU A 87 4.19 39.69 21.36
CA GLU A 87 4.54 40.05 22.76
C GLU A 87 5.24 38.88 23.47
N LEU A 88 4.88 37.67 23.06
CA LEU A 88 5.42 36.47 23.70
C LEU A 88 6.81 36.09 23.17
N LYS A 89 7.19 36.59 21.99
CA LYS A 89 8.53 36.31 21.41
C LYS A 89 9.58 37.31 21.86
N ASN A 90 10.84 36.87 21.92
CA ASN A 90 11.95 37.66 22.49
C ASN A 90 13.32 37.08 22.16
N PRO A 91 14.41 37.90 22.22
CA PRO A 91 15.70 37.47 21.64
C PRO A 91 16.40 36.20 22.21
N GLU A 92 15.86 35.65 23.31
CA GLU A 92 16.31 34.38 23.91
C GLU A 92 15.32 33.22 23.79
N GLY A 93 14.11 33.47 23.32
CA GLY A 93 13.16 32.41 22.95
C GLY A 93 12.42 31.68 24.06
N THR A 94 12.34 32.29 25.23
CA THR A 94 11.80 31.66 26.43
C THR A 94 10.40 31.02 26.35
N GLY A 95 9.62 31.32 25.32
CA GLY A 95 8.36 30.61 25.08
C GLY A 95 8.59 29.13 24.83
N GLY A 96 9.75 28.82 24.26
CA GLY A 96 10.10 27.46 23.85
C GLY A 96 10.27 26.50 25.01
N TYR A 97 10.73 27.00 26.14
CA TYR A 97 11.03 26.17 27.30
C TYR A 97 10.20 26.73 28.43
N ASP A 98 8.90 26.71 28.21
CA ASP A 98 7.90 27.32 29.08
C ASP A 98 7.04 26.14 29.55
N PRO A 99 7.19 25.72 30.83
CA PRO A 99 6.62 24.42 31.20
C PRO A 99 5.13 24.32 30.92
N GLU A 100 4.35 25.36 31.20
CA GLU A 100 2.98 25.42 30.66
C GLU A 100 3.01 26.35 29.43
N GLY A 101 3.68 25.88 28.38
CA GLY A 101 3.97 26.65 27.16
C GLY A 101 2.77 26.59 26.24
N VAL A 102 2.97 26.21 24.98
CA VAL A 102 1.85 25.90 24.09
C VAL A 102 1.83 24.43 23.76
N VAL A 103 2.96 23.98 23.21
CA VAL A 103 3.13 22.60 22.75
C VAL A 103 3.18 21.64 23.94
N PRO A 104 3.80 22.03 25.08
CA PRO A 104 3.68 21.11 26.22
C PRO A 104 2.23 20.91 26.69
N ARG A 105 1.40 21.91 26.46
CA ARG A 105 -0.03 21.80 26.78
C ARG A 105 -0.65 20.80 25.86
N ALA A 106 -0.55 21.08 24.57
CA ALA A 106 -1.07 20.20 23.55
C ALA A 106 -0.64 18.72 23.75
N ILE A 107 0.63 18.48 24.10
CA ILE A 107 1.17 17.12 24.36
C ILE A 107 0.25 16.44 25.37
N ARG A 108 0.04 17.11 26.51
CA ARG A 108 -0.65 16.51 27.65
C ARG A 108 -2.10 16.19 27.34
N LEU A 109 -2.73 17.08 26.58
CA LEU A 109 -4.06 16.86 26.06
C LEU A 109 -4.03 15.58 25.18
N ILE A 110 -3.24 15.66 24.11
CA ILE A 110 -3.16 14.59 23.13
C ILE A 110 -2.85 13.23 23.76
N LYS A 111 -1.88 13.18 24.66
CA LYS A 111 -1.55 11.93 25.33
C LYS A 111 -2.59 11.42 26.35
N GLU A 112 -3.32 12.29 27.03
CA GLU A 112 -4.33 11.81 27.99
C GLU A 112 -5.49 11.20 27.22
N ILE A 113 -6.15 12.04 26.44
CA ILE A 113 -7.35 11.68 25.67
C ILE A 113 -7.17 10.74 24.44
N PHE A 114 -5.97 10.16 24.27
CA PHE A 114 -5.67 9.08 23.31
C PHE A 114 -4.72 8.00 23.80
N GLY A 115 -3.71 8.38 24.58
CA GLY A 115 -2.78 7.42 25.20
C GLY A 115 -1.93 6.75 24.15
N ASP A 116 -1.86 5.43 24.26
CA ASP A 116 -1.01 4.61 23.40
C ASP A 116 -1.62 4.39 22.01
N ARG A 117 -2.59 5.21 21.60
CA ARG A 117 -3.15 5.15 20.26
C ARG A 117 -2.63 6.29 19.42
N VAL A 118 -1.53 6.89 19.84
CA VAL A 118 -1.04 8.05 19.14
C VAL A 118 0.40 8.28 19.52
N LEU A 119 1.21 8.57 18.50
CA LEU A 119 2.59 8.99 18.69
C LEU A 119 2.76 10.53 18.47
N VAL A 120 3.28 11.19 19.51
CA VAL A 120 3.50 12.63 19.48
C VAL A 120 5.00 12.95 19.44
N PHE A 121 5.40 13.43 18.25
CA PHE A 121 6.65 14.14 18.03
C PHE A 121 6.46 15.61 18.41
N ALA A 122 7.54 16.24 18.88
CA ALA A 122 7.55 17.66 19.24
C ALA A 122 8.73 18.38 18.60
N ASP A 123 8.46 19.31 17.71
CA ASP A 123 9.52 20.05 17.05
C ASP A 123 10.30 20.92 18.03
N VAL A 124 11.62 20.84 17.98
CA VAL A 124 12.49 21.61 18.89
C VAL A 124 13.21 22.68 18.08
N CYS A 125 12.74 23.91 18.22
CA CYS A 125 13.49 25.04 17.69
C CYS A 125 13.23 26.32 18.42
N LEU A 126 13.82 27.38 17.89
CA LEU A 126 13.62 28.72 18.39
C LEU A 126 13.24 29.72 17.29
N CYS A 127 12.95 29.26 16.08
CA CYS A 127 12.57 30.17 15.03
C CYS A 127 11.22 30.74 15.39
N GLU A 128 10.32 29.86 15.81
CA GLU A 128 8.91 30.19 16.05
C GLU A 128 8.69 30.85 17.38
N TYR A 129 9.71 30.86 18.23
CA TYR A 129 9.63 31.43 19.53
C TYR A 129 10.47 32.71 19.73
N THR A 130 11.41 33.06 18.83
CA THR A 130 12.20 34.30 19.01
C THR A 130 11.71 35.43 18.14
N ASP A 131 12.00 36.65 18.58
CA ASP A 131 11.56 37.89 17.91
C ASP A 131 12.35 38.28 16.65
N HIS A 132 13.51 37.64 16.43
CA HIS A 132 14.24 37.81 15.17
C HIS A 132 13.92 36.76 14.14
N GLY A 133 13.32 35.62 14.57
CA GLY A 133 12.90 34.53 13.65
C GLY A 133 13.89 33.38 13.45
N HIS A 134 15.12 33.59 13.88
CA HIS A 134 16.23 32.64 13.83
C HIS A 134 16.18 31.47 14.80
N CYS A 135 16.76 30.37 14.33
CA CYS A 135 16.68 29.09 15.03
C CYS A 135 17.63 29.01 16.21
N GLY A 136 18.46 30.04 16.37
CA GLY A 136 19.18 30.27 17.62
C GLY A 136 19.09 31.68 18.19
N VAL A 137 19.54 31.78 19.43
CA VAL A 137 20.20 32.95 20.02
C VAL A 137 21.08 33.71 18.99
N VAL A 138 20.72 34.95 18.67
CA VAL A 138 21.58 35.78 17.80
C VAL A 138 22.60 36.46 18.69
N LYS A 139 23.83 36.50 18.21
CA LYS A 139 24.91 37.28 18.83
C LYS A 139 25.65 38.12 17.79
N GLU A 140 26.52 38.99 18.29
CA GLU A 140 27.30 39.91 17.48
C GLU A 140 28.79 39.61 17.75
N LYS A 141 29.40 38.88 16.82
CA LYS A 141 30.84 38.67 16.78
C LYS A 141 31.38 40.02 16.36
N ARG A 142 32.16 40.65 17.24
CA ARG A 142 32.56 42.07 17.11
C ARG A 142 32.80 42.52 15.67
N ASP A 143 33.43 41.65 14.87
CA ASP A 143 33.51 41.82 13.40
C ASP A 143 32.12 42.13 12.81
N ARG A 144 31.22 41.14 12.84
CA ARG A 144 29.86 41.32 12.28
C ARG A 144 28.67 40.84 13.12
N TRP A 145 28.50 39.53 13.26
CA TRP A 145 27.16 38.93 13.33
C TRP A 145 27.34 37.41 13.40
N TYR A 146 26.26 36.68 13.77
CA TYR A 146 26.16 35.18 13.62
C TYR A 146 25.14 34.59 14.61
N VAL A 147 24.78 33.33 14.41
CA VAL A 147 24.03 32.54 15.41
C VAL A 147 25.09 31.74 16.18
N ASP A 148 25.17 31.98 17.50
CA ASP A 148 26.14 31.29 18.32
C ASP A 148 25.65 29.89 18.48
N ASN A 149 26.43 28.95 17.95
CA ASN A 149 26.06 27.53 17.96
C ASN A 149 25.72 27.10 19.39
N ASP A 150 26.74 27.16 20.25
CA ASP A 150 26.74 26.47 21.56
C ASP A 150 25.81 27.05 22.63
N GLU A 151 25.48 28.34 22.54
CA GLU A 151 24.52 28.97 23.48
C GLU A 151 23.07 28.48 23.14
N THR A 152 22.82 28.15 21.86
CA THR A 152 21.46 27.72 21.40
C THR A 152 21.29 26.21 21.49
N ILE A 153 22.38 25.46 21.33
CA ILE A 153 22.42 24.02 21.65
C ILE A 153 21.87 23.75 23.09
N LYS A 154 22.29 24.58 24.05
CA LYS A 154 21.92 24.42 25.48
C LYS A 154 20.45 24.67 25.73
N LEU A 155 19.86 25.59 24.97
CA LEU A 155 18.44 25.88 25.10
C LEU A 155 17.52 24.81 24.50
N TYR A 156 17.93 24.22 23.37
CA TYR A 156 17.22 23.06 22.81
C TYR A 156 17.05 21.96 23.88
N ALA A 157 18.08 21.80 24.71
CA ALA A 157 18.08 20.82 25.78
C ALA A 157 16.93 21.06 26.73
N LYS A 158 16.82 22.29 27.21
CA LYS A 158 15.70 22.69 28.09
C LYS A 158 14.36 22.33 27.42
N GLU A 159 14.19 22.76 26.15
CA GLU A 159 12.97 22.55 25.33
C GLU A 159 12.53 21.10 25.27
N ALA A 160 13.47 20.22 24.96
CA ALA A 160 13.20 18.79 24.93
C ALA A 160 12.63 18.31 26.26
N VAL A 161 13.34 18.65 27.32
CA VAL A 161 13.08 18.10 28.65
C VAL A 161 11.68 18.53 29.13
N VAL A 162 11.28 19.75 28.79
CA VAL A 162 9.90 20.20 29.01
C VAL A 162 8.94 19.21 28.33
N TYR A 163 9.10 19.10 27.00
CA TYR A 163 8.13 18.35 26.19
C TYR A 163 8.13 16.90 26.61
N ALA A 164 9.30 16.45 27.11
CA ALA A 164 9.52 15.10 27.61
C ALA A 164 8.60 14.81 28.75
N GLU A 165 8.57 15.76 29.71
CA GLU A 165 7.74 15.69 30.92
C GLU A 165 6.29 15.82 30.58
N ALA A 166 5.98 16.66 29.60
CA ALA A 166 4.63 16.74 29.09
C ALA A 166 4.11 15.36 28.66
N GLY A 167 4.98 14.52 28.14
CA GLY A 167 4.64 13.19 27.67
C GLY A 167 4.94 13.00 26.19
N ALA A 168 5.76 13.89 25.59
CA ALA A 168 6.19 13.70 24.21
C ALA A 168 6.89 12.35 24.10
N ASP A 169 6.54 11.60 23.06
CA ASP A 169 7.21 10.35 22.76
C ASP A 169 8.53 10.58 22.13
N PHE A 170 8.61 11.69 21.40
CA PHE A 170 9.73 12.00 20.56
C PHE A 170 9.91 13.48 20.36
N VAL A 171 11.11 13.82 19.96
CA VAL A 171 11.66 15.13 20.06
C VAL A 171 12.50 15.37 18.79
N ALA A 172 12.26 16.48 18.10
CA ALA A 172 12.78 16.64 16.74
C ALA A 172 13.46 18.00 16.45
N PRO A 173 14.79 18.10 16.63
CA PRO A 173 15.51 19.38 16.40
C PRO A 173 15.68 19.88 14.95
N SER A 174 14.86 20.86 14.58
CA SER A 174 14.83 21.43 13.24
C SER A 174 15.73 22.65 13.05
N GLY A 175 16.49 23.03 14.08
CA GLY A 175 17.39 24.17 13.99
C GLY A 175 18.65 24.06 13.12
N MET A 176 19.14 22.85 12.89
CA MET A 176 20.43 22.60 12.22
C MET A 176 21.70 23.10 12.95
N MET A 177 21.59 23.37 14.25
CA MET A 177 22.79 23.63 15.06
C MET A 177 23.59 22.32 15.09
N ASP A 178 24.91 22.43 15.10
CA ASP A 178 25.79 21.26 15.13
C ASP A 178 25.87 20.74 16.53
N GLY A 179 26.02 19.43 16.65
CA GLY A 179 26.07 18.79 17.97
C GLY A 179 24.88 19.11 18.83
N GLN A 180 23.70 19.20 18.22
CA GLN A 180 22.46 19.46 18.95
C GLN A 180 21.89 18.17 19.53
N VAL A 181 22.06 17.08 18.77
CA VAL A 181 21.46 15.79 19.09
C VAL A 181 22.15 15.24 20.33
N ARG A 182 23.47 15.44 20.39
CA ARG A 182 24.29 15.06 21.55
C ARG A 182 23.84 15.78 22.81
N GLU A 183 23.49 17.05 22.67
CA GLU A 183 23.08 17.84 23.81
C GLU A 183 21.70 17.42 24.28
N ILE A 184 20.79 17.34 23.33
CA ILE A 184 19.41 17.07 23.65
C ILE A 184 19.28 15.68 24.28
N ARG A 185 20.11 14.74 23.82
CA ARG A 185 20.20 13.41 24.41
C ARG A 185 20.77 13.44 25.84
N ARG A 186 21.95 14.01 26.02
CA ARG A 186 22.57 14.06 27.35
C ARG A 186 21.57 14.56 28.37
N ALA A 187 21.02 15.73 28.06
CA ALA A 187 20.10 16.44 28.94
C ALA A 187 18.85 15.62 29.24
N LEU A 188 18.22 15.05 28.21
CA LEU A 188 17.16 14.05 28.36
C LEU A 188 17.57 12.84 29.19
N ASP A 189 18.78 12.33 28.98
CA ASP A 189 19.29 11.17 29.75
C ASP A 189 19.37 11.49 31.23
N ALA A 190 19.69 12.74 31.56
CA ALA A 190 19.83 13.20 32.96
C ALA A 190 18.54 13.34 33.75
N HIS A 191 17.50 13.81 33.08
CA HIS A 191 16.20 14.01 33.72
C HIS A 191 15.40 12.72 33.52
N GLY A 192 16.08 11.61 33.22
CA GLY A 192 15.50 10.27 33.36
C GLY A 192 14.48 9.93 32.30
N PHE A 193 14.63 10.60 31.16
CA PHE A 193 13.78 10.43 29.99
C PHE A 193 14.57 9.69 28.88
N GLU A 194 15.22 8.59 29.25
CA GLU A 194 15.96 7.76 28.32
C GLU A 194 14.93 7.13 27.37
N GLU A 195 13.72 6.94 27.90
CA GLU A 195 12.57 6.41 27.18
C GLU A 195 12.10 7.19 25.95
N VAL A 196 12.44 8.48 25.91
CA VAL A 196 12.06 9.39 24.81
C VAL A 196 13.09 9.35 23.72
N GLY A 197 12.65 9.36 22.47
CA GLY A 197 13.57 9.28 21.36
C GLY A 197 13.83 10.63 20.76
N ILE A 198 14.75 10.65 19.81
CA ILE A 198 15.03 11.84 19.03
C ILE A 198 14.90 11.51 17.55
N MET A 199 14.04 12.26 16.84
CA MET A 199 13.97 12.22 15.35
C MET A 199 14.71 13.43 14.79
N ALA A 200 15.95 13.24 14.36
CA ALA A 200 16.76 14.40 14.03
C ALA A 200 16.52 14.82 12.60
N TYR A 201 16.20 16.10 12.43
CA TYR A 201 16.19 16.73 11.12
C TYR A 201 17.64 16.93 10.77
N SER A 202 18.24 15.96 10.12
CA SER A 202 19.70 15.93 10.07
C SER A 202 20.28 16.64 8.84
N ALA A 203 19.76 16.25 7.68
CA ALA A 203 20.05 16.93 6.42
C ALA A 203 18.89 17.85 6.05
N LYS A 204 18.79 18.98 6.78
CA LYS A 204 17.84 20.06 6.45
C LYS A 204 18.50 21.16 5.61
N TYR A 205 17.89 21.46 4.47
CA TYR A 205 18.50 22.33 3.49
C TYR A 205 17.92 23.74 3.52
N ALA A 206 18.72 24.67 3.03
CA ALA A 206 18.35 26.07 2.91
C ALA A 206 17.51 26.26 1.67
N SER A 207 16.20 26.25 1.82
CA SER A 207 15.31 26.08 0.69
C SER A 207 14.27 27.20 0.43
N ALA A 208 14.07 27.53 -0.83
CA ALA A 208 12.88 28.31 -1.24
C ALA A 208 11.51 27.78 -0.76
N PHE A 209 11.41 26.48 -0.45
CA PHE A 209 10.10 25.87 -0.25
C PHE A 209 9.43 26.24 1.07
N TYR A 210 10.13 26.85 2.03
CA TYR A 210 9.51 27.11 3.35
C TYR A 210 8.57 28.35 3.47
N GLY A 211 8.39 29.11 2.38
CA GLY A 211 7.64 30.38 2.46
C GLY A 211 6.34 30.29 3.25
N PRO A 212 5.54 29.24 2.99
CA PRO A 212 4.27 29.02 3.68
C PRO A 212 4.36 28.59 5.15
N PHE A 213 5.41 27.85 5.52
CA PHE A 213 5.66 27.57 6.92
C PHE A 213 5.81 28.88 7.66
N ARG A 214 6.71 29.75 7.18
CA ARG A 214 7.02 31.01 7.87
C ARG A 214 5.76 31.81 8.24
N VAL A 215 4.81 31.87 7.29
CA VAL A 215 3.48 32.45 7.50
C VAL A 215 2.64 31.60 8.47
N ALA A 216 2.74 30.28 8.35
CA ALA A 216 2.07 29.32 9.25
C ALA A 216 2.64 29.19 10.68
N ALA A 217 3.70 29.91 11.03
CA ALA A 217 4.12 30.00 12.42
C ALA A 217 4.63 31.36 12.87
N ALA A 218 4.56 32.35 11.97
CA ALA A 218 5.21 33.64 12.14
C ALA A 218 6.64 33.40 12.61
N SER A 219 7.40 32.82 11.69
CA SER A 219 8.80 32.48 11.91
C SER A 219 9.68 32.93 10.73
N ALA A 220 9.22 33.95 10.01
CA ALA A 220 10.00 34.56 8.96
C ALA A 220 11.15 35.30 9.64
N PRO A 221 12.41 34.98 9.27
CA PRO A 221 13.53 35.71 9.85
C PRO A 221 13.49 37.20 9.55
N LYS A 222 13.83 38.02 10.52
CA LYS A 222 13.76 39.49 10.39
C LYS A 222 14.94 40.04 9.59
N PHE A 223 16.13 39.53 9.84
CA PHE A 223 17.34 40.00 9.16
C PHE A 223 18.05 38.85 8.45
N GLY A 224 17.39 38.37 7.40
CA GLY A 224 18.07 37.60 6.38
C GLY A 224 18.08 36.11 6.59
N ASP A 225 18.83 35.44 5.74
CA ASP A 225 18.64 34.03 5.52
C ASP A 225 19.39 33.10 6.48
N ARG A 226 18.95 31.84 6.41
CA ARG A 226 19.42 30.76 7.24
C ARG A 226 20.48 29.96 6.48
N ARG A 227 21.24 30.60 5.59
CA ARG A 227 22.28 29.91 4.81
C ARG A 227 23.47 29.39 5.69
N THR A 228 23.58 29.92 6.91
CA THR A 228 24.77 29.83 7.73
C THR A 228 24.62 28.71 8.75
N TYR A 229 23.47 28.05 8.75
CA TYR A 229 23.24 26.83 9.56
C TYR A 229 22.64 25.69 8.70
N GLN A 230 21.44 25.92 8.13
CA GLN A 230 20.81 25.01 7.18
C GLN A 230 21.74 24.76 5.99
N MET A 231 21.54 23.63 5.33
CA MET A 231 22.50 23.14 4.33
C MET A 231 22.35 23.80 2.96
N ASP A 232 23.48 23.82 2.25
CA ASP A 232 23.56 24.28 0.86
C ASP A 232 22.89 23.19 0.00
N PRO A 233 21.87 23.55 -0.79
CA PRO A 233 21.26 22.54 -1.67
C PRO A 233 22.12 22.08 -2.88
N ARG A 234 23.25 22.74 -3.16
CA ARG A 234 24.19 22.16 -4.11
C ARG A 234 24.77 20.81 -3.63
N ASN A 235 24.66 20.50 -2.33
CA ASN A 235 25.37 19.35 -1.71
C ASN A 235 24.56 18.07 -1.34
N ALA A 236 24.88 16.98 -2.01
CA ALA A 236 24.23 15.72 -1.79
C ALA A 236 24.91 14.90 -0.67
N TYR A 237 26.22 14.72 -0.79
CA TYR A 237 27.02 13.90 0.13
C TYR A 237 27.30 14.58 1.48
N GLU A 238 27.46 15.90 1.52
CA GLU A 238 27.48 16.57 2.82
C GLU A 238 26.43 15.90 3.75
N ALA A 239 25.24 15.53 3.25
CA ALA A 239 24.20 14.87 4.09
C ALA A 239 24.66 13.61 4.79
N LEU A 240 25.32 12.72 4.06
CA LEU A 240 25.90 11.53 4.69
C LEU A 240 26.65 11.88 6.00
N LYS A 241 27.36 13.01 6.00
CA LYS A 241 28.09 13.54 7.18
C LYS A 241 27.12 13.99 8.29
N GLU A 242 26.16 14.82 7.91
CA GLU A 242 25.25 15.41 8.90
C GLU A 242 24.31 14.33 9.50
N VAL A 243 24.17 13.19 8.83
CA VAL A 243 23.42 12.03 9.34
C VAL A 243 24.24 11.17 10.33
N ALA A 244 25.46 10.83 9.94
CA ALA A 244 26.29 9.93 10.74
C ALA A 244 26.60 10.54 12.06
N MET A 245 26.80 11.85 12.07
CA MET A 245 26.99 12.56 13.32
C MET A 245 25.75 12.44 14.21
N ASP A 246 24.57 12.74 13.66
CA ASP A 246 23.34 12.70 14.44
C ASP A 246 23.08 11.32 14.97
N LEU A 247 23.55 10.29 14.29
CA LEU A 247 23.39 8.91 14.79
C LEU A 247 24.25 8.57 16.00
N GLU A 248 25.59 8.72 15.85
CA GLU A 248 26.59 8.66 16.94
C GLU A 248 26.13 9.44 18.15
N GLU A 249 25.44 10.56 17.91
CA GLU A 249 24.98 11.43 18.98
C GLU A 249 23.69 10.95 19.68
N GLY A 250 23.09 9.86 19.20
CA GLY A 250 21.97 9.22 19.86
C GLY A 250 20.65 9.22 19.11
N ALA A 251 20.57 9.88 17.95
CA ALA A 251 19.32 9.92 17.17
C ALA A 251 18.80 8.52 16.94
N ASP A 252 17.47 8.43 16.96
CA ASP A 252 16.70 7.19 16.75
C ASP A 252 16.13 7.03 15.34
N ILE A 253 15.92 8.20 14.70
CA ILE A 253 15.31 8.39 13.39
C ILE A 253 15.99 9.64 12.78
N VAL A 254 16.38 9.54 11.53
CA VAL A 254 17.13 10.56 10.85
C VAL A 254 16.28 11.01 9.67
N MET A 255 16.34 12.29 9.30
CA MET A 255 15.50 12.73 8.20
C MET A 255 16.05 13.82 7.29
N VAL A 256 15.29 14.06 6.21
CA VAL A 256 15.66 14.96 5.12
C VAL A 256 14.52 15.98 4.75
N LYS A 257 14.88 17.27 4.76
CA LYS A 257 13.96 18.38 4.54
C LYS A 257 14.68 19.34 3.60
N PRO A 258 14.11 19.69 2.44
CA PRO A 258 12.84 19.12 1.89
C PRO A 258 12.95 17.76 1.22
N ALA A 259 11.80 17.25 0.79
CA ALA A 259 11.74 15.91 0.19
C ALA A 259 11.77 15.96 -1.34
N LEU A 260 10.64 16.28 -1.98
CA LEU A 260 10.51 16.25 -3.44
C LEU A 260 11.76 16.78 -4.22
N ALA A 261 12.18 17.99 -3.89
CA ALA A 261 13.33 18.61 -4.56
C ALA A 261 14.70 18.00 -4.18
N TYR A 262 14.71 17.15 -3.14
CA TYR A 262 15.92 16.42 -2.67
C TYR A 262 15.70 14.86 -2.47
N LEU A 263 14.81 14.28 -3.30
CA LEU A 263 14.64 12.81 -3.44
C LEU A 263 15.93 12.05 -3.73
N ASP A 264 16.77 12.62 -4.57
CA ASP A 264 18.08 12.04 -4.80
C ASP A 264 18.96 11.91 -3.53
N VAL A 265 18.78 12.82 -2.54
CA VAL A 265 19.47 12.74 -1.23
C VAL A 265 18.83 11.68 -0.35
N ILE A 266 17.51 11.55 -0.39
CA ILE A 266 16.83 10.46 0.33
C ILE A 266 17.33 9.07 -0.12
N ARG A 267 17.45 8.85 -1.41
CA ARG A 267 18.03 7.60 -1.87
C ARG A 267 19.44 7.42 -1.34
N LEU A 268 20.26 8.46 -1.43
CA LEU A 268 21.69 8.35 -1.07
C LEU A 268 21.86 8.01 0.39
N VAL A 269 21.09 8.66 1.25
CA VAL A 269 21.16 8.35 2.67
C VAL A 269 20.77 6.91 2.96
N LYS A 270 19.73 6.38 2.32
CA LYS A 270 19.24 5.05 2.69
C LYS A 270 20.14 3.92 2.20
N GLN A 271 20.70 4.07 1.00
CA GLN A 271 21.69 3.09 0.55
C GLN A 271 22.89 3.13 1.48
N HIS A 272 23.28 4.27 2.01
CA HIS A 272 24.34 4.30 3.03
C HIS A 272 23.98 3.86 4.48
N PHE A 273 22.74 4.09 4.91
CA PHE A 273 22.33 3.82 6.28
C PHE A 273 21.02 3.04 6.25
N PRO A 274 21.07 1.79 5.77
CA PRO A 274 19.90 0.92 5.69
C PRO A 274 19.19 0.57 6.99
N TRP A 275 19.90 0.63 8.10
CA TRP A 275 19.44 0.08 9.36
C TRP A 275 18.85 1.23 10.21
N VAL A 276 18.73 2.40 9.57
CA VAL A 276 18.29 3.62 10.21
C VAL A 276 16.98 4.02 9.52
N PRO A 277 15.88 4.05 10.29
CA PRO A 277 14.61 4.58 9.85
C PRO A 277 14.80 5.96 9.32
N LEU A 278 14.32 6.19 8.12
CA LEU A 278 14.55 7.42 7.43
C LEU A 278 13.23 8.11 7.23
N ALA A 279 13.10 9.32 7.77
CA ALA A 279 11.91 10.13 7.55
C ALA A 279 12.19 11.22 6.48
N ALA A 280 11.15 11.79 5.88
CA ALA A 280 11.33 12.81 4.80
C ALA A 280 10.21 13.78 4.83
N TYR A 281 10.53 15.07 4.88
CA TYR A 281 9.50 16.08 5.08
C TYR A 281 9.01 16.60 3.73
N ASN A 282 7.71 16.39 3.48
CA ASN A 282 7.04 16.89 2.27
C ASN A 282 6.42 18.26 2.57
N VAL A 283 7.24 19.24 2.25
CA VAL A 283 7.39 20.43 3.03
C VAL A 283 6.28 21.45 2.82
N SER A 284 6.16 22.24 3.89
CA SER A 284 5.58 23.58 3.92
C SER A 284 5.24 24.06 2.48
N GLY A 285 6.26 24.26 1.63
CA GLY A 285 6.06 24.75 0.26
C GLY A 285 5.57 23.76 -0.76
N GLU A 286 6.08 22.53 -0.72
CA GLU A 286 5.75 21.52 -1.74
C GLU A 286 4.22 21.33 -1.81
N TYR A 287 3.58 21.25 -0.64
CA TYR A 287 2.11 21.09 -0.51
C TYR A 287 1.34 22.27 -1.11
N SER A 288 1.78 23.46 -0.70
CA SER A 288 1.33 24.74 -1.28
C SER A 288 1.46 24.82 -2.82
N LEU A 289 2.61 24.37 -3.34
CA LEU A 289 2.90 24.31 -4.78
C LEU A 289 1.90 23.46 -5.56
N VAL A 290 1.50 22.33 -4.98
CA VAL A 290 0.53 21.44 -5.63
C VAL A 290 -0.85 22.12 -5.75
N LYS A 291 -1.34 22.69 -4.63
CA LYS A 291 -2.65 23.39 -4.58
C LYS A 291 -2.78 24.57 -5.57
N ALA A 292 -1.86 25.54 -5.43
CA ALA A 292 -1.67 26.69 -6.36
C ALA A 292 -1.93 26.45 -7.88
N ALA A 293 -1.53 25.27 -8.37
CA ALA A 293 -1.76 24.80 -9.75
C ALA A 293 -3.01 23.94 -9.86
N ALA A 294 -3.24 23.10 -8.84
CA ALA A 294 -4.43 22.25 -8.78
C ALA A 294 -5.66 23.10 -8.89
N THR A 295 -5.74 24.12 -8.04
CA THR A 295 -6.80 25.10 -8.10
C THR A 295 -6.72 25.85 -9.43
N ALA A 296 -5.60 26.51 -9.73
CA ALA A 296 -5.50 27.31 -11.00
C ALA A 296 -5.37 26.53 -12.37
N GLY A 297 -6.19 25.48 -12.54
CA GLY A 297 -6.36 24.79 -13.84
C GLY A 297 -5.42 23.64 -14.19
N TYR A 298 -4.13 23.83 -13.92
CA TYR A 298 -3.00 23.18 -14.65
C TYR A 298 -2.90 21.66 -14.57
N VAL A 299 -3.23 21.12 -13.39
CA VAL A 299 -2.92 19.73 -13.02
C VAL A 299 -4.03 19.00 -12.25
N ASP A 300 -3.98 17.66 -12.30
CA ASP A 300 -4.83 16.82 -11.47
C ASP A 300 -4.25 16.82 -10.06
N GLU A 301 -5.05 17.18 -9.05
CA GLU A 301 -4.57 17.27 -7.66
C GLU A 301 -4.36 15.91 -7.04
N ARG A 302 -5.33 15.01 -7.22
CA ARG A 302 -5.27 13.68 -6.60
C ARG A 302 -4.07 12.86 -7.11
N THR A 303 -3.94 12.71 -8.43
CA THR A 303 -2.83 11.91 -8.95
C THR A 303 -1.47 12.51 -8.58
N ILE A 304 -1.33 13.83 -8.75
CA ILE A 304 -0.04 14.47 -8.58
C ILE A 304 0.48 14.51 -7.13
N THR A 305 -0.39 14.52 -6.11
CA THR A 305 0.09 14.41 -4.71
C THR A 305 0.58 12.98 -4.52
N LEU A 306 -0.27 12.02 -4.93
CA LEU A 306 -0.01 10.59 -4.76
C LEU A 306 1.21 10.06 -5.51
N GLU A 307 1.64 10.75 -6.55
CA GLU A 307 2.83 10.40 -7.29
C GLU A 307 4.01 10.95 -6.52
N ILE A 308 3.89 12.20 -6.10
CA ILE A 308 4.87 12.87 -5.25
C ILE A 308 5.09 12.12 -3.95
N LEU A 309 4.02 11.73 -3.27
CA LEU A 309 4.17 10.93 -2.03
C LEU A 309 4.71 9.53 -2.27
N THR A 310 4.20 8.85 -3.32
CA THR A 310 4.77 7.57 -3.78
C THR A 310 6.23 7.74 -4.13
N ALA A 311 6.64 8.90 -4.65
CA ALA A 311 8.06 9.15 -4.96
C ALA A 311 8.93 9.29 -3.73
N ILE A 312 8.37 9.89 -2.69
CA ILE A 312 9.06 10.02 -1.42
C ILE A 312 9.32 8.64 -0.81
N LYS A 313 8.28 7.83 -0.70
CA LYS A 313 8.42 6.40 -0.39
C LYS A 313 9.44 5.63 -1.29
N ARG A 314 9.37 5.85 -2.60
CA ARG A 314 10.25 5.12 -3.55
C ARG A 314 11.75 5.38 -3.36
N ALA A 315 12.10 6.63 -3.04
CA ALA A 315 13.49 7.01 -2.72
C ALA A 315 14.08 6.28 -1.50
N GLY A 316 13.20 5.97 -0.54
CA GLY A 316 13.63 5.30 0.68
C GLY A 316 12.97 5.72 1.97
N ALA A 317 12.29 6.85 1.97
CA ALA A 317 11.71 7.35 3.18
C ALA A 317 10.78 6.32 3.80
N ASP A 318 10.94 6.07 5.09
CA ASP A 318 10.10 5.11 5.81
C ASP A 318 8.93 5.84 6.39
N LEU A 319 9.10 7.15 6.52
CA LEU A 319 8.12 8.03 7.10
C LEU A 319 8.08 9.32 6.29
N ILE A 320 6.90 9.88 6.19
CA ILE A 320 6.70 11.04 5.37
C ILE A 320 5.93 12.00 6.24
N LEU A 321 6.45 13.22 6.35
CA LEU A 321 5.76 14.31 7.04
C LEU A 321 5.12 15.23 6.01
N THR A 322 3.78 15.19 6.01
CA THR A 322 2.95 15.76 4.96
C THR A 322 1.80 16.49 5.58
N TYR A 323 1.42 17.60 4.98
CA TYR A 323 0.16 18.22 5.37
C TYR A 323 -0.98 17.53 4.59
N HIS A 324 -0.64 16.92 3.43
CA HIS A 324 -1.56 16.10 2.62
C HIS A 324 -2.11 14.91 3.39
N ALA A 325 -1.37 14.50 4.42
CA ALA A 325 -1.72 13.37 5.27
C ALA A 325 -3.13 12.89 5.07
N LEU A 326 -4.11 13.68 5.50
CA LEU A 326 -5.50 13.20 5.61
C LEU A 326 -6.21 13.05 4.25
N GLU A 327 -6.14 14.06 3.39
CA GLU A 327 -6.76 13.92 2.07
C GLU A 327 -6.12 12.73 1.30
N ALA A 328 -4.81 12.65 1.43
CA ALA A 328 -4.02 11.56 0.86
C ALA A 328 -4.40 10.18 1.42
N ALA A 329 -4.83 10.13 2.68
CA ALA A 329 -5.19 8.87 3.34
C ALA A 329 -6.52 8.36 2.83
N LYS A 330 -7.47 9.28 2.65
CA LYS A 330 -8.80 8.90 2.16
C LYS A 330 -8.79 8.48 0.68
N TRP A 331 -7.69 8.73 -0.04
CA TRP A 331 -7.42 8.09 -1.34
C TRP A 331 -6.91 6.66 -1.11
N ILE A 332 -7.90 5.79 -0.93
CA ILE A 332 -7.74 4.33 -0.90
C ILE A 332 -8.36 3.70 -2.15
N LYS A 333 -7.75 4.05 -3.29
CA LYS A 333 -7.51 3.15 -4.43
C LYS A 333 -6.01 3.35 -4.75
N GLU A 334 -5.61 3.81 -5.94
CA GLU A 334 -4.20 4.18 -6.20
C GLU A 334 -3.96 4.65 -7.64
N GLY A 335 -3.66 5.94 -7.81
CA GLY A 335 -3.36 6.52 -9.12
C GLY A 335 -2.76 5.57 -10.18
N LEU A 336 -1.88 4.65 -9.77
CA LEU A 336 -0.70 4.26 -10.59
C LEU A 336 -0.67 2.75 -11.02
N MET B 1 34.23 -10.49 -17.45
CA MET B 1 35.12 -10.63 -18.65
C MET B 1 34.33 -11.32 -19.81
N ARG B 2 33.68 -10.44 -20.60
CA ARG B 2 32.79 -10.78 -21.76
C ARG B 2 33.49 -10.58 -23.14
N VAL B 3 34.81 -10.42 -23.07
CA VAL B 3 35.80 -11.05 -23.94
C VAL B 3 35.46 -12.49 -24.35
N GLN B 4 35.85 -12.91 -25.55
CA GLN B 4 35.33 -14.22 -26.08
C GLN B 4 36.23 -14.97 -27.15
N PHE B 5 36.43 -16.28 -27.01
CA PHE B 5 37.24 -17.02 -28.01
C PHE B 5 36.56 -17.16 -29.42
N PRO B 6 37.24 -17.05 -30.56
CA PRO B 6 38.67 -16.87 -30.73
C PRO B 6 39.08 -15.46 -31.03
N THR B 7 38.14 -14.51 -30.89
CA THR B 7 38.51 -13.14 -31.16
C THR B 7 39.67 -12.79 -30.16
N THR B 8 39.56 -13.32 -28.93
CA THR B 8 40.50 -13.10 -27.82
C THR B 8 41.19 -14.43 -27.52
N ARG B 9 42.52 -14.46 -27.62
CA ARG B 9 43.33 -15.61 -27.23
C ARG B 9 44.22 -15.21 -26.06
N PRO B 10 43.88 -15.68 -24.85
CA PRO B 10 44.73 -15.42 -23.69
C PRO B 10 46.25 -15.71 -23.88
N ARG B 11 46.53 -16.66 -24.80
CA ARG B 11 47.86 -17.14 -25.04
C ARG B 11 48.74 -16.21 -25.83
N ARG B 12 48.16 -15.15 -26.42
CA ARG B 12 49.00 -14.15 -27.09
C ARG B 12 49.98 -13.62 -26.06
N LEU B 13 49.50 -13.40 -24.83
CA LEU B 13 50.34 -12.86 -23.77
C LEU B 13 51.25 -13.88 -23.12
N ARG B 14 51.43 -15.07 -23.71
CA ARG B 14 52.47 -16.01 -23.25
C ARG B 14 53.35 -16.52 -24.41
N ALA B 15 53.40 -15.79 -25.52
CA ALA B 15 54.22 -16.20 -26.64
C ALA B 15 55.71 -16.07 -26.37
N SER B 16 56.15 -15.29 -25.37
CA SER B 16 57.58 -15.06 -25.22
C SER B 16 57.98 -14.47 -23.89
N LYS B 17 59.10 -14.90 -23.30
CA LYS B 17 59.53 -14.31 -22.01
C LYS B 17 59.56 -12.80 -22.03
N ILE B 18 59.93 -12.22 -23.16
CA ILE B 18 60.02 -10.74 -23.23
C ILE B 18 58.63 -10.10 -23.03
N ILE B 19 57.55 -10.85 -23.28
CA ILE B 19 56.19 -10.35 -23.04
C ILE B 19 55.51 -10.72 -21.77
N ARG B 20 55.81 -11.89 -21.25
CA ARG B 20 55.18 -12.35 -20.03
C ARG B 20 55.66 -11.46 -18.92
N ASP B 21 56.94 -11.08 -19.06
CA ASP B 21 57.63 -10.19 -18.13
C ASP B 21 57.08 -8.77 -18.18
N ALA B 22 56.75 -8.27 -19.37
CA ALA B 22 56.11 -6.94 -19.50
C ALA B 22 54.79 -6.88 -18.74
N VAL B 23 53.90 -7.81 -19.07
CA VAL B 23 52.57 -7.82 -18.53
C VAL B 23 52.43 -8.58 -17.22
N ALA B 24 53.50 -9.11 -16.67
CA ALA B 24 53.43 -9.76 -15.35
C ALA B 24 52.83 -8.84 -14.28
N GLU B 25 52.15 -9.46 -13.32
CA GLU B 25 51.37 -8.77 -12.28
C GLU B 25 52.18 -8.52 -11.02
N THR B 26 53.06 -9.47 -10.70
CA THR B 26 53.89 -9.44 -9.50
C THR B 26 55.35 -9.26 -9.83
N GLN B 27 56.08 -8.61 -8.94
CA GLN B 27 57.53 -8.78 -8.97
C GLN B 27 58.22 -8.77 -7.59
N ILE B 28 59.31 -9.52 -7.56
CA ILE B 28 60.10 -9.76 -6.40
C ILE B 28 61.30 -8.88 -6.64
N ASP B 29 62.01 -8.50 -5.57
CA ASP B 29 63.46 -8.19 -5.63
C ASP B 29 64.06 -8.29 -4.22
N ALA B 30 65.38 -8.18 -4.10
CA ALA B 30 66.03 -8.47 -2.82
C ALA B 30 65.57 -7.55 -1.66
N GLY B 31 65.19 -6.32 -1.99
CA GLY B 31 64.64 -5.37 -1.00
C GLY B 31 63.36 -5.79 -0.29
N ASP B 32 62.58 -6.59 -0.98
CA ASP B 32 61.35 -7.14 -0.42
C ASP B 32 61.62 -8.13 0.77
N PHE B 33 62.83 -8.74 0.79
CA PHE B 33 63.20 -9.67 1.88
C PHE B 33 63.78 -9.03 3.17
N ILE B 34 63.45 -9.71 4.27
CA ILE B 34 64.08 -9.56 5.56
C ILE B 34 64.74 -10.93 5.87
N TYR B 35 66.08 -10.92 6.07
CA TYR B 35 66.82 -12.10 6.57
C TYR B 35 66.77 -12.22 8.11
N PRO B 36 66.34 -13.40 8.65
CA PRO B 36 66.49 -13.77 10.07
C PRO B 36 67.82 -14.42 10.49
N LEU B 37 68.42 -13.82 11.53
CA LEU B 37 69.69 -14.24 12.10
C LEU B 37 69.48 -14.84 13.48
N PHE B 38 69.99 -16.07 13.68
CA PHE B 38 69.95 -16.70 14.99
C PHE B 38 71.22 -16.37 15.76
N VAL B 39 71.05 -16.00 17.03
CA VAL B 39 72.06 -15.35 17.82
C VAL B 39 72.14 -16.11 19.14
N LYS B 40 73.34 -16.63 19.47
CA LYS B 40 73.63 -17.39 20.70
C LYS B 40 74.80 -16.75 21.49
N PRO B 41 74.82 -16.93 22.83
CA PRO B 41 75.52 -15.98 23.69
C PRO B 41 77.05 -16.20 23.77
N GLY B 42 77.71 -15.97 22.64
CA GLY B 42 79.12 -16.33 22.51
C GLY B 42 79.32 -17.82 22.39
N GLY B 43 80.48 -18.18 21.83
CA GLY B 43 80.93 -19.56 21.71
C GLY B 43 81.39 -19.86 20.31
N GLU B 44 81.27 -21.13 19.95
CA GLU B 44 81.40 -21.57 18.58
C GLU B 44 80.11 -21.15 17.81
N ARG B 45 80.18 -21.24 16.49
CA ARG B 45 79.00 -21.20 15.61
C ARG B 45 78.53 -22.64 15.28
N GLU B 46 77.21 -22.89 15.36
CA GLU B 46 76.67 -24.27 15.28
C GLU B 46 75.82 -24.46 14.03
N PRO B 47 76.11 -25.49 13.20
CA PRO B 47 75.13 -25.87 12.13
C PRO B 47 73.74 -26.16 12.70
N ILE B 48 72.70 -26.05 11.87
CA ILE B 48 71.32 -26.27 12.34
C ILE B 48 70.61 -27.44 11.63
N GLY B 49 70.20 -28.43 12.43
CA GLY B 49 69.91 -29.77 11.94
C GLY B 49 68.84 -29.83 10.87
N PRO B 50 67.65 -29.30 11.19
CA PRO B 50 66.61 -29.27 10.18
C PRO B 50 66.87 -28.34 9.00
N MET B 51 67.65 -27.27 9.21
CA MET B 51 67.69 -26.12 8.29
C MET B 51 69.04 -25.97 7.60
N PRO B 52 69.29 -26.74 6.53
CA PRO B 52 70.59 -26.70 5.85
C PRO B 52 71.11 -25.31 5.57
N GLY B 53 72.41 -25.11 5.78
CA GLY B 53 73.05 -23.85 5.46
C GLY B 53 72.74 -22.70 6.39
N ILE B 54 71.80 -22.89 7.32
CA ILE B 54 71.46 -21.87 8.27
C ILE B 54 72.19 -22.21 9.55
N TYR B 55 72.66 -21.14 10.19
CA TYR B 55 73.56 -21.24 11.31
C TYR B 55 73.06 -20.44 12.50
N ARG B 56 73.66 -20.71 13.65
CA ARG B 56 73.41 -19.99 14.90
C ARG B 56 74.66 -19.23 15.15
N TRP B 57 74.66 -17.92 14.91
CA TRP B 57 75.91 -17.13 14.99
C TRP B 57 76.13 -16.61 16.40
N PRO B 58 77.35 -16.78 16.94
CA PRO B 58 77.68 -16.09 18.16
C PRO B 58 78.13 -14.69 17.81
N VAL B 59 77.80 -13.79 18.74
CA VAL B 59 77.83 -12.35 18.50
C VAL B 59 79.24 -11.79 18.38
N GLY B 60 79.84 -11.91 17.19
CA GLY B 60 81.21 -11.45 16.94
C GLY B 60 81.50 -11.05 15.50
N ARG B 61 82.68 -11.42 15.00
CA ARG B 61 83.08 -11.27 13.58
C ARG B 61 82.21 -12.10 12.62
N GLU B 62 81.37 -12.96 13.17
CA GLU B 62 80.35 -13.72 12.43
C GLU B 62 79.32 -12.86 11.70
N LEU B 63 79.14 -11.64 12.18
CA LEU B 63 78.81 -10.45 11.38
C LEU B 63 79.55 -10.30 10.02
N ILE B 64 80.90 -10.19 10.05
CA ILE B 64 81.76 -9.98 8.84
C ILE B 64 81.24 -10.89 7.75
N ASN B 65 81.18 -12.18 8.07
CA ASN B 65 80.77 -13.20 7.14
C ASN B 65 79.36 -12.85 6.64
N HIS B 66 78.45 -12.49 7.54
CA HIS B 66 77.05 -12.66 7.20
C HIS B 66 76.22 -11.42 6.97
N VAL B 67 76.23 -10.48 7.92
CA VAL B 67 75.48 -9.23 7.74
C VAL B 67 76.13 -8.44 6.60
N GLU B 68 77.46 -8.43 6.51
CA GLU B 68 78.09 -7.70 5.42
C GLU B 68 77.91 -8.37 4.07
N GLU B 69 77.97 -9.70 4.04
CA GLU B 69 77.70 -10.41 2.79
C GLU B 69 76.29 -10.12 2.33
N ALA B 70 75.32 -10.34 3.22
CA ALA B 70 73.91 -10.10 2.92
C ALA B 70 73.66 -8.71 2.38
N LEU B 71 74.36 -7.72 2.95
CA LEU B 71 74.30 -6.35 2.44
C LEU B 71 74.83 -6.30 1.00
N SER B 72 76.00 -6.89 0.78
CA SER B 72 76.59 -7.00 -0.56
C SER B 72 75.80 -7.87 -1.54
N LEU B 73 74.67 -8.44 -1.10
CA LEU B 73 73.66 -8.99 -2.01
C LEU B 73 72.35 -8.19 -2.11
N GLY B 74 72.12 -7.23 -1.23
CA GLY B 74 70.93 -6.40 -1.33
C GLY B 74 70.09 -6.51 -0.08
N ILE B 75 70.07 -7.69 0.55
CA ILE B 75 69.43 -7.86 1.86
C ILE B 75 69.99 -6.84 2.83
N ASN B 76 69.15 -5.91 3.30
CA ASN B 76 69.61 -4.94 4.28
C ASN B 76 68.62 -4.71 5.44
N LYS B 77 67.87 -5.74 5.78
CA LYS B 77 67.08 -5.67 6.99
C LYS B 77 66.97 -7.05 7.63
N PHE B 78 67.08 -7.10 8.93
CA PHE B 78 67.37 -8.35 9.63
C PHE B 78 66.47 -8.51 10.84
N ILE B 79 66.11 -9.75 11.18
CA ILE B 79 65.39 -9.99 12.42
C ILE B 79 66.13 -11.00 13.28
N LEU B 80 66.32 -10.66 14.56
CA LEU B 80 67.25 -11.37 15.49
C LEU B 80 66.50 -12.19 16.49
N PHE B 81 67.07 -13.35 16.81
CA PHE B 81 66.40 -14.35 17.64
C PHE B 81 67.32 -14.90 18.70
N GLY B 82 66.88 -14.84 19.95
CA GLY B 82 67.66 -15.41 21.03
C GLY B 82 67.59 -16.93 21.01
N VAL B 83 68.73 -17.60 21.19
CA VAL B 83 68.77 -19.06 21.33
C VAL B 83 69.67 -19.44 22.52
N LEU B 84 69.06 -19.88 23.62
CA LEU B 84 69.82 -20.06 24.85
C LEU B 84 70.15 -21.53 25.14
N PRO B 85 71.20 -21.76 26.00
CA PRO B 85 71.25 -23.00 26.82
C PRO B 85 70.19 -23.00 27.92
N ASP B 86 69.65 -24.16 28.26
CA ASP B 86 68.58 -24.25 29.27
C ASP B 86 68.93 -23.64 30.65
N GLU B 87 70.23 -23.56 30.96
CA GLU B 87 70.77 -23.09 32.26
C GLU B 87 70.42 -21.64 32.67
N LEU B 88 69.95 -20.82 31.73
CA LEU B 88 69.44 -19.48 32.08
C LEU B 88 68.03 -19.26 31.50
N LYS B 89 67.12 -20.18 31.85
CA LYS B 89 65.70 -20.12 31.48
C LYS B 89 64.77 -20.44 32.68
N ASN B 90 63.95 -19.46 33.04
CA ASN B 90 63.16 -19.40 34.25
C ASN B 90 61.69 -19.18 33.90
N PRO B 91 60.77 -19.80 34.65
CA PRO B 91 59.36 -19.70 34.25
C PRO B 91 58.73 -18.29 33.98
N GLU B 92 59.44 -17.19 34.30
CA GLU B 92 59.05 -15.85 33.83
C GLU B 92 60.13 -15.22 32.94
N GLY B 93 60.68 -16.05 32.06
CA GLY B 93 61.70 -15.69 31.07
C GLY B 93 62.48 -14.38 31.20
N THR B 94 63.25 -14.25 32.27
CA THR B 94 64.16 -13.10 32.49
C THR B 94 65.09 -12.85 31.31
N GLY B 95 65.49 -13.92 30.62
CA GLY B 95 66.28 -13.82 29.40
C GLY B 95 65.92 -12.59 28.57
N GLY B 96 64.67 -12.53 28.15
CA GLY B 96 64.14 -11.42 27.33
C GLY B 96 64.52 -10.00 27.72
N TYR B 97 64.55 -9.73 29.03
CA TYR B 97 64.91 -8.41 29.57
C TYR B 97 66.17 -8.56 30.41
N ASP B 98 67.31 -8.46 29.74
CA ASP B 98 68.63 -8.57 30.39
C ASP B 98 69.64 -7.77 29.57
N PRO B 99 69.72 -6.45 29.81
CA PRO B 99 70.50 -5.60 28.90
C PRO B 99 71.85 -6.19 28.48
N GLU B 100 72.52 -6.90 29.39
CA GLU B 100 73.72 -7.68 29.09
C GLU B 100 73.29 -9.02 28.47
N GLY B 101 72.41 -8.98 27.48
CA GLY B 101 71.63 -10.16 27.12
C GLY B 101 72.35 -11.12 26.20
N VAL B 102 71.64 -11.47 25.13
CA VAL B 102 72.23 -12.12 23.98
C VAL B 102 72.02 -11.16 22.84
N VAL B 103 70.75 -10.98 22.49
CA VAL B 103 70.32 -10.16 21.36
C VAL B 103 70.66 -8.69 21.54
N PRO B 104 70.52 -8.13 22.77
CA PRO B 104 70.77 -6.69 22.84
C PRO B 104 72.24 -6.33 22.67
N ARG B 105 73.12 -7.33 22.86
CA ARG B 105 74.53 -7.20 22.48
C ARG B 105 74.68 -7.31 20.95
N ALA B 106 73.98 -8.27 20.35
CA ALA B 106 73.89 -8.34 18.91
C ALA B 106 73.38 -7.02 18.31
N ILE B 107 72.33 -6.44 18.88
CA ILE B 107 71.77 -5.20 18.32
C ILE B 107 72.85 -4.14 18.41
N ARG B 108 73.25 -3.84 19.66
CA ARG B 108 74.30 -2.87 19.94
C ARG B 108 75.42 -3.02 18.93
N LEU B 109 75.88 -4.26 18.76
CA LEU B 109 77.00 -4.53 17.88
C LEU B 109 76.63 -4.09 16.49
N ILE B 110 75.73 -4.84 15.82
CA ILE B 110 75.42 -4.58 14.42
C ILE B 110 75.21 -3.08 14.23
N LYS B 111 74.33 -2.49 15.03
CA LYS B 111 74.02 -1.05 14.87
C LYS B 111 75.21 -0.10 15.08
N GLU B 112 76.17 -0.49 15.91
CA GLU B 112 77.40 0.29 16.06
C GLU B 112 78.12 0.33 14.72
N ILE B 113 78.55 -0.83 14.25
CA ILE B 113 79.53 -0.94 13.17
C ILE B 113 78.88 -0.79 11.78
N PHE B 114 77.56 -0.97 11.69
CA PHE B 114 76.81 -0.78 10.44
C PHE B 114 75.99 0.50 10.44
N GLY B 115 75.51 0.94 11.60
CA GLY B 115 74.65 2.14 11.67
C GLY B 115 73.40 2.05 10.81
N ASP B 116 73.03 3.16 10.16
CA ASP B 116 71.82 3.23 9.32
C ASP B 116 71.92 2.54 7.93
N ARG B 117 73.02 1.86 7.62
CA ARG B 117 73.07 1.01 6.43
C ARG B 117 72.27 -0.28 6.60
N VAL B 118 71.73 -0.45 7.79
CA VAL B 118 70.90 -1.56 8.10
C VAL B 118 69.68 -1.14 8.94
N LEU B 119 68.70 -2.03 8.96
CA LEU B 119 67.51 -1.87 9.77
C LEU B 119 67.38 -3.15 10.60
N VAL B 120 67.29 -3.05 11.91
CA VAL B 120 67.25 -4.26 12.74
C VAL B 120 65.87 -4.48 13.38
N PHE B 121 65.25 -5.60 13.01
CA PHE B 121 64.03 -6.11 13.64
C PHE B 121 64.35 -7.05 14.79
N ALA B 122 63.61 -6.96 15.86
CA ALA B 122 63.95 -7.64 17.10
C ALA B 122 62.79 -8.47 17.63
N ASP B 123 62.94 -9.79 17.67
CA ASP B 123 61.79 -10.59 18.09
C ASP B 123 61.47 -10.36 19.54
N VAL B 124 60.18 -10.16 19.83
CA VAL B 124 59.70 -9.98 21.19
C VAL B 124 58.85 -11.18 21.59
N CYS B 125 59.51 -12.17 22.18
CA CYS B 125 58.81 -13.30 22.82
C CYS B 125 59.60 -14.02 23.93
N LEU B 126 58.88 -14.63 24.86
CA LEU B 126 59.47 -15.36 25.97
C LEU B 126 59.79 -16.83 25.66
N CYS B 127 59.16 -17.40 24.63
CA CYS B 127 59.30 -18.84 24.32
C CYS B 127 60.71 -19.29 24.02
N GLU B 128 61.55 -18.35 23.58
CA GLU B 128 62.98 -18.62 23.40
C GLU B 128 63.81 -18.54 24.70
N TYR B 129 63.18 -18.00 25.76
CA TYR B 129 63.80 -17.73 27.04
C TYR B 129 63.11 -18.37 28.29
N THR B 130 62.05 -19.18 28.11
CA THR B 130 61.33 -19.81 29.25
C THR B 130 61.63 -21.31 29.43
N ASP B 131 61.98 -21.66 30.67
CA ASP B 131 61.82 -22.99 31.33
C ASP B 131 60.92 -24.03 30.59
N HIS B 132 59.66 -23.67 30.41
CA HIS B 132 58.59 -24.53 29.86
C HIS B 132 58.43 -24.36 28.35
N GLY B 133 58.79 -23.18 27.82
CA GLY B 133 58.88 -22.97 26.38
C GLY B 133 57.64 -22.51 25.63
N HIS B 134 56.51 -22.36 26.32
CA HIS B 134 55.43 -21.53 25.82
C HIS B 134 55.83 -20.06 25.75
N CYS B 135 55.02 -19.30 24.99
CA CYS B 135 55.25 -17.87 24.72
C CYS B 135 54.77 -16.97 25.83
N GLY B 136 54.50 -17.54 26.98
CA GLY B 136 54.32 -16.72 28.15
C GLY B 136 54.38 -17.47 29.47
N VAL B 137 54.62 -16.68 30.52
CA VAL B 137 54.14 -16.95 31.86
C VAL B 137 52.93 -17.91 31.92
N VAL B 138 53.08 -19.00 32.68
CA VAL B 138 52.02 -19.98 32.92
C VAL B 138 51.35 -19.74 34.31
N LYS B 139 50.10 -20.15 34.43
CA LYS B 139 49.39 -20.11 35.69
C LYS B 139 48.72 -21.44 35.88
N GLU B 140 49.38 -22.29 36.65
CA GLU B 140 48.74 -23.41 37.36
C GLU B 140 47.68 -22.80 38.34
N LYS B 141 46.60 -22.27 37.75
CA LYS B 141 45.41 -21.89 38.49
C LYS B 141 44.72 -23.23 38.77
N ARG B 142 44.00 -23.35 39.90
CA ARG B 142 43.56 -24.66 40.46
C ARG B 142 42.65 -25.60 39.61
N ASP B 143 42.53 -25.35 38.30
CA ASP B 143 41.76 -26.18 37.35
C ASP B 143 42.71 -26.94 36.41
N ARG B 144 43.36 -26.19 35.49
CA ARG B 144 44.32 -26.71 34.49
C ARG B 144 45.34 -25.58 34.17
N TRP B 145 46.33 -25.85 33.31
CA TRP B 145 47.37 -24.86 32.97
C TRP B 145 46.90 -23.98 31.79
N TYR B 146 47.50 -22.79 31.66
CA TYR B 146 47.23 -21.88 30.54
C TYR B 146 48.23 -20.72 30.52
N VAL B 147 48.65 -20.27 29.34
CA VAL B 147 49.59 -19.15 29.24
C VAL B 147 48.83 -17.87 29.54
N ASP B 148 49.05 -17.32 30.74
CA ASP B 148 48.28 -16.15 31.22
C ASP B 148 48.59 -14.88 30.44
N ASN B 149 47.54 -14.22 29.98
CA ASN B 149 47.67 -13.07 29.11
C ASN B 149 48.21 -11.77 29.75
N ASP B 150 47.51 -11.21 30.73
CA ASP B 150 47.82 -9.83 31.13
C ASP B 150 49.15 -9.58 31.83
N GLU B 151 49.69 -10.58 32.53
CA GLU B 151 51.05 -10.47 33.10
C GLU B 151 52.10 -10.77 32.03
N THR B 152 51.82 -11.72 31.13
CA THR B 152 52.78 -12.07 30.09
C THR B 152 53.03 -10.92 29.14
N ILE B 153 52.06 -10.04 28.93
CA ILE B 153 52.20 -8.86 28.03
C ILE B 153 53.19 -7.77 28.50
N LYS B 154 53.29 -7.64 29.83
CA LYS B 154 54.10 -6.59 30.47
C LYS B 154 55.54 -7.06 30.36
N LEU B 155 55.72 -8.37 30.22
CA LEU B 155 57.04 -8.93 29.96
C LEU B 155 57.50 -8.57 28.56
N TYR B 156 56.59 -8.64 27.61
CA TYR B 156 56.90 -8.13 26.29
C TYR B 156 57.17 -6.63 26.36
N ALA B 157 56.38 -5.88 27.12
CA ALA B 157 56.68 -4.46 27.30
C ALA B 157 58.15 -4.18 27.73
N LYS B 158 58.66 -4.91 28.72
CA LYS B 158 60.05 -4.75 29.13
C LYS B 158 60.98 -5.19 27.99
N GLU B 159 60.68 -6.37 27.39
CA GLU B 159 61.48 -6.93 26.30
C GLU B 159 61.84 -5.86 25.25
N ALA B 160 60.82 -5.12 24.84
CA ALA B 160 60.95 -4.09 23.82
C ALA B 160 61.91 -3.03 24.27
N VAL B 161 61.64 -2.44 25.44
CA VAL B 161 62.35 -1.24 25.90
C VAL B 161 63.85 -1.49 26.04
N VAL B 162 64.24 -2.71 26.41
CA VAL B 162 65.65 -3.12 26.39
C VAL B 162 66.25 -2.91 24.99
N TYR B 163 65.55 -3.39 23.96
CA TYR B 163 66.11 -3.41 22.60
C TYR B 163 66.06 -2.00 22.00
N ALA B 164 65.02 -1.26 22.39
CA ALA B 164 64.84 0.14 22.02
C ALA B 164 66.01 0.98 22.50
N GLU B 165 66.30 0.87 23.81
CA GLU B 165 67.51 1.45 24.43
C GLU B 165 68.77 0.95 23.71
N ALA B 166 68.92 -0.38 23.57
CA ALA B 166 70.06 -0.99 22.83
C ALA B 166 70.16 -0.63 21.31
N GLY B 167 69.07 -0.07 20.79
CA GLY B 167 69.06 0.74 19.56
C GLY B 167 68.36 0.18 18.32
N ALA B 168 67.44 -0.76 18.55
CA ALA B 168 66.81 -1.51 17.48
C ALA B 168 65.78 -0.64 16.82
N ASP B 169 65.69 -0.72 15.49
CA ASP B 169 64.79 0.15 14.73
C ASP B 169 63.35 -0.32 14.97
N PHE B 170 63.18 -1.64 14.98
CA PHE B 170 61.86 -2.24 15.15
C PHE B 170 61.88 -3.31 16.24
N VAL B 171 60.67 -3.56 16.69
CA VAL B 171 60.35 -4.51 17.73
C VAL B 171 59.13 -5.24 17.12
N ALA B 172 58.92 -6.51 17.41
CA ALA B 172 57.96 -7.29 16.60
C ALA B 172 57.34 -8.49 17.34
N PRO B 173 56.23 -8.29 18.07
CA PRO B 173 55.76 -9.32 19.02
C PRO B 173 55.12 -10.56 18.41
N SER B 174 55.65 -11.72 18.71
CA SER B 174 55.19 -12.98 18.12
C SER B 174 54.34 -13.82 19.07
N GLY B 175 54.08 -13.27 20.25
CA GLY B 175 53.38 -13.99 21.33
C GLY B 175 51.97 -14.47 21.03
N MET B 176 51.30 -13.78 20.12
CA MET B 176 49.87 -13.91 19.97
C MET B 176 49.10 -13.66 21.28
N MET B 177 49.68 -12.86 22.17
CA MET B 177 48.98 -12.46 23.40
C MET B 177 48.18 -11.21 23.01
N ASP B 178 46.95 -11.12 23.54
CA ASP B 178 46.01 -10.08 23.14
C ASP B 178 46.34 -8.79 23.89
N GLY B 179 46.31 -7.65 23.22
CA GLY B 179 46.79 -6.40 23.82
C GLY B 179 48.30 -6.18 23.77
N GLN B 180 49.04 -7.14 23.23
CA GLN B 180 50.50 -7.04 23.14
C GLN B 180 50.98 -5.75 22.50
N VAL B 181 50.41 -5.38 21.35
CA VAL B 181 50.83 -4.16 20.66
C VAL B 181 50.45 -2.94 21.49
N ARG B 182 49.30 -3.00 22.15
CA ARG B 182 48.92 -1.95 23.06
C ARG B 182 50.01 -1.75 24.10
N GLU B 183 50.29 -2.78 24.92
CA GLU B 183 51.13 -2.55 26.09
C GLU B 183 52.60 -2.35 25.76
N ILE B 184 52.99 -2.68 24.51
CA ILE B 184 54.32 -2.34 24.03
C ILE B 184 54.33 -0.88 23.68
N ARG B 185 53.49 -0.48 22.75
CA ARG B 185 53.42 0.93 22.33
C ARG B 185 53.52 1.89 23.54
N ARG B 186 52.77 1.56 24.56
CA ARG B 186 52.62 2.43 25.69
C ARG B 186 53.82 2.36 26.63
N ALA B 187 54.54 1.23 26.62
CA ALA B 187 55.92 1.18 27.13
C ALA B 187 56.80 2.14 26.33
N LEU B 188 57.57 1.65 25.35
CA LEU B 188 58.17 2.52 24.33
C LEU B 188 57.85 4.03 24.38
N ASP B 189 56.58 4.39 24.14
CA ASP B 189 56.21 5.80 24.08
C ASP B 189 56.44 6.50 25.43
N ALA B 190 56.14 5.83 26.54
CA ALA B 190 56.50 6.31 27.88
C ALA B 190 58.00 6.39 28.11
N HIS B 191 58.78 5.45 27.60
CA HIS B 191 60.24 5.57 27.65
C HIS B 191 60.82 6.36 26.44
N GLY B 192 60.07 7.34 25.94
CA GLY B 192 60.57 8.24 24.88
C GLY B 192 61.05 7.63 23.57
N PHE B 193 60.51 6.47 23.19
CA PHE B 193 60.86 5.78 21.94
C PHE B 193 59.71 5.79 20.95
N GLU B 194 59.17 6.96 20.69
CA GLU B 194 58.18 7.07 19.65
C GLU B 194 58.86 6.73 18.34
N GLU B 195 60.18 6.94 18.28
CA GLU B 195 60.89 6.68 17.05
C GLU B 195 60.83 5.19 16.70
N VAL B 196 60.80 4.32 17.70
CA VAL B 196 60.79 2.87 17.46
C VAL B 196 59.46 2.40 16.92
N GLY B 197 59.53 1.53 15.89
CA GLY B 197 58.34 0.92 15.29
C GLY B 197 58.03 -0.51 15.74
N ILE B 198 56.77 -0.90 15.52
CA ILE B 198 56.25 -2.24 15.87
C ILE B 198 55.69 -3.00 14.63
N MET B 199 56.28 -4.17 14.31
CA MET B 199 55.80 -5.08 13.24
C MET B 199 55.15 -6.31 13.90
N ALA B 200 53.82 -6.31 13.98
CA ALA B 200 53.08 -7.36 14.71
C ALA B 200 52.90 -8.68 13.93
N TYR B 201 53.28 -9.80 14.55
CA TYR B 201 52.89 -11.12 14.08
C TYR B 201 51.47 -11.20 14.58
N SER B 202 50.55 -10.83 13.68
CA SER B 202 49.12 -10.55 13.99
C SER B 202 48.24 -11.72 13.74
N ALA B 203 48.42 -12.32 12.58
CA ALA B 203 47.76 -13.56 12.25
C ALA B 203 48.72 -14.76 12.25
N LYS B 204 49.41 -14.99 13.37
CA LYS B 204 50.31 -16.15 13.52
C LYS B 204 49.50 -17.47 13.78
N TYR B 205 49.61 -18.44 12.87
CA TYR B 205 48.76 -19.67 12.87
C TYR B 205 49.46 -20.88 13.51
N ALA B 206 48.70 -21.65 14.31
CA ALA B 206 49.21 -22.88 14.96
C ALA B 206 49.56 -23.99 13.99
N SER B 207 50.81 -23.95 13.54
CA SER B 207 51.25 -24.68 12.38
C SER B 207 52.31 -25.77 12.69
N ALA B 208 52.26 -26.84 11.89
CA ALA B 208 53.37 -27.82 11.77
C ALA B 208 54.57 -27.33 10.95
N PHE B 209 54.47 -26.15 10.37
CA PHE B 209 55.56 -25.60 9.58
C PHE B 209 56.66 -25.00 10.46
N TYR B 210 56.43 -24.92 11.77
CA TYR B 210 57.45 -24.43 12.70
C TYR B 210 58.51 -25.47 13.12
N GLY B 211 58.28 -26.78 12.88
CA GLY B 211 59.17 -27.88 13.30
C GLY B 211 60.67 -27.53 13.40
N PRO B 212 61.27 -27.05 12.31
CA PRO B 212 62.64 -26.54 12.26
C PRO B 212 63.04 -25.34 13.17
N PHE B 213 62.17 -24.35 13.37
CA PHE B 213 62.51 -23.17 14.21
C PHE B 213 62.45 -23.53 15.69
N ARG B 214 61.62 -24.49 16.07
CA ARG B 214 61.65 -25.02 17.43
C ARG B 214 63.02 -25.63 17.85
N VAL B 215 63.59 -26.40 16.93
CA VAL B 215 64.94 -26.95 17.03
C VAL B 215 65.97 -25.81 16.95
N ALA B 216 65.79 -24.91 15.98
CA ALA B 216 66.75 -23.83 15.69
C ALA B 216 66.72 -22.63 16.61
N ALA B 217 65.80 -22.58 17.59
CA ALA B 217 65.78 -21.50 18.60
C ALA B 217 65.67 -21.96 20.06
N ALA B 218 65.58 -23.28 20.31
CA ALA B 218 65.27 -23.85 21.63
C ALA B 218 63.77 -23.83 22.01
N SER B 219 62.98 -22.97 21.35
CA SER B 219 61.57 -22.75 21.71
C SER B 219 60.76 -23.97 21.32
N ALA B 220 60.07 -24.58 22.26
CA ALA B 220 59.44 -25.89 22.03
C ALA B 220 58.85 -26.36 23.35
N PRO B 221 57.51 -26.42 23.48
CA PRO B 221 56.99 -26.65 24.84
C PRO B 221 57.29 -28.03 25.48
N LYS B 222 57.09 -28.12 26.79
CA LYS B 222 57.10 -29.40 27.50
C LYS B 222 55.67 -29.93 27.82
N PHE B 223 54.64 -29.13 27.52
CA PHE B 223 53.21 -29.57 27.47
C PHE B 223 52.60 -29.12 26.11
N GLY B 224 52.74 -29.98 25.09
CA GLY B 224 52.99 -29.54 23.69
C GLY B 224 51.93 -28.86 22.82
N ASP B 225 51.39 -27.73 23.30
CA ASP B 225 50.21 -27.09 22.68
C ASP B 225 50.28 -25.55 22.52
N ARG B 226 50.32 -25.06 21.28
CA ARG B 226 50.21 -23.62 20.98
C ARG B 226 48.78 -23.11 20.86
N ARG B 227 47.85 -24.04 20.78
CA ARG B 227 46.57 -23.84 20.13
C ARG B 227 45.61 -22.83 20.79
N THR B 228 45.91 -22.43 22.03
CA THR B 228 45.11 -21.47 22.83
C THR B 228 45.71 -20.07 22.84
N TYR B 229 46.70 -19.84 21.98
CA TYR B 229 47.09 -18.48 21.55
C TYR B 229 47.25 -18.33 20.02
N GLN B 230 47.82 -19.32 19.38
CA GLN B 230 47.99 -19.22 17.95
C GLN B 230 46.67 -19.55 17.22
N MET B 231 46.44 -18.80 16.13
CA MET B 231 45.18 -18.89 15.41
C MET B 231 44.91 -20.30 14.91
N ASP B 232 43.65 -20.69 14.97
CA ASP B 232 43.15 -21.95 14.41
C ASP B 232 43.27 -21.90 12.89
N PRO B 233 44.13 -22.71 12.23
CA PRO B 233 44.32 -22.55 10.78
C PRO B 233 43.14 -22.92 9.86
N ARG B 234 42.01 -23.35 10.43
CA ARG B 234 40.76 -23.35 9.67
C ARG B 234 40.18 -21.94 9.38
N ASN B 235 40.66 -20.89 10.08
CA ASN B 235 40.07 -19.55 10.03
C ASN B 235 40.86 -18.49 9.30
N ALA B 236 40.28 -18.01 8.19
CA ALA B 236 40.85 -16.93 7.42
C ALA B 236 40.26 -15.63 7.89
N TYR B 237 38.94 -15.51 7.88
CA TYR B 237 38.29 -14.26 8.27
C TYR B 237 38.65 -13.84 9.70
N GLU B 238 38.85 -14.80 10.62
CA GLU B 238 39.34 -14.47 11.95
C GLU B 238 40.50 -13.47 11.81
N ALA B 239 41.42 -13.70 10.85
CA ALA B 239 42.64 -12.86 10.69
C ALA B 239 42.38 -11.35 10.59
N LEU B 240 41.26 -10.95 10.01
CA LEU B 240 40.91 -9.53 9.93
C LEU B 240 40.74 -8.85 11.30
N LYS B 241 40.07 -9.54 12.22
CA LYS B 241 39.86 -9.07 13.57
C LYS B 241 41.19 -8.88 14.19
N GLU B 242 42.11 -9.79 13.95
CA GLU B 242 43.44 -9.75 14.60
C GLU B 242 44.32 -8.60 14.07
N VAL B 243 44.34 -8.41 12.74
CA VAL B 243 45.02 -7.27 12.06
C VAL B 243 44.39 -5.94 12.46
N ALA B 244 43.08 -5.88 12.67
CA ALA B 244 42.42 -4.63 12.96
C ALA B 244 42.74 -4.18 14.37
N MET B 245 42.64 -5.08 15.35
CA MET B 245 43.02 -4.75 16.72
C MET B 245 44.50 -4.36 16.74
N ASP B 246 45.40 -5.19 16.21
CA ASP B 246 46.84 -4.85 16.18
C ASP B 246 47.16 -3.53 15.44
N LEU B 247 46.22 -2.94 14.72
CA LEU B 247 46.39 -1.62 14.06
C LEU B 247 45.88 -0.46 14.91
N GLU B 248 44.72 -0.60 15.59
CA GLU B 248 44.17 0.46 16.49
C GLU B 248 45.16 0.64 17.63
N GLU B 249 45.67 -0.48 18.15
CA GLU B 249 46.68 -0.48 19.20
C GLU B 249 48.00 0.22 18.72
N GLY B 250 48.21 0.29 17.41
CA GLY B 250 49.19 1.20 16.81
C GLY B 250 50.39 0.56 16.13
N ALA B 251 50.30 -0.72 15.74
CA ALA B 251 51.38 -1.31 14.97
C ALA B 251 51.49 -0.61 13.66
N ASP B 252 52.65 -0.76 13.05
CA ASP B 252 53.05 0.06 11.93
C ASP B 252 53.02 -0.79 10.68
N ILE B 253 53.52 -2.01 10.83
CA ILE B 253 53.41 -3.12 9.86
C ILE B 253 52.64 -4.31 10.55
N VAL B 254 52.09 -5.21 9.74
CA VAL B 254 51.28 -6.33 10.22
C VAL B 254 51.70 -7.55 9.43
N MET B 255 51.64 -8.76 9.99
CA MET B 255 52.00 -9.95 9.18
C MET B 255 51.19 -11.21 9.42
N VAL B 256 51.48 -12.21 8.59
CA VAL B 256 50.78 -13.48 8.57
C VAL B 256 51.88 -14.54 8.55
N LYS B 257 51.89 -15.40 9.59
CA LYS B 257 52.89 -16.47 9.74
C LYS B 257 52.07 -17.73 9.85
N PRO B 258 52.39 -18.79 9.10
CA PRO B 258 53.34 -18.79 8.00
C PRO B 258 52.74 -18.09 6.77
N ALA B 259 53.40 -18.18 5.61
CA ALA B 259 52.84 -17.63 4.35
C ALA B 259 52.27 -18.71 3.44
N LEU B 260 53.13 -19.51 2.81
CA LEU B 260 52.76 -20.47 1.74
C LEU B 260 51.43 -21.24 1.90
N ALA B 261 51.09 -21.65 3.12
CA ALA B 261 49.82 -22.32 3.38
C ALA B 261 48.72 -21.36 3.71
N TYR B 262 49.02 -20.07 3.64
CA TYR B 262 48.14 -18.98 4.06
C TYR B 262 48.01 -17.86 2.98
N LEU B 263 48.37 -18.15 1.74
CA LEU B 263 48.39 -17.10 0.71
C LEU B 263 47.01 -16.49 0.53
N ASP B 264 45.98 -17.34 0.60
CA ASP B 264 44.57 -16.96 0.65
C ASP B 264 44.24 -15.93 1.77
N VAL B 265 44.93 -16.04 2.90
CA VAL B 265 44.77 -15.11 4.03
C VAL B 265 45.51 -13.79 3.76
N ILE B 266 46.68 -13.86 3.12
CA ILE B 266 47.41 -12.62 2.76
C ILE B 266 46.58 -11.70 1.89
N ARG B 267 45.84 -12.28 0.95
CA ARG B 267 45.10 -11.49 -0.05
C ARG B 267 43.82 -10.96 0.56
N LEU B 268 43.26 -11.71 1.49
CA LEU B 268 42.10 -11.25 2.26
C LEU B 268 42.52 -10.17 3.28
N VAL B 269 43.70 -10.29 3.92
CA VAL B 269 44.20 -9.17 4.73
C VAL B 269 44.50 -7.96 3.83
N LYS B 270 45.27 -8.15 2.76
CA LYS B 270 45.73 -7.01 1.93
C LYS B 270 44.60 -6.21 1.32
N GLN B 271 43.48 -6.85 1.01
CA GLN B 271 42.44 -6.19 0.25
C GLN B 271 41.38 -5.55 1.12
N HIS B 272 41.49 -5.69 2.46
CA HIS B 272 40.68 -4.92 3.45
C HIS B 272 41.53 -3.86 4.07
N PHE B 273 42.86 -3.95 3.95
CA PHE B 273 43.74 -2.93 4.50
C PHE B 273 44.82 -2.57 3.49
N PRO B 274 44.41 -1.99 2.33
CA PRO B 274 45.39 -1.64 1.27
C PRO B 274 46.41 -0.65 1.70
N TRP B 275 45.97 0.27 2.56
CA TRP B 275 46.80 1.35 3.07
C TRP B 275 47.90 0.93 4.05
N VAL B 276 47.76 -0.25 4.65
CA VAL B 276 48.74 -0.80 5.58
C VAL B 276 49.87 -1.48 4.78
N PRO B 277 51.15 -1.39 5.25
CA PRO B 277 52.16 -2.29 4.68
C PRO B 277 52.05 -3.64 5.35
N LEU B 278 52.31 -4.72 4.59
CA LEU B 278 51.95 -6.09 4.98
C LEU B 278 53.11 -7.06 4.76
N ALA B 279 53.63 -7.60 5.87
CA ALA B 279 54.72 -8.55 5.83
C ALA B 279 54.21 -9.98 5.89
N ALA B 280 55.08 -10.96 5.67
CA ALA B 280 54.64 -12.36 5.74
C ALA B 280 55.80 -13.28 5.81
N TYR B 281 55.72 -14.28 6.68
CA TYR B 281 56.91 -15.03 7.06
C TYR B 281 57.02 -16.33 6.30
N ASN B 282 57.84 -16.35 5.26
CA ASN B 282 58.24 -17.61 4.64
C ASN B 282 59.08 -18.45 5.64
N VAL B 283 58.32 -19.26 6.36
CA VAL B 283 58.67 -19.75 7.65
C VAL B 283 59.67 -20.88 7.61
N SER B 284 60.13 -21.19 8.83
CA SER B 284 60.99 -22.32 9.23
C SER B 284 60.93 -23.56 8.31
N GLY B 285 59.78 -24.24 8.21
CA GLY B 285 59.62 -25.48 7.43
C GLY B 285 59.20 -25.40 5.98
N GLU B 286 58.79 -24.20 5.54
CA GLU B 286 58.60 -23.89 4.12
C GLU B 286 59.95 -23.90 3.45
N TYR B 287 60.99 -23.56 4.22
CA TYR B 287 62.40 -23.71 3.84
C TYR B 287 62.76 -25.16 3.65
N SER B 288 62.78 -25.90 4.76
CA SER B 288 63.31 -27.27 4.79
C SER B 288 62.47 -28.28 3.97
N LEU B 289 61.19 -27.99 3.75
CA LEU B 289 60.39 -28.75 2.78
C LEU B 289 61.00 -28.66 1.39
N VAL B 290 61.30 -27.44 0.95
CA VAL B 290 61.95 -27.27 -0.32
C VAL B 290 63.22 -28.10 -0.27
N LYS B 291 64.03 -27.87 0.76
CA LYS B 291 65.36 -28.45 0.82
C LYS B 291 65.37 -29.97 0.90
N ALA B 292 64.53 -30.53 1.77
CA ALA B 292 64.27 -31.98 1.82
C ALA B 292 64.14 -32.55 0.42
N ALA B 293 63.19 -31.97 -0.30
CA ALA B 293 62.69 -32.48 -1.55
C ALA B 293 63.58 -32.12 -2.69
N ALA B 294 64.36 -31.07 -2.51
CA ALA B 294 65.33 -30.68 -3.51
C ALA B 294 66.48 -31.72 -3.65
N THR B 295 67.08 -32.11 -2.53
CA THR B 295 68.22 -33.03 -2.54
C THR B 295 67.82 -34.48 -2.63
N ALA B 296 66.78 -34.87 -1.90
CA ALA B 296 66.18 -36.22 -2.05
C ALA B 296 65.62 -36.44 -3.46
N GLY B 297 65.59 -35.36 -4.25
CA GLY B 297 65.74 -35.42 -5.70
C GLY B 297 64.67 -34.77 -6.58
N TYR B 298 63.58 -34.29 -5.97
CA TYR B 298 62.29 -34.16 -6.65
C TYR B 298 61.95 -32.87 -7.40
N VAL B 299 62.58 -31.77 -7.02
CA VAL B 299 62.11 -30.46 -7.45
C VAL B 299 63.26 -29.46 -7.69
N ASP B 300 63.28 -28.78 -8.84
CA ASP B 300 64.39 -27.87 -9.16
C ASP B 300 64.45 -26.75 -8.13
N GLU B 301 65.34 -26.92 -7.15
CA GLU B 301 65.44 -26.05 -5.96
C GLU B 301 65.41 -24.55 -6.27
N ARG B 302 66.07 -24.15 -7.34
CA ARG B 302 66.10 -22.75 -7.76
C ARG B 302 64.72 -22.16 -8.14
N THR B 303 64.05 -22.86 -9.03
CA THR B 303 62.76 -22.41 -9.51
C THR B 303 61.74 -22.43 -8.36
N ILE B 304 61.52 -23.60 -7.78
CA ILE B 304 60.50 -23.81 -6.76
C ILE B 304 60.55 -22.86 -5.54
N THR B 305 61.71 -22.32 -5.21
CA THR B 305 61.78 -21.31 -4.15
C THR B 305 61.34 -19.93 -4.66
N LEU B 306 61.80 -19.52 -5.83
CA LEU B 306 61.37 -18.25 -6.41
C LEU B 306 59.89 -18.28 -6.79
N GLU B 307 59.42 -19.42 -7.28
CA GLU B 307 57.98 -19.64 -7.43
C GLU B 307 57.22 -19.43 -6.09
N ILE B 308 57.77 -19.95 -4.98
CA ILE B 308 57.17 -19.85 -3.65
C ILE B 308 57.26 -18.44 -3.06
N LEU B 309 58.20 -17.63 -3.49
CA LEU B 309 58.26 -16.25 -3.02
C LEU B 309 57.47 -15.35 -3.93
N THR B 310 57.60 -15.51 -5.24
CA THR B 310 56.70 -14.80 -6.14
C THR B 310 55.23 -15.00 -5.68
N ALA B 311 54.90 -16.21 -5.23
CA ALA B 311 53.56 -16.47 -4.72
C ALA B 311 53.24 -15.59 -3.55
N ILE B 312 54.12 -15.50 -2.59
CA ILE B 312 53.81 -14.72 -1.38
C ILE B 312 53.59 -13.23 -1.64
N LYS B 313 54.43 -12.66 -2.49
CA LYS B 313 54.25 -11.30 -3.03
C LYS B 313 52.95 -11.12 -3.84
N ARG B 314 52.66 -12.08 -4.73
CA ARG B 314 51.44 -12.07 -5.58
C ARG B 314 50.16 -12.01 -4.77
N ALA B 315 50.14 -12.76 -3.67
CA ALA B 315 49.05 -12.75 -2.73
C ALA B 315 48.91 -11.34 -2.14
N GLY B 316 50.01 -10.62 -1.95
CA GLY B 316 49.95 -9.22 -1.52
C GLY B 316 50.87 -8.73 -0.43
N ALA B 317 51.73 -9.62 0.03
CA ALA B 317 52.82 -9.29 0.94
C ALA B 317 53.83 -8.36 0.30
N ASP B 318 54.11 -7.27 1.02
CA ASP B 318 55.07 -6.26 0.64
C ASP B 318 56.47 -6.62 1.13
N LEU B 319 56.54 -7.30 2.28
CA LEU B 319 57.79 -7.75 2.83
C LEU B 319 57.71 -9.22 3.13
N ILE B 320 58.79 -9.96 2.86
CA ILE B 320 58.83 -11.41 3.10
C ILE B 320 59.96 -11.78 4.03
N LEU B 321 59.68 -12.67 5.00
CA LEU B 321 60.65 -13.04 6.02
C LEU B 321 61.16 -14.41 5.75
N THR B 322 62.12 -14.53 4.83
CA THR B 322 62.71 -15.81 4.41
C THR B 322 64.05 -16.09 5.03
N TYR B 323 64.31 -17.35 5.35
CA TYR B 323 65.66 -17.76 5.75
C TYR B 323 66.47 -17.91 4.46
N HIS B 324 65.78 -18.17 3.34
CA HIS B 324 66.39 -18.14 2.02
C HIS B 324 67.10 -16.84 1.67
N ALA B 325 66.55 -15.69 2.02
CA ALA B 325 66.89 -14.42 1.35
C ALA B 325 68.18 -14.42 0.50
N LEU B 326 69.33 -14.67 1.13
CA LEU B 326 70.67 -14.69 0.47
C LEU B 326 70.75 -15.57 -0.78
N GLU B 327 70.52 -16.87 -0.61
CA GLU B 327 70.56 -17.80 -1.75
C GLU B 327 69.46 -17.57 -2.78
N ALA B 328 68.45 -16.76 -2.45
CA ALA B 328 67.43 -16.28 -3.40
C ALA B 328 67.77 -14.96 -4.11
N ALA B 329 68.69 -14.21 -3.53
CA ALA B 329 68.94 -12.87 -3.99
C ALA B 329 69.92 -12.89 -5.14
N LYS B 330 70.80 -13.89 -5.21
CA LYS B 330 71.65 -14.04 -6.41
C LYS B 330 70.85 -14.58 -7.55
N TRP B 331 69.67 -15.09 -7.23
CA TRP B 331 68.69 -15.40 -8.24
C TRP B 331 68.06 -14.09 -8.86
N ILE B 332 68.58 -13.84 -10.05
CA ILE B 332 68.70 -12.54 -10.69
C ILE B 332 68.21 -12.59 -12.17
N LYS B 333 67.46 -13.64 -12.55
CA LYS B 333 67.27 -14.01 -13.98
C LYS B 333 66.17 -15.12 -14.18
N GLU B 334 65.04 -14.97 -13.47
CA GLU B 334 64.09 -16.08 -13.21
C GLU B 334 63.24 -16.64 -14.33
N GLY B 335 62.76 -17.87 -14.09
CA GLY B 335 62.14 -18.70 -15.12
C GLY B 335 60.74 -18.29 -15.57
N LEU B 336 60.08 -17.47 -14.74
CA LEU B 336 58.61 -17.25 -14.73
C LEU B 336 58.16 -16.34 -15.89
N MET C 1 27.06 -14.08 -14.41
CA MET C 1 26.26 -15.26 -14.87
C MET C 1 25.98 -15.14 -16.40
N ARG C 2 27.07 -14.90 -17.17
CA ARG C 2 27.11 -14.71 -18.67
C ARG C 2 27.12 -16.04 -19.46
N VAL C 3 26.32 -16.97 -18.97
CA VAL C 3 26.32 -18.36 -19.31
C VAL C 3 24.96 -18.65 -19.96
N GLN C 4 24.93 -19.50 -20.97
CA GLN C 4 23.79 -19.57 -21.88
C GLN C 4 23.50 -21.01 -22.30
N PHE C 5 22.25 -21.27 -22.65
CA PHE C 5 21.76 -22.62 -22.95
C PHE C 5 21.69 -22.85 -24.47
N PRO C 6 21.98 -24.03 -25.02
CA PRO C 6 22.23 -25.30 -24.35
C PRO C 6 23.71 -25.67 -23.98
N THR C 7 24.66 -24.80 -24.31
CA THR C 7 26.08 -25.10 -24.10
C THR C 7 26.35 -25.23 -22.61
N THR C 8 25.63 -24.48 -21.75
CA THR C 8 25.65 -24.72 -20.27
C THR C 8 24.37 -25.35 -19.82
N ARG C 9 24.45 -26.59 -19.35
CA ARG C 9 23.30 -27.40 -18.94
C ARG C 9 23.44 -27.62 -17.47
N PRO C 10 22.76 -26.79 -16.66
CA PRO C 10 22.87 -26.87 -15.21
C PRO C 10 22.57 -28.20 -14.53
N ARG C 11 22.03 -29.14 -15.32
CA ARG C 11 21.53 -30.39 -14.80
C ARG C 11 22.63 -31.42 -14.72
N ARG C 12 23.75 -31.15 -15.39
CA ARG C 12 24.88 -32.07 -15.33
C ARG C 12 25.40 -32.25 -13.91
N LEU C 13 25.28 -31.22 -13.08
CA LEU C 13 25.66 -31.31 -11.66
C LEU C 13 24.53 -31.81 -10.73
N ARG C 14 23.50 -32.44 -11.31
CA ARG C 14 22.41 -33.03 -10.57
C ARG C 14 22.18 -34.49 -10.95
N ALA C 15 22.98 -35.01 -11.88
CA ALA C 15 22.75 -36.34 -12.44
C ALA C 15 23.11 -37.56 -11.57
N SER C 16 23.76 -37.39 -10.42
CA SER C 16 24.37 -38.52 -9.68
C SER C 16 24.54 -38.19 -8.20
N LYS C 17 24.19 -39.09 -7.29
CA LYS C 17 24.42 -38.75 -5.87
C LYS C 17 25.88 -38.49 -5.63
N ILE C 18 26.77 -39.16 -6.35
CA ILE C 18 28.17 -38.79 -6.24
C ILE C 18 28.27 -37.30 -6.57
N ILE C 19 28.04 -36.93 -7.83
CA ILE C 19 28.34 -35.57 -8.25
C ILE C 19 27.47 -34.47 -7.66
N ARG C 20 26.29 -34.84 -7.19
CA ARG C 20 25.39 -33.91 -6.53
C ARG C 20 25.98 -33.58 -5.17
N ASP C 21 26.54 -34.61 -4.50
CA ASP C 21 27.25 -34.45 -3.20
C ASP C 21 28.62 -33.77 -3.38
N ALA C 22 29.33 -34.07 -4.48
CA ALA C 22 30.63 -33.43 -4.78
C ALA C 22 30.51 -31.92 -4.68
N VAL C 23 29.67 -31.35 -5.54
CA VAL C 23 29.51 -29.89 -5.71
C VAL C 23 28.61 -29.18 -4.68
N ALA C 24 28.08 -29.95 -3.75
CA ALA C 24 27.25 -29.44 -2.69
C ALA C 24 27.85 -28.29 -1.94
N GLU C 25 27.15 -27.19 -1.84
CA GLU C 25 27.67 -25.99 -1.21
C GLU C 25 27.81 -26.03 0.30
N THR C 26 27.14 -26.96 0.96
CA THR C 26 26.90 -26.84 2.40
C THR C 26 27.14 -28.19 3.08
N GLN C 27 27.55 -28.17 4.34
CA GLN C 27 27.57 -29.44 5.10
C GLN C 27 27.26 -29.43 6.65
N ILE C 28 26.97 -30.62 7.15
CA ILE C 28 26.41 -30.76 8.45
C ILE C 28 27.13 -31.89 9.17
N ASP C 29 27.27 -31.71 10.47
CA ASP C 29 27.60 -32.80 11.38
C ASP C 29 27.27 -32.35 12.80
N ALA C 30 27.31 -33.31 13.73
CA ALA C 30 27.01 -33.08 15.15
C ALA C 30 27.80 -31.93 15.76
N GLY C 31 29.03 -31.73 15.27
CA GLY C 31 29.92 -30.67 15.74
C GLY C 31 29.37 -29.28 15.63
N ASP C 32 28.23 -29.14 14.94
CA ASP C 32 27.52 -27.89 14.78
C ASP C 32 26.41 -27.72 15.80
N PHE C 33 25.99 -28.80 16.46
CA PHE C 33 24.88 -28.70 17.43
C PHE C 33 25.23 -28.25 18.88
N ILE C 34 24.31 -27.49 19.44
CA ILE C 34 24.27 -27.17 20.84
C ILE C 34 22.88 -27.72 21.24
N TYR C 35 22.84 -28.74 22.12
CA TYR C 35 21.58 -29.38 22.59
C TYR C 35 21.06 -28.65 23.83
N PRO C 36 19.75 -28.40 23.98
CA PRO C 36 19.34 -27.74 25.22
C PRO C 36 18.75 -28.71 26.27
N LEU C 37 19.24 -28.57 27.49
CA LEU C 37 18.77 -29.37 28.61
C LEU C 37 17.92 -28.49 29.49
N PHE C 38 16.73 -29.01 29.79
CA PHE C 38 15.81 -28.40 30.77
C PHE C 38 15.98 -29.01 32.13
N VAL C 39 16.39 -28.19 33.08
CA VAL C 39 16.75 -28.69 34.40
C VAL C 39 15.72 -28.20 35.42
N LYS C 40 15.24 -29.16 36.25
CA LYS C 40 14.28 -28.91 37.34
C LYS C 40 14.86 -29.35 38.69
N PRO C 41 14.40 -28.72 39.80
CA PRO C 41 14.96 -29.03 41.14
C PRO C 41 14.87 -30.50 41.58
N GLY C 42 13.83 -31.21 41.16
CA GLY C 42 13.70 -32.62 41.52
C GLY C 42 12.42 -33.34 41.12
N GLY C 43 12.31 -34.56 41.62
CA GLY C 43 11.27 -35.49 41.21
C GLY C 43 11.86 -36.41 40.15
N GLU C 44 11.23 -36.40 38.99
CA GLU C 44 11.43 -37.42 37.96
C GLU C 44 11.55 -36.71 36.60
N ARG C 45 11.47 -37.43 35.49
CA ARG C 45 11.35 -36.77 34.19
C ARG C 45 9.90 -36.41 33.87
N GLU C 46 9.53 -35.13 33.99
CA GLU C 46 8.28 -34.66 33.38
C GLU C 46 8.48 -34.68 31.86
N PRO C 47 7.66 -35.45 31.13
CA PRO C 47 7.56 -35.14 29.71
C PRO C 47 6.91 -33.79 29.49
N ILE C 48 7.22 -33.23 28.34
CA ILE C 48 6.77 -31.90 27.94
C ILE C 48 5.70 -32.10 26.89
N GLY C 49 4.54 -31.49 27.10
CA GLY C 49 3.44 -31.69 26.17
C GLY C 49 3.78 -31.25 24.75
N PRO C 50 3.92 -29.94 24.54
CA PRO C 50 4.12 -29.44 23.18
C PRO C 50 5.32 -29.97 22.41
N MET C 51 6.37 -30.44 23.09
CA MET C 51 7.62 -30.89 22.46
C MET C 51 7.77 -32.40 22.54
N PRO C 52 6.90 -33.14 21.84
CA PRO C 52 6.89 -34.59 22.04
C PRO C 52 8.27 -35.17 21.89
N GLY C 53 8.84 -35.58 23.01
CA GLY C 53 10.07 -36.36 23.01
C GLY C 53 11.20 -35.77 23.78
N ILE C 54 11.05 -34.51 24.23
CA ILE C 54 11.99 -33.91 25.16
C ILE C 54 11.39 -33.96 26.56
N TYR C 55 12.24 -34.18 27.55
CA TYR C 55 11.82 -34.22 28.94
C TYR C 55 12.40 -33.04 29.72
N ARG C 56 11.75 -32.67 30.82
CA ARG C 56 12.39 -31.88 31.88
C ARG C 56 13.18 -32.85 32.75
N TRP C 57 14.50 -32.84 32.65
CA TRP C 57 15.31 -33.74 33.49
C TRP C 57 15.48 -33.19 34.92
N PRO C 58 15.49 -34.09 35.95
CA PRO C 58 15.85 -33.68 37.31
C PRO C 58 17.37 -33.68 37.50
N VAL C 59 17.90 -32.65 38.16
CA VAL C 59 19.36 -32.47 38.26
C VAL C 59 19.97 -33.62 39.05
N GLY C 60 19.79 -34.78 38.46
CA GLY C 60 20.01 -36.03 39.12
C GLY C 60 20.90 -36.84 38.23
N ARG C 61 20.51 -38.09 37.99
CA ARG C 61 21.38 -39.09 37.39
C ARG C 61 21.01 -39.26 35.91
N GLU C 62 20.00 -38.50 35.44
CA GLU C 62 19.88 -38.12 34.01
C GLU C 62 20.43 -36.69 33.75
N LEU C 63 21.56 -36.43 34.37
CA LEU C 63 22.61 -35.81 33.65
C LEU C 63 22.94 -36.93 32.67
N ILE C 64 23.72 -37.94 33.08
CA ILE C 64 24.51 -38.69 32.14
C ILE C 64 23.58 -39.49 31.25
N ASN C 65 22.52 -40.02 31.85
CA ASN C 65 21.58 -40.83 31.09
C ASN C 65 20.65 -39.95 30.25
N HIS C 66 21.17 -38.77 29.93
CA HIS C 66 20.97 -38.15 28.62
C HIS C 66 22.27 -37.56 28.05
N VAL C 67 23.00 -36.83 28.88
CA VAL C 67 24.20 -36.12 28.49
C VAL C 67 25.29 -37.05 28.00
N GLU C 68 25.35 -38.26 28.55
CA GLU C 68 26.34 -39.28 28.11
C GLU C 68 25.93 -39.83 26.77
N GLU C 69 24.62 -40.00 26.53
CA GLU C 69 24.12 -40.47 25.22
C GLU C 69 24.34 -39.42 24.11
N ALA C 70 24.12 -38.15 24.45
CA ALA C 70 24.53 -37.02 23.62
C ALA C 70 26.00 -37.08 23.23
N LEU C 71 26.87 -37.35 24.19
CA LEU C 71 28.30 -37.39 23.90
C LEU C 71 28.60 -38.42 22.84
N SER C 72 27.98 -39.57 22.95
CA SER C 72 28.31 -40.72 22.09
C SER C 72 28.08 -40.39 20.62
N LEU C 73 26.88 -39.93 20.31
CA LEU C 73 26.48 -39.51 18.95
C LEU C 73 27.41 -38.44 18.36
N GLY C 74 27.94 -37.59 19.24
CA GLY C 74 28.99 -36.62 18.91
C GLY C 74 28.68 -35.17 19.27
N ILE C 75 27.76 -34.99 20.23
CA ILE C 75 27.16 -33.73 20.56
C ILE C 75 27.69 -33.46 21.92
N ASN C 76 28.54 -32.45 22.02
CA ASN C 76 29.20 -32.14 23.31
C ASN C 76 28.96 -30.76 23.91
N LYS C 77 27.98 -30.02 23.43
CA LYS C 77 27.79 -28.65 23.85
C LYS C 77 26.37 -28.54 24.28
N PHE C 78 26.16 -27.99 25.46
CA PHE C 78 24.84 -27.94 26.07
C PHE C 78 24.57 -26.53 26.59
N ILE C 79 23.29 -26.18 26.61
CA ILE C 79 22.82 -24.88 27.05
C ILE C 79 21.74 -25.22 28.07
N LEU C 80 21.78 -24.52 29.21
CA LEU C 80 21.06 -24.99 30.40
C LEU C 80 19.96 -24.04 30.78
N PHE C 81 18.72 -24.48 30.56
CA PHE C 81 17.58 -23.67 30.91
C PHE C 81 16.97 -24.20 32.19
N GLY C 82 16.78 -23.33 33.17
CA GLY C 82 16.16 -23.71 34.44
C GLY C 82 14.64 -23.79 34.33
N VAL C 83 14.04 -24.64 35.15
CA VAL C 83 12.58 -24.81 35.16
C VAL C 83 12.09 -24.90 36.58
N LEU C 84 11.44 -23.83 37.06
CA LEU C 84 11.08 -23.72 38.49
C LEU C 84 9.60 -23.91 38.79
N PRO C 85 9.29 -24.89 39.64
CA PRO C 85 8.21 -24.74 40.60
C PRO C 85 8.09 -23.29 41.08
N ASP C 86 6.91 -22.69 40.84
CA ASP C 86 6.71 -21.21 40.97
C ASP C 86 6.37 -20.69 42.36
N GLU C 87 6.56 -21.54 43.39
CA GLU C 87 6.74 -21.07 44.75
C GLU C 87 7.96 -20.16 44.75
N LEU C 88 9.10 -20.70 44.34
CA LEU C 88 10.34 -19.94 44.39
C LEU C 88 10.36 -19.03 43.16
N LYS C 89 9.52 -18.00 43.14
CA LYS C 89 9.38 -17.05 42.02
C LYS C 89 8.82 -15.72 42.50
N ASN C 90 9.56 -14.63 42.34
CA ASN C 90 9.20 -13.30 42.88
C ASN C 90 9.36 -12.21 41.82
N PRO C 91 8.92 -10.96 42.11
CA PRO C 91 9.05 -9.88 41.10
C PRO C 91 10.49 -9.42 40.73
N GLU C 92 11.48 -9.88 41.52
CA GLU C 92 12.90 -9.63 41.29
C GLU C 92 13.67 -10.83 40.74
N GLY C 93 13.08 -12.02 40.80
CA GLY C 93 13.64 -13.19 40.10
C GLY C 93 14.90 -13.77 40.72
N THR C 94 14.74 -14.69 41.67
CA THR C 94 15.80 -15.10 42.57
C THR C 94 16.13 -16.59 42.55
N GLY C 95 15.78 -17.28 41.47
CA GLY C 95 16.51 -18.49 41.07
C GLY C 95 17.75 -18.07 40.30
N GLY C 96 17.65 -16.90 39.66
CA GLY C 96 18.68 -16.41 38.78
C GLY C 96 20.02 -16.29 39.44
N TYR C 97 20.05 -15.61 40.58
CA TYR C 97 21.32 -15.33 41.31
C TYR C 97 21.58 -16.25 42.55
N ASP C 98 20.77 -17.31 42.69
CA ASP C 98 20.87 -18.23 43.81
C ASP C 98 21.89 -19.33 43.50
N PRO C 99 23.02 -19.35 44.23
CA PRO C 99 24.09 -20.34 44.05
C PRO C 99 23.71 -21.79 44.25
N GLU C 100 22.68 -22.05 45.04
CA GLU C 100 22.17 -23.41 45.22
C GLU C 100 20.87 -23.55 44.46
N GLY C 101 20.84 -22.96 43.27
CA GLY C 101 19.66 -22.98 42.40
C GLY C 101 19.65 -24.30 41.67
N VAL C 102 18.99 -24.31 40.50
CA VAL C 102 19.02 -25.51 39.62
C VAL C 102 20.17 -25.37 38.67
N VAL C 103 20.14 -24.29 37.89
CA VAL C 103 21.14 -24.11 36.84
C VAL C 103 22.57 -24.19 37.44
N PRO C 104 22.83 -23.53 38.59
CA PRO C 104 24.16 -23.66 39.19
C PRO C 104 24.49 -25.08 39.60
N ARG C 105 23.51 -25.83 40.11
CA ARG C 105 23.74 -27.27 40.43
C ARG C 105 24.17 -28.08 39.20
N ALA C 106 23.33 -28.04 38.16
CA ALA C 106 23.57 -28.79 36.94
C ALA C 106 24.86 -28.40 36.24
N ILE C 107 25.34 -27.17 36.41
CA ILE C 107 26.66 -26.79 35.86
C ILE C 107 27.73 -27.49 36.66
N ARG C 108 27.57 -27.37 37.97
CA ARG C 108 28.55 -27.86 38.92
C ARG C 108 28.62 -29.38 38.81
N LEU C 109 27.45 -29.98 38.59
CA LEU C 109 27.34 -31.42 38.37
C LEU C 109 27.96 -31.85 37.03
N ILE C 110 27.50 -31.30 35.91
CA ILE C 110 27.95 -31.82 34.61
C ILE C 110 29.45 -31.67 34.44
N LYS C 111 30.02 -30.57 34.93
CA LYS C 111 31.47 -30.36 34.81
C LYS C 111 32.27 -31.24 35.77
N GLU C 112 31.77 -31.45 37.01
CA GLU C 112 32.37 -32.46 37.90
C GLU C 112 32.60 -33.76 37.11
N ILE C 113 31.58 -34.25 36.42
CA ILE C 113 31.62 -35.61 35.85
C ILE C 113 32.11 -35.67 34.38
N PHE C 114 31.91 -34.60 33.60
CA PHE C 114 32.37 -34.59 32.22
C PHE C 114 33.58 -33.71 31.96
N GLY C 115 33.87 -32.79 32.86
CA GLY C 115 35.05 -31.94 32.72
C GLY C 115 35.00 -31.14 31.45
N ASP C 116 36.15 -30.73 30.95
CA ASP C 116 36.19 -29.96 29.70
C ASP C 116 36.04 -30.86 28.45
N ARG C 117 35.68 -32.14 28.64
CA ARG C 117 35.11 -32.98 27.55
C ARG C 117 33.69 -32.52 27.05
N VAL C 118 33.04 -31.66 27.84
CA VAL C 118 31.78 -31.04 27.50
C VAL C 118 31.87 -29.51 27.72
N LEU C 119 31.34 -28.75 26.76
CA LEU C 119 31.14 -27.29 26.88
C LEU C 119 29.73 -27.00 27.42
N VAL C 120 29.65 -26.01 28.30
CA VAL C 120 28.39 -25.66 28.99
C VAL C 120 28.12 -24.15 28.93
N PHE C 121 27.06 -23.81 28.22
CA PHE C 121 26.53 -22.49 28.11
C PHE C 121 25.37 -22.40 29.15
N ALA C 122 25.22 -21.30 29.87
CA ALA C 122 23.99 -21.10 30.62
C ALA C 122 23.13 -19.99 29.99
N ASP C 123 21.84 -20.24 29.84
CA ASP C 123 20.90 -19.17 29.52
C ASP C 123 20.82 -18.20 30.69
N VAL C 124 20.75 -16.91 30.38
CA VAL C 124 20.67 -15.87 31.39
C VAL C 124 19.46 -15.01 31.13
N CYS C 125 18.39 -15.34 31.83
CA CYS C 125 17.17 -14.55 31.79
C CYS C 125 16.29 -14.79 33.02
N LEU C 126 15.25 -13.98 33.11
CA LEU C 126 14.36 -13.99 34.24
C LEU C 126 12.93 -14.30 33.83
N CYS C 127 12.72 -14.95 32.69
CA CYS C 127 11.36 -15.42 32.41
C CYS C 127 11.13 -16.79 33.08
N GLU C 128 12.18 -17.58 33.25
CA GLU C 128 12.05 -18.82 34.02
C GLU C 128 11.94 -18.59 35.53
N TYR C 129 12.23 -17.36 35.99
CA TYR C 129 12.39 -17.03 37.42
C TYR C 129 11.48 -15.96 38.05
N THR C 130 10.73 -15.19 37.28
CA THR C 130 9.74 -14.28 37.86
C THR C 130 8.34 -14.89 37.85
N ASP C 131 7.55 -14.54 38.86
CA ASP C 131 6.11 -14.90 38.91
C ASP C 131 5.26 -14.32 37.77
N HIS C 132 5.70 -13.19 37.20
CA HIS C 132 5.04 -12.56 36.03
C HIS C 132 5.58 -13.05 34.70
N GLY C 133 6.74 -13.70 34.72
CA GLY C 133 7.32 -14.33 33.54
C GLY C 133 7.94 -13.41 32.49
N HIS C 134 8.22 -12.15 32.84
CA HIS C 134 8.93 -11.28 31.90
C HIS C 134 10.39 -11.42 32.11
N CYS C 135 11.14 -11.10 31.06
CA CYS C 135 12.57 -11.34 31.06
C CYS C 135 13.35 -10.36 31.91
N GLY C 136 12.72 -9.26 32.27
CA GLY C 136 13.32 -8.31 33.17
C GLY C 136 12.45 -8.07 34.36
N VAL C 137 12.51 -6.85 34.90
CA VAL C 137 11.84 -6.46 36.14
C VAL C 137 10.91 -5.33 35.80
N VAL C 138 9.63 -5.49 36.14
CA VAL C 138 8.57 -4.56 35.71
C VAL C 138 8.58 -3.27 36.56
N LYS C 139 8.09 -2.19 35.97
CA LYS C 139 7.90 -0.92 36.66
C LYS C 139 6.68 -0.20 36.04
N GLU C 140 6.31 0.95 36.58
CA GLU C 140 5.24 1.80 36.01
C GLU C 140 5.72 3.23 36.16
N LYS C 141 5.88 3.96 35.06
CA LYS C 141 6.17 5.38 35.13
C LYS C 141 4.81 6.08 35.04
N ARG C 142 4.78 7.32 34.54
CA ARG C 142 3.51 7.95 34.13
C ARG C 142 2.90 7.11 33.01
N ASP C 143 3.78 6.36 32.33
CA ASP C 143 3.44 5.10 31.62
C ASP C 143 2.61 4.13 32.52
N ARG C 144 2.60 2.85 32.14
CA ARG C 144 2.02 1.78 32.95
C ARG C 144 3.05 0.62 32.92
N TRP C 145 2.62 -0.63 33.05
CA TRP C 145 3.47 -1.82 32.84
C TRP C 145 4.65 -1.52 31.89
N TYR C 146 5.90 -1.73 32.35
CA TYR C 146 7.09 -1.59 31.49
C TYR C 146 8.32 -2.33 32.14
N VAL C 147 9.06 -3.11 31.36
CA VAL C 147 10.25 -3.84 31.83
C VAL C 147 11.43 -2.89 31.92
N ASP C 148 12.00 -2.69 33.12
CA ASP C 148 13.10 -1.70 33.29
C ASP C 148 14.42 -2.25 32.83
N ASN C 149 15.05 -1.48 31.94
CA ASN C 149 16.17 -1.95 31.15
C ASN C 149 17.44 -1.98 31.93
N ASP C 150 17.64 -0.94 32.73
CA ASP C 150 18.91 -0.66 33.36
C ASP C 150 19.01 -1.30 34.71
N GLU C 151 17.87 -1.59 35.36
CA GLU C 151 17.91 -2.34 36.61
C GLU C 151 17.98 -3.81 36.26
N THR C 152 17.18 -4.24 35.30
CA THR C 152 17.09 -5.67 35.03
C THR C 152 18.42 -6.21 34.50
N ILE C 153 19.09 -5.40 33.71
CA ILE C 153 20.39 -5.71 33.12
C ILE C 153 21.44 -6.14 34.19
N LYS C 154 21.31 -5.57 35.41
CA LYS C 154 22.24 -5.79 36.52
C LYS C 154 22.05 -7.16 37.16
N LEU C 155 20.83 -7.67 37.04
CA LEU C 155 20.51 -9.01 37.51
C LEU C 155 21.07 -10.08 36.56
N TYR C 156 21.00 -9.87 35.26
CA TYR C 156 21.69 -10.75 34.34
C TYR C 156 23.18 -10.83 34.75
N ALA C 157 23.77 -9.69 35.15
CA ALA C 157 25.17 -9.64 35.62
C ALA C 157 25.37 -10.51 36.85
N LYS C 158 24.52 -10.29 37.85
CA LYS C 158 24.51 -11.14 39.05
C LYS C 158 24.25 -12.61 38.72
N GLU C 159 23.31 -12.89 37.80
CA GLU C 159 23.01 -14.26 37.30
C GLU C 159 24.20 -14.94 36.65
N ALA C 160 24.88 -14.20 35.79
CA ALA C 160 26.00 -14.73 35.03
C ALA C 160 27.19 -15.06 35.95
N VAL C 161 27.54 -14.08 36.77
CA VAL C 161 28.66 -14.23 37.70
C VAL C 161 28.51 -15.58 38.43
N VAL C 162 27.28 -15.87 38.90
CA VAL C 162 26.93 -17.13 39.58
C VAL C 162 27.21 -18.34 38.69
N TYR C 163 26.75 -18.29 37.46
CA TYR C 163 26.89 -19.42 36.56
C TYR C 163 28.35 -19.69 36.21
N ALA C 164 29.19 -18.65 36.19
CA ALA C 164 30.64 -18.84 35.99
C ALA C 164 31.27 -19.34 37.27
N GLU C 165 30.93 -18.71 38.40
CA GLU C 165 31.27 -19.19 39.75
C GLU C 165 30.98 -20.69 39.86
N ALA C 166 29.81 -21.12 39.42
CA ALA C 166 29.42 -22.54 39.45
C ALA C 166 30.20 -23.38 38.47
N GLY C 167 30.67 -22.78 37.38
CA GLY C 167 31.65 -23.39 36.46
C GLY C 167 31.31 -23.55 34.98
N ALA C 168 30.56 -22.61 34.45
CA ALA C 168 30.09 -22.72 33.08
C ALA C 168 31.17 -22.19 32.18
N ASP C 169 31.31 -22.79 31.02
CA ASP C 169 32.31 -22.35 30.06
C ASP C 169 31.92 -21.01 29.45
N PHE C 170 30.60 -20.83 29.29
CA PHE C 170 29.98 -19.73 28.55
C PHE C 170 28.63 -19.32 29.18
N VAL C 171 28.16 -18.18 28.78
CA VAL C 171 27.02 -17.57 29.38
C VAL C 171 26.26 -16.90 28.24
N ALA C 172 24.95 -16.71 28.32
CA ALA C 172 24.17 -16.33 27.10
C ALA C 172 22.89 -15.50 27.31
N PRO C 173 22.96 -14.16 27.18
CA PRO C 173 21.85 -13.30 27.62
C PRO C 173 20.63 -13.12 26.71
N SER C 174 19.55 -13.86 27.03
CA SER C 174 18.38 -14.00 26.15
C SER C 174 17.25 -12.96 26.40
N GLY C 175 17.46 -12.08 27.37
CA GLY C 175 16.43 -11.11 27.74
C GLY C 175 16.20 -10.00 26.74
N MET C 176 17.15 -9.80 25.84
CA MET C 176 17.09 -8.73 24.85
C MET C 176 16.97 -7.34 25.47
N MET C 177 17.60 -7.19 26.65
CA MET C 177 17.74 -5.90 27.30
C MET C 177 18.97 -5.24 26.70
N ASP C 178 18.91 -3.91 26.54
CA ASP C 178 19.90 -3.15 25.80
C ASP C 178 21.17 -3.05 26.58
N GLY C 179 22.32 -2.99 25.90
CA GLY C 179 23.59 -2.89 26.60
C GLY C 179 23.94 -4.00 27.58
N GLN C 180 23.23 -5.13 27.43
CA GLN C 180 23.29 -6.24 28.38
C GLN C 180 24.62 -6.94 28.36
N VAL C 181 25.38 -6.79 27.27
CA VAL C 181 26.59 -7.54 27.14
C VAL C 181 27.70 -6.90 27.94
N ARG C 182 27.98 -5.60 27.84
CA ARG C 182 29.15 -5.13 28.62
C ARG C 182 28.85 -5.05 30.13
N GLU C 183 27.59 -4.93 30.50
CA GLU C 183 27.16 -5.11 31.89
C GLU C 183 27.45 -6.56 32.43
N ILE C 184 27.26 -7.58 31.61
CA ILE C 184 27.67 -8.97 31.96
C ILE C 184 29.19 -9.17 31.78
N ARG C 185 29.74 -8.56 30.74
CA ARG C 185 31.18 -8.62 30.45
C ARG C 185 32.04 -7.95 31.53
N ARG C 186 31.49 -6.93 32.21
CA ARG C 186 32.25 -6.18 33.20
C ARG C 186 32.15 -6.79 34.58
N ALA C 187 31.07 -7.51 34.86
CA ALA C 187 30.99 -8.34 36.05
C ALA C 187 32.09 -9.36 35.91
N LEU C 188 31.94 -10.20 34.89
CA LEU C 188 32.79 -11.39 34.70
C LEU C 188 34.28 -11.08 34.77
N ASP C 189 34.70 -10.05 34.04
CA ASP C 189 36.06 -9.55 34.12
C ASP C 189 36.34 -9.07 35.55
N ALA C 190 35.49 -8.21 36.10
CA ALA C 190 35.70 -7.71 37.48
C ALA C 190 35.66 -8.75 38.62
N HIS C 191 35.22 -9.98 38.34
CA HIS C 191 35.32 -11.08 39.29
C HIS C 191 36.27 -12.13 38.74
N GLY C 192 37.28 -11.72 37.96
CA GLY C 192 38.37 -12.61 37.53
C GLY C 192 38.14 -13.60 36.38
N PHE C 193 36.87 -13.80 35.99
CA PHE C 193 36.45 -14.68 34.88
C PHE C 193 36.67 -14.06 33.47
N GLU C 194 37.83 -13.43 33.25
CA GLU C 194 38.37 -13.07 31.92
C GLU C 194 38.25 -14.22 30.92
N GLU C 195 38.34 -15.46 31.44
CA GLU C 195 38.33 -16.67 30.63
C GLU C 195 36.92 -17.03 30.10
N VAL C 196 35.85 -16.80 30.88
CA VAL C 196 34.46 -17.08 30.46
C VAL C 196 34.09 -16.21 29.27
N GLY C 197 33.25 -16.78 28.39
CA GLY C 197 32.76 -16.15 27.17
C GLY C 197 31.24 -16.01 27.04
N ILE C 198 30.84 -15.16 26.10
CA ILE C 198 29.48 -14.67 25.95
C ILE C 198 28.91 -15.01 24.58
N MET C 199 27.89 -15.89 24.53
CA MET C 199 27.09 -16.12 23.31
C MET C 199 25.88 -15.23 23.41
N ALA C 200 25.74 -14.25 22.53
CA ALA C 200 24.73 -13.21 22.69
C ALA C 200 23.54 -13.32 21.74
N TYR C 201 22.36 -13.59 22.32
CA TYR C 201 21.10 -13.57 21.61
C TYR C 201 20.92 -12.12 21.18
N SER C 202 21.55 -11.79 20.05
CA SER C 202 21.62 -10.43 19.56
C SER C 202 20.32 -10.12 18.85
N ALA C 203 20.02 -10.89 17.82
CA ALA C 203 18.84 -10.67 17.01
C ALA C 203 17.84 -11.73 17.37
N LYS C 204 17.13 -11.50 18.48
CA LYS C 204 16.17 -12.46 19.00
C LYS C 204 14.76 -11.91 18.76
N TYR C 205 14.02 -12.53 17.84
CA TYR C 205 12.77 -11.93 17.32
C TYR C 205 11.59 -12.23 18.23
N ALA C 206 10.57 -11.37 18.13
CA ALA C 206 9.33 -11.46 18.93
C ALA C 206 8.39 -12.37 18.18
N SER C 207 8.48 -13.65 18.50
CA SER C 207 8.01 -14.71 17.64
C SER C 207 6.96 -15.53 18.34
N ALA C 208 6.13 -16.18 17.52
CA ALA C 208 5.17 -17.20 17.97
C ALA C 208 5.73 -18.64 17.89
N PHE C 209 6.99 -18.80 17.49
CA PHE C 209 7.58 -20.15 17.43
C PHE C 209 8.04 -20.56 18.80
N TYR C 210 7.84 -19.72 19.81
CA TYR C 210 8.16 -20.03 21.21
C TYR C 210 7.06 -20.70 22.02
N GLY C 211 5.84 -20.77 21.48
CA GLY C 211 4.72 -21.46 22.15
C GLY C 211 5.09 -22.65 23.03
N PRO C 212 5.80 -23.66 22.46
CA PRO C 212 6.35 -24.82 23.20
C PRO C 212 7.36 -24.53 24.29
N PHE C 213 8.35 -23.69 24.06
CA PHE C 213 9.35 -23.45 25.10
C PHE C 213 8.71 -22.77 26.33
N ARG C 214 7.84 -21.78 26.09
CA ARG C 214 7.07 -21.11 27.17
C ARG C 214 6.41 -22.16 28.11
N VAL C 215 5.91 -23.23 27.52
CA VAL C 215 5.33 -24.33 28.27
C VAL C 215 6.39 -25.21 28.97
N ALA C 216 7.53 -25.47 28.33
CA ALA C 216 8.57 -26.34 28.91
C ALA C 216 9.24 -25.73 30.10
N ALA C 217 9.39 -24.39 30.12
CA ALA C 217 10.16 -23.69 31.19
C ALA C 217 9.32 -23.00 32.31
N ALA C 218 8.00 -22.97 32.10
CA ALA C 218 7.09 -22.14 32.88
C ALA C 218 7.29 -20.64 32.56
N SER C 219 7.94 -20.35 31.45
CA SER C 219 8.36 -19.00 31.19
C SER C 219 7.30 -18.17 30.45
N ALA C 220 6.03 -18.57 30.53
CA ALA C 220 4.93 -17.83 29.87
C ALA C 220 4.68 -16.48 30.57
N PRO C 221 4.40 -15.40 29.78
CA PRO C 221 3.99 -14.15 30.39
C PRO C 221 2.55 -14.18 30.90
N LYS C 222 2.36 -13.71 32.14
CA LYS C 222 1.04 -13.70 32.77
C LYS C 222 0.25 -12.53 32.23
N PHE C 223 0.97 -11.44 31.93
CA PHE C 223 0.45 -10.26 31.22
C PHE C 223 1.34 -9.79 30.05
N GLY C 224 0.78 -8.89 29.24
CA GLY C 224 1.51 -8.24 28.14
C GLY C 224 2.10 -9.19 27.12
N ASP C 225 3.17 -8.74 26.45
CA ASP C 225 3.84 -9.45 25.34
C ASP C 225 5.37 -9.31 25.48
N ARG C 226 6.15 -9.94 24.61
CA ARG C 226 7.59 -9.66 24.65
C ARG C 226 8.02 -8.59 23.67
N ARG C 227 7.06 -7.87 23.10
CA ARG C 227 7.30 -7.01 21.93
C ARG C 227 8.06 -5.73 22.23
N THR C 228 8.12 -5.34 23.51
CA THR C 228 8.74 -4.06 23.93
C THR C 228 10.23 -4.25 24.15
N TYR C 229 10.66 -5.51 24.16
CA TYR C 229 12.09 -5.87 24.18
C TYR C 229 12.52 -6.72 22.95
N GLN C 230 12.07 -7.97 22.83
CA GLN C 230 12.39 -8.82 21.66
C GLN C 230 12.13 -8.12 20.32
N MET C 231 12.90 -8.46 19.29
CA MET C 231 12.90 -7.70 18.04
C MET C 231 11.57 -7.81 17.29
N ASP C 232 11.17 -6.74 16.62
CA ASP C 232 10.00 -6.74 15.71
C ASP C 232 10.29 -7.55 14.40
N PRO C 233 9.57 -8.66 14.12
CA PRO C 233 9.89 -9.46 12.95
C PRO C 233 10.06 -8.77 11.63
N ARG C 234 9.36 -7.69 11.37
CA ARG C 234 9.48 -7.01 10.05
C ARG C 234 10.89 -6.61 9.65
N ASN C 235 11.81 -6.50 10.59
CA ASN C 235 13.15 -5.91 10.36
C ASN C 235 14.37 -6.89 10.27
N ALA C 236 15.00 -6.93 9.10
CA ALA C 236 16.22 -7.69 8.93
C ALA C 236 17.36 -6.80 9.36
N TYR C 237 17.50 -5.66 8.69
CA TYR C 237 18.62 -4.74 8.93
C TYR C 237 18.84 -4.22 10.35
N GLU C 238 17.77 -4.19 11.16
CA GLU C 238 17.85 -3.84 12.58
C GLU C 238 18.82 -4.81 13.24
N ALA C 239 18.85 -6.07 12.80
CA ALA C 239 19.74 -7.06 13.39
C ALA C 239 21.24 -6.83 13.18
N LEU C 240 21.65 -6.03 12.19
CA LEU C 240 23.07 -5.66 12.03
C LEU C 240 23.52 -4.76 13.19
N LYS C 241 22.93 -3.58 13.33
CA LYS C 241 23.01 -2.76 14.55
C LYS C 241 23.01 -3.60 15.84
N GLU C 242 22.00 -4.44 16.04
CA GLU C 242 21.90 -5.19 17.32
C GLU C 242 23.12 -6.10 17.56
N VAL C 243 23.59 -6.73 16.49
CA VAL C 243 24.83 -7.52 16.48
C VAL C 243 26.06 -6.63 16.66
N ALA C 244 26.21 -5.68 15.76
CA ALA C 244 27.33 -4.75 15.80
C ALA C 244 27.52 -4.10 17.17
N MET C 245 26.43 -3.77 17.85
CA MET C 245 26.52 -3.22 19.19
C MET C 245 26.93 -4.27 20.22
N ASP C 246 26.37 -5.47 20.16
CA ASP C 246 26.79 -6.58 21.05
C ASP C 246 28.30 -7.01 20.85
N LEU C 247 28.89 -6.77 19.66
CA LEU C 247 30.30 -7.11 19.42
C LEU C 247 31.28 -6.05 19.90
N GLU C 248 30.92 -4.77 19.83
CA GLU C 248 31.63 -3.67 20.53
C GLU C 248 31.66 -3.98 22.02
N GLU C 249 30.51 -4.44 22.54
CA GLU C 249 30.27 -4.73 23.98
C GLU C 249 31.10 -5.90 24.60
N GLY C 250 31.75 -6.73 23.78
CA GLY C 250 32.64 -7.78 24.27
C GLY C 250 32.17 -9.20 24.01
N ALA C 251 31.17 -9.33 23.13
CA ALA C 251 30.61 -10.63 22.77
C ALA C 251 31.58 -11.42 21.91
N ASP C 252 31.33 -12.73 21.87
CA ASP C 252 32.20 -13.74 21.26
C ASP C 252 31.47 -14.49 20.15
N ILE C 253 30.35 -15.08 20.52
CA ILE C 253 29.46 -15.74 19.62
C ILE C 253 28.20 -14.83 19.51
N VAL C 254 27.48 -14.89 18.39
CA VAL C 254 26.36 -13.97 18.10
C VAL C 254 25.29 -14.78 17.34
N MET C 255 24.09 -14.90 17.90
CA MET C 255 23.09 -15.74 17.25
C MET C 255 21.91 -14.93 16.74
N VAL C 256 21.24 -15.49 15.73
CA VAL C 256 19.90 -15.10 15.31
C VAL C 256 18.86 -16.13 15.87
N LYS C 257 17.79 -15.64 16.49
CA LYS C 257 16.75 -16.50 17.11
C LYS C 257 15.36 -15.90 16.78
N PRO C 258 14.42 -16.69 16.29
CA PRO C 258 14.58 -18.09 15.90
C PRO C 258 15.26 -18.21 14.53
N ALA C 259 15.28 -19.41 13.94
CA ALA C 259 16.14 -19.67 12.78
C ALA C 259 15.40 -19.82 11.45
N LEU C 260 14.80 -20.99 11.24
CA LEU C 260 14.10 -21.34 9.98
C LEU C 260 13.31 -20.19 9.37
N ALA C 261 12.56 -19.49 10.21
CA ALA C 261 11.72 -18.37 9.80
C ALA C 261 12.45 -17.03 9.70
N TYR C 262 13.75 -16.99 9.98
CA TYR C 262 14.56 -15.78 9.84
C TYR C 262 15.94 -16.10 9.20
N LEU C 263 15.94 -16.99 8.22
CA LEU C 263 17.15 -17.34 7.52
C LEU C 263 17.69 -16.20 6.69
N ASP C 264 16.84 -15.29 6.26
CA ASP C 264 17.29 -14.20 5.42
C ASP C 264 18.14 -13.24 6.24
N VAL C 265 17.97 -13.29 7.56
CA VAL C 265 18.68 -12.43 8.53
C VAL C 265 20.05 -13.05 8.86
N ILE C 266 20.01 -14.37 9.09
CA ILE C 266 21.20 -15.21 9.20
C ILE C 266 22.23 -14.99 8.05
N ARG C 267 21.79 -15.01 6.80
CA ARG C 267 22.66 -14.62 5.71
C ARG C 267 22.99 -13.13 5.79
N LEU C 268 22.05 -12.27 6.17
CA LEU C 268 22.32 -10.80 6.18
C LEU C 268 23.39 -10.38 7.19
N VAL C 269 23.36 -11.01 8.37
CA VAL C 269 24.36 -10.79 9.45
C VAL C 269 25.72 -11.45 9.13
N LYS C 270 25.70 -12.68 8.61
CA LYS C 270 26.91 -13.40 8.32
C LYS C 270 27.63 -12.72 7.21
N GLN C 271 26.90 -12.04 6.35
CA GLN C 271 27.55 -11.38 5.25
C GLN C 271 28.03 -10.00 5.63
N HIS C 272 27.56 -9.45 6.74
CA HIS C 272 28.15 -8.21 7.31
C HIS C 272 29.21 -8.44 8.40
N PHE C 273 29.29 -9.65 8.93
CA PHE C 273 30.24 -9.96 9.99
C PHE C 273 30.77 -11.33 9.73
N PRO C 274 31.62 -11.47 8.70
CA PRO C 274 32.08 -12.78 8.27
C PRO C 274 33.10 -13.41 9.26
N TRP C 275 33.78 -12.55 9.99
CA TRP C 275 34.78 -12.96 10.97
C TRP C 275 34.19 -13.48 12.26
N VAL C 276 32.94 -13.14 12.54
CA VAL C 276 32.25 -13.50 13.79
C VAL C 276 31.48 -14.80 13.64
N PRO C 277 31.76 -15.78 14.53
CA PRO C 277 31.03 -17.04 14.46
C PRO C 277 29.58 -16.85 14.93
N LEU C 278 28.65 -17.31 14.12
CA LEU C 278 27.26 -16.98 14.25
C LEU C 278 26.53 -18.26 14.56
N ALA C 279 25.68 -18.21 15.57
CA ALA C 279 24.90 -19.38 15.96
C ALA C 279 23.51 -19.08 15.49
N ALA C 280 22.57 -20.01 15.72
CA ALA C 280 21.16 -19.83 15.33
C ALA C 280 20.35 -20.84 16.05
N TYR C 281 19.10 -20.53 16.37
CA TYR C 281 18.30 -21.41 17.22
C TYR C 281 17.14 -22.09 16.52
N ASN C 282 17.31 -23.35 16.11
CA ASN C 282 16.14 -24.18 15.69
C ASN C 282 15.33 -24.51 16.95
N VAL C 283 14.31 -23.68 17.04
CA VAL C 283 13.75 -23.18 18.23
C VAL C 283 12.58 -24.07 18.62
N SER C 284 12.19 -23.93 19.88
CA SER C 284 11.10 -24.67 20.53
C SER C 284 10.09 -25.31 19.56
N GLY C 285 9.25 -24.49 18.95
CA GLY C 285 8.20 -24.95 18.05
C GLY C 285 8.49 -24.72 16.59
N GLU C 286 9.76 -24.77 16.18
CA GLU C 286 10.16 -25.14 14.82
C GLU C 286 10.33 -26.63 14.82
N TYR C 287 10.40 -27.22 16.02
CA TYR C 287 10.59 -28.66 16.23
C TYR C 287 9.25 -29.28 16.48
N SER C 288 8.44 -28.65 17.33
CA SER C 288 7.09 -29.12 17.55
C SER C 288 6.21 -29.00 16.30
N LEU C 289 6.47 -27.98 15.47
CA LEU C 289 5.86 -27.89 14.14
C LEU C 289 6.13 -29.15 13.38
N VAL C 290 7.40 -29.55 13.27
CA VAL C 290 7.76 -30.78 12.54
C VAL C 290 7.14 -31.99 13.22
N LYS C 291 7.32 -32.11 14.52
CA LYS C 291 6.85 -33.28 15.24
C LYS C 291 5.34 -33.50 15.08
N ALA C 292 4.54 -32.42 15.07
CA ALA C 292 3.08 -32.48 14.79
C ALA C 292 2.80 -33.06 13.41
N ALA C 293 3.36 -32.39 12.41
CA ALA C 293 3.14 -32.71 11.02
C ALA C 293 3.61 -34.13 10.60
N ALA C 294 4.61 -34.67 11.31
CA ALA C 294 5.09 -36.04 11.09
C ALA C 294 4.08 -37.08 11.58
N THR C 295 3.54 -36.89 12.78
CA THR C 295 2.45 -37.75 13.24
C THR C 295 1.28 -37.62 12.29
N ALA C 296 0.78 -36.40 12.12
CA ALA C 296 -0.35 -36.03 11.22
C ALA C 296 -0.49 -36.73 9.85
N GLY C 297 0.59 -37.30 9.32
CA GLY C 297 0.60 -38.01 8.03
C GLY C 297 1.45 -37.27 7.02
N TYR C 298 1.44 -35.93 7.09
CA TYR C 298 1.68 -35.07 5.94
C TYR C 298 3.09 -35.03 5.37
N VAL C 299 4.10 -35.16 6.23
CA VAL C 299 5.47 -34.82 5.84
C VAL C 299 6.42 -35.83 6.43
N ASP C 300 7.51 -36.07 5.74
CA ASP C 300 8.53 -37.07 6.16
C ASP C 300 9.53 -36.60 7.24
N GLU C 301 9.41 -37.13 8.45
CA GLU C 301 10.12 -36.56 9.62
C GLU C 301 11.62 -36.48 9.45
N ARG C 302 12.23 -37.51 8.90
CA ARG C 302 13.67 -37.50 8.72
C ARG C 302 14.14 -36.36 7.78
N THR C 303 13.79 -36.43 6.50
CA THR C 303 14.29 -35.48 5.50
C THR C 303 13.91 -34.03 5.78
N ILE C 304 12.69 -33.80 6.25
CA ILE C 304 12.28 -32.45 6.60
C ILE C 304 13.17 -31.92 7.74
N THR C 305 13.51 -32.72 8.76
CA THR C 305 14.39 -32.14 9.81
C THR C 305 15.82 -31.88 9.33
N LEU C 306 16.32 -32.68 8.41
CA LEU C 306 17.66 -32.43 7.88
C LEU C 306 17.67 -31.29 6.88
N GLU C 307 16.62 -31.19 6.04
CA GLU C 307 16.46 -30.06 5.12
C GLU C 307 16.50 -28.74 5.92
N ILE C 308 15.84 -28.73 7.09
CA ILE C 308 15.70 -27.54 7.91
C ILE C 308 16.99 -27.22 8.60
N LEU C 309 17.75 -28.24 8.99
CA LEU C 309 19.08 -28.03 9.61
C LEU C 309 20.10 -27.64 8.58
N THR C 310 20.12 -28.31 7.43
CA THR C 310 20.93 -27.89 6.30
C THR C 310 20.66 -26.41 5.93
N ALA C 311 19.40 -26.01 6.06
CA ALA C 311 19.02 -24.64 5.71
C ALA C 311 19.72 -23.61 6.56
N ILE C 312 19.72 -23.83 7.87
CA ILE C 312 20.23 -22.86 8.81
C ILE C 312 21.74 -22.76 8.65
N LYS C 313 22.36 -23.85 8.24
CA LYS C 313 23.72 -23.82 7.72
C LYS C 313 23.82 -23.10 6.35
N ARG C 314 23.36 -23.67 5.25
CA ARG C 314 23.36 -22.96 3.95
C ARG C 314 23.28 -21.39 4.01
N ALA C 315 22.45 -20.90 4.91
CA ALA C 315 22.40 -19.46 5.27
C ALA C 315 23.71 -18.87 5.85
N GLY C 316 24.26 -19.50 6.86
CA GLY C 316 25.38 -18.90 7.58
C GLY C 316 25.83 -19.65 8.81
N ALA C 317 24.85 -20.01 9.63
CA ALA C 317 25.09 -20.50 10.95
C ALA C 317 26.26 -21.50 11.04
N ASP C 318 27.17 -21.21 11.98
CA ASP C 318 28.30 -22.08 12.32
C ASP C 318 27.89 -23.03 13.46
N LEU C 319 26.90 -22.61 14.24
CA LEU C 319 26.31 -23.43 15.27
C LEU C 319 24.77 -23.36 15.26
N ILE C 320 24.15 -24.50 15.55
CA ILE C 320 22.72 -24.59 15.63
C ILE C 320 22.31 -25.06 17.03
N LEU C 321 21.47 -24.26 17.67
CA LEU C 321 20.81 -24.71 18.86
C LEU C 321 19.61 -25.49 18.44
N THR C 322 19.55 -26.79 18.74
CA THR C 322 18.41 -27.63 18.32
C THR C 322 17.98 -28.68 19.29
N TYR C 323 16.69 -28.88 19.43
CA TYR C 323 16.13 -29.95 20.29
C TYR C 323 16.10 -31.31 19.57
N HIS C 324 16.35 -31.31 18.25
CA HIS C 324 16.59 -32.53 17.47
C HIS C 324 17.94 -33.18 17.81
N ALA C 325 18.96 -32.36 18.00
CA ALA C 325 20.34 -32.77 17.73
C ALA C 325 20.63 -34.26 17.90
N LEU C 326 20.19 -34.86 19.02
CA LEU C 326 20.44 -36.32 19.24
C LEU C 326 19.95 -37.18 18.09
N GLU C 327 18.64 -37.20 17.84
CA GLU C 327 18.09 -37.95 16.68
C GLU C 327 18.58 -37.44 15.32
N ALA C 328 18.85 -36.13 15.29
CA ALA C 328 19.47 -35.47 14.13
C ALA C 328 20.81 -36.09 13.74
N ALA C 329 21.63 -36.32 14.78
CA ALA C 329 23.03 -36.73 14.65
C ALA C 329 23.21 -38.16 14.15
N LYS C 330 22.32 -39.05 14.60
CA LYS C 330 22.30 -40.45 14.11
C LYS C 330 21.78 -40.58 12.68
N TRP C 331 21.29 -39.50 12.09
CA TRP C 331 21.19 -39.45 10.64
C TRP C 331 22.62 -39.10 10.00
N ILE C 332 23.23 -40.19 9.57
CA ILE C 332 24.62 -40.33 9.19
C ILE C 332 24.76 -40.69 7.68
N LYS C 333 23.71 -40.44 6.90
CA LYS C 333 23.63 -40.73 5.45
C LYS C 333 22.66 -39.69 4.87
N GLU C 334 23.08 -38.94 3.87
CA GLU C 334 22.34 -37.69 3.50
C GLU C 334 21.05 -37.69 2.68
N GLY C 335 19.96 -37.21 3.30
CA GLY C 335 18.70 -36.96 2.57
C GLY C 335 18.92 -36.56 1.12
N LEU C 336 19.80 -35.58 0.87
CA LEU C 336 19.68 -34.53 -0.17
C LEU C 336 20.59 -34.72 -1.40
N MET D 1 31.21 -4.28 -20.87
CA MET D 1 29.82 -3.75 -21.04
C MET D 1 28.99 -4.69 -21.97
N ARG D 2 27.93 -4.19 -22.62
CA ARG D 2 27.12 -4.96 -23.59
C ARG D 2 26.90 -4.05 -24.83
N VAL D 3 27.96 -3.34 -25.20
CA VAL D 3 27.91 -2.17 -26.05
C VAL D 3 29.03 -2.21 -27.10
N GLN D 4 28.62 -2.09 -28.35
CA GLN D 4 29.29 -2.73 -29.45
C GLN D 4 29.35 -1.83 -30.66
N PHE D 5 30.41 -1.96 -31.46
CA PHE D 5 30.52 -1.25 -32.75
C PHE D 5 29.90 -2.17 -33.82
N PRO D 6 29.23 -1.66 -34.85
CA PRO D 6 28.98 -0.24 -35.17
C PRO D 6 27.66 0.33 -34.63
N THR D 7 26.95 -0.48 -33.87
CA THR D 7 25.63 -0.14 -33.41
C THR D 7 25.71 1.03 -32.43
N THR D 8 26.70 0.99 -31.54
CA THR D 8 27.20 2.16 -30.77
C THR D 8 28.50 2.63 -31.45
N ARG D 9 28.50 3.90 -31.83
CA ARG D 9 29.68 4.66 -32.23
C ARG D 9 30.03 5.76 -31.18
N PRO D 10 31.16 5.59 -30.45
CA PRO D 10 31.50 6.66 -29.51
C PRO D 10 31.57 8.02 -30.17
N ARG D 11 32.05 8.10 -31.41
CA ARG D 11 32.41 9.40 -32.03
C ARG D 11 31.26 10.35 -32.43
N ARG D 12 30.02 9.88 -32.35
CA ARG D 12 28.86 10.75 -32.53
C ARG D 12 28.92 11.90 -31.52
N LEU D 13 29.54 11.66 -30.36
CA LEU D 13 29.58 12.62 -29.30
C LEU D 13 30.92 13.33 -29.29
N ARG D 14 31.66 13.24 -30.39
CA ARG D 14 32.93 13.95 -30.52
C ARG D 14 32.93 14.89 -31.71
N ALA D 15 31.83 14.93 -32.46
CA ALA D 15 31.81 15.47 -33.82
C ALA D 15 31.43 16.95 -33.96
N SER D 16 31.38 17.69 -32.86
CA SER D 16 31.14 19.12 -32.86
C SER D 16 31.63 19.70 -31.52
N LYS D 17 32.08 20.95 -31.48
CA LYS D 17 32.35 21.58 -30.16
C LYS D 17 31.06 21.88 -29.38
N ILE D 18 29.88 21.62 -29.96
CA ILE D 18 28.61 22.02 -29.39
C ILE D 18 28.02 20.85 -28.58
N ILE D 19 28.34 19.60 -28.96
CA ILE D 19 28.01 18.42 -28.12
C ILE D 19 29.17 17.96 -27.22
N ARG D 20 30.41 18.10 -27.66
CA ARG D 20 31.54 17.88 -26.76
C ARG D 20 31.38 18.76 -25.50
N ASP D 21 31.01 20.02 -25.70
CA ASP D 21 30.63 20.94 -24.60
C ASP D 21 29.32 20.56 -23.84
N ALA D 22 28.46 19.78 -24.47
CA ALA D 22 27.22 19.34 -23.84
C ALA D 22 27.45 18.17 -22.92
N VAL D 23 28.07 17.13 -23.43
CA VAL D 23 28.24 15.88 -22.68
C VAL D 23 29.45 15.84 -21.74
N ALA D 24 30.34 16.82 -21.89
CA ALA D 24 31.48 16.99 -21.00
C ALA D 24 31.20 16.74 -19.48
N GLU D 25 32.02 15.88 -18.88
CA GLU D 25 31.88 15.45 -17.49
C GLU D 25 32.30 16.54 -16.50
N THR D 26 33.13 17.47 -16.96
CA THR D 26 33.83 18.41 -16.09
C THR D 26 33.61 19.88 -16.50
N GLN D 27 33.73 20.78 -15.54
CA GLN D 27 33.71 22.23 -15.79
C GLN D 27 34.87 22.87 -15.03
N ILE D 28 35.10 24.16 -15.24
CA ILE D 28 36.04 24.96 -14.41
C ILE D 28 35.62 26.42 -14.37
N ASP D 29 36.18 27.19 -13.44
CA ASP D 29 35.99 28.63 -13.43
C ASP D 29 36.89 29.32 -12.41
N ALA D 30 36.79 30.65 -12.34
CA ALA D 30 37.51 31.41 -11.35
C ALA D 30 37.12 30.99 -9.95
N GLY D 31 35.83 30.63 -9.77
CA GLY D 31 35.28 30.14 -8.49
C GLY D 31 36.08 28.98 -7.91
N ASP D 32 36.44 28.04 -8.77
CA ASP D 32 37.27 26.90 -8.38
C ASP D 32 38.67 27.24 -7.90
N PHE D 33 39.22 28.35 -8.37
CA PHE D 33 40.61 28.73 -8.05
C PHE D 33 40.86 29.33 -6.64
N ILE D 34 42.13 29.24 -6.24
CA ILE D 34 42.71 29.84 -5.02
C ILE D 34 44.11 30.38 -5.35
N TYR D 35 44.27 31.72 -5.35
CA TYR D 35 45.51 32.36 -5.83
C TYR D 35 46.54 32.58 -4.69
N PRO D 36 47.76 32.01 -4.84
CA PRO D 36 48.82 32.37 -3.88
C PRO D 36 49.40 33.79 -4.05
N LEU D 37 49.59 34.44 -2.90
CA LEU D 37 50.21 35.77 -2.78
C LEU D 37 51.44 35.58 -1.94
N PHE D 38 52.59 35.63 -2.61
CA PHE D 38 53.86 35.79 -1.93
C PHE D 38 53.92 37.23 -1.41
N VAL D 39 54.15 37.36 -0.11
CA VAL D 39 54.15 38.63 0.56
C VAL D 39 55.51 38.74 1.21
N LYS D 40 56.04 39.97 1.26
CA LYS D 40 57.31 40.26 1.95
C LYS D 40 57.26 41.63 2.67
N PRO D 41 58.19 41.89 3.61
CA PRO D 41 58.06 43.11 4.43
C PRO D 41 58.24 44.44 3.66
N GLY D 42 59.48 44.86 3.41
CA GLY D 42 59.77 46.16 2.81
C GLY D 42 60.61 46.06 1.56
N GLY D 43 60.19 46.73 0.49
CA GLY D 43 60.99 46.82 -0.72
C GLY D 43 60.19 47.17 -1.95
N GLU D 44 60.83 46.96 -3.08
CA GLU D 44 60.16 47.09 -4.35
C GLU D 44 59.29 45.82 -4.60
N ARG D 45 58.50 45.82 -5.67
CA ARG D 45 57.92 44.60 -6.22
C ARG D 45 59.06 43.73 -6.79
N GLU D 46 59.64 42.91 -5.91
CA GLU D 46 60.74 42.01 -6.25
C GLU D 46 60.25 40.87 -7.18
N PRO D 47 60.77 40.79 -8.41
CA PRO D 47 60.26 39.79 -9.36
C PRO D 47 60.81 38.39 -9.12
N ILE D 48 59.96 37.38 -9.34
CA ILE D 48 60.30 35.96 -9.19
C ILE D 48 60.46 35.34 -10.59
N GLY D 49 61.46 35.83 -11.32
CA GLY D 49 61.86 35.29 -12.62
C GLY D 49 62.37 33.86 -12.61
N PRO D 50 62.80 33.37 -11.41
CA PRO D 50 62.81 31.92 -11.16
C PRO D 50 61.52 31.15 -11.47
N MET D 51 60.41 31.84 -11.77
CA MET D 51 59.20 31.19 -12.26
C MET D 51 58.92 31.29 -13.82
N PRO D 52 58.48 32.39 -14.44
CA PRO D 52 58.43 33.74 -13.95
C PRO D 52 56.97 34.18 -13.78
N GLY D 53 56.51 35.25 -14.43
CA GLY D 53 55.12 35.70 -14.32
C GLY D 53 54.71 36.33 -12.99
N ILE D 54 54.98 35.66 -11.88
CA ILE D 54 54.48 36.05 -10.55
C ILE D 54 55.50 36.99 -9.92
N TYR D 55 55.01 37.84 -9.01
CA TYR D 55 55.83 38.80 -8.26
C TYR D 55 55.71 38.58 -6.74
N ARG D 56 56.53 39.31 -5.97
CA ARG D 56 56.57 39.22 -4.48
C ARG D 56 56.07 40.52 -3.89
N TRP D 57 54.84 40.54 -3.34
CA TRP D 57 54.14 41.81 -3.05
C TRP D 57 54.47 42.50 -1.71
N PRO D 58 54.70 43.85 -1.74
CA PRO D 58 55.14 44.53 -0.57
C PRO D 58 53.89 44.92 0.16
N VAL D 59 53.72 44.36 1.34
CA VAL D 59 52.46 44.47 2.05
C VAL D 59 52.01 45.93 2.18
N GLY D 60 50.93 46.29 1.48
CA GLY D 60 50.50 47.67 1.40
C GLY D 60 49.80 47.97 0.10
N ARG D 61 50.31 48.99 -0.60
CA ARG D 61 49.58 49.67 -1.70
C ARG D 61 49.35 48.86 -2.97
N GLU D 62 50.14 47.79 -3.15
CA GLU D 62 49.99 46.84 -4.28
C GLU D 62 49.24 45.52 -3.88
N LEU D 63 48.14 45.73 -3.16
CA LEU D 63 46.93 44.91 -3.25
C LEU D 63 46.10 45.39 -4.44
N ILE D 64 46.03 46.71 -4.65
CA ILE D 64 45.23 47.31 -5.73
C ILE D 64 45.75 46.64 -6.99
N ASN D 65 47.05 46.84 -7.20
CA ASN D 65 47.88 46.11 -8.14
C ASN D 65 47.34 44.70 -8.42
N HIS D 66 47.14 43.91 -7.36
CA HIS D 66 46.73 42.53 -7.52
C HIS D 66 45.34 42.13 -7.05
N VAL D 67 45.15 41.97 -5.75
CA VAL D 67 43.90 41.42 -5.22
C VAL D 67 42.66 42.03 -5.86
N GLU D 68 42.63 43.35 -5.98
CA GLU D 68 41.50 44.07 -6.56
C GLU D 68 41.33 43.79 -8.06
N GLU D 69 42.43 43.47 -8.77
CA GLU D 69 42.33 42.92 -10.15
C GLU D 69 41.76 41.51 -10.13
N ALA D 70 42.52 40.56 -9.59
CA ALA D 70 42.08 39.17 -9.45
C ALA D 70 40.58 39.15 -9.19
N LEU D 71 40.14 39.89 -8.18
CA LEU D 71 38.74 39.95 -7.78
C LEU D 71 37.83 40.41 -8.92
N SER D 72 38.27 41.38 -9.70
CA SER D 72 37.54 41.81 -10.92
C SER D 72 37.32 40.71 -11.97
N LEU D 73 38.13 39.63 -11.90
CA LEU D 73 37.96 38.40 -12.71
C LEU D 73 37.23 37.25 -11.99
N GLY D 74 36.80 37.47 -10.75
CA GLY D 74 36.13 36.43 -9.97
C GLY D 74 37.01 35.53 -9.10
N ILE D 75 38.31 35.82 -9.04
CA ILE D 75 39.18 35.11 -8.10
C ILE D 75 39.06 35.77 -6.71
N ASN D 76 38.25 35.14 -5.86
CA ASN D 76 37.96 35.68 -4.54
C ASN D 76 38.42 34.79 -3.36
N LYS D 77 39.48 33.98 -3.57
CA LYS D 77 40.18 33.24 -2.48
C LYS D 77 41.67 33.44 -2.58
N PHE D 78 42.36 33.52 -1.44
CA PHE D 78 43.81 33.77 -1.41
C PHE D 78 44.49 33.08 -0.25
N ILE D 79 45.52 32.28 -0.57
CA ILE D 79 46.45 31.75 0.44
C ILE D 79 47.71 32.57 0.48
N LEU D 80 48.13 32.93 1.68
CA LEU D 80 49.28 33.81 1.88
C LEU D 80 50.51 33.02 2.25
N PHE D 81 51.61 33.26 1.53
CA PHE D 81 52.92 32.79 1.94
C PHE D 81 53.78 33.98 2.41
N GLY D 82 54.80 33.72 3.24
CA GLY D 82 55.74 34.76 3.71
C GLY D 82 57.18 34.59 3.22
N VAL D 83 57.82 35.68 2.82
CA VAL D 83 59.27 35.67 2.53
C VAL D 83 60.01 36.64 3.47
N LEU D 84 61.10 36.17 4.07
CA LEU D 84 61.96 36.98 4.93
C LEU D 84 63.42 36.86 4.45
N PRO D 85 64.30 37.81 4.86
CA PRO D 85 65.75 37.71 4.59
C PRO D 85 66.42 36.86 5.65
N ASP D 86 67.68 36.48 5.46
CA ASP D 86 68.38 35.61 6.41
C ASP D 86 68.63 36.25 7.78
N GLU D 87 68.92 37.55 7.77
CA GLU D 87 68.98 38.37 8.98
C GLU D 87 67.74 38.26 9.94
N LEU D 88 66.59 37.77 9.46
CA LEU D 88 65.34 37.70 10.25
C LEU D 88 64.76 36.26 10.45
N LYS D 89 65.60 35.22 10.37
CA LYS D 89 65.17 33.82 10.56
C LYS D 89 66.07 33.13 11.59
N ASN D 90 65.48 32.28 12.44
CA ASN D 90 66.16 31.63 13.60
C ASN D 90 65.70 30.17 13.78
N PRO D 91 66.38 29.36 14.62
CA PRO D 91 66.07 27.92 14.51
C PRO D 91 64.68 27.53 15.05
N GLU D 92 64.02 28.40 15.78
CA GLU D 92 62.63 28.17 16.19
C GLU D 92 61.58 28.90 15.31
N GLY D 93 62.03 29.78 14.40
CA GLY D 93 61.17 30.39 13.35
C GLY D 93 60.08 31.36 13.79
N THR D 94 60.48 32.49 14.38
CA THR D 94 59.53 33.43 15.00
C THR D 94 58.83 34.34 14.01
N GLY D 95 59.27 34.36 12.75
CA GLY D 95 58.55 35.07 11.68
C GLY D 95 57.05 34.78 11.78
N GLY D 96 56.73 33.49 11.98
CA GLY D 96 55.37 32.99 12.14
C GLY D 96 54.48 33.63 13.20
N TYR D 97 54.90 33.59 14.46
CA TYR D 97 54.01 33.96 15.59
C TYR D 97 54.39 35.34 16.15
N ASP D 98 54.21 36.33 15.29
CA ASP D 98 54.69 37.70 15.51
C ASP D 98 53.63 38.63 14.90
N PRO D 99 52.66 39.12 15.71
CA PRO D 99 51.53 39.88 15.12
C PRO D 99 51.85 41.10 14.24
N GLU D 100 53.05 41.69 14.38
CA GLU D 100 53.59 42.67 13.39
C GLU D 100 54.77 42.02 12.62
N GLY D 101 54.58 40.75 12.25
CA GLY D 101 55.45 40.04 11.31
C GLY D 101 54.94 40.36 9.91
N VAL D 102 55.20 39.51 8.93
CA VAL D 102 54.86 39.88 7.56
C VAL D 102 53.46 39.44 7.26
N VAL D 103 53.27 38.14 7.47
CA VAL D 103 52.04 37.48 7.06
C VAL D 103 50.83 37.88 7.92
N PRO D 104 51.04 38.19 9.22
CA PRO D 104 49.91 38.72 10.01
C PRO D 104 49.44 40.16 9.64
N ARG D 105 50.37 40.97 9.14
CA ARG D 105 50.05 42.34 8.71
C ARG D 105 49.30 42.34 7.38
N ALA D 106 49.72 41.46 6.47
CA ALA D 106 49.01 41.32 5.21
C ALA D 106 47.55 40.87 5.41
N ILE D 107 47.29 40.07 6.44
CA ILE D 107 45.91 39.64 6.75
C ILE D 107 45.07 40.84 7.22
N ARG D 108 45.55 41.53 8.28
CA ARG D 108 44.86 42.70 8.85
C ARG D 108 44.34 43.56 7.73
N LEU D 109 45.27 43.93 6.84
CA LEU D 109 45.05 44.85 5.71
C LEU D 109 43.91 44.41 4.79
N ILE D 110 44.03 43.22 4.20
CA ILE D 110 43.11 42.80 3.13
C ILE D 110 41.75 42.50 3.73
N LYS D 111 41.73 41.88 4.91
CA LYS D 111 40.48 41.73 5.66
C LYS D 111 39.88 43.08 6.05
N GLU D 112 40.71 44.08 6.38
CA GLU D 112 40.23 45.43 6.68
C GLU D 112 39.70 46.19 5.43
N ILE D 113 40.43 46.12 4.33
CA ILE D 113 40.04 46.85 3.11
C ILE D 113 38.92 46.17 2.28
N PHE D 114 38.77 44.83 2.34
CA PHE D 114 37.71 44.10 1.59
C PHE D 114 36.57 43.50 2.44
N GLY D 115 36.91 42.93 3.60
CA GLY D 115 35.92 42.30 4.47
C GLY D 115 35.57 40.92 3.95
N ASP D 116 34.34 40.48 4.18
CA ASP D 116 33.85 39.18 3.67
C ASP D 116 33.75 39.06 2.13
N ARG D 117 34.12 40.11 1.41
CA ARG D 117 34.19 40.09 -0.06
C ARG D 117 35.35 39.26 -0.62
N VAL D 118 36.22 38.80 0.25
CA VAL D 118 37.33 37.97 -0.18
C VAL D 118 37.77 37.09 1.00
N LEU D 119 37.76 35.78 0.79
CA LEU D 119 38.13 34.77 1.81
C LEU D 119 39.66 34.64 1.89
N VAL D 120 40.24 34.50 3.09
CA VAL D 120 41.72 34.53 3.22
C VAL D 120 42.30 33.35 4.00
N PHE D 121 43.06 32.52 3.29
CA PHE D 121 43.77 31.36 3.87
C PHE D 121 45.18 31.80 4.29
N ALA D 122 45.73 31.11 5.29
CA ALA D 122 47.04 31.44 5.83
C ALA D 122 47.87 30.18 5.99
N ASP D 123 49.10 30.24 5.49
CA ASP D 123 49.96 29.06 5.48
C ASP D 123 50.65 28.91 6.81
N VAL D 124 50.57 27.71 7.35
CA VAL D 124 51.06 27.41 8.65
C VAL D 124 52.21 26.43 8.50
N CYS D 125 53.40 26.98 8.22
CA CYS D 125 54.66 26.23 8.24
C CYS D 125 55.83 27.11 8.66
N LEU D 126 56.87 26.47 9.22
CA LEU D 126 58.10 27.18 9.59
C LEU D 126 59.14 27.34 8.47
N CYS D 127 59.03 26.59 7.37
CA CYS D 127 60.09 26.55 6.34
C CYS D 127 60.47 27.93 5.73
N GLU D 128 59.53 28.86 5.72
CA GLU D 128 59.79 30.22 5.23
C GLU D 128 60.56 31.06 6.26
N TYR D 129 60.46 30.63 7.52
CA TYR D 129 60.86 31.40 8.67
C TYR D 129 62.01 30.83 9.52
N THR D 130 62.50 29.63 9.20
CA THR D 130 63.65 29.06 9.88
C THR D 130 64.93 29.32 9.07
N ASP D 131 66.05 29.44 9.80
CA ASP D 131 67.39 29.57 9.20
C ASP D 131 67.94 28.28 8.58
N HIS D 132 67.51 27.11 9.08
CA HIS D 132 67.80 25.81 8.40
C HIS D 132 67.00 25.70 7.12
N GLY D 133 65.75 26.16 7.16
CA GLY D 133 64.84 26.05 6.03
C GLY D 133 63.82 24.90 6.17
N HIS D 134 64.05 24.00 7.11
CA HIS D 134 63.08 22.94 7.40
C HIS D 134 61.74 23.38 7.94
N CYS D 135 60.74 22.52 7.68
CA CYS D 135 59.34 22.74 8.03
C CYS D 135 59.13 22.65 9.53
N GLY D 136 60.05 21.99 10.24
CA GLY D 136 60.01 21.92 11.68
C GLY D 136 61.29 22.28 12.41
N VAL D 137 61.13 22.29 13.72
CA VAL D 137 62.20 22.39 14.70
C VAL D 137 63.15 21.17 14.60
N VAL D 138 64.43 21.46 14.40
CA VAL D 138 65.48 20.43 14.31
C VAL D 138 66.00 20.02 15.70
N LYS D 139 66.39 18.76 15.87
CA LYS D 139 66.94 18.23 17.11
C LYS D 139 68.14 17.34 16.77
N GLU D 140 68.65 16.61 17.77
CA GLU D 140 69.86 15.79 17.66
C GLU D 140 69.80 14.68 18.72
N LYS D 141 68.88 13.70 18.54
CA LYS D 141 68.54 12.71 19.60
C LYS D 141 69.69 11.74 19.85
N ARG D 142 70.65 12.27 20.60
CA ARG D 142 71.86 11.56 21.06
C ARG D 142 72.80 11.05 19.93
N ASP D 143 72.33 10.97 18.67
CA ASP D 143 72.95 10.13 17.63
C ASP D 143 73.04 10.84 16.26
N ARG D 144 71.95 10.80 15.48
CA ARG D 144 71.88 11.46 14.17
C ARG D 144 71.13 12.81 14.40
N TRP D 145 70.58 13.44 13.35
CA TRP D 145 69.71 14.63 13.51
C TRP D 145 68.34 14.36 12.96
N TYR D 146 67.34 15.09 13.43
CA TYR D 146 65.97 14.87 12.98
C TYR D 146 65.07 16.08 13.23
N VAL D 147 63.81 16.02 12.81
CA VAL D 147 62.84 17.11 13.03
C VAL D 147 61.79 16.67 14.04
N ASP D 148 61.90 17.17 15.28
CA ASP D 148 61.04 16.73 16.40
C ASP D 148 59.59 16.99 16.10
N ASN D 149 58.80 15.92 16.17
CA ASN D 149 57.41 15.97 15.75
C ASN D 149 56.51 16.75 16.71
N ASP D 150 56.55 16.35 17.97
CA ASP D 150 55.63 16.91 18.94
C ASP D 150 55.87 18.40 19.19
N GLU D 151 57.14 18.81 19.24
CA GLU D 151 57.50 20.20 19.53
C GLU D 151 57.18 21.17 18.42
N THR D 152 57.41 20.75 17.18
CA THR D 152 57.14 21.62 16.02
C THR D 152 55.66 21.82 15.71
N ILE D 153 54.81 20.87 16.09
CA ILE D 153 53.35 21.07 16.09
C ILE D 153 52.93 22.29 16.87
N LYS D 154 53.47 22.39 18.09
CA LYS D 154 53.05 23.42 19.05
C LYS D 154 53.45 24.82 18.62
N LEU D 155 54.41 24.93 17.71
CA LEU D 155 54.62 26.20 17.04
C LEU D 155 53.50 26.47 16.03
N TYR D 156 53.11 25.47 15.24
CA TYR D 156 52.04 25.62 14.25
C TYR D 156 50.75 26.14 14.91
N ALA D 157 50.53 25.75 16.16
CA ALA D 157 49.43 26.25 16.96
C ALA D 157 49.52 27.76 17.14
N LYS D 158 50.69 28.25 17.52
CA LYS D 158 50.88 29.68 17.77
C LYS D 158 50.69 30.50 16.50
N GLU D 159 51.29 30.02 15.41
CA GLU D 159 51.12 30.60 14.06
C GLU D 159 49.65 30.77 13.68
N ALA D 160 48.89 29.68 13.80
CA ALA D 160 47.46 29.66 13.43
C ALA D 160 46.68 30.63 14.28
N VAL D 161 46.95 30.64 15.59
CA VAL D 161 46.19 31.49 16.50
C VAL D 161 46.57 32.95 16.31
N VAL D 162 47.82 33.18 15.94
CA VAL D 162 48.24 34.51 15.56
C VAL D 162 47.48 34.96 14.29
N TYR D 163 47.39 34.10 13.28
CA TYR D 163 46.75 34.49 12.01
C TYR D 163 45.23 34.57 12.13
N ALA D 164 44.66 33.79 13.06
CA ALA D 164 43.22 33.89 13.39
C ALA D 164 42.93 35.29 13.92
N GLU D 165 43.58 35.65 15.05
CA GLU D 165 43.61 37.01 15.61
C GLU D 165 43.79 38.09 14.54
N ALA D 166 44.87 37.98 13.77
CA ALA D 166 45.18 38.93 12.70
C ALA D 166 44.14 38.95 11.59
N GLY D 167 43.35 37.88 11.44
CA GLY D 167 42.09 37.93 10.66
C GLY D 167 41.73 36.83 9.66
N ALA D 168 42.54 35.78 9.56
CA ALA D 168 42.33 34.76 8.55
C ALA D 168 41.01 34.06 8.78
N ASP D 169 40.36 33.71 7.68
CA ASP D 169 39.12 32.93 7.68
C ASP D 169 39.50 31.45 7.80
N PHE D 170 40.60 31.08 7.16
CA PHE D 170 41.10 29.71 7.17
C PHE D 170 42.60 29.65 7.45
N VAL D 171 43.04 28.48 7.89
CA VAL D 171 44.45 28.20 8.19
C VAL D 171 44.87 26.89 7.51
N ALA D 172 46.17 26.69 7.27
CA ALA D 172 46.60 25.58 6.40
C ALA D 172 47.99 24.99 6.70
N PRO D 173 48.07 23.90 7.48
CA PRO D 173 49.39 23.36 7.83
C PRO D 173 50.00 22.50 6.72
N SER D 174 51.29 22.70 6.43
CA SER D 174 51.98 21.96 5.37
C SER D 174 53.31 21.32 5.80
N GLY D 175 53.55 21.25 7.12
CA GLY D 175 54.74 20.59 7.64
C GLY D 175 54.70 19.06 7.61
N MET D 176 53.51 18.51 7.43
CA MET D 176 53.29 17.08 7.39
C MET D 176 53.66 16.39 8.70
N MET D 177 53.55 17.16 9.79
CA MET D 177 53.91 16.73 11.13
C MET D 177 52.67 16.09 11.74
N ASP D 178 52.84 14.91 12.34
CA ASP D 178 51.71 14.08 12.70
C ASP D 178 51.03 14.67 13.90
N GLY D 179 49.76 15.03 13.73
CA GLY D 179 48.98 15.68 14.78
C GLY D 179 48.81 17.18 14.59
N GLN D 180 49.44 17.75 13.56
CA GLN D 180 49.30 19.20 13.27
C GLN D 180 47.87 19.72 13.28
N VAL D 181 46.94 18.91 12.81
CA VAL D 181 45.55 19.36 12.69
C VAL D 181 44.91 19.40 14.09
N ARG D 182 45.19 18.37 14.88
CA ARG D 182 44.61 18.22 16.21
C ARG D 182 44.95 19.36 17.15
N GLU D 183 46.20 19.82 17.09
CA GLU D 183 46.69 20.83 18.02
C GLU D 183 46.32 22.21 17.51
N ILE D 184 46.46 22.44 16.21
CA ILE D 184 45.99 23.72 15.64
C ILE D 184 44.52 23.95 15.92
N ARG D 185 43.76 22.87 15.92
CA ARG D 185 42.35 22.93 16.31
C ARG D 185 42.20 23.37 17.77
N ARG D 186 42.63 22.56 18.74
CA ARG D 186 42.39 22.84 20.18
C ARG D 186 42.87 24.23 20.57
N ALA D 187 43.99 24.67 20.01
CA ALA D 187 44.47 26.04 20.12
C ALA D 187 43.38 27.04 19.68
N LEU D 188 43.00 26.96 18.40
CA LEU D 188 41.97 27.81 17.81
C LEU D 188 40.65 27.79 18.58
N ASP D 189 40.17 26.59 18.93
CA ASP D 189 38.91 26.41 19.70
C ASP D 189 38.98 27.18 21.03
N ALA D 190 40.06 26.93 21.79
CA ALA D 190 40.24 27.48 23.13
C ALA D 190 40.91 28.86 23.14
N HIS D 191 40.97 29.55 22.00
CA HIS D 191 41.08 30.99 21.97
C HIS D 191 39.84 31.54 21.30
N GLY D 192 38.70 30.82 21.43
CA GLY D 192 37.41 31.22 20.85
C GLY D 192 37.39 31.55 19.36
N PHE D 193 38.16 30.80 18.56
CA PHE D 193 38.13 30.91 17.09
C PHE D 193 37.59 29.60 16.45
N GLU D 194 36.57 29.04 17.08
CA GLU D 194 35.85 27.87 16.56
C GLU D 194 35.26 28.19 15.19
N GLU D 195 35.03 29.46 14.91
CA GLU D 195 34.63 29.90 13.58
C GLU D 195 35.72 29.46 12.59
N VAL D 196 36.99 29.73 12.90
CA VAL D 196 38.08 29.63 11.89
C VAL D 196 38.48 28.20 11.57
N GLY D 197 38.57 27.91 10.26
CA GLY D 197 38.67 26.55 9.71
C GLY D 197 40.04 26.22 9.15
N ILE D 198 40.30 24.91 9.00
CA ILE D 198 41.63 24.34 8.72
C ILE D 198 41.67 23.59 7.38
N MET D 199 42.51 24.02 6.45
CA MET D 199 42.65 23.37 5.14
C MET D 199 43.94 22.54 5.09
N ALA D 200 43.89 21.37 5.73
CA ALA D 200 45.05 20.46 5.85
C ALA D 200 45.67 20.06 4.51
N TYR D 201 46.93 20.44 4.27
CA TYR D 201 47.73 19.82 3.21
C TYR D 201 47.99 18.41 3.73
N SER D 202 46.98 17.55 3.68
CA SER D 202 47.06 16.31 4.44
C SER D 202 47.81 15.26 3.65
N ALA D 203 48.04 15.50 2.35
CA ALA D 203 48.77 14.55 1.52
C ALA D 203 49.78 15.27 0.63
N LYS D 204 50.72 15.92 1.30
CA LYS D 204 51.84 16.56 0.64
C LYS D 204 52.95 15.54 0.38
N TYR D 205 53.41 15.49 -0.87
CA TYR D 205 54.39 14.51 -1.35
C TYR D 205 55.78 15.15 -1.46
N ALA D 206 56.82 14.34 -1.30
CA ALA D 206 58.21 14.83 -1.28
C ALA D 206 58.79 14.99 -2.68
N SER D 207 58.54 16.15 -3.27
CA SER D 207 58.53 16.29 -4.73
C SER D 207 59.72 17.08 -5.28
N ALA D 208 60.15 16.73 -6.50
CA ALA D 208 61.07 17.55 -7.28
C ALA D 208 60.44 18.83 -7.87
N PHE D 209 59.11 18.94 -7.84
CA PHE D 209 58.37 20.08 -8.44
C PHE D 209 58.41 21.40 -7.66
N TYR D 210 58.84 21.32 -6.40
CA TYR D 210 58.88 22.49 -5.54
C TYR D 210 60.06 23.41 -5.81
N GLY D 211 61.09 22.93 -6.52
CA GLY D 211 62.30 23.74 -6.88
C GLY D 211 62.11 25.26 -6.98
N PRO D 212 61.11 25.72 -7.78
CA PRO D 212 60.66 27.13 -7.86
C PRO D 212 60.21 27.82 -6.56
N PHE D 213 59.27 27.23 -5.84
CA PHE D 213 58.77 27.80 -4.54
C PHE D 213 59.83 27.79 -3.44
N ARG D 214 60.92 27.04 -3.64
CA ARG D 214 62.16 27.22 -2.88
C ARG D 214 62.82 28.59 -3.22
N VAL D 215 62.92 28.90 -4.51
CA VAL D 215 63.51 30.17 -4.98
C VAL D 215 62.48 31.30 -4.99
N ALA D 216 61.25 31.02 -4.55
CA ALA D 216 60.23 32.04 -4.36
C ALA D 216 60.05 32.50 -2.89
N ALA D 217 60.36 31.65 -1.90
CA ALA D 217 60.23 32.03 -0.48
C ALA D 217 61.52 31.92 0.38
N ALA D 218 62.59 31.43 -0.24
CA ALA D 218 63.81 30.97 0.44
C ALA D 218 63.43 30.04 1.56
N SER D 219 62.97 28.85 1.14
CA SER D 219 62.68 27.76 2.07
C SER D 219 63.41 26.45 1.73
N ALA D 220 64.38 26.48 0.80
CA ALA D 220 65.25 25.32 0.58
C ALA D 220 65.98 24.97 1.88
N PRO D 221 66.47 23.73 2.02
CA PRO D 221 66.95 23.29 3.32
C PRO D 221 68.49 23.13 3.41
N LYS D 222 69.08 23.48 4.57
CA LYS D 222 70.54 23.43 4.81
C LYS D 222 71.07 21.99 5.02
N PHE D 223 70.71 21.29 6.11
CA PHE D 223 70.98 19.84 6.18
C PHE D 223 69.75 19.25 5.49
N GLY D 224 69.81 19.19 4.16
CA GLY D 224 68.59 19.14 3.34
C GLY D 224 68.16 17.79 2.84
N ASP D 225 66.89 17.46 3.08
CA ASP D 225 66.23 16.25 2.59
C ASP D 225 64.90 16.13 3.33
N ARG D 226 63.80 16.45 2.65
CA ARG D 226 62.47 16.48 3.30
C ARG D 226 61.74 15.12 3.47
N ARG D 227 62.37 13.99 3.11
CA ARG D 227 61.66 12.70 2.94
C ARG D 227 61.09 12.08 4.23
N THR D 228 61.54 12.58 5.39
CA THR D 228 61.11 12.13 6.75
C THR D 228 59.78 12.71 7.26
N TYR D 229 59.24 13.71 6.56
CA TYR D 229 57.88 14.20 6.81
C TYR D 229 57.04 14.15 5.51
N GLN D 230 57.50 14.83 4.47
CA GLN D 230 56.81 14.83 3.19
C GLN D 230 56.81 13.43 2.57
N MET D 231 55.70 13.08 1.91
CA MET D 231 55.39 11.67 1.66
C MET D 231 56.27 10.99 0.65
N ASP D 232 56.28 9.68 0.73
CA ASP D 232 56.99 8.84 -0.21
C ASP D 232 56.16 8.73 -1.50
N PRO D 233 56.58 9.38 -2.60
CA PRO D 233 55.71 9.39 -3.80
C PRO D 233 55.39 8.05 -4.49
N ARG D 234 56.07 6.96 -4.09
CA ARG D 234 55.59 5.59 -4.38
C ARG D 234 54.19 5.36 -3.83
N ASN D 235 53.80 6.09 -2.78
CA ASN D 235 52.59 5.80 -2.01
C ASN D 235 51.30 6.60 -2.32
N ALA D 236 50.25 5.88 -2.75
CA ALA D 236 48.91 6.43 -2.93
C ALA D 236 48.03 6.06 -1.74
N TYR D 237 47.91 4.77 -1.48
CA TYR D 237 47.09 4.30 -0.38
C TYR D 237 47.50 4.85 0.98
N GLU D 238 48.79 5.11 1.19
CA GLU D 238 49.25 5.85 2.37
C GLU D 238 48.27 7.05 2.55
N ALA D 239 48.05 7.83 1.49
CA ALA D 239 47.26 9.10 1.58
C ALA D 239 45.84 9.01 2.12
N LEU D 240 45.22 7.83 2.09
CA LEU D 240 43.90 7.67 2.70
C LEU D 240 44.06 7.80 4.18
N LYS D 241 44.93 6.98 4.77
CA LYS D 241 45.24 7.04 6.21
C LYS D 241 45.75 8.41 6.67
N GLU D 242 46.52 9.09 5.84
CA GLU D 242 46.99 10.44 6.15
C GLU D 242 45.87 11.50 6.10
N VAL D 243 44.89 11.34 5.21
CA VAL D 243 43.70 12.22 5.14
C VAL D 243 42.74 11.89 6.25
N ALA D 244 42.52 10.60 6.48
CA ALA D 244 41.48 10.14 7.39
C ALA D 244 41.76 10.46 8.84
N MET D 245 43.03 10.70 9.13
CA MET D 245 43.44 11.19 10.43
C MET D 245 43.12 12.69 10.51
N ASP D 246 43.58 13.47 9.54
CA ASP D 246 43.28 14.90 9.54
C ASP D 246 41.74 15.20 9.59
N LEU D 247 40.88 14.27 9.20
CA LEU D 247 39.41 14.45 9.33
C LEU D 247 38.88 14.24 10.75
N GLU D 248 39.33 13.16 11.41
CA GLU D 248 39.06 12.92 12.83
C GLU D 248 39.54 14.11 13.60
N GLU D 249 40.80 14.48 13.40
CA GLU D 249 41.46 15.62 14.07
C GLU D 249 40.86 17.01 13.71
N GLY D 250 39.73 17.05 12.99
CA GLY D 250 38.96 18.27 12.83
C GLY D 250 39.23 19.15 11.60
N ALA D 251 39.95 18.64 10.61
CA ALA D 251 40.16 19.43 9.38
C ALA D 251 38.81 19.65 8.71
N ASP D 252 38.79 20.63 7.82
CA ASP D 252 37.58 21.12 7.18
C ASP D 252 37.59 20.83 5.70
N ILE D 253 38.68 21.24 5.06
CA ILE D 253 39.02 20.89 3.68
C ILE D 253 40.32 20.04 3.74
N VAL D 254 40.44 19.09 2.84
CA VAL D 254 41.59 18.20 2.72
C VAL D 254 42.29 18.47 1.39
N MET D 255 43.63 18.46 1.30
CA MET D 255 44.32 18.60 -0.03
C MET D 255 45.59 17.74 -0.29
N VAL D 256 45.96 17.70 -1.58
CA VAL D 256 47.00 16.86 -2.14
C VAL D 256 47.98 17.76 -2.84
N LYS D 257 49.26 17.70 -2.46
CA LYS D 257 50.33 18.55 -3.08
C LYS D 257 51.46 17.56 -3.46
N PRO D 258 52.02 17.61 -4.67
CA PRO D 258 51.51 18.33 -5.86
C PRO D 258 50.15 17.83 -6.38
N ALA D 259 49.71 18.36 -7.51
CA ALA D 259 48.47 17.91 -8.17
C ALA D 259 48.75 17.10 -9.43
N LEU D 260 49.26 17.76 -10.48
CA LEU D 260 49.45 17.20 -11.83
C LEU D 260 49.97 15.78 -11.83
N ALA D 261 50.99 15.57 -11.01
CA ALA D 261 51.69 14.29 -10.92
C ALA D 261 51.00 13.28 -10.00
N TYR D 262 49.98 13.72 -9.24
CA TYR D 262 49.26 12.87 -8.27
C TYR D 262 47.73 12.87 -8.48
N LEU D 263 47.29 13.15 -9.71
CA LEU D 263 45.88 13.06 -10.06
C LEU D 263 45.28 11.72 -9.67
N ASP D 264 46.01 10.65 -9.88
CA ASP D 264 45.61 9.30 -9.45
C ASP D 264 45.25 9.19 -7.97
N VAL D 265 45.97 9.95 -7.13
CA VAL D 265 45.73 10.03 -5.68
C VAL D 265 44.43 10.76 -5.40
N ILE D 266 44.32 11.97 -5.97
CA ILE D 266 43.07 12.72 -5.92
C ILE D 266 41.82 11.84 -6.20
N ARG D 267 41.75 11.18 -7.36
CA ARG D 267 40.58 10.33 -7.61
C ARG D 267 40.44 9.33 -6.45
N LEU D 268 41.54 8.78 -5.95
CA LEU D 268 41.46 7.77 -4.87
C LEU D 268 40.90 8.35 -3.56
N VAL D 269 41.42 9.52 -3.19
CA VAL D 269 41.01 10.20 -1.96
C VAL D 269 39.55 10.64 -2.03
N LYS D 270 39.11 11.05 -3.23
CA LYS D 270 37.78 11.62 -3.41
C LYS D 270 36.75 10.56 -3.52
N GLN D 271 37.16 9.37 -3.95
CA GLN D 271 36.19 8.30 -4.05
C GLN D 271 36.05 7.56 -2.77
N HIS D 272 36.98 7.77 -1.86
CA HIS D 272 36.87 7.28 -0.48
C HIS D 272 36.31 8.31 0.51
N PHE D 273 36.41 9.60 0.19
CA PHE D 273 35.88 10.69 1.02
C PHE D 273 35.11 11.65 0.14
N PRO D 274 33.96 11.17 -0.39
CA PRO D 274 33.09 11.95 -1.31
C PRO D 274 32.45 13.19 -0.66
N TRP D 275 32.23 13.02 0.64
CA TRP D 275 31.57 13.98 1.49
C TRP D 275 32.50 15.12 1.96
N VAL D 276 33.80 14.90 2.09
CA VAL D 276 34.70 16.05 2.36
C VAL D 276 35.08 16.77 1.10
N PRO D 277 35.26 18.10 1.21
CA PRO D 277 35.81 18.88 0.12
C PRO D 277 37.29 18.57 -0.05
N LEU D 278 37.84 18.93 -1.20
CA LEU D 278 39.15 18.46 -1.59
C LEU D 278 39.82 19.42 -2.55
N ALA D 279 40.95 20.01 -2.13
CA ALA D 279 41.73 20.92 -2.99
C ALA D 279 42.98 20.23 -3.51
N ALA D 280 43.70 20.85 -4.42
CA ALA D 280 44.97 20.28 -4.87
C ALA D 280 45.84 21.38 -5.40
N TYR D 281 47.04 21.55 -4.83
CA TYR D 281 47.92 22.70 -5.15
C TYR D 281 48.69 22.34 -6.42
N ASN D 282 48.44 23.11 -7.49
CA ASN D 282 49.12 23.01 -8.78
C ASN D 282 50.38 23.81 -8.58
N VAL D 283 51.51 23.10 -8.64
CA VAL D 283 52.73 23.51 -7.98
C VAL D 283 53.51 24.54 -8.80
N SER D 284 54.26 25.31 -8.02
CA SER D 284 55.40 26.09 -8.42
C SER D 284 56.09 25.59 -9.69
N GLY D 285 56.36 24.28 -9.77
CA GLY D 285 57.00 23.66 -10.95
C GLY D 285 56.07 23.35 -12.10
N GLU D 286 54.89 22.82 -11.79
CA GLU D 286 53.84 22.51 -12.79
C GLU D 286 53.42 23.77 -13.58
N TYR D 287 53.50 24.91 -12.90
CA TYR D 287 53.30 26.22 -13.51
C TYR D 287 54.53 26.55 -14.34
N SER D 288 55.69 26.54 -13.70
CA SER D 288 56.98 26.88 -14.33
C SER D 288 57.35 26.00 -15.55
N LEU D 289 57.13 24.68 -15.41
CA LEU D 289 57.34 23.71 -16.49
C LEU D 289 56.70 24.18 -17.76
N VAL D 290 55.41 24.49 -17.67
CA VAL D 290 54.58 25.00 -18.78
C VAL D 290 55.16 26.26 -19.44
N LYS D 291 55.57 27.21 -18.58
CA LYS D 291 56.09 28.50 -19.01
C LYS D 291 57.39 28.35 -19.82
N ALA D 292 58.32 27.55 -19.32
CA ALA D 292 59.60 27.30 -20.01
C ALA D 292 59.49 26.42 -21.26
N ALA D 293 58.39 25.69 -21.41
CA ALA D 293 58.14 25.05 -22.69
C ALA D 293 57.44 26.03 -23.60
N ALA D 294 56.60 26.91 -23.03
CA ALA D 294 56.02 28.02 -23.80
C ALA D 294 57.14 28.89 -24.40
N THR D 295 58.10 29.32 -23.57
CA THR D 295 59.33 30.00 -24.03
C THR D 295 59.90 29.44 -25.33
N ALA D 296 60.20 28.14 -25.32
CA ALA D 296 60.89 27.50 -26.42
C ALA D 296 59.98 26.70 -27.38
N GLY D 297 58.68 27.04 -27.43
CA GLY D 297 57.79 26.69 -28.57
C GLY D 297 57.05 25.36 -28.61
N TYR D 298 57.23 24.55 -27.57
CA TYR D 298 56.82 23.14 -27.61
C TYR D 298 55.36 22.94 -27.36
N VAL D 299 54.66 23.97 -26.85
CA VAL D 299 53.21 23.88 -26.63
C VAL D 299 52.50 25.23 -26.48
N ASP D 300 51.20 25.24 -26.82
CA ASP D 300 50.37 26.43 -26.65
C ASP D 300 50.09 26.60 -25.18
N GLU D 301 50.74 27.60 -24.58
CA GLU D 301 50.62 27.91 -23.16
C GLU D 301 49.16 27.93 -22.70
N ARG D 302 48.29 28.60 -23.45
CA ARG D 302 46.84 28.67 -23.17
C ARG D 302 46.12 27.30 -23.15
N THR D 303 46.42 26.42 -24.11
CA THR D 303 45.78 25.08 -24.16
C THR D 303 46.25 24.21 -23.01
N ILE D 304 47.56 24.08 -22.87
CA ILE D 304 48.14 23.17 -21.90
C ILE D 304 47.94 23.62 -20.45
N THR D 305 47.65 24.90 -20.20
CA THR D 305 47.26 25.37 -18.86
C THR D 305 45.78 25.18 -18.52
N LEU D 306 44.91 25.26 -19.51
CA LEU D 306 43.52 24.89 -19.32
C LEU D 306 43.34 23.39 -19.31
N GLU D 307 44.14 22.67 -20.10
CA GLU D 307 44.18 21.19 -20.08
C GLU D 307 44.66 20.63 -18.73
N ILE D 308 45.62 21.30 -18.10
CA ILE D 308 46.13 20.86 -16.79
C ILE D 308 45.12 21.15 -15.68
N LEU D 309 44.63 22.40 -15.62
CA LEU D 309 43.64 22.79 -14.57
C LEU D 309 42.32 22.01 -14.69
N THR D 310 41.95 21.65 -15.91
CA THR D 310 40.75 20.89 -16.17
C THR D 310 40.95 19.40 -15.83
N ALA D 311 42.19 19.00 -15.60
CA ALA D 311 42.50 17.64 -15.25
C ALA D 311 42.44 17.41 -13.78
N ILE D 312 42.71 18.44 -13.00
CA ILE D 312 42.72 18.32 -11.54
C ILE D 312 41.27 18.29 -11.03
N LYS D 313 40.50 19.23 -11.58
CA LYS D 313 39.06 19.15 -11.59
C LYS D 313 38.57 17.77 -12.00
N ARG D 314 39.01 17.27 -13.15
CA ARG D 314 38.52 15.98 -13.62
C ARG D 314 38.72 14.91 -12.58
N ALA D 315 39.86 14.96 -11.90
CA ALA D 315 40.28 13.91 -10.98
C ALA D 315 39.39 13.83 -9.73
N GLY D 316 39.03 15.00 -9.20
CA GLY D 316 38.11 15.06 -8.05
C GLY D 316 38.16 16.36 -7.28
N ALA D 317 39.02 17.26 -7.73
CA ALA D 317 39.41 18.35 -6.91
C ALA D 317 38.34 19.42 -7.01
N ASP D 318 37.91 19.92 -5.85
CA ASP D 318 36.82 20.89 -5.69
C ASP D 318 37.35 22.33 -5.85
N LEU D 319 38.50 22.55 -5.21
CA LEU D 319 39.27 23.78 -5.27
C LEU D 319 40.63 23.45 -5.89
N ILE D 320 41.32 24.48 -6.40
CA ILE D 320 42.63 24.32 -7.02
C ILE D 320 43.50 25.52 -6.67
N LEU D 321 44.68 25.29 -6.08
CA LEU D 321 45.62 26.38 -5.80
C LEU D 321 46.60 26.45 -6.96
N THR D 322 46.66 27.59 -7.60
CA THR D 322 47.29 27.69 -8.92
C THR D 322 47.95 29.02 -9.02
N TYR D 323 49.13 29.10 -9.65
CA TYR D 323 49.69 30.42 -9.91
C TYR D 323 49.08 31.00 -11.17
N HIS D 324 48.48 30.13 -12.00
CA HIS D 324 47.81 30.57 -13.25
C HIS D 324 46.58 31.44 -12.98
N ALA D 325 45.73 30.96 -12.06
CA ALA D 325 44.46 31.62 -11.63
C ALA D 325 44.01 32.79 -12.49
N LEU D 326 44.83 33.85 -12.51
CA LEU D 326 44.54 35.08 -13.23
C LEU D 326 44.64 34.99 -14.74
N GLU D 327 45.53 34.16 -15.28
CA GLU D 327 45.46 33.84 -16.72
C GLU D 327 44.20 33.00 -16.99
N ALA D 328 44.13 31.90 -16.25
CA ALA D 328 43.07 30.89 -16.37
C ALA D 328 41.68 31.48 -16.26
N ALA D 329 41.56 32.50 -15.40
CA ALA D 329 40.30 33.22 -15.17
C ALA D 329 39.81 33.97 -16.39
N LYS D 330 40.72 34.65 -17.10
CA LYS D 330 40.31 35.41 -18.31
C LYS D 330 40.34 34.57 -19.61
N TRP D 331 40.31 33.24 -19.44
CA TRP D 331 40.00 32.28 -20.48
C TRP D 331 38.54 31.77 -20.24
N ILE D 332 37.67 32.53 -20.91
CA ILE D 332 36.21 32.49 -20.81
C ILE D 332 35.56 31.89 -22.07
N LYS D 333 36.27 30.96 -22.74
CA LYS D 333 35.87 30.37 -24.05
C LYS D 333 36.53 28.94 -24.16
N GLU D 334 35.87 27.93 -23.57
CA GLU D 334 36.55 26.66 -23.17
C GLU D 334 37.11 25.79 -24.32
N GLY D 335 38.43 25.89 -24.51
CA GLY D 335 39.04 25.49 -25.76
C GLY D 335 39.38 24.03 -25.78
N LEU D 336 38.35 23.15 -25.83
CA LEU D 336 38.53 21.66 -25.74
C LEU D 336 37.46 20.80 -26.53
N MET E 1 27.92 2.35 11.83
CA MET E 1 27.58 1.58 13.08
C MET E 1 28.63 1.83 14.18
N ARG E 2 28.73 3.12 14.55
CA ARG E 2 29.42 3.64 15.78
C ARG E 2 28.37 4.24 16.74
N VAL E 3 27.17 3.66 16.73
CA VAL E 3 26.24 3.81 17.84
C VAL E 3 26.84 3.07 19.02
N GLN E 4 26.65 3.63 20.21
CA GLN E 4 27.12 3.03 21.46
C GLN E 4 25.99 3.10 22.45
N PHE E 5 25.80 2.01 23.19
CA PHE E 5 24.94 2.04 24.37
C PHE E 5 25.76 2.76 25.42
N PRO E 6 25.16 3.47 26.39
CA PRO E 6 23.75 3.70 26.51
C PRO E 6 23.28 4.95 25.74
N THR E 7 24.16 5.61 24.99
CA THR E 7 23.72 6.71 24.20
C THR E 7 22.60 6.20 23.32
N THR E 8 22.83 5.11 22.58
CA THR E 8 21.82 4.53 21.67
C THR E 8 21.17 3.26 22.24
N ARG E 9 19.88 3.35 22.49
CA ARG E 9 19.12 2.27 23.11
C ARG E 9 18.11 1.71 22.12
N PRO E 10 18.48 0.64 21.42
CA PRO E 10 17.58 0.06 20.43
C PRO E 10 16.09 -0.03 20.83
N ARG E 11 15.81 -0.22 22.12
CA ARG E 11 14.45 -0.44 22.64
C ARG E 11 13.52 0.74 22.54
N ARG E 12 14.03 1.94 22.29
CA ARG E 12 13.16 3.08 22.03
C ARG E 12 12.20 2.79 20.88
N LEU E 13 12.70 2.13 19.83
CA LEU E 13 11.90 1.82 18.68
C LEU E 13 10.99 0.61 18.89
N ARG E 14 10.89 0.07 20.10
CA ARG E 14 9.97 -1.04 20.42
C ARG E 14 8.98 -0.76 21.59
N ALA E 15 9.28 0.26 22.39
CA ALA E 15 8.29 1.05 23.10
C ALA E 15 6.82 0.69 22.83
N SER E 16 6.24 1.19 21.74
CA SER E 16 4.79 1.07 21.45
C SER E 16 4.48 0.44 20.11
N LYS E 17 3.27 -0.08 19.93
CA LYS E 17 2.88 -0.64 18.62
C LYS E 17 3.03 0.38 17.50
N ILE E 18 2.80 1.67 17.77
CA ILE E 18 2.82 2.71 16.73
C ILE E 18 4.24 2.95 16.20
N ILE E 19 5.20 3.20 17.08
CA ILE E 19 6.60 3.39 16.68
C ILE E 19 7.19 2.14 16.00
N ARG E 20 6.81 0.93 16.42
CA ARG E 20 7.24 -0.32 15.70
C ARG E 20 6.74 -0.30 14.26
N ASP E 21 5.44 -0.04 14.15
CA ASP E 21 4.79 0.15 12.88
C ASP E 21 5.41 1.29 12.10
N ALA E 22 5.82 2.34 12.78
CA ALA E 22 6.38 3.52 12.11
C ALA E 22 7.65 3.24 11.30
N VAL E 23 8.48 2.34 11.84
CA VAL E 23 9.84 2.10 11.33
C VAL E 23 9.97 0.76 10.65
N ALA E 24 8.88 0.01 10.53
CA ALA E 24 8.96 -1.35 10.06
C ALA E 24 9.40 -1.41 8.59
N GLU E 25 10.38 -2.26 8.29
CA GLU E 25 10.96 -2.39 6.94
C GLU E 25 10.04 -3.11 5.93
N THR E 26 9.01 -3.78 6.42
CA THR E 26 8.22 -4.72 5.63
C THR E 26 6.72 -4.50 5.81
N GLN E 27 5.97 -4.67 4.73
CA GLN E 27 4.52 -4.74 4.88
C GLN E 27 3.87 -5.84 4.03
N ILE E 28 2.65 -6.19 4.39
CA ILE E 28 1.83 -7.06 3.60
C ILE E 28 0.47 -6.39 3.27
N ASP E 29 -0.07 -6.73 2.12
CA ASP E 29 -1.50 -6.67 1.86
C ASP E 29 -1.84 -7.94 1.11
N ALA E 30 -3.11 -8.14 0.84
CA ALA E 30 -3.51 -9.28 0.07
C ALA E 30 -3.11 -9.11 -1.42
N GLY E 31 -2.65 -7.91 -1.81
CA GLY E 31 -2.14 -7.65 -3.18
C GLY E 31 -0.99 -8.52 -3.62
N ASP E 32 -0.19 -8.92 -2.63
CA ASP E 32 1.00 -9.73 -2.82
C ASP E 32 0.75 -11.20 -2.97
N PHE E 33 -0.43 -11.67 -2.57
CA PHE E 33 -0.78 -13.08 -2.67
C PHE E 33 -1.27 -13.56 -4.04
N ILE E 34 -0.88 -14.79 -4.36
CA ILE E 34 -1.29 -15.51 -5.55
C ILE E 34 -1.89 -16.83 -5.07
N TYR E 35 -3.20 -16.97 -5.16
CA TYR E 35 -3.89 -18.14 -4.61
C TYR E 35 -3.98 -19.26 -5.65
N PRO E 36 -3.50 -20.49 -5.30
CA PRO E 36 -3.73 -21.65 -6.15
C PRO E 36 -5.08 -22.39 -5.95
N LEU E 37 -5.55 -22.93 -7.08
CA LEU E 37 -6.80 -23.64 -7.23
C LEU E 37 -6.50 -24.99 -7.85
N PHE E 38 -6.68 -26.09 -7.12
CA PHE E 38 -6.63 -27.42 -7.76
C PHE E 38 -7.92 -27.73 -8.52
N VAL E 39 -7.85 -27.91 -9.83
CA VAL E 39 -9.05 -27.99 -10.64
C VAL E 39 -9.12 -29.32 -11.36
N LYS E 40 -10.27 -29.99 -11.23
CA LYS E 40 -10.43 -31.38 -11.59
C LYS E 40 -11.49 -31.51 -12.68
N PRO E 41 -11.49 -32.64 -13.40
CA PRO E 41 -12.44 -32.77 -14.48
C PRO E 41 -13.84 -33.09 -13.94
N GLY E 42 -14.05 -34.28 -13.38
CA GLY E 42 -15.37 -34.76 -13.02
C GLY E 42 -15.95 -34.06 -11.80
N GLY E 43 -17.13 -33.44 -11.99
CA GLY E 43 -17.83 -32.65 -10.96
C GLY E 43 -18.02 -33.31 -9.59
N GLU E 44 -17.22 -32.89 -8.61
CA GLU E 44 -17.39 -33.25 -7.19
C GLU E 44 -16.31 -32.58 -6.32
N ARG E 45 -16.67 -31.49 -5.61
CA ARG E 45 -15.77 -30.83 -4.63
C ARG E 45 -15.15 -31.86 -3.67
N GLU E 46 -13.90 -32.22 -3.95
CA GLU E 46 -13.22 -33.29 -3.24
C GLU E 46 -12.21 -32.66 -2.29
N PRO E 47 -12.37 -32.88 -0.97
CA PRO E 47 -11.45 -32.30 0.01
C PRO E 47 -10.08 -32.99 0.05
N ILE E 48 -9.09 -32.29 0.59
CA ILE E 48 -7.69 -32.75 0.60
C ILE E 48 -7.21 -32.87 2.06
N GLY E 49 -6.94 -34.10 2.44
CA GLY E 49 -6.67 -34.44 3.81
C GLY E 49 -5.33 -33.97 4.33
N PRO E 50 -4.27 -34.08 3.51
CA PRO E 50 -2.99 -33.53 3.99
C PRO E 50 -2.79 -32.02 3.77
N MET E 51 -3.83 -31.30 3.32
CA MET E 51 -3.83 -29.84 3.41
C MET E 51 -4.15 -29.42 4.89
N PRO E 52 -5.39 -29.27 5.41
CA PRO E 52 -6.66 -29.39 4.76
C PRO E 52 -7.17 -27.99 4.53
N GLY E 53 -8.46 -27.82 4.28
CA GLY E 53 -9.02 -26.50 3.97
C GLY E 53 -9.16 -26.29 2.48
N ILE E 54 -8.27 -26.90 1.70
CA ILE E 54 -8.21 -26.73 0.25
C ILE E 54 -8.98 -27.87 -0.39
N TYR E 55 -9.52 -27.61 -1.57
CA TYR E 55 -10.29 -28.61 -2.30
C TYR E 55 -9.80 -28.77 -3.73
N ARG E 56 -10.29 -29.84 -4.36
CA ARG E 56 -10.22 -30.03 -5.80
C ARG E 56 -11.54 -29.51 -6.38
N TRP E 57 -11.63 -28.19 -6.53
CA TRP E 57 -12.80 -27.58 -7.11
C TRP E 57 -12.97 -28.08 -8.54
N PRO E 58 -14.19 -28.47 -8.95
CA PRO E 58 -14.42 -28.75 -10.36
C PRO E 58 -14.83 -27.49 -11.06
N VAL E 59 -14.63 -27.48 -12.37
CA VAL E 59 -14.78 -26.24 -13.16
C VAL E 59 -16.27 -25.86 -13.36
N GLY E 60 -16.76 -24.94 -12.53
CA GLY E 60 -18.17 -24.55 -12.55
C GLY E 60 -18.58 -23.58 -11.45
N ARG E 61 -19.88 -23.56 -11.11
CA ARG E 61 -20.42 -22.65 -10.08
C ARG E 61 -19.57 -22.67 -8.84
N GLU E 62 -19.40 -23.87 -8.29
CA GLU E 62 -18.68 -24.06 -7.02
C GLU E 62 -17.32 -23.30 -6.97
N LEU E 63 -16.52 -23.56 -8.00
CA LEU E 63 -15.23 -22.92 -8.21
C LEU E 63 -15.36 -21.42 -8.44
N ILE E 64 -16.12 -21.05 -9.46
CA ILE E 64 -16.22 -19.64 -9.84
C ILE E 64 -16.81 -18.79 -8.69
N ASN E 65 -17.56 -19.43 -7.78
CA ASN E 65 -17.98 -18.77 -6.53
C ASN E 65 -16.84 -18.56 -5.59
N HIS E 66 -15.92 -19.53 -5.51
CA HIS E 66 -14.69 -19.37 -4.70
C HIS E 66 -13.81 -18.16 -5.04
N VAL E 67 -13.42 -18.07 -6.31
CA VAL E 67 -12.70 -16.91 -6.84
C VAL E 67 -13.49 -15.58 -6.65
N GLU E 68 -14.83 -15.62 -6.78
CA GLU E 68 -15.71 -14.44 -6.56
C GLU E 68 -15.50 -13.93 -5.14
N GLU E 69 -15.39 -14.89 -4.22
CA GLU E 69 -15.16 -14.65 -2.79
C GLU E 69 -13.72 -14.22 -2.52
N ALA E 70 -12.76 -14.87 -3.19
CA ALA E 70 -11.38 -14.43 -3.15
C ALA E 70 -11.29 -12.94 -3.47
N LEU E 71 -11.57 -12.57 -4.71
CA LEU E 71 -11.49 -11.17 -5.16
C LEU E 71 -11.98 -10.12 -4.18
N SER E 72 -13.06 -10.45 -3.46
CA SER E 72 -13.67 -9.58 -2.43
C SER E 72 -12.71 -9.30 -1.27
N LEU E 73 -11.88 -10.29 -0.94
CA LEU E 73 -10.80 -10.10 0.03
C LEU E 73 -9.54 -9.49 -0.61
N GLY E 74 -9.60 -9.07 -1.87
CA GLY E 74 -8.40 -8.58 -2.58
C GLY E 74 -7.45 -9.61 -3.20
N ILE E 75 -7.73 -10.91 -3.05
CA ILE E 75 -6.96 -11.98 -3.68
C ILE E 75 -7.32 -11.98 -5.16
N ASN E 76 -6.61 -11.18 -5.95
CA ASN E 76 -7.06 -10.98 -7.33
C ASN E 76 -6.21 -11.68 -8.38
N LYS E 77 -5.46 -12.71 -8.01
CA LYS E 77 -4.57 -13.43 -8.96
C LYS E 77 -4.23 -14.88 -8.54
N PHE E 78 -4.26 -15.79 -9.50
CA PHE E 78 -4.36 -17.22 -9.24
C PHE E 78 -3.43 -18.05 -10.11
N ILE E 79 -3.10 -19.24 -9.62
CA ILE E 79 -2.30 -20.19 -10.37
C ILE E 79 -3.07 -21.50 -10.44
N LEU E 80 -3.35 -21.94 -11.66
CA LEU E 80 -4.19 -23.12 -11.87
C LEU E 80 -3.43 -24.42 -11.97
N PHE E 81 -3.83 -25.42 -11.16
CA PHE E 81 -3.20 -26.74 -11.12
C PHE E 81 -4.14 -27.89 -11.47
N GLY E 82 -3.91 -28.56 -12.59
CA GLY E 82 -4.75 -29.68 -13.03
C GLY E 82 -4.51 -31.03 -12.35
N VAL E 83 -5.50 -31.52 -11.63
CA VAL E 83 -5.46 -32.85 -11.03
C VAL E 83 -6.32 -33.73 -11.88
N LEU E 84 -5.92 -34.98 -12.07
CA LEU E 84 -6.75 -35.88 -12.82
C LEU E 84 -6.27 -37.30 -12.64
N PRO E 85 -7.17 -38.29 -12.86
CA PRO E 85 -7.00 -39.67 -12.42
C PRO E 85 -6.18 -40.50 -13.40
N ASP E 86 -6.03 -41.77 -13.06
CA ASP E 86 -5.03 -42.64 -13.70
C ASP E 86 -5.45 -43.17 -15.10
N GLU E 87 -6.61 -42.76 -15.61
CA GLU E 87 -7.04 -43.13 -16.98
C GLU E 87 -6.48 -42.15 -17.98
N LEU E 88 -6.44 -40.87 -17.61
CA LEU E 88 -6.08 -39.79 -18.54
C LEU E 88 -4.58 -39.46 -18.48
N LYS E 89 -3.82 -40.29 -17.76
CA LYS E 89 -2.36 -40.14 -17.71
C LYS E 89 -1.73 -41.12 -18.67
N ASN E 90 -0.52 -40.81 -19.10
CA ASN E 90 0.20 -41.62 -20.07
C ASN E 90 1.63 -41.13 -20.23
N PRO E 91 2.52 -42.03 -20.65
CA PRO E 91 3.95 -41.72 -20.68
C PRO E 91 4.32 -40.32 -21.17
N GLU E 92 3.78 -39.91 -22.32
CA GLU E 92 4.13 -38.62 -22.90
C GLU E 92 3.40 -37.49 -22.15
N GLY E 93 2.32 -37.81 -21.47
CA GLY E 93 1.59 -36.83 -20.69
C GLY E 93 0.59 -35.93 -21.40
N THR E 94 0.28 -36.21 -22.67
CA THR E 94 -0.90 -35.66 -23.40
C THR E 94 -1.94 -34.84 -22.64
N GLY E 95 -2.39 -35.41 -21.51
CA GLY E 95 -3.33 -34.76 -20.63
C GLY E 95 -3.04 -33.27 -20.59
N GLY E 96 -1.79 -32.94 -20.31
CA GLY E 96 -1.36 -31.57 -20.18
C GLY E 96 -1.69 -30.70 -21.37
N TYR E 97 -1.41 -31.18 -22.58
CA TYR E 97 -1.54 -30.30 -23.75
C TYR E 97 -2.82 -30.46 -24.55
N ASP E 98 -3.81 -31.18 -24.01
CA ASP E 98 -5.14 -31.26 -24.61
C ASP E 98 -5.88 -29.98 -24.23
N PRO E 99 -6.36 -29.21 -25.24
CA PRO E 99 -7.05 -27.90 -25.08
C PRO E 99 -8.49 -27.99 -24.62
N GLU E 100 -9.02 -29.21 -24.60
CA GLU E 100 -10.27 -29.55 -23.93
C GLU E 100 -10.01 -30.20 -22.57
N GLY E 101 -8.84 -29.96 -21.99
CA GLY E 101 -8.52 -30.47 -20.67
C GLY E 101 -9.21 -29.70 -19.57
N VAL E 102 -8.81 -29.96 -18.34
CA VAL E 102 -9.40 -29.29 -17.17
C VAL E 102 -8.87 -27.88 -17.12
N VAL E 103 -7.55 -27.78 -17.07
CA VAL E 103 -6.91 -26.51 -16.87
C VAL E 103 -7.21 -25.51 -18.02
N PRO E 104 -7.30 -25.97 -19.31
CA PRO E 104 -7.66 -24.95 -20.31
C PRO E 104 -9.12 -24.51 -20.23
N ARG E 105 -10.01 -25.40 -19.75
CA ARG E 105 -11.41 -25.03 -19.51
C ARG E 105 -11.53 -24.12 -18.31
N ALA E 106 -10.96 -24.55 -17.20
CA ALA E 106 -10.92 -23.73 -16.00
C ALA E 106 -10.48 -22.27 -16.28
N ILE E 107 -9.49 -22.08 -17.15
CA ILE E 107 -9.00 -20.75 -17.50
C ILE E 107 -10.15 -20.02 -18.19
N ARG E 108 -10.51 -20.55 -19.35
CA ARG E 108 -11.45 -19.90 -20.26
C ARG E 108 -12.72 -19.46 -19.54
N LEU E 109 -13.21 -20.30 -18.63
CA LEU E 109 -14.34 -19.99 -17.76
C LEU E 109 -14.12 -18.75 -16.86
N ILE E 110 -13.06 -18.78 -16.04
CA ILE E 110 -12.70 -17.67 -15.15
C ILE E 110 -12.58 -16.45 -16.04
N LYS E 111 -11.86 -16.60 -17.14
CA LYS E 111 -11.73 -15.51 -18.08
C LYS E 111 -13.07 -14.99 -18.67
N GLU E 112 -14.05 -15.88 -18.88
CA GLU E 112 -15.39 -15.48 -19.35
C GLU E 112 -16.07 -14.58 -18.31
N ILE E 113 -16.30 -15.12 -17.12
CA ILE E 113 -17.08 -14.43 -16.08
C ILE E 113 -16.19 -13.61 -15.11
N PHE E 114 -15.10 -13.03 -15.65
CA PHE E 114 -14.16 -12.11 -14.92
C PHE E 114 -13.27 -11.28 -15.84
N GLY E 115 -12.65 -11.89 -16.86
CA GLY E 115 -11.87 -11.14 -17.85
C GLY E 115 -10.81 -10.31 -17.14
N ASP E 116 -10.52 -9.10 -17.64
CA ASP E 116 -9.45 -8.25 -17.07
C ASP E 116 -9.51 -8.03 -15.52
N ARG E 117 -10.63 -8.37 -14.86
CA ARG E 117 -10.77 -8.22 -13.38
C ARG E 117 -9.87 -9.11 -12.50
N VAL E 118 -9.18 -10.05 -13.15
CA VAL E 118 -8.45 -11.11 -12.49
C VAL E 118 -7.26 -11.57 -13.37
N LEU E 119 -6.14 -11.96 -12.77
CA LEU E 119 -4.96 -12.49 -13.50
C LEU E 119 -4.83 -14.01 -13.36
N VAL E 120 -4.43 -14.72 -14.41
CA VAL E 120 -4.35 -16.21 -14.34
C VAL E 120 -3.01 -16.79 -14.82
N PHE E 121 -2.24 -17.22 -13.84
CA PHE E 121 -0.99 -17.92 -14.09
C PHE E 121 -1.43 -19.38 -14.31
N ALA E 122 -0.76 -20.03 -15.25
CA ALA E 122 -1.01 -21.43 -15.50
C ALA E 122 0.28 -22.22 -15.27
N ASP E 123 0.23 -23.23 -14.42
CA ASP E 123 1.41 -24.04 -14.19
C ASP E 123 1.60 -24.93 -15.39
N VAL E 124 2.85 -25.07 -15.82
CA VAL E 124 3.21 -25.83 -17.02
C VAL E 124 4.17 -26.94 -16.60
N CYS E 125 3.63 -28.15 -16.51
CA CYS E 125 4.43 -29.30 -16.13
C CYS E 125 3.72 -30.64 -16.29
N LEU E 126 4.46 -31.61 -16.82
CA LEU E 126 3.92 -32.95 -17.07
C LEU E 126 3.76 -33.88 -15.86
N CYS E 127 4.18 -33.48 -14.65
CA CYS E 127 4.04 -34.37 -13.49
C CYS E 127 2.61 -34.55 -13.07
N GLU E 128 1.70 -33.66 -13.47
CA GLU E 128 0.26 -33.90 -13.21
C GLU E 128 -0.47 -34.83 -14.17
N TYR E 129 0.16 -35.15 -15.28
CA TYR E 129 -0.51 -35.82 -16.36
C TYR E 129 0.26 -37.00 -16.91
N THR E 130 1.20 -37.55 -16.17
CA THR E 130 1.95 -38.69 -16.66
C THR E 130 1.62 -39.94 -15.85
N ASP E 131 1.61 -41.12 -16.50
CA ASP E 131 1.70 -42.46 -15.86
C ASP E 131 2.39 -42.47 -14.50
N HIS E 132 3.63 -41.94 -14.56
CA HIS E 132 4.74 -42.21 -13.65
C HIS E 132 5.00 -41.13 -12.59
N GLY E 133 4.46 -39.93 -12.79
CA GLY E 133 4.60 -38.86 -11.81
C GLY E 133 5.77 -37.91 -11.97
N HIS E 134 6.75 -38.29 -12.77
CA HIS E 134 7.81 -37.38 -13.18
C HIS E 134 7.36 -36.23 -14.07
N CYS E 135 8.06 -35.10 -13.88
CA CYS E 135 7.76 -33.81 -14.50
C CYS E 135 8.17 -33.74 -15.96
N GLY E 136 8.85 -34.75 -16.46
CA GLY E 136 9.18 -34.81 -17.86
C GLY E 136 9.06 -36.23 -18.35
N VAL E 137 9.74 -36.51 -19.44
CA VAL E 137 9.59 -37.71 -20.22
C VAL E 137 10.77 -38.62 -19.87
N VAL E 138 10.46 -39.81 -19.36
CA VAL E 138 11.50 -40.76 -18.95
C VAL E 138 11.99 -41.53 -20.17
N LYS E 139 13.30 -41.78 -20.20
CA LYS E 139 13.96 -42.62 -21.21
C LYS E 139 14.83 -43.63 -20.43
N GLU E 140 14.72 -44.91 -20.77
CA GLU E 140 15.48 -45.97 -20.07
C GLU E 140 16.67 -46.39 -20.98
N LYS E 141 17.28 -45.41 -21.65
CA LYS E 141 18.55 -45.54 -22.39
C LYS E 141 19.59 -46.32 -21.59
N ARG E 142 20.36 -47.16 -22.29
CA ARG E 142 21.27 -48.20 -21.71
C ARG E 142 20.67 -48.99 -20.52
N ASP E 143 21.15 -48.73 -19.31
CA ASP E 143 20.70 -49.39 -18.10
C ASP E 143 20.68 -48.38 -16.92
N ARG E 144 20.23 -47.16 -17.23
CA ARG E 144 19.98 -46.06 -16.26
C ARG E 144 18.70 -45.37 -16.73
N TRP E 145 17.73 -45.14 -15.84
CA TRP E 145 16.54 -44.34 -16.21
C TRP E 145 16.84 -42.86 -15.96
N TYR E 146 16.43 -42.00 -16.88
CA TYR E 146 16.71 -40.57 -16.74
C TYR E 146 15.66 -39.70 -17.46
N VAL E 147 15.25 -38.57 -16.90
CA VAL E 147 14.21 -37.70 -17.52
C VAL E 147 14.91 -36.91 -18.61
N ASP E 148 14.34 -36.91 -19.83
CA ASP E 148 15.06 -36.39 -21.01
C ASP E 148 14.77 -34.95 -21.20
N ASN E 149 15.78 -34.11 -21.09
CA ASN E 149 15.62 -32.67 -21.05
C ASN E 149 15.18 -32.02 -22.33
N ASP E 150 15.72 -32.39 -23.47
CA ASP E 150 15.30 -31.69 -24.65
C ASP E 150 13.99 -32.21 -25.22
N GLU E 151 13.51 -33.38 -24.81
CA GLU E 151 12.23 -33.89 -25.34
C GLU E 151 11.08 -33.48 -24.49
N THR E 152 11.28 -33.40 -23.18
CA THR E 152 10.21 -32.88 -22.28
C THR E 152 9.92 -31.39 -22.52
N ILE E 153 10.94 -30.64 -22.89
CA ILE E 153 10.86 -29.19 -22.98
C ILE E 153 10.03 -28.61 -24.14
N LYS E 154 9.87 -29.40 -25.20
CA LYS E 154 8.99 -29.09 -26.33
C LYS E 154 7.54 -29.32 -25.92
N LEU E 155 7.29 -30.39 -25.15
CA LEU E 155 5.96 -30.68 -24.62
C LEU E 155 5.55 -29.65 -23.58
N TYR E 156 6.52 -28.97 -22.95
CA TYR E 156 6.19 -27.83 -22.08
C TYR E 156 5.72 -26.71 -22.97
N ALA E 157 6.37 -26.50 -24.10
CA ALA E 157 5.95 -25.41 -24.97
C ALA E 157 4.55 -25.65 -25.56
N LYS E 158 4.17 -26.90 -25.74
CA LYS E 158 2.81 -27.20 -26.15
C LYS E 158 1.85 -26.78 -25.03
N GLU E 159 1.90 -27.46 -23.88
CA GLU E 159 1.07 -27.12 -22.72
C GLU E 159 0.92 -25.59 -22.58
N ALA E 160 2.01 -24.87 -22.86
CA ALA E 160 2.07 -23.42 -22.71
C ALA E 160 1.28 -22.66 -23.76
N VAL E 161 1.39 -23.09 -25.02
CA VAL E 161 0.63 -22.48 -26.11
C VAL E 161 -0.87 -22.70 -25.88
N VAL E 162 -1.20 -23.86 -25.31
CA VAL E 162 -2.58 -24.25 -25.06
C VAL E 162 -3.26 -23.34 -24.03
N TYR E 163 -2.58 -23.05 -22.92
CA TYR E 163 -3.18 -22.21 -21.84
C TYR E 163 -3.17 -20.75 -22.26
N ALA E 164 -2.25 -20.42 -23.14
CA ALA E 164 -2.18 -19.08 -23.69
C ALA E 164 -3.38 -18.83 -24.55
N GLU E 165 -3.81 -19.87 -25.27
CA GLU E 165 -4.94 -19.74 -26.15
C GLU E 165 -6.25 -19.75 -25.34
N ALA E 166 -6.30 -20.46 -24.23
CA ALA E 166 -7.50 -20.37 -23.39
C ALA E 166 -7.69 -18.98 -22.76
N GLY E 167 -6.60 -18.25 -22.61
CA GLY E 167 -6.63 -16.88 -22.12
C GLY E 167 -5.79 -16.63 -20.88
N ALA E 168 -4.67 -17.31 -20.74
CA ALA E 168 -3.82 -17.16 -19.56
C ALA E 168 -2.87 -15.97 -19.73
N ASP E 169 -2.88 -15.04 -18.76
CA ASP E 169 -2.02 -13.84 -18.82
C ASP E 169 -0.53 -14.21 -18.69
N PHE E 170 -0.28 -15.22 -17.84
CA PHE E 170 1.05 -15.82 -17.57
C PHE E 170 1.06 -17.35 -17.55
N VAL E 171 2.23 -17.87 -17.86
CA VAL E 171 2.49 -19.28 -18.08
C VAL E 171 3.69 -19.49 -17.13
N ALA E 172 3.69 -20.54 -16.29
CA ALA E 172 4.79 -20.72 -15.28
C ALA E 172 5.37 -22.15 -15.16
N PRO E 173 6.57 -22.40 -15.74
CA PRO E 173 7.20 -23.73 -15.75
C PRO E 173 7.94 -24.18 -14.46
N SER E 174 7.45 -25.28 -13.90
CA SER E 174 7.85 -25.77 -12.58
C SER E 174 8.65 -27.09 -12.60
N GLY E 175 9.11 -27.50 -13.79
CA GLY E 175 9.77 -28.81 -13.98
C GLY E 175 11.30 -28.78 -13.88
N MET E 176 11.86 -27.58 -13.88
CA MET E 176 13.29 -27.43 -13.78
C MET E 176 14.10 -28.13 -14.89
N MET E 177 13.47 -28.33 -16.05
CA MET E 177 14.21 -28.74 -17.23
C MET E 177 14.92 -27.47 -17.80
N ASP E 178 16.09 -27.64 -18.35
CA ASP E 178 16.91 -26.54 -18.74
C ASP E 178 16.56 -26.02 -20.13
N GLY E 179 16.59 -24.70 -20.29
CA GLY E 179 16.24 -24.05 -21.56
C GLY E 179 14.73 -23.96 -21.76
N GLN E 180 13.99 -24.08 -20.65
CA GLN E 180 12.53 -24.25 -20.67
C GLN E 180 11.88 -22.92 -21.02
N VAL E 181 12.33 -21.84 -20.36
CA VAL E 181 11.77 -20.52 -20.56
C VAL E 181 12.11 -20.16 -21.96
N ARG E 182 13.30 -20.48 -22.41
CA ARG E 182 13.60 -20.29 -23.81
C ARG E 182 12.56 -21.00 -24.69
N GLU E 183 12.41 -22.31 -24.57
CA GLU E 183 11.43 -23.05 -25.38
C GLU E 183 10.02 -22.48 -25.33
N ILE E 184 9.60 -22.07 -24.14
CA ILE E 184 8.25 -21.57 -23.93
C ILE E 184 8.02 -20.18 -24.56
N ARG E 185 9.04 -19.33 -24.70
CA ARG E 185 8.85 -17.95 -25.17
C ARG E 185 9.13 -17.84 -26.64
N ARG E 186 9.64 -18.91 -27.21
CA ARG E 186 9.84 -18.99 -28.64
C ARG E 186 8.53 -19.48 -29.27
N ALA E 187 7.87 -20.40 -28.54
CA ALA E 187 6.59 -20.94 -28.94
C ALA E 187 5.51 -19.91 -28.76
N LEU E 188 5.41 -19.31 -27.59
CA LEU E 188 4.41 -18.25 -27.36
C LEU E 188 4.62 -17.15 -28.39
N ASP E 189 5.88 -16.74 -28.57
CA ASP E 189 6.17 -15.65 -29.51
C ASP E 189 5.82 -16.11 -30.95
N ALA E 190 6.08 -17.37 -31.30
CA ALA E 190 5.72 -17.84 -32.64
C ALA E 190 4.22 -17.86 -32.89
N HIS E 191 3.41 -18.40 -31.98
CA HIS E 191 1.96 -18.43 -32.17
C HIS E 191 1.33 -17.08 -31.84
N GLY E 192 2.18 -16.06 -31.62
CA GLY E 192 1.76 -14.67 -31.62
C GLY E 192 1.24 -14.17 -30.30
N PHE E 193 1.72 -14.79 -29.21
CA PHE E 193 1.45 -14.35 -27.85
C PHE E 193 2.62 -13.63 -27.26
N GLU E 194 3.03 -12.56 -27.91
CA GLU E 194 4.13 -11.75 -27.42
C GLU E 194 3.75 -11.00 -26.14
N GLU E 195 2.49 -10.90 -25.78
CA GLU E 195 2.11 -10.19 -24.56
C GLU E 195 1.91 -11.18 -23.43
N VAL E 196 1.94 -12.48 -23.70
CA VAL E 196 1.82 -13.48 -22.63
C VAL E 196 3.17 -13.68 -21.95
N GLY E 197 3.20 -13.49 -20.65
CA GLY E 197 4.45 -13.48 -19.90
C GLY E 197 4.72 -14.82 -19.28
N ILE E 198 6.00 -15.00 -18.90
CA ILE E 198 6.48 -16.18 -18.20
C ILE E 198 6.99 -15.81 -16.81
N MET E 199 6.44 -16.48 -15.80
CA MET E 199 7.00 -16.52 -14.43
C MET E 199 7.67 -17.85 -14.27
N ALA E 200 9.01 -17.89 -14.34
CA ALA E 200 9.74 -19.14 -14.12
C ALA E 200 9.84 -19.54 -12.61
N TYR E 201 9.59 -20.82 -12.30
CA TYR E 201 10.02 -21.39 -11.05
C TYR E 201 11.50 -21.61 -11.31
N SER E 202 12.29 -20.56 -11.09
CA SER E 202 13.64 -20.48 -11.64
C SER E 202 14.52 -21.37 -10.85
N ALA E 203 14.49 -21.16 -9.52
CA ALA E 203 15.29 -21.86 -8.53
C ALA E 203 14.35 -22.66 -7.67
N LYS E 204 13.96 -23.83 -8.19
CA LYS E 204 13.04 -24.70 -7.47
C LYS E 204 13.76 -25.84 -6.80
N TYR E 205 13.73 -25.88 -5.48
CA TYR E 205 14.49 -26.90 -4.75
C TYR E 205 13.76 -28.25 -4.65
N ALA E 206 14.51 -29.34 -4.81
CA ALA E 206 14.08 -30.71 -4.45
C ALA E 206 13.80 -30.90 -2.96
N SER E 207 12.58 -30.61 -2.59
CA SER E 207 12.25 -30.50 -1.20
C SER E 207 11.44 -31.72 -0.77
N ALA E 208 11.50 -31.93 0.56
CA ALA E 208 10.51 -32.74 1.33
C ALA E 208 9.28 -31.96 1.82
N PHE E 209 9.32 -30.65 1.71
CA PHE E 209 8.13 -29.84 1.90
C PHE E 209 6.97 -30.02 0.85
N TYR E 210 7.10 -30.90 -0.16
CA TYR E 210 6.06 -31.04 -1.23
C TYR E 210 4.99 -32.14 -1.09
N GLY E 211 5.09 -33.00 -0.07
CA GLY E 211 4.22 -34.17 0.08
C GLY E 211 2.70 -34.04 0.10
N PRO E 212 2.18 -32.98 0.72
CA PRO E 212 0.76 -32.64 0.59
C PRO E 212 0.30 -32.38 -0.85
N PHE E 213 1.11 -31.68 -1.62
CA PHE E 213 0.77 -31.35 -3.00
C PHE E 213 0.80 -32.63 -3.82
N ARG E 214 1.81 -33.48 -3.61
CA ARG E 214 1.86 -34.76 -4.31
C ARG E 214 0.50 -35.47 -4.15
N VAL E 215 -0.12 -35.35 -2.95
CA VAL E 215 -1.49 -35.88 -2.65
C VAL E 215 -2.61 -35.10 -3.36
N ALA E 216 -2.55 -33.78 -3.31
CA ALA E 216 -3.55 -32.96 -3.94
C ALA E 216 -3.70 -33.28 -5.39
N ALA E 217 -2.57 -33.26 -6.10
CA ALA E 217 -2.50 -33.34 -7.58
C ALA E 217 -2.25 -34.75 -8.19
N ALA E 218 -1.72 -35.66 -7.34
CA ALA E 218 -1.28 -37.01 -7.73
C ALA E 218 0.14 -37.05 -8.37
N SER E 219 0.87 -35.95 -8.23
CA SER E 219 2.22 -35.84 -8.79
C SER E 219 3.24 -36.82 -8.17
N ALA E 220 2.92 -37.38 -7.01
CA ALA E 220 3.68 -38.48 -6.40
C ALA E 220 4.41 -39.38 -7.43
N PRO E 221 5.75 -39.24 -7.57
CA PRO E 221 6.44 -40.06 -8.58
C PRO E 221 6.46 -41.53 -8.18
N LYS E 222 6.05 -42.39 -9.11
CA LYS E 222 5.93 -43.82 -8.88
C LYS E 222 7.26 -44.46 -8.60
N PHE E 223 8.32 -43.99 -9.25
CA PHE E 223 9.65 -44.48 -8.95
C PHE E 223 10.67 -43.37 -8.85
N GLY E 224 11.31 -43.23 -7.69
CA GLY E 224 12.49 -42.39 -7.56
C GLY E 224 12.31 -40.96 -7.06
N ASP E 225 13.43 -40.42 -6.60
CA ASP E 225 13.80 -39.00 -6.55
C ASP E 225 13.25 -38.08 -7.61
N ARG E 226 13.00 -36.82 -7.24
CA ARG E 226 13.04 -35.71 -8.23
C ARG E 226 14.43 -35.03 -8.30
N ARG E 227 15.38 -35.50 -7.49
CA ARG E 227 16.76 -34.98 -7.38
C ARG E 227 17.55 -34.65 -8.63
N THR E 228 17.27 -35.32 -9.76
CA THR E 228 18.03 -35.11 -11.02
C THR E 228 17.63 -33.87 -11.84
N TYR E 229 16.47 -33.31 -11.55
CA TYR E 229 16.05 -32.07 -12.13
C TYR E 229 15.89 -30.96 -11.07
N GLN E 230 15.40 -31.27 -9.88
CA GLN E 230 15.24 -30.22 -8.89
C GLN E 230 16.58 -29.79 -8.25
N MET E 231 16.63 -28.55 -7.78
CA MET E 231 17.84 -28.04 -7.16
C MET E 231 18.11 -28.75 -5.83
N ASP E 232 19.38 -29.13 -5.61
CA ASP E 232 19.90 -29.65 -4.33
C ASP E 232 19.83 -28.54 -3.26
N PRO E 233 19.09 -28.76 -2.14
CA PRO E 233 18.90 -27.74 -1.11
C PRO E 233 20.15 -27.30 -0.38
N ARG E 234 21.19 -28.13 -0.40
CA ARG E 234 22.54 -27.70 0.00
C ARG E 234 22.98 -26.37 -0.65
N ASN E 235 22.50 -26.01 -1.86
CA ASN E 235 23.05 -24.89 -2.67
C ASN E 235 22.26 -23.58 -2.77
N ALA E 236 22.84 -22.48 -2.32
CA ALA E 236 22.17 -21.20 -2.47
C ALA E 236 22.65 -20.45 -3.71
N TYR E 237 23.95 -20.32 -3.84
CA TYR E 237 24.47 -19.56 -4.96
C TYR E 237 24.10 -20.16 -6.32
N GLU E 238 23.93 -21.49 -6.39
CA GLU E 238 23.49 -22.18 -7.63
C GLU E 238 22.22 -21.56 -8.15
N ALA E 239 21.39 -21.02 -7.25
CA ALA E 239 20.17 -20.30 -7.62
C ALA E 239 20.41 -19.13 -8.59
N LEU E 240 21.48 -18.35 -8.43
CA LEU E 240 21.63 -17.17 -9.29
C LEU E 240 21.91 -17.55 -10.74
N LYS E 241 22.62 -18.64 -10.98
CA LYS E 241 22.86 -19.09 -12.33
C LYS E 241 21.49 -19.41 -12.82
N GLU E 242 20.78 -20.26 -12.09
CA GLU E 242 19.43 -20.65 -12.50
C GLU E 242 18.47 -19.47 -12.87
N VAL E 243 18.42 -18.39 -12.08
CA VAL E 243 17.61 -17.17 -12.39
C VAL E 243 18.16 -16.38 -13.57
N ALA E 244 19.45 -16.09 -13.58
CA ALA E 244 20.03 -15.32 -14.67
C ALA E 244 19.87 -15.98 -16.05
N MET E 245 19.83 -17.29 -16.11
CA MET E 245 19.62 -17.96 -17.36
C MET E 245 18.18 -17.83 -17.73
N ASP E 246 17.27 -18.04 -16.79
CA ASP E 246 15.85 -17.83 -17.03
C ASP E 246 15.51 -16.43 -17.43
N LEU E 247 16.24 -15.42 -16.95
CA LEU E 247 16.01 -14.03 -17.38
C LEU E 247 16.46 -13.81 -18.81
N GLU E 248 17.69 -14.22 -19.15
CA GLU E 248 18.21 -14.04 -20.51
C GLU E 248 17.35 -14.74 -21.53
N GLU E 249 16.75 -15.86 -21.12
CA GLU E 249 15.92 -16.70 -22.00
C GLU E 249 14.54 -16.11 -22.27
N GLY E 250 14.12 -15.17 -21.42
CA GLY E 250 12.93 -14.39 -21.64
C GLY E 250 11.96 -14.21 -20.50
N ALA E 251 12.32 -14.72 -19.32
CA ALA E 251 11.45 -14.59 -18.18
C ALA E 251 11.20 -13.14 -17.88
N ASP E 252 10.17 -12.96 -17.07
CA ASP E 252 9.62 -11.66 -16.74
C ASP E 252 9.53 -11.57 -15.22
N ILE E 253 9.02 -12.63 -14.60
CA ILE E 253 8.99 -12.84 -13.17
C ILE E 253 9.82 -14.12 -12.91
N VAL E 254 10.43 -14.15 -11.74
CA VAL E 254 11.39 -15.17 -11.37
C VAL E 254 10.94 -15.64 -9.98
N MET E 255 10.97 -16.95 -9.66
CA MET E 255 10.54 -17.42 -8.30
C MET E 255 11.51 -18.39 -7.67
N VAL E 256 11.39 -18.55 -6.34
CA VAL E 256 12.25 -19.45 -5.54
C VAL E 256 11.28 -20.32 -4.74
N LYS E 257 11.25 -21.61 -4.98
CA LYS E 257 10.25 -22.50 -4.37
C LYS E 257 11.04 -23.64 -3.76
N PRO E 258 10.73 -24.10 -2.55
CA PRO E 258 9.89 -23.46 -1.58
C PRO E 258 10.47 -22.14 -1.17
N ALA E 259 9.80 -21.50 -0.19
CA ALA E 259 10.12 -20.14 0.30
C ALA E 259 10.72 -20.11 1.72
N LEU E 260 9.94 -20.60 2.69
CA LEU E 260 10.25 -20.49 4.12
C LEU E 260 11.62 -20.97 4.46
N ALA E 261 11.91 -22.21 4.10
CA ALA E 261 13.23 -22.76 4.35
C ALA E 261 14.27 -22.32 3.30
N TYR E 262 13.95 -21.31 2.50
CA TYR E 262 14.87 -20.75 1.52
C TYR E 262 14.81 -19.21 1.54
N LEU E 263 14.43 -18.61 2.67
CA LEU E 263 14.39 -17.16 2.73
C LEU E 263 15.73 -16.58 2.38
N ASP E 264 16.78 -17.25 2.84
CA ASP E 264 18.17 -16.84 2.59
C ASP E 264 18.48 -16.79 1.09
N VAL E 265 17.94 -17.74 0.32
CA VAL E 265 18.14 -17.76 -1.12
C VAL E 265 17.37 -16.60 -1.73
N ILE E 266 16.17 -16.33 -1.20
CA ILE E 266 15.40 -15.12 -1.61
C ILE E 266 16.29 -13.86 -1.41
N ARG E 267 16.78 -13.56 -0.20
CA ARG E 267 17.63 -12.38 -0.07
C ARG E 267 18.79 -12.38 -1.08
N LEU E 268 19.41 -13.52 -1.32
CA LEU E 268 20.60 -13.61 -2.20
C LEU E 268 20.30 -13.33 -3.66
N VAL E 269 19.20 -13.94 -4.11
CA VAL E 269 18.61 -13.72 -5.41
C VAL E 269 18.16 -12.26 -5.59
N LYS E 270 17.44 -11.70 -4.61
CA LYS E 270 16.86 -10.36 -4.72
C LYS E 270 17.89 -9.27 -4.64
N GLN E 271 19.06 -9.54 -4.05
CA GLN E 271 20.09 -8.48 -3.95
C GLN E 271 20.92 -8.41 -5.21
N HIS E 272 21.01 -9.50 -5.95
CA HIS E 272 21.68 -9.50 -7.24
C HIS E 272 20.75 -9.11 -8.39
N PHE E 273 19.48 -9.43 -8.30
CA PHE E 273 18.52 -9.04 -9.33
C PHE E 273 17.40 -8.19 -8.77
N PRO E 274 17.78 -6.96 -8.37
CA PRO E 274 16.86 -6.09 -7.66
C PRO E 274 15.84 -5.51 -8.61
N TRP E 275 16.27 -5.29 -9.85
CA TRP E 275 15.43 -4.83 -10.92
C TRP E 275 14.48 -5.92 -11.44
N VAL E 276 14.72 -7.20 -11.16
CA VAL E 276 13.70 -8.26 -11.43
C VAL E 276 12.70 -8.38 -10.30
N PRO E 277 11.40 -8.49 -10.61
CA PRO E 277 10.44 -8.77 -9.56
C PRO E 277 10.44 -10.26 -9.26
N LEU E 278 10.46 -10.56 -7.96
CA LEU E 278 10.70 -11.89 -7.41
C LEU E 278 9.47 -12.41 -6.66
N ALA E 279 9.01 -13.61 -7.00
CA ALA E 279 7.98 -14.32 -6.28
C ALA E 279 8.63 -15.40 -5.39
N ALA E 280 7.81 -16.05 -4.57
CA ALA E 280 8.27 -17.13 -3.70
C ALA E 280 7.10 -17.99 -3.29
N TYR E 281 7.23 -19.30 -3.39
CA TYR E 281 6.12 -20.21 -3.15
C TYR E 281 6.08 -20.72 -1.70
N ASN E 282 5.15 -20.20 -0.88
CA ASN E 282 4.83 -20.80 0.44
C ASN E 282 4.10 -22.11 0.16
N VAL E 283 4.72 -23.23 0.49
CA VAL E 283 4.28 -24.47 -0.12
C VAL E 283 3.32 -25.27 0.76
N SER E 284 2.70 -26.23 0.06
CA SER E 284 2.07 -27.43 0.58
C SER E 284 2.50 -27.77 2.03
N GLY E 285 3.79 -28.02 2.24
CA GLY E 285 4.32 -28.34 3.58
C GLY E 285 4.36 -27.21 4.61
N GLU E 286 4.54 -25.96 4.16
CA GLU E 286 4.64 -24.79 5.04
C GLU E 286 3.26 -24.30 5.46
N TYR E 287 2.27 -24.87 4.80
CA TYR E 287 0.87 -24.76 5.15
C TYR E 287 0.54 -25.91 6.09
N SER E 288 0.67 -27.15 5.62
CA SER E 288 0.28 -28.36 6.39
C SER E 288 1.08 -28.61 7.71
N LEU E 289 2.36 -28.23 7.73
CA LEU E 289 3.09 -28.08 8.96
C LEU E 289 2.23 -27.27 9.89
N VAL E 290 2.05 -25.97 9.58
CA VAL E 290 1.31 -25.03 10.45
C VAL E 290 0.02 -25.65 10.91
N LYS E 291 -0.77 -26.14 9.95
CA LYS E 291 -2.13 -26.64 10.22
C LYS E 291 -2.16 -27.67 11.33
N ALA E 292 -1.24 -28.65 11.25
CA ALA E 292 -1.09 -29.71 12.27
C ALA E 292 -0.58 -29.19 13.61
N ALA E 293 0.35 -28.25 13.59
CA ALA E 293 0.82 -27.63 14.85
C ALA E 293 -0.32 -26.88 15.52
N ALA E 294 -1.13 -26.19 14.72
CA ALA E 294 -2.32 -25.56 15.22
C ALA E 294 -3.36 -26.58 15.72
N THR E 295 -3.66 -27.60 14.91
CA THR E 295 -4.75 -28.57 15.25
C THR E 295 -4.47 -29.25 16.57
N ALA E 296 -3.21 -29.55 16.90
CA ALA E 296 -2.82 -29.98 18.27
C ALA E 296 -2.16 -28.81 19.04
N GLY E 297 -2.93 -27.72 19.18
CA GLY E 297 -2.53 -26.40 19.70
C GLY E 297 -1.18 -26.22 20.35
N TYR E 298 -0.12 -26.40 19.57
CA TYR E 298 1.25 -26.13 19.99
C TYR E 298 1.58 -24.64 19.83
N VAL E 299 1.07 -24.04 18.74
CA VAL E 299 1.35 -22.63 18.37
C VAL E 299 0.14 -21.90 17.77
N ASP E 300 0.07 -20.57 17.99
CA ASP E 300 -1.06 -19.73 17.53
C ASP E 300 -1.11 -19.52 15.99
N GLU E 301 -2.09 -20.16 15.35
CA GLU E 301 -2.22 -20.20 13.89
C GLU E 301 -2.42 -18.85 13.21
N ARG E 302 -2.92 -17.83 13.91
CA ARG E 302 -3.05 -16.50 13.30
C ARG E 302 -1.69 -15.82 13.25
N THR E 303 -0.96 -15.81 14.36
CA THR E 303 0.35 -15.12 14.38
C THR E 303 1.49 -15.87 13.66
N ILE E 304 1.48 -17.19 13.71
CA ILE E 304 2.53 -17.93 13.02
C ILE E 304 2.42 -17.73 11.49
N THR E 305 1.21 -17.75 10.93
CA THR E 305 1.07 -17.72 9.48
C THR E 305 1.10 -16.32 8.93
N LEU E 306 1.10 -15.31 9.78
CA LEU E 306 1.50 -14.00 9.30
C LEU E 306 2.97 -13.80 9.55
N GLU E 307 3.52 -14.47 10.56
CA GLU E 307 4.97 -14.42 10.87
C GLU E 307 5.75 -15.07 9.76
N ILE E 308 5.25 -16.21 9.31
CA ILE E 308 5.82 -16.94 8.15
C ILE E 308 5.73 -16.11 6.87
N LEU E 309 4.54 -15.61 6.57
CA LEU E 309 4.37 -14.77 5.37
C LEU E 309 5.14 -13.42 5.39
N THR E 310 5.14 -12.73 6.54
CA THR E 310 5.89 -11.49 6.69
C THR E 310 7.36 -11.77 6.48
N ALA E 311 7.83 -12.97 6.77
CA ALA E 311 9.25 -13.32 6.54
C ALA E 311 9.66 -13.43 5.08
N ILE E 312 8.75 -13.99 4.29
CA ILE E 312 8.94 -14.15 2.88
C ILE E 312 8.94 -12.78 2.20
N LYS E 313 8.32 -11.78 2.82
CA LYS E 313 8.45 -10.40 2.36
C LYS E 313 9.77 -9.79 2.71
N ARG E 314 10.04 -9.79 4.02
CA ARG E 314 11.27 -9.26 4.58
C ARG E 314 12.48 -9.72 3.78
N ALA E 315 12.48 -11.00 3.39
CA ALA E 315 13.56 -11.57 2.59
C ALA E 315 13.78 -10.86 1.25
N GLY E 316 12.70 -10.51 0.56
CA GLY E 316 12.81 -9.91 -0.78
C GLY E 316 11.64 -10.11 -1.73
N ALA E 317 10.88 -11.18 -1.51
CA ALA E 317 9.81 -11.59 -2.40
C ALA E 317 8.70 -10.53 -2.54
N ASP E 318 8.47 -10.08 -3.77
CA ASP E 318 7.41 -9.11 -4.08
C ASP E 318 6.01 -9.81 -4.19
N LEU E 319 5.98 -11.05 -4.68
CA LEU E 319 4.79 -11.91 -4.67
C LEU E 319 4.98 -13.23 -3.86
N ILE E 320 3.95 -13.63 -3.15
CA ILE E 320 3.94 -14.89 -2.42
C ILE E 320 2.83 -15.81 -2.92
N LEU E 321 3.14 -17.04 -3.30
CA LEU E 321 2.09 -18.00 -3.61
C LEU E 321 1.74 -18.70 -2.31
N THR E 322 0.52 -18.54 -1.80
CA THR E 322 0.14 -19.24 -0.57
C THR E 322 -1.16 -19.91 -0.70
N TYR E 323 -1.38 -20.93 0.09
CA TYR E 323 -2.71 -21.45 0.25
C TYR E 323 -3.42 -20.71 1.38
N HIS E 324 -2.67 -20.03 2.26
CA HIS E 324 -3.26 -19.13 3.27
C HIS E 324 -3.81 -17.84 2.70
N ALA E 325 -3.55 -17.55 1.42
CA ALA E 325 -3.99 -16.29 0.77
C ALA E 325 -5.20 -15.64 1.44
N LEU E 326 -6.33 -16.35 1.48
CA LEU E 326 -7.58 -15.76 1.98
C LEU E 326 -7.66 -15.66 3.51
N GLU E 327 -7.59 -16.79 4.21
CA GLU E 327 -7.61 -16.73 5.67
C GLU E 327 -6.57 -15.73 6.20
N ALA E 328 -5.49 -15.48 5.45
CA ALA E 328 -4.47 -14.47 5.78
C ALA E 328 -4.68 -13.04 5.25
N ALA E 329 -5.61 -12.89 4.30
CA ALA E 329 -5.95 -11.58 3.73
C ALA E 329 -6.97 -10.88 4.60
N LYS E 330 -7.79 -11.68 5.29
CA LYS E 330 -8.83 -11.16 6.20
C LYS E 330 -8.16 -10.61 7.45
N TRP E 331 -7.13 -11.30 7.88
CA TRP E 331 -6.38 -10.90 9.04
C TRP E 331 -5.77 -9.57 8.71
N ILE E 332 -6.60 -8.56 8.75
CA ILE E 332 -6.22 -7.20 8.45
C ILE E 332 -5.24 -6.69 9.49
N LYS E 333 -5.68 -6.64 10.73
CA LYS E 333 -4.92 -6.16 11.91
C LYS E 333 -3.62 -6.92 12.23
N GLU E 334 -2.48 -6.25 12.02
CA GLU E 334 -1.14 -6.82 12.16
C GLU E 334 -0.62 -7.38 13.50
N GLY E 335 0.23 -8.39 13.37
CA GLY E 335 0.86 -9.10 14.47
C GLY E 335 1.25 -8.36 15.72
N LEU E 336 2.33 -7.59 15.72
CA LEU E 336 3.65 -7.84 15.03
C LEU E 336 4.60 -6.66 15.42
N MET F 1 39.25 4.46 9.24
CA MET F 1 40.37 4.32 10.24
C MET F 1 39.86 4.31 11.68
N ARG F 2 40.32 3.32 12.46
CA ARG F 2 40.22 3.36 13.91
C ARG F 2 41.59 3.76 14.45
N VAL F 3 42.17 4.80 13.88
CA VAL F 3 43.59 5.10 14.01
C VAL F 3 43.85 6.58 14.32
N GLN F 4 44.51 6.78 15.46
CA GLN F 4 44.61 8.07 16.14
C GLN F 4 46.02 8.38 16.55
N PHE F 5 46.26 9.67 16.71
CA PHE F 5 47.53 10.20 17.19
C PHE F 5 47.35 10.48 18.69
N PRO F 6 48.38 10.34 19.54
CA PRO F 6 49.74 9.93 19.21
C PRO F 6 49.95 8.43 18.95
N THR F 7 48.99 7.57 19.35
CA THR F 7 49.18 6.12 19.34
C THR F 7 49.75 5.65 18.01
N THR F 8 49.34 6.26 16.89
CA THR F 8 49.85 5.96 15.56
C THR F 8 50.53 7.21 14.99
N ARG F 9 51.78 7.06 14.60
CA ARG F 9 52.64 8.16 14.12
C ARG F 9 53.09 7.89 12.66
N PRO F 10 52.28 8.33 11.67
CA PRO F 10 52.57 8.07 10.27
C PRO F 10 53.98 8.38 9.82
N ARG F 11 54.75 9.15 10.59
CA ARG F 11 56.12 9.47 10.22
C ARG F 11 57.10 8.32 10.48
N ARG F 12 56.77 7.41 11.40
CA ARG F 12 57.62 6.23 11.70
C ARG F 12 58.14 5.52 10.44
N LEU F 13 57.27 5.38 9.45
CA LEU F 13 57.60 4.72 8.19
C LEU F 13 58.31 5.63 7.20
N ARG F 14 58.42 6.91 7.51
CA ARG F 14 59.24 7.82 6.71
C ARG F 14 60.66 8.00 7.29
N ALA F 15 60.90 7.40 8.46
CA ALA F 15 62.11 7.58 9.28
C ALA F 15 63.44 7.42 8.52
N SER F 16 63.68 6.29 7.87
CA SER F 16 64.93 6.07 7.08
C SER F 16 64.75 5.78 5.54
N LYS F 17 65.76 6.12 4.74
CA LYS F 17 65.87 5.67 3.35
C LYS F 17 65.58 4.18 3.24
N ILE F 18 65.98 3.39 4.24
CA ILE F 18 65.90 1.92 4.17
C ILE F 18 64.46 1.46 4.42
N ILE F 19 63.78 1.95 5.46
CA ILE F 19 62.38 1.53 5.62
C ILE F 19 61.41 2.17 4.60
N ARG F 20 61.64 3.42 4.21
CA ARG F 20 60.79 4.00 3.17
C ARG F 20 60.78 3.09 1.94
N ASP F 21 61.95 2.65 1.47
CA ASP F 21 62.00 1.65 0.37
C ASP F 21 61.24 0.36 0.70
N ALA F 22 61.30 -0.05 1.96
CA ALA F 22 60.73 -1.31 2.40
C ALA F 22 59.25 -1.38 2.10
N VAL F 23 58.54 -0.34 2.55
CA VAL F 23 57.06 -0.28 2.54
C VAL F 23 56.41 0.45 1.34
N ALA F 24 57.24 1.01 0.49
CA ALA F 24 56.84 1.62 -0.75
C ALA F 24 55.98 0.69 -1.60
N GLU F 25 54.97 1.29 -2.22
CA GLU F 25 53.83 0.60 -2.82
C GLU F 25 54.10 0.20 -4.28
N THR F 26 55.01 0.91 -4.91
CA THR F 26 55.15 1.05 -6.34
C THR F 26 56.63 0.81 -6.64
N GLN F 27 57.02 0.52 -7.85
CA GLN F 27 58.45 0.62 -8.20
C GLN F 27 58.66 0.68 -9.73
N ILE F 28 59.89 0.81 -10.19
CA ILE F 28 60.12 0.88 -11.62
C ILE F 28 61.38 0.11 -12.07
N ASP F 29 61.43 -0.24 -13.37
CA ASP F 29 62.67 -0.66 -14.07
C ASP F 29 62.54 -0.57 -15.63
N ALA F 30 63.61 -0.92 -16.35
CA ALA F 30 63.57 -0.98 -17.82
C ALA F 30 62.65 -2.08 -18.40
N GLY F 31 62.48 -3.14 -17.62
CA GLY F 31 61.41 -4.11 -17.83
C GLY F 31 60.06 -3.46 -18.08
N ASP F 32 59.79 -2.35 -17.39
CA ASP F 32 58.55 -1.58 -17.56
C ASP F 32 58.54 -0.57 -18.70
N PHE F 33 59.65 -0.38 -19.40
CA PHE F 33 59.69 0.62 -20.47
C PHE F 33 59.53 0.10 -21.91
N ILE F 34 58.76 0.87 -22.71
CA ILE F 34 58.64 0.73 -24.15
C ILE F 34 59.24 2.00 -24.77
N TYR F 35 60.50 1.89 -25.19
CA TYR F 35 61.26 2.99 -25.83
C TYR F 35 60.84 3.17 -27.29
N PRO F 36 60.44 4.38 -27.68
CA PRO F 36 60.19 4.55 -29.11
C PRO F 36 61.44 4.78 -29.95
N LEU F 37 61.41 4.24 -31.16
CA LEU F 37 62.41 4.47 -32.19
C LEU F 37 61.72 5.25 -33.29
N PHE F 38 62.27 6.40 -33.64
CA PHE F 38 61.76 7.16 -34.77
C PHE F 38 62.54 6.79 -36.03
N VAL F 39 61.90 6.11 -36.98
CA VAL F 39 62.62 5.51 -38.10
C VAL F 39 62.24 6.17 -39.44
N LYS F 40 63.26 6.24 -40.31
CA LYS F 40 63.29 7.08 -41.50
C LYS F 40 63.94 6.33 -42.66
N PRO F 41 63.56 6.71 -43.91
CA PRO F 41 63.85 5.82 -45.05
C PRO F 41 65.36 5.68 -45.32
N GLY F 42 66.10 6.80 -45.27
CA GLY F 42 67.54 6.76 -45.46
C GLY F 42 68.25 8.03 -45.10
N GLY F 43 69.58 7.96 -45.00
CA GLY F 43 70.45 9.10 -44.76
C GLY F 43 71.08 9.06 -43.38
N GLU F 44 71.02 10.20 -42.69
CA GLU F 44 71.70 10.46 -41.41
C GLU F 44 70.76 10.34 -40.21
N ARG F 45 71.33 10.20 -39.02
CA ARG F 45 70.55 10.36 -37.79
C ARG F 45 70.33 11.86 -37.59
N GLU F 46 69.17 12.36 -38.01
CA GLU F 46 68.82 13.79 -37.84
C GLU F 46 68.52 14.05 -36.35
N PRO F 47 69.12 15.11 -35.74
CA PRO F 47 68.62 15.50 -34.41
C PRO F 47 67.18 16.07 -34.47
N ILE F 48 66.43 15.88 -33.38
CA ILE F 48 65.03 16.30 -33.26
C ILE F 48 64.93 17.38 -32.19
N GLY F 49 64.97 18.64 -32.60
CA GLY F 49 65.26 19.79 -31.71
C GLY F 49 64.36 20.02 -30.49
N PRO F 50 63.03 19.86 -30.66
CA PRO F 50 62.14 20.00 -29.50
C PRO F 50 62.24 18.84 -28.48
N MET F 51 62.91 17.75 -28.87
CA MET F 51 63.16 16.61 -28.02
C MET F 51 64.66 16.24 -28.05
N PRO F 52 65.50 17.02 -27.35
CA PRO F 52 66.95 16.72 -27.32
C PRO F 52 67.22 15.28 -26.90
N GLY F 53 68.26 14.66 -27.45
CA GLY F 53 68.65 13.29 -27.10
C GLY F 53 68.23 12.25 -28.13
N ILE F 54 66.98 12.32 -28.57
CA ILE F 54 66.42 11.30 -29.50
C ILE F 54 66.45 11.86 -30.93
N TYR F 55 67.26 11.21 -31.78
CA TYR F 55 67.46 11.55 -33.18
C TYR F 55 66.47 10.71 -34.05
N ARG F 56 66.51 10.83 -35.38
CA ARG F 56 65.72 9.97 -36.32
C ARG F 56 66.57 8.93 -37.03
N TRP F 57 66.66 7.74 -36.46
CA TRP F 57 67.63 6.76 -36.91
C TRP F 57 67.30 6.19 -38.31
N PRO F 58 68.30 6.17 -39.24
CA PRO F 58 68.13 5.61 -40.58
C PRO F 58 68.17 4.10 -40.51
N VAL F 59 67.15 3.45 -41.04
CA VAL F 59 67.02 2.02 -40.79
C VAL F 59 68.28 1.33 -41.31
N GLY F 60 69.10 0.82 -40.38
CA GLY F 60 70.40 0.19 -40.69
C GLY F 60 71.36 0.21 -39.51
N ARG F 61 72.60 -0.22 -39.72
CA ARG F 61 73.52 -0.51 -38.61
C ARG F 61 73.43 0.51 -37.48
N GLU F 62 73.48 1.80 -37.80
CA GLU F 62 73.53 2.87 -36.78
C GLU F 62 72.32 2.83 -35.80
N LEU F 63 71.20 2.29 -36.27
CA LEU F 63 70.01 2.06 -35.45
C LEU F 63 70.19 0.82 -34.62
N ILE F 64 70.31 -0.29 -35.31
CA ILE F 64 70.40 -1.59 -34.68
C ILE F 64 71.58 -1.63 -33.68
N ASN F 65 72.60 -0.84 -33.93
CA ASN F 65 73.61 -0.48 -32.93
C ASN F 65 72.88 0.08 -31.66
N HIS F 66 72.30 1.29 -31.76
CA HIS F 66 71.53 1.96 -30.68
C HIS F 66 70.47 1.16 -29.97
N VAL F 67 70.00 0.06 -30.54
CA VAL F 67 69.05 -0.82 -29.88
C VAL F 67 69.74 -1.82 -28.95
N GLU F 68 71.02 -2.11 -29.20
CA GLU F 68 71.84 -2.98 -28.31
C GLU F 68 72.18 -2.25 -27.02
N GLU F 69 72.45 -0.95 -27.20
CA GLU F 69 72.54 0.06 -26.15
C GLU F 69 71.35 -0.07 -25.24
N ALA F 70 70.15 0.18 -25.78
CA ALA F 70 68.92 0.05 -25.01
C ALA F 70 68.88 -1.30 -24.32
N LEU F 71 69.20 -2.37 -25.06
CA LEU F 71 69.15 -3.75 -24.54
C LEU F 71 70.16 -4.05 -23.42
N SER F 72 71.33 -3.41 -23.48
CA SER F 72 72.32 -3.55 -22.39
C SER F 72 71.92 -2.78 -21.12
N LEU F 73 70.95 -1.87 -21.23
CA LEU F 73 70.42 -1.13 -20.08
C LEU F 73 69.16 -1.77 -19.50
N GLY F 74 68.80 -2.96 -20.00
CA GLY F 74 67.59 -3.66 -19.58
C GLY F 74 66.38 -3.44 -20.48
N ILE F 75 66.41 -2.40 -21.31
CA ILE F 75 65.27 -2.05 -22.15
C ILE F 75 65.23 -3.00 -23.37
N ASN F 76 64.06 -3.57 -23.62
CA ASN F 76 63.91 -4.61 -24.63
C ASN F 76 62.50 -4.59 -25.22
N LYS F 77 62.03 -3.42 -25.57
CA LYS F 77 60.67 -3.22 -25.93
C LYS F 77 60.61 -1.93 -26.67
N PHE F 78 60.23 -2.01 -27.94
CA PHE F 78 60.31 -0.88 -28.83
C PHE F 78 59.00 -0.74 -29.59
N ILE F 79 58.57 0.50 -29.77
CA ILE F 79 57.42 0.80 -30.59
C ILE F 79 57.96 1.58 -31.77
N LEU F 80 57.62 1.13 -32.98
CA LEU F 80 58.26 1.64 -34.20
C LEU F 80 57.47 2.71 -34.86
N PHE F 81 58.12 3.85 -35.12
CA PHE F 81 57.46 4.98 -35.75
C PHE F 81 58.10 5.34 -37.09
N GLY F 82 57.28 5.35 -38.15
CA GLY F 82 57.75 5.71 -39.49
C GLY F 82 57.63 7.20 -39.71
N VAL F 83 58.72 7.84 -40.11
CA VAL F 83 58.67 9.22 -40.58
C VAL F 83 59.23 9.22 -42.00
N LEU F 84 58.63 10.00 -42.91
CA LEU F 84 59.20 10.14 -44.27
C LEU F 84 58.88 11.53 -44.86
N PRO F 85 59.48 11.88 -46.04
CA PRO F 85 59.33 13.25 -46.58
C PRO F 85 58.05 13.54 -47.39
N ASP F 86 57.62 14.81 -47.35
CA ASP F 86 56.51 15.39 -48.15
C ASP F 86 56.20 14.65 -49.45
N GLU F 87 57.25 14.44 -50.24
CA GLU F 87 57.21 13.79 -51.58
C GLU F 87 56.56 12.40 -51.69
N LEU F 88 56.58 11.61 -50.61
CA LEU F 88 55.91 10.28 -50.58
C LEU F 88 54.54 10.28 -49.87
N LYS F 89 54.13 11.43 -49.32
CA LYS F 89 52.85 11.58 -48.59
C LYS F 89 51.71 11.81 -49.60
N ASN F 90 50.51 11.31 -49.30
CA ASN F 90 49.32 11.49 -50.16
C ASN F 90 47.99 11.33 -49.39
N PRO F 91 46.86 11.89 -49.93
CA PRO F 91 45.54 11.80 -49.30
C PRO F 91 45.09 10.45 -48.71
N GLU F 92 45.15 9.36 -49.48
CA GLU F 92 44.68 8.04 -49.00
C GLU F 92 45.79 7.13 -48.38
N GLY F 93 46.95 7.69 -48.07
CA GLY F 93 47.82 7.13 -47.03
C GLY F 93 49.04 6.29 -47.41
N THR F 94 49.09 5.75 -48.63
CA THR F 94 50.11 4.72 -49.09
C THR F 94 51.22 4.22 -48.15
N GLY F 95 52.26 5.01 -47.92
CA GLY F 95 53.49 4.54 -47.25
C GLY F 95 53.27 3.53 -46.15
N GLY F 96 52.25 3.77 -45.33
CA GLY F 96 51.86 2.94 -44.21
C GLY F 96 51.75 1.47 -44.46
N TYR F 97 51.37 1.05 -45.65
CA TYR F 97 51.14 -0.38 -45.97
C TYR F 97 51.83 -0.75 -47.28
N ASP F 98 53.09 -0.30 -47.36
CA ASP F 98 53.98 -0.51 -48.49
C ASP F 98 54.96 -1.55 -47.98
N PRO F 99 54.83 -2.79 -48.45
CA PRO F 99 55.39 -3.93 -47.71
C PRO F 99 56.91 -3.89 -47.42
N GLU F 100 57.68 -3.14 -48.21
CA GLU F 100 59.11 -2.93 -47.92
C GLU F 100 59.36 -1.44 -47.86
N GLY F 101 58.49 -0.73 -47.13
CA GLY F 101 58.71 0.69 -46.84
C GLY F 101 59.58 0.84 -45.61
N VAL F 102 59.23 1.82 -44.78
CA VAL F 102 60.11 2.28 -43.69
C VAL F 102 60.16 1.32 -42.51
N VAL F 103 59.00 1.15 -41.92
CA VAL F 103 58.82 0.33 -40.73
C VAL F 103 58.78 -1.17 -40.98
N PRO F 104 58.40 -1.62 -42.19
CA PRO F 104 58.50 -3.05 -42.32
C PRO F 104 59.94 -3.48 -42.22
N ARG F 105 60.81 -2.81 -42.98
CA ARG F 105 62.25 -3.11 -42.94
C ARG F 105 62.82 -3.05 -41.52
N ALA F 106 62.39 -2.05 -40.75
CA ALA F 106 62.89 -1.82 -39.38
C ALA F 106 62.50 -2.98 -38.46
N ILE F 107 61.21 -3.30 -38.44
CA ILE F 107 60.69 -4.52 -37.79
C ILE F 107 61.63 -5.72 -38.10
N ARG F 108 61.81 -6.00 -39.40
CA ARG F 108 62.52 -7.19 -39.86
C ARG F 108 63.93 -7.20 -39.36
N LEU F 109 64.63 -6.10 -39.58
CA LEU F 109 66.05 -6.00 -39.22
C LEU F 109 66.21 -6.36 -37.73
N ILE F 110 65.43 -5.65 -36.90
CA ILE F 110 65.43 -5.79 -35.44
C ILE F 110 64.98 -7.17 -35.01
N LYS F 111 64.07 -7.80 -35.72
CA LYS F 111 63.69 -9.15 -35.38
C LYS F 111 64.74 -10.13 -35.80
N GLU F 112 65.17 -10.10 -37.06
CA GLU F 112 66.15 -11.08 -37.56
C GLU F 112 67.42 -11.09 -36.73
N ILE F 113 67.92 -9.91 -36.38
CA ILE F 113 69.18 -9.78 -35.60
C ILE F 113 69.10 -10.07 -34.07
N PHE F 114 67.98 -9.71 -33.43
CA PHE F 114 67.78 -9.87 -31.98
C PHE F 114 66.76 -10.96 -31.65
N GLY F 115 65.53 -10.83 -32.15
CA GLY F 115 64.54 -11.91 -32.19
C GLY F 115 64.33 -12.78 -30.96
N ASP F 116 63.35 -12.41 -30.16
CA ASP F 116 62.90 -13.19 -28.99
C ASP F 116 63.82 -12.85 -27.82
N ARG F 117 64.70 -11.88 -28.00
CA ARG F 117 65.36 -11.20 -26.91
C ARG F 117 64.87 -9.77 -26.91
N VAL F 118 63.90 -9.44 -27.77
CA VAL F 118 63.41 -8.06 -27.94
C VAL F 118 62.02 -8.02 -28.58
N LEU F 119 61.11 -7.24 -27.99
CA LEU F 119 59.73 -7.18 -28.42
C LEU F 119 59.48 -5.93 -29.28
N VAL F 120 58.72 -6.07 -30.37
CA VAL F 120 58.51 -4.97 -31.33
C VAL F 120 57.05 -4.62 -31.52
N PHE F 121 56.69 -3.44 -31.02
CA PHE F 121 55.37 -2.87 -31.24
C PHE F 121 55.50 -1.98 -32.46
N ALA F 122 54.45 -1.98 -33.30
CA ALA F 122 54.44 -1.24 -34.56
C ALA F 122 53.20 -0.37 -34.65
N ASP F 123 53.37 0.94 -34.78
CA ASP F 123 52.24 1.87 -34.66
C ASP F 123 51.36 1.82 -35.89
N VAL F 124 50.05 1.88 -35.73
CA VAL F 124 49.13 1.81 -36.89
C VAL F 124 48.24 3.06 -36.97
N CYS F 125 48.64 3.96 -37.86
CA CYS F 125 47.96 5.23 -38.09
C CYS F 125 48.28 5.74 -39.52
N LEU F 126 47.68 6.85 -39.89
CA LEU F 126 47.97 7.49 -41.17
C LEU F 126 48.44 8.92 -41.00
N CYS F 127 48.83 9.33 -39.79
CA CYS F 127 49.28 10.70 -39.55
C CYS F 127 50.66 10.92 -40.19
N GLU F 128 51.59 10.04 -39.80
CA GLU F 128 52.95 10.03 -40.34
C GLU F 128 53.07 9.71 -41.84
N TYR F 129 51.97 9.23 -42.44
CA TYR F 129 51.90 8.78 -43.83
C TYR F 129 50.86 9.55 -44.72
N THR F 130 50.44 10.75 -44.32
CA THR F 130 49.46 11.52 -45.12
C THR F 130 49.80 12.99 -45.33
N ASP F 131 49.73 13.36 -46.61
CA ASP F 131 49.35 14.68 -47.14
C ASP F 131 48.85 15.70 -46.08
N HIS F 132 47.64 15.48 -45.58
CA HIS F 132 47.08 16.36 -44.54
C HIS F 132 47.77 16.20 -43.16
N GLY F 133 48.10 14.97 -42.79
CA GLY F 133 48.52 14.65 -41.43
C GLY F 133 47.43 14.13 -40.49
N HIS F 134 46.15 14.38 -40.79
CA HIS F 134 45.07 13.69 -40.12
C HIS F 134 45.20 12.17 -40.15
N CYS F 135 44.79 11.54 -39.04
CA CYS F 135 45.06 10.12 -38.78
C CYS F 135 44.17 9.21 -39.57
N GLY F 136 43.21 9.77 -40.30
CA GLY F 136 42.43 8.98 -41.26
C GLY F 136 42.22 9.67 -42.57
N VAL F 137 41.72 8.90 -43.53
CA VAL F 137 41.05 9.40 -44.75
C VAL F 137 40.12 10.57 -44.46
N VAL F 138 40.34 11.71 -45.13
CA VAL F 138 39.45 12.89 -45.04
C VAL F 138 38.42 12.92 -46.18
N LYS F 139 37.17 13.12 -45.80
CA LYS F 139 36.08 13.23 -46.74
C LYS F 139 35.46 14.59 -46.53
N GLU F 140 34.56 14.95 -47.46
CA GLU F 140 33.77 16.19 -47.41
C GLU F 140 32.29 15.78 -47.56
N LYS F 141 31.47 16.25 -46.62
CA LYS F 141 30.00 16.10 -46.70
C LYS F 141 29.44 17.51 -46.43
N ARG F 142 28.55 17.97 -47.31
CA ARG F 142 28.29 19.42 -47.61
C ARG F 142 28.61 20.51 -46.58
N ASP F 143 28.66 20.17 -45.30
CA ASP F 143 29.25 21.04 -44.27
C ASP F 143 30.76 21.22 -44.48
N ARG F 144 31.60 20.54 -43.69
CA ARG F 144 33.06 20.73 -43.76
C ARG F 144 33.73 19.36 -43.90
N TRP F 145 35.06 19.36 -43.97
CA TRP F 145 35.87 18.12 -43.89
C TRP F 145 35.43 17.28 -42.70
N TYR F 146 35.65 15.97 -42.79
CA TYR F 146 35.50 15.08 -41.62
C TYR F 146 36.33 13.83 -41.88
N VAL F 147 36.88 13.25 -40.82
CA VAL F 147 37.78 12.10 -40.99
C VAL F 147 36.90 10.86 -41.01
N ASP F 148 36.91 10.18 -42.16
CA ASP F 148 36.03 9.05 -42.37
C ASP F 148 36.54 7.82 -41.65
N ASN F 149 35.65 7.22 -40.86
CA ASN F 149 35.98 6.07 -40.02
C ASN F 149 36.10 4.85 -40.90
N ASP F 150 34.98 4.34 -41.39
CA ASP F 150 34.99 2.96 -41.89
C ASP F 150 35.87 2.71 -43.13
N GLU F 151 36.39 3.75 -43.75
CA GLU F 151 37.35 3.57 -44.85
C GLU F 151 38.79 3.68 -44.34
N THR F 152 38.99 4.38 -43.19
CA THR F 152 40.33 4.49 -42.57
C THR F 152 40.59 3.26 -41.72
N ILE F 153 39.58 2.79 -40.98
CA ILE F 153 39.57 1.46 -40.35
C ILE F 153 40.23 0.44 -41.28
N LYS F 154 39.68 0.35 -42.50
CA LYS F 154 40.07 -0.63 -43.49
C LYS F 154 41.54 -0.52 -43.79
N LEU F 155 42.01 0.72 -43.98
CA LEU F 155 43.42 0.99 -44.20
C LEU F 155 44.37 0.55 -43.07
N TYR F 156 43.91 0.66 -41.83
CA TYR F 156 44.66 0.09 -40.72
C TYR F 156 44.77 -1.44 -40.87
N ALA F 157 43.65 -2.10 -41.15
CA ALA F 157 43.69 -3.53 -41.37
C ALA F 157 44.78 -3.89 -42.35
N LYS F 158 45.01 -3.02 -43.36
CA LYS F 158 46.09 -3.20 -44.35
C LYS F 158 47.44 -2.91 -43.76
N GLU F 159 47.57 -1.80 -43.06
CA GLU F 159 48.80 -1.48 -42.33
C GLU F 159 49.25 -2.56 -41.31
N ALA F 160 48.29 -3.10 -40.56
CA ALA F 160 48.59 -4.06 -39.51
C ALA F 160 49.02 -5.33 -40.12
N VAL F 161 48.25 -5.81 -41.07
CA VAL F 161 48.57 -7.04 -41.77
C VAL F 161 49.93 -7.03 -42.48
N VAL F 162 50.40 -5.84 -42.88
CA VAL F 162 51.73 -5.68 -43.49
C VAL F 162 52.82 -5.85 -42.43
N TYR F 163 52.66 -5.13 -41.31
CA TYR F 163 53.65 -5.20 -40.23
C TYR F 163 53.64 -6.61 -39.65
N ALA F 164 52.47 -7.23 -39.53
CA ALA F 164 52.36 -8.65 -39.21
C ALA F 164 53.32 -9.54 -40.01
N GLU F 165 53.32 -9.36 -41.34
CA GLU F 165 54.18 -10.14 -42.28
C GLU F 165 55.66 -9.90 -42.01
N ALA F 166 56.00 -8.60 -41.94
CA ALA F 166 57.36 -8.13 -41.60
C ALA F 166 57.98 -8.68 -40.30
N GLY F 167 57.18 -9.21 -39.39
CA GLY F 167 57.69 -9.84 -38.16
C GLY F 167 57.28 -9.22 -36.84
N ALA F 168 56.39 -8.22 -36.87
CA ALA F 168 56.00 -7.46 -35.69
C ALA F 168 55.28 -8.35 -34.70
N ASP F 169 55.77 -8.32 -33.46
CA ASP F 169 55.17 -9.03 -32.34
C ASP F 169 53.83 -8.42 -32.07
N PHE F 170 53.80 -7.10 -31.95
CA PHE F 170 52.55 -6.39 -31.75
C PHE F 170 52.26 -5.28 -32.80
N VAL F 171 50.96 -5.00 -32.98
CA VAL F 171 50.47 -3.82 -33.68
C VAL F 171 49.70 -2.98 -32.68
N ALA F 172 49.76 -1.66 -32.82
CA ALA F 172 49.13 -0.74 -31.87
C ALA F 172 48.49 0.46 -32.54
N PRO F 173 47.16 0.51 -32.61
CA PRO F 173 46.46 1.62 -33.33
C PRO F 173 46.15 2.93 -32.54
N SER F 174 46.74 4.02 -33.03
CA SER F 174 46.65 5.32 -32.38
C SER F 174 45.60 6.30 -32.97
N GLY F 175 44.67 5.78 -33.79
CA GLY F 175 43.77 6.63 -34.56
C GLY F 175 42.51 7.08 -33.85
N MET F 176 42.21 6.47 -32.71
CA MET F 176 40.92 6.72 -32.05
C MET F 176 39.66 6.43 -32.92
N MET F 177 39.87 5.77 -34.06
CA MET F 177 38.79 5.42 -34.98
C MET F 177 38.02 4.23 -34.35
N ASP F 178 36.69 4.26 -34.51
CA ASP F 178 35.78 3.34 -33.83
C ASP F 178 35.81 1.99 -34.47
N GLY F 179 35.72 0.93 -33.68
CA GLY F 179 35.87 -0.43 -34.19
C GLY F 179 37.18 -0.75 -34.91
N GLN F 180 38.21 0.09 -34.76
CA GLN F 180 39.51 -0.14 -35.39
C GLN F 180 40.08 -1.49 -34.94
N VAL F 181 39.98 -1.79 -33.63
CA VAL F 181 40.62 -2.97 -33.06
C VAL F 181 40.05 -4.21 -33.65
N ARG F 182 38.74 -4.25 -33.80
CA ARG F 182 38.14 -5.43 -34.37
C ARG F 182 38.47 -5.63 -35.85
N GLU F 183 38.58 -4.55 -36.63
CA GLU F 183 38.96 -4.74 -38.04
C GLU F 183 40.38 -5.26 -38.17
N ILE F 184 41.26 -4.74 -37.33
CA ILE F 184 42.62 -5.18 -37.35
C ILE F 184 42.67 -6.64 -36.88
N ARG F 185 41.95 -6.97 -35.82
CA ARG F 185 41.95 -8.35 -35.30
C ARG F 185 41.35 -9.38 -36.30
N ARG F 186 40.36 -8.96 -37.11
CA ARG F 186 39.71 -9.88 -38.05
C ARG F 186 40.60 -10.08 -39.27
N ALA F 187 41.23 -8.98 -39.71
CA ALA F 187 42.18 -9.02 -40.80
C ALA F 187 43.28 -9.97 -40.39
N LEU F 188 44.03 -9.58 -39.35
CA LEU F 188 45.12 -10.38 -38.83
C LEU F 188 44.72 -11.84 -38.68
N ASP F 189 43.59 -12.11 -38.02
CA ASP F 189 43.15 -13.50 -37.84
C ASP F 189 42.99 -14.18 -39.25
N ALA F 190 42.44 -13.45 -40.23
CA ALA F 190 42.25 -13.97 -41.61
C ALA F 190 43.53 -14.21 -42.43
N HIS F 191 44.45 -13.24 -42.45
CA HIS F 191 45.73 -13.41 -43.15
C HIS F 191 46.78 -14.31 -42.43
N GLY F 192 46.38 -14.96 -41.35
CA GLY F 192 47.17 -16.01 -40.71
C GLY F 192 47.75 -15.63 -39.37
N PHE F 193 47.64 -14.37 -38.97
CA PHE F 193 48.39 -13.84 -37.82
C PHE F 193 47.56 -13.80 -36.52
N GLU F 194 47.16 -14.97 -36.06
CA GLU F 194 46.49 -15.14 -34.76
C GLU F 194 47.57 -15.02 -33.65
N GLU F 195 48.77 -15.45 -34.00
CA GLU F 195 49.93 -15.25 -33.16
C GLU F 195 50.16 -13.77 -32.79
N VAL F 196 49.80 -12.83 -33.67
CA VAL F 196 50.14 -11.39 -33.52
C VAL F 196 49.14 -10.63 -32.65
N GLY F 197 49.68 -9.77 -31.79
CA GLY F 197 48.93 -9.08 -30.76
C GLY F 197 48.69 -7.60 -31.00
N ILE F 198 47.57 -7.12 -30.44
CA ILE F 198 47.10 -5.74 -30.60
C ILE F 198 47.26 -5.05 -29.24
N MET F 199 47.71 -3.82 -29.27
CA MET F 199 47.69 -3.00 -28.09
C MET F 199 46.96 -1.72 -28.48
N ALA F 200 45.71 -1.55 -28.08
CA ALA F 200 44.96 -0.38 -28.52
C ALA F 200 45.43 0.79 -27.75
N TYR F 201 45.65 1.90 -28.44
CA TYR F 201 45.64 3.19 -27.78
C TYR F 201 44.15 3.42 -27.62
N SER F 202 43.59 2.83 -26.57
CA SER F 202 42.14 2.78 -26.37
C SER F 202 41.63 4.14 -26.03
N ALA F 203 42.30 4.75 -25.03
CA ALA F 203 41.96 6.05 -24.46
C ALA F 203 43.05 7.06 -24.75
N LYS F 204 43.06 7.53 -26.01
CA LYS F 204 43.91 8.66 -26.43
C LYS F 204 43.08 9.95 -26.48
N TYR F 205 43.63 11.01 -25.88
CA TYR F 205 42.90 12.26 -25.60
C TYR F 205 43.39 13.40 -26.52
N ALA F 206 42.54 14.37 -26.79
CA ALA F 206 42.90 15.56 -27.60
C ALA F 206 43.81 16.55 -26.85
N SER F 207 45.05 16.16 -26.59
CA SER F 207 45.95 16.94 -25.74
C SER F 207 46.83 17.95 -26.46
N ALA F 208 47.24 19.00 -25.75
CA ALA F 208 48.33 19.87 -26.21
C ALA F 208 49.72 19.22 -26.12
N PHE F 209 49.88 18.16 -25.30
CA PHE F 209 51.20 17.52 -25.04
C PHE F 209 51.78 16.73 -26.25
N TYR F 210 51.11 16.69 -27.40
CA TYR F 210 51.64 16.01 -28.58
C TYR F 210 52.51 16.87 -29.51
N GLY F 211 52.56 18.19 -29.30
CA GLY F 211 53.21 19.13 -30.24
C GLY F 211 54.55 18.69 -30.82
N PRO F 212 55.51 18.32 -29.96
CA PRO F 212 56.80 17.81 -30.40
C PRO F 212 56.81 16.44 -31.08
N PHE F 213 55.71 15.68 -31.02
CA PHE F 213 55.54 14.50 -31.89
C PHE F 213 55.35 14.98 -33.33
N ARG F 214 54.52 16.01 -33.50
CA ARG F 214 54.24 16.53 -34.83
C ARG F 214 55.40 17.31 -35.47
N VAL F 215 56.49 17.51 -34.69
CA VAL F 215 57.82 17.92 -35.21
C VAL F 215 58.72 16.70 -35.51
N ALA F 216 58.62 15.64 -34.72
CA ALA F 216 59.41 14.43 -34.97
C ALA F 216 58.93 13.63 -36.20
N ALA F 217 57.62 13.50 -36.39
CA ALA F 217 57.05 12.64 -37.46
C ALA F 217 56.39 13.41 -38.66
N ALA F 218 56.39 14.75 -38.54
CA ALA F 218 55.70 15.70 -39.44
C ALA F 218 54.24 15.35 -39.58
N SER F 219 53.63 15.01 -38.44
CA SER F 219 52.25 14.55 -38.35
C SER F 219 51.23 15.70 -38.18
N ALA F 220 51.74 16.92 -38.02
CA ALA F 220 50.94 18.15 -37.91
C ALA F 220 49.65 18.12 -38.72
N PRO F 221 48.51 18.41 -38.08
CA PRO F 221 47.32 18.54 -38.90
C PRO F 221 47.48 19.76 -39.79
N LYS F 222 47.57 19.56 -41.10
CA LYS F 222 47.70 20.68 -42.07
C LYS F 222 46.49 21.64 -42.01
N PHE F 223 45.36 21.16 -41.47
CA PHE F 223 44.28 22.04 -41.13
C PHE F 223 43.49 21.36 -40.04
N GLY F 224 42.94 22.14 -39.12
CA GLY F 224 41.95 21.64 -38.20
C GLY F 224 42.47 20.89 -36.97
N ASP F 225 41.80 19.77 -36.66
CA ASP F 225 41.56 19.35 -35.29
C ASP F 225 41.34 17.85 -35.11
N ARG F 226 42.24 17.24 -34.32
CA ARG F 226 42.11 15.85 -33.81
C ARG F 226 40.79 15.63 -33.08
N ARG F 227 40.26 16.68 -32.46
CA ARG F 227 39.08 16.68 -31.58
C ARG F 227 37.83 15.98 -32.10
N THR F 228 37.72 15.86 -33.43
CA THR F 228 36.65 15.10 -34.12
C THR F 228 36.70 13.63 -33.73
N TYR F 229 37.90 13.12 -33.39
CA TYR F 229 38.13 11.69 -33.11
C TYR F 229 38.81 11.36 -31.75
N GLN F 230 39.87 12.06 -31.40
CA GLN F 230 40.50 11.92 -30.09
C GLN F 230 39.59 12.42 -28.93
N MET F 231 39.71 11.70 -27.81
CA MET F 231 38.80 11.84 -26.69
C MET F 231 38.85 13.23 -26.09
N ASP F 232 37.68 13.73 -25.67
CA ASP F 232 37.52 15.02 -24.97
C ASP F 232 38.15 14.97 -23.58
N PRO F 233 39.20 15.77 -23.30
CA PRO F 233 39.91 15.60 -22.04
C PRO F 233 39.12 15.91 -20.79
N ARG F 234 37.95 16.52 -20.88
CA ARG F 234 37.05 16.56 -19.71
C ARG F 234 36.50 15.20 -19.24
N ASN F 235 36.74 14.10 -19.99
CA ASN F 235 36.01 12.85 -19.76
C ASN F 235 36.85 11.67 -19.28
N ALA F 236 36.61 11.32 -18.03
CA ALA F 236 37.29 10.22 -17.40
C ALA F 236 36.54 8.93 -17.71
N TYR F 237 35.28 8.83 -17.27
CA TYR F 237 34.50 7.58 -17.43
C TYR F 237 34.26 7.18 -18.89
N GLU F 238 34.07 8.15 -19.81
CA GLU F 238 34.07 7.88 -21.27
C GLU F 238 35.17 6.88 -21.65
N ALA F 239 36.33 6.95 -21.02
CA ALA F 239 37.40 5.98 -21.26
C ALA F 239 37.12 4.59 -20.76
N LEU F 240 36.09 4.35 -19.96
CA LEU F 240 35.79 2.98 -19.56
C LEU F 240 35.06 2.26 -20.65
N LYS F 241 34.23 2.98 -21.37
CA LYS F 241 33.63 2.46 -22.57
C LYS F 241 34.70 2.23 -23.65
N GLU F 242 35.66 3.16 -23.80
CA GLU F 242 36.66 3.01 -24.88
C GLU F 242 37.53 1.75 -24.66
N VAL F 243 37.95 1.48 -23.41
CA VAL F 243 38.63 0.24 -23.04
C VAL F 243 37.74 -0.99 -23.27
N ALA F 244 36.51 -0.92 -22.79
CA ALA F 244 35.65 -2.07 -22.76
C ALA F 244 35.33 -2.56 -24.16
N MET F 245 35.10 -1.64 -25.07
CA MET F 245 34.78 -1.99 -26.43
C MET F 245 36.03 -2.58 -27.11
N ASP F 246 37.18 -1.92 -27.01
CA ASP F 246 38.44 -2.44 -27.55
C ASP F 246 38.73 -3.85 -26.99
N LEU F 247 38.44 -4.10 -25.71
CA LEU F 247 38.62 -5.43 -25.16
C LEU F 247 37.70 -6.51 -25.75
N GLU F 248 36.40 -6.24 -25.87
CA GLU F 248 35.49 -7.12 -26.63
C GLU F 248 35.97 -7.30 -28.04
N GLU F 249 36.46 -6.25 -28.67
CA GLU F 249 36.94 -6.32 -30.07
C GLU F 249 38.13 -7.28 -30.30
N GLY F 250 38.93 -7.49 -29.25
CA GLY F 250 40.04 -8.45 -29.22
C GLY F 250 41.42 -7.93 -28.80
N ALA F 251 41.48 -6.76 -28.18
CA ALA F 251 42.74 -6.27 -27.65
C ALA F 251 43.20 -7.17 -26.53
N ASP F 252 44.48 -6.97 -26.24
CA ASP F 252 45.33 -7.85 -25.45
C ASP F 252 45.99 -6.97 -24.38
N ILE F 253 46.56 -5.86 -24.82
CA ILE F 253 46.97 -4.75 -23.98
C ILE F 253 46.18 -3.50 -24.42
N VAL F 254 46.00 -2.61 -23.44
CA VAL F 254 45.16 -1.42 -23.47
C VAL F 254 46.02 -0.25 -22.93
N MET F 255 45.93 0.96 -23.50
CA MET F 255 46.73 2.10 -22.96
C MET F 255 46.00 3.43 -22.84
N VAL F 256 46.68 4.43 -22.30
CA VAL F 256 46.06 5.73 -22.03
C VAL F 256 47.05 6.83 -22.39
N LYS F 257 46.81 7.56 -23.49
CA LYS F 257 47.75 8.62 -24.00
C LYS F 257 47.01 9.97 -23.90
N PRO F 258 47.67 11.03 -23.44
CA PRO F 258 48.86 11.01 -22.61
C PRO F 258 48.66 10.33 -21.25
N ALA F 259 49.77 10.27 -20.52
CA ALA F 259 49.89 9.53 -19.27
C ALA F 259 49.89 10.48 -18.07
N LEU F 260 50.89 11.37 -17.98
CA LEU F 260 51.07 12.22 -16.79
C LEU F 260 49.81 12.98 -16.44
N ALA F 261 49.22 13.66 -17.41
CA ALA F 261 48.01 14.47 -17.15
C ALA F 261 46.72 13.67 -17.01
N TYR F 262 46.79 12.35 -17.18
CA TYR F 262 45.64 11.44 -17.14
C TYR F 262 45.91 10.27 -16.19
N LEU F 263 46.64 10.56 -15.10
CA LEU F 263 46.93 9.55 -14.09
C LEU F 263 45.69 9.02 -13.39
N ASP F 264 44.74 9.92 -13.16
CA ASP F 264 43.46 9.57 -12.53
C ASP F 264 42.63 8.66 -13.40
N VAL F 265 42.80 8.74 -14.73
CA VAL F 265 42.12 7.84 -15.67
C VAL F 265 42.77 6.48 -15.59
N ILE F 266 44.08 6.44 -15.70
CA ILE F 266 44.87 5.21 -15.47
C ILE F 266 44.37 4.45 -14.23
N ARG F 267 44.22 5.12 -13.08
CA ARG F 267 43.66 4.42 -11.90
C ARG F 267 42.24 3.94 -12.21
N LEU F 268 41.43 4.80 -12.81
CA LEU F 268 40.03 4.46 -13.05
C LEU F 268 39.84 3.21 -13.96
N VAL F 269 40.46 3.22 -15.15
CA VAL F 269 40.60 2.00 -15.99
C VAL F 269 41.14 0.82 -15.15
N LYS F 270 42.23 1.00 -14.40
CA LYS F 270 42.91 -0.16 -13.81
C LYS F 270 42.12 -0.79 -12.71
N GLN F 271 41.26 -0.02 -12.06
CA GLN F 271 40.51 -0.56 -10.97
C GLN F 271 39.19 -1.15 -11.45
N HIS F 272 38.83 -0.86 -12.71
CA HIS F 272 37.69 -1.52 -13.38
C HIS F 272 38.12 -2.72 -14.21
N PHE F 273 39.40 -2.83 -14.52
CA PHE F 273 39.94 -3.86 -15.41
C PHE F 273 41.28 -4.31 -14.84
N PRO F 274 41.24 -4.80 -13.60
CA PRO F 274 42.41 -5.34 -12.95
C PRO F 274 43.08 -6.46 -13.74
N TRP F 275 42.29 -7.20 -14.50
CA TRP F 275 42.73 -8.39 -15.22
C TRP F 275 43.29 -8.05 -16.59
N VAL F 276 43.39 -6.77 -16.94
CA VAL F 276 43.94 -6.40 -18.23
C VAL F 276 45.23 -5.68 -18.01
N PRO F 277 46.24 -6.04 -18.80
CA PRO F 277 47.50 -5.30 -18.77
C PRO F 277 47.26 -3.92 -19.24
N LEU F 278 47.63 -2.96 -18.42
CA LEU F 278 47.46 -1.56 -18.76
C LEU F 278 48.79 -1.00 -19.21
N ALA F 279 48.81 -0.10 -20.21
CA ALA F 279 50.01 0.71 -20.51
C ALA F 279 49.70 2.21 -20.53
N ALA F 280 50.70 3.07 -20.74
CA ALA F 280 50.48 4.53 -20.68
C ALA F 280 51.62 5.28 -21.35
N TYR F 281 51.32 6.39 -22.01
CA TYR F 281 52.31 7.06 -22.87
C TYR F 281 52.81 8.37 -22.28
N ASN F 282 53.99 8.33 -21.66
CA ASN F 282 54.70 9.54 -21.26
C ASN F 282 55.20 10.25 -22.52
N VAL F 283 54.43 11.24 -22.95
CA VAL F 283 54.39 11.60 -24.36
C VAL F 283 55.51 12.48 -24.90
N SER F 284 55.44 12.61 -26.22
CA SER F 284 56.02 13.68 -27.05
C SER F 284 56.37 14.94 -26.22
N GLY F 285 55.39 15.49 -25.52
CA GLY F 285 55.55 16.73 -24.75
C GLY F 285 55.92 16.70 -23.27
N GLU F 286 55.49 15.69 -22.50
CA GLU F 286 55.77 15.65 -21.03
C GLU F 286 57.26 15.57 -20.72
N TYR F 287 57.99 14.98 -21.68
CA TYR F 287 59.45 14.97 -21.79
C TYR F 287 60.01 16.36 -22.19
N SER F 288 59.45 16.90 -23.27
CA SER F 288 59.71 18.27 -23.75
C SER F 288 59.43 19.41 -22.71
N LEU F 289 58.64 19.12 -21.66
CA LEU F 289 58.45 20.03 -20.49
C LEU F 289 59.55 19.87 -19.46
N VAL F 290 59.89 18.62 -19.16
CA VAL F 290 60.94 18.30 -18.20
C VAL F 290 62.28 18.80 -18.75
N LYS F 291 62.47 18.68 -20.07
CA LYS F 291 63.69 19.15 -20.73
C LYS F 291 63.85 20.68 -20.72
N ALA F 292 62.86 21.40 -21.25
CA ALA F 292 62.93 22.86 -21.35
C ALA F 292 63.08 23.55 -19.99
N ALA F 293 62.43 23.02 -18.95
CA ALA F 293 62.46 23.58 -17.60
C ALA F 293 63.77 23.25 -16.89
N ALA F 294 64.24 22.02 -17.05
CA ALA F 294 65.55 21.59 -16.54
C ALA F 294 66.70 22.31 -17.25
N THR F 295 66.74 22.16 -18.58
CA THR F 295 67.74 22.80 -19.45
C THR F 295 67.90 24.29 -19.09
N ALA F 296 66.78 24.96 -18.83
CA ALA F 296 66.74 26.35 -18.38
C ALA F 296 66.36 26.46 -16.89
N GLY F 297 67.26 26.01 -16.03
CA GLY F 297 67.26 26.40 -14.62
C GLY F 297 66.25 25.84 -13.61
N TYR F 298 65.02 25.53 -14.03
CA TYR F 298 63.89 25.52 -13.08
C TYR F 298 63.74 24.31 -12.11
N VAL F 299 64.04 23.08 -12.55
CA VAL F 299 63.95 21.87 -11.69
C VAL F 299 65.02 20.81 -12.03
N ASP F 300 65.35 19.94 -11.08
CA ASP F 300 66.36 18.87 -11.28
C ASP F 300 65.89 17.79 -12.27
N GLU F 301 66.74 17.39 -13.23
CA GLU F 301 66.30 16.47 -14.31
C GLU F 301 65.98 15.08 -13.79
N ARG F 302 66.95 14.44 -13.12
CA ARG F 302 66.83 13.01 -12.81
C ARG F 302 65.81 12.73 -11.72
N THR F 303 65.54 13.68 -10.81
CA THR F 303 64.48 13.48 -9.80
C THR F 303 63.07 13.63 -10.41
N ILE F 304 62.86 14.68 -11.20
CA ILE F 304 61.56 14.90 -11.83
C ILE F 304 61.25 13.90 -12.95
N THR F 305 62.25 13.44 -13.71
CA THR F 305 61.97 12.37 -14.68
C THR F 305 61.56 11.14 -13.87
N LEU F 306 62.32 10.80 -12.84
CA LEU F 306 61.99 9.62 -12.08
C LEU F 306 60.62 9.76 -11.38
N GLU F 307 60.40 10.87 -10.69
CA GLU F 307 59.15 11.06 -9.95
C GLU F 307 57.95 10.90 -10.86
N ILE F 308 58.06 11.37 -12.12
CA ILE F 308 56.98 11.26 -13.12
C ILE F 308 56.74 9.84 -13.58
N LEU F 309 57.80 9.06 -13.81
CA LEU F 309 57.64 7.64 -14.18
C LEU F 309 57.10 6.80 -12.99
N THR F 310 57.54 7.13 -11.77
CA THR F 310 57.03 6.48 -10.54
C THR F 310 55.53 6.73 -10.37
N ALA F 311 55.03 7.84 -10.91
CA ALA F 311 53.60 8.15 -10.94
C ALA F 311 52.81 7.17 -11.74
N ILE F 312 53.29 6.90 -12.95
CA ILE F 312 52.48 6.19 -13.96
C ILE F 312 52.31 4.77 -13.48
N LYS F 313 53.41 4.24 -12.95
CA LYS F 313 53.37 2.97 -12.25
C LYS F 313 52.34 2.93 -11.12
N ARG F 314 52.44 3.91 -10.23
CA ARG F 314 51.58 4.03 -9.06
C ARG F 314 50.11 4.20 -9.45
N ALA F 315 49.89 4.96 -10.50
CA ALA F 315 48.55 5.23 -10.96
C ALA F 315 47.92 3.94 -11.44
N GLY F 316 48.71 3.08 -12.10
CA GLY F 316 48.23 1.73 -12.47
C GLY F 316 48.90 0.91 -13.56
N ALA F 317 49.78 1.54 -14.31
CA ALA F 317 50.18 1.03 -15.61
C ALA F 317 51.22 -0.03 -15.36
N ASP F 318 51.13 -1.16 -16.05
CA ASP F 318 52.14 -2.19 -15.96
C ASP F 318 53.27 -1.85 -16.93
N LEU F 319 52.97 -0.99 -17.94
CA LEU F 319 53.95 -0.59 -18.97
C LEU F 319 53.85 0.88 -19.31
N ILE F 320 55.00 1.50 -19.49
CA ILE F 320 55.12 2.94 -19.71
C ILE F 320 55.89 3.08 -21.00
N LEU F 321 55.38 3.88 -21.93
CA LEU F 321 56.15 4.28 -23.11
C LEU F 321 56.77 5.59 -22.74
N THR F 322 58.03 5.81 -23.07
CA THR F 322 58.72 7.06 -22.66
C THR F 322 59.84 7.33 -23.61
N TYR F 323 60.09 8.59 -23.96
CA TYR F 323 61.36 8.91 -24.65
C TYR F 323 62.47 9.20 -23.61
N HIS F 324 62.16 9.13 -22.29
CA HIS F 324 63.19 9.08 -21.22
C HIS F 324 63.77 7.67 -21.01
N ALA F 325 63.31 6.69 -21.79
CA ALA F 325 63.54 5.29 -21.46
C ALA F 325 64.93 4.96 -20.90
N LEU F 326 65.97 5.25 -21.67
CA LEU F 326 67.33 4.81 -21.33
C LEU F 326 67.85 5.54 -20.14
N GLU F 327 67.90 6.86 -20.22
CA GLU F 327 68.47 7.63 -19.13
C GLU F 327 67.82 7.26 -17.77
N ALA F 328 66.52 7.01 -17.77
CA ALA F 328 65.86 6.52 -16.55
C ALA F 328 66.27 5.08 -16.07
N ALA F 329 66.77 4.28 -17.01
CA ALA F 329 67.14 2.88 -16.77
C ALA F 329 68.56 2.74 -16.28
N LYS F 330 69.36 3.78 -16.53
CA LYS F 330 70.67 3.96 -15.89
C LYS F 330 70.55 4.67 -14.56
N TRP F 331 69.39 5.27 -14.32
CA TRP F 331 68.98 5.67 -12.98
C TRP F 331 68.51 4.42 -12.11
N ILE F 332 69.57 3.71 -11.74
CA ILE F 332 69.63 2.53 -10.87
C ILE F 332 70.49 2.99 -9.69
N LYS F 333 69.76 3.62 -8.78
CA LYS F 333 70.26 4.62 -7.82
C LYS F 333 69.02 5.43 -7.29
N GLU F 334 68.00 4.69 -6.81
CA GLU F 334 66.59 5.13 -6.79
C GLU F 334 66.24 6.30 -5.81
N GLY F 335 66.14 7.51 -6.35
CA GLY F 335 66.37 8.69 -5.55
C GLY F 335 65.13 9.22 -4.89
N LEU F 336 64.69 8.59 -3.78
CA LEU F 336 63.41 8.94 -3.06
C LEU F 336 63.50 8.39 -1.61
N MET G 1 33.34 8.97 8.24
CA MET G 1 32.43 9.69 9.19
C MET G 1 32.32 8.96 10.55
N ARG G 2 33.53 8.69 11.08
CA ARG G 2 33.79 8.40 12.51
C ARG G 2 34.38 9.68 13.15
N VAL G 3 33.62 10.76 12.98
CA VAL G 3 34.04 12.13 13.18
C VAL G 3 33.04 12.84 14.13
N GLN G 4 33.61 13.50 15.15
CA GLN G 4 32.93 13.86 16.41
C GLN G 4 32.68 15.38 16.47
N PHE G 5 31.69 15.80 17.24
CA PHE G 5 31.50 17.22 17.60
C PHE G 5 32.02 17.39 19.05
N PRO G 6 32.75 18.45 19.42
CA PRO G 6 32.81 19.78 18.79
C PRO G 6 34.11 20.10 18.07
N THR G 7 34.94 19.07 17.87
CA THR G 7 36.22 19.29 17.24
C THR G 7 35.91 19.56 15.75
N THR G 8 34.96 18.79 15.17
CA THR G 8 34.39 19.05 13.82
C THR G 8 33.00 19.71 13.88
N ARG G 9 32.94 20.92 13.34
CA ARG G 9 31.71 21.71 13.16
C ARG G 9 31.31 21.84 11.66
N PRO G 10 30.43 20.95 11.13
CA PRO G 10 29.81 21.09 9.82
C PRO G 10 29.54 22.49 9.34
N ARG G 11 29.24 23.40 10.27
CA ARG G 11 28.92 24.78 9.96
C ARG G 11 30.05 25.67 9.52
N ARG G 12 31.31 25.28 9.71
CA ARG G 12 32.41 26.15 9.30
C ARG G 12 32.38 26.37 7.80
N LEU G 13 31.86 25.37 7.09
CA LEU G 13 31.67 25.43 5.64
C LEU G 13 30.42 26.23 5.20
N ARG G 14 29.44 26.31 6.07
CA ARG G 14 28.28 27.18 5.84
C ARG G 14 28.46 28.68 6.27
N ALA G 15 29.65 29.06 6.73
CA ALA G 15 29.87 30.38 7.34
C ALA G 15 29.91 31.65 6.42
N SER G 16 29.92 31.53 5.09
CA SER G 16 29.85 32.71 4.23
C SER G 16 29.56 32.40 2.77
N LYS G 17 28.87 33.33 2.09
CA LYS G 17 28.58 33.25 0.65
C LYS G 17 29.72 32.61 -0.13
N ILE G 18 30.93 33.10 0.14
CA ILE G 18 32.14 32.72 -0.61
C ILE G 18 32.54 31.29 -0.35
N ILE G 19 32.69 30.97 0.94
CA ILE G 19 33.15 29.64 1.34
C ILE G 19 32.12 28.53 1.07
N ARG G 20 30.83 28.87 1.06
CA ARG G 20 29.81 27.93 0.57
C ARG G 20 30.00 27.64 -0.92
N ASP G 21 30.34 28.65 -1.73
CA ASP G 21 30.59 28.44 -3.16
C ASP G 21 31.87 27.71 -3.40
N ALA G 22 32.88 27.95 -2.57
CA ALA G 22 34.15 27.24 -2.69
C ALA G 22 34.05 25.76 -2.43
N VAL G 23 33.01 25.30 -1.73
CA VAL G 23 32.84 23.89 -1.40
C VAL G 23 31.57 23.24 -2.03
N ALA G 24 30.77 24.01 -2.73
CA ALA G 24 29.60 23.45 -3.35
C ALA G 24 29.98 22.33 -4.27
N GLU G 25 29.36 21.17 -4.08
CA GLU G 25 29.62 19.96 -4.88
C GLU G 25 29.24 20.08 -6.38
N THR G 26 28.53 21.15 -6.79
CA THR G 26 27.68 21.22 -7.97
C THR G 26 27.74 22.62 -8.59
N GLN G 27 27.61 22.72 -9.90
CA GLN G 27 27.25 24.02 -10.53
C GLN G 27 26.23 23.89 -11.69
N ILE G 28 25.82 25.01 -12.26
CA ILE G 28 24.97 25.02 -13.45
C ILE G 28 25.52 26.10 -14.39
N ASP G 29 25.14 26.02 -15.65
CA ASP G 29 25.24 27.14 -16.58
C ASP G 29 24.15 26.88 -17.62
N ALA G 30 24.20 27.51 -18.78
CA ALA G 30 23.25 27.18 -19.85
C ALA G 30 23.80 26.16 -20.90
N GLY G 31 25.07 25.77 -20.72
CA GLY G 31 25.64 24.65 -21.45
C GLY G 31 24.72 23.48 -21.27
N ASP G 32 24.35 23.28 -20.01
CA ASP G 32 23.51 22.17 -19.56
C ASP G 32 22.05 22.21 -20.07
N PHE G 33 21.56 23.35 -20.51
CA PHE G 33 20.16 23.46 -20.91
C PHE G 33 19.90 23.06 -22.36
N ILE G 34 18.79 22.34 -22.54
CA ILE G 34 18.18 22.06 -23.83
C ILE G 34 16.80 22.72 -23.84
N TYR G 35 16.56 23.68 -24.75
CA TYR G 35 15.30 24.44 -24.77
C TYR G 35 14.27 23.86 -25.76
N PRO G 36 13.07 23.44 -25.27
CA PRO G 36 12.03 23.01 -26.18
C PRO G 36 11.39 24.16 -26.95
N LEU G 37 11.15 23.96 -28.26
CA LEU G 37 10.39 24.88 -29.14
C LEU G 37 9.16 24.17 -29.67
N PHE G 38 7.96 24.63 -29.29
CA PHE G 38 6.74 24.19 -29.99
C PHE G 38 6.55 24.91 -31.30
N VAL G 39 6.20 24.17 -32.34
CA VAL G 39 6.26 24.63 -33.74
C VAL G 39 4.96 24.26 -34.48
N LYS G 40 4.35 25.28 -35.10
CA LYS G 40 3.03 25.22 -35.72
C LYS G 40 3.22 25.46 -37.23
N PRO G 41 2.37 24.83 -38.09
CA PRO G 41 2.56 25.06 -39.54
C PRO G 41 2.22 26.49 -40.01
N GLY G 42 1.23 27.14 -39.39
CA GLY G 42 0.90 28.54 -39.69
C GLY G 42 0.18 29.26 -38.54
N GLY G 43 -0.35 30.44 -38.85
CA GLY G 43 -0.89 31.34 -37.82
C GLY G 43 0.25 32.18 -37.26
N GLU G 44 0.13 32.57 -36.00
CA GLU G 44 1.09 33.47 -35.35
C GLU G 44 1.37 33.01 -33.90
N ARG G 45 2.27 33.68 -33.21
CA ARG G 45 2.74 33.31 -31.85
C ARG G 45 1.69 32.92 -30.72
N GLU G 46 0.90 31.85 -30.95
CA GLU G 46 -0.17 31.35 -30.02
C GLU G 46 0.27 31.30 -28.52
N PRO G 47 -0.49 31.93 -27.58
CA PRO G 47 -0.13 31.81 -26.18
C PRO G 47 -0.73 30.53 -25.62
N ILE G 48 0.06 29.85 -24.79
CA ILE G 48 -0.30 28.55 -24.27
C ILE G 48 -0.89 28.71 -22.88
N GLY G 49 -2.17 28.31 -22.78
CA GLY G 49 -3.01 28.51 -21.60
C GLY G 49 -2.37 27.99 -20.34
N PRO G 50 -2.36 26.66 -20.15
CA PRO G 50 -1.68 26.10 -18.97
C PRO G 50 -0.14 26.21 -18.92
N MET G 51 0.50 27.12 -19.67
CA MET G 51 1.95 27.31 -19.49
C MET G 51 2.14 28.35 -18.36
N PRO G 52 2.49 29.64 -18.52
CA PRO G 52 2.41 30.44 -19.69
C PRO G 52 3.85 30.68 -20.18
N GLY G 53 4.27 31.93 -20.45
CA GLY G 53 5.63 32.20 -20.93
C GLY G 53 5.94 31.70 -22.33
N ILE G 54 5.56 30.45 -22.61
CA ILE G 54 5.99 29.68 -23.78
C ILE G 54 4.91 29.87 -24.83
N TYR G 55 5.32 29.80 -26.11
CA TYR G 55 4.48 30.01 -27.28
C TYR G 55 4.61 28.87 -28.31
N ARG G 56 3.88 28.97 -29.42
CA ARG G 56 3.95 28.00 -30.53
C ARG G 56 4.58 28.55 -31.83
N TRP G 57 5.68 29.28 -31.68
CA TRP G 57 6.48 29.81 -32.81
C TRP G 57 6.33 29.12 -34.17
N PRO G 58 5.45 29.62 -35.05
CA PRO G 58 5.29 28.99 -36.36
C PRO G 58 6.48 29.33 -37.24
N VAL G 59 6.87 28.41 -38.12
CA VAL G 59 8.20 28.50 -38.77
C VAL G 59 8.26 29.63 -39.80
N GLY G 60 8.40 30.83 -39.23
CA GLY G 60 8.56 32.10 -39.95
C GLY G 60 9.75 32.82 -39.32
N ARG G 61 9.67 34.13 -39.15
CA ARG G 61 10.82 34.88 -38.66
C ARG G 61 10.93 34.97 -37.11
N GLU G 62 10.18 34.14 -36.39
CA GLU G 62 10.43 33.94 -34.95
C GLU G 62 11.58 32.94 -34.70
N LEU G 63 12.16 32.42 -35.78
CA LEU G 63 13.57 32.04 -35.84
C LEU G 63 14.53 33.01 -35.14
N ILE G 64 14.80 34.17 -35.75
CA ILE G 64 15.73 35.18 -35.15
C ILE G 64 15.12 35.69 -33.84
N ASN G 65 13.82 35.96 -33.89
CA ASN G 65 13.11 36.55 -32.77
C ASN G 65 13.23 35.69 -31.49
N HIS G 66 13.37 34.36 -31.62
CA HIS G 66 13.52 33.53 -30.44
C HIS G 66 14.80 32.76 -30.30
N VAL G 67 15.24 32.11 -31.38
CA VAL G 67 16.44 31.27 -31.33
C VAL G 67 17.70 32.13 -31.21
N GLU G 68 17.73 33.31 -31.81
CA GLU G 68 18.87 34.23 -31.67
C GLU G 68 18.91 34.78 -30.24
N GLU G 69 17.72 35.13 -29.74
CA GLU G 69 17.53 35.58 -28.37
C GLU G 69 18.19 34.59 -27.43
N ALA G 70 17.78 33.32 -27.55
CA ALA G 70 18.28 32.22 -26.73
C ALA G 70 19.76 32.05 -26.91
N LEU G 71 20.19 31.90 -28.15
CA LEU G 71 21.61 31.72 -28.49
C LEU G 71 22.48 32.77 -27.81
N SER G 72 22.05 34.03 -27.89
CA SER G 72 22.70 35.13 -27.16
C SER G 72 22.94 34.81 -25.69
N LEU G 73 21.92 34.24 -25.02
CA LEU G 73 22.00 33.85 -23.59
C LEU G 73 22.99 32.70 -23.23
N GLY G 74 23.42 31.92 -24.21
CA GLY G 74 24.28 30.76 -23.98
C GLY G 74 23.62 29.46 -24.40
N ILE G 75 22.29 29.43 -24.34
CA ILE G 75 21.47 28.31 -24.81
C ILE G 75 21.73 28.07 -26.28
N ASN G 76 22.09 26.86 -26.65
CA ASN G 76 22.42 26.57 -28.02
C ASN G 76 22.02 25.16 -28.40
N LYS G 77 20.87 24.72 -27.91
CA LYS G 77 20.38 23.39 -28.20
C LYS G 77 18.89 23.34 -27.93
N PHE G 78 18.23 22.64 -28.84
CA PHE G 78 16.82 22.78 -29.06
C PHE G 78 16.22 21.45 -29.45
N ILE G 79 15.06 21.18 -28.85
CA ILE G 79 14.28 20.01 -29.16
C ILE G 79 12.94 20.55 -29.65
N LEU G 80 12.49 20.01 -30.80
CA LEU G 80 11.35 20.53 -31.56
C LEU G 80 10.14 19.58 -31.49
N PHE G 81 8.96 20.17 -31.36
CA PHE G 81 7.73 19.43 -31.18
C PHE G 81 6.67 19.94 -32.13
N GLY G 82 6.40 19.20 -33.20
CA GLY G 82 5.26 19.51 -34.03
C GLY G 82 4.01 19.59 -33.16
N VAL G 83 3.27 20.67 -33.31
CA VAL G 83 1.89 20.77 -32.85
C VAL G 83 1.05 21.04 -34.09
N LEU G 84 0.04 20.22 -34.33
CA LEU G 84 -0.79 20.45 -35.53
C LEU G 84 -2.29 20.08 -35.32
N PRO G 85 -3.22 20.61 -36.19
CA PRO G 85 -4.71 20.51 -35.98
C PRO G 85 -5.41 19.28 -36.58
N ASP G 86 -6.55 18.90 -35.98
CA ASP G 86 -7.25 17.62 -36.30
C ASP G 86 -7.35 17.35 -37.80
N GLU G 87 -7.77 18.41 -38.51
CA GLU G 87 -7.65 18.57 -39.98
C GLU G 87 -6.71 17.53 -40.57
N LEU G 88 -5.43 17.57 -40.17
CA LEU G 88 -4.42 16.70 -40.77
C LEU G 88 -3.82 15.73 -39.74
N LYS G 89 -4.71 15.04 -39.02
CA LYS G 89 -4.32 13.97 -38.08
C LYS G 89 -5.10 12.70 -38.39
N ASN G 90 -4.38 11.66 -38.77
CA ASN G 90 -4.96 10.33 -39.08
C ASN G 90 -4.50 9.24 -38.05
N PRO G 91 -5.12 8.04 -38.08
CA PRO G 91 -4.84 7.08 -37.01
C PRO G 91 -3.46 6.37 -37.08
N GLU G 92 -2.64 6.75 -38.07
CA GLU G 92 -1.25 6.35 -38.10
C GLU G 92 -0.40 7.57 -38.35
N GLY G 93 -0.63 8.64 -37.61
CA GLY G 93 0.23 9.83 -37.64
C GLY G 93 1.19 10.06 -38.82
N THR G 94 0.60 10.11 -40.02
CA THR G 94 1.22 10.53 -41.32
C THR G 94 2.18 11.72 -41.24
N GLY G 95 1.76 12.75 -40.50
CA GLY G 95 2.51 14.00 -40.33
C GLY G 95 3.84 13.83 -39.64
N GLY G 96 4.02 12.69 -38.96
CA GLY G 96 5.30 12.28 -38.41
C GLY G 96 6.32 12.00 -39.49
N TYR G 97 5.92 11.55 -40.68
CA TYR G 97 6.87 11.09 -41.74
C TYR G 97 6.59 11.64 -43.17
N ASP G 98 5.98 12.83 -43.19
CA ASP G 98 5.77 13.60 -44.42
C ASP G 98 6.93 14.65 -44.46
N PRO G 99 7.78 14.62 -45.50
CA PRO G 99 8.97 15.49 -45.49
C PRO G 99 8.69 16.98 -45.63
N GLU G 100 7.52 17.38 -46.12
CA GLU G 100 7.18 18.81 -46.24
C GLU G 100 6.58 19.34 -44.94
N GLY G 101 6.61 18.54 -43.87
CA GLY G 101 5.74 18.68 -42.72
C GLY G 101 6.17 19.78 -41.79
N VAL G 102 5.61 19.76 -40.59
CA VAL G 102 5.68 20.93 -39.70
C VAL G 102 7.07 21.09 -39.12
N VAL G 103 7.52 20.02 -38.46
CA VAL G 103 8.84 19.97 -37.83
C VAL G 103 10.00 19.80 -38.83
N PRO G 104 9.85 18.92 -39.85
CA PRO G 104 10.97 18.83 -40.81
C PRO G 104 11.21 20.09 -41.64
N ARG G 105 10.26 21.03 -41.63
CA ARG G 105 10.49 22.41 -42.10
C ARG G 105 11.34 23.16 -41.06
N ALA G 106 10.90 23.17 -39.81
CA ALA G 106 11.64 23.84 -38.74
C ALA G 106 13.10 23.44 -38.64
N ILE G 107 13.45 22.21 -39.04
CA ILE G 107 14.87 21.77 -39.05
C ILE G 107 15.65 22.49 -40.17
N ARG G 108 15.13 22.41 -41.41
CA ARG G 108 15.78 22.99 -42.63
C ARG G 108 16.07 24.46 -42.46
N LEU G 109 15.10 25.16 -41.90
CA LEU G 109 15.20 26.58 -41.71
C LEU G 109 16.24 26.88 -40.67
N ILE G 110 16.05 26.35 -39.47
CA ILE G 110 16.91 26.68 -38.33
C ILE G 110 18.39 26.37 -38.68
N LYS G 111 18.63 25.34 -39.50
CA LYS G 111 20.00 24.97 -39.96
C LYS G 111 20.51 25.76 -41.19
N GLU G 112 19.60 26.37 -41.94
CA GLU G 112 19.94 27.31 -43.03
C GLU G 112 20.68 28.52 -42.46
N ILE G 113 19.99 29.22 -41.57
CA ILE G 113 20.39 30.57 -41.14
C ILE G 113 21.00 30.51 -39.73
N PHE G 114 21.80 29.46 -39.48
CA PHE G 114 22.56 29.23 -38.23
C PHE G 114 23.68 28.22 -38.47
N GLY G 115 23.32 27.04 -38.98
CA GLY G 115 24.30 25.98 -39.24
C GLY G 115 24.80 25.36 -37.95
N ASP G 116 26.05 24.93 -37.95
CA ASP G 116 26.66 24.32 -36.75
C ASP G 116 26.80 25.27 -35.54
N ARG G 117 26.20 26.45 -35.62
CA ARG G 117 25.99 27.33 -34.45
C ARG G 117 24.98 26.78 -33.39
N VAL G 118 23.98 26.04 -33.86
CA VAL G 118 22.96 25.50 -32.99
C VAL G 118 22.95 23.98 -33.18
N LEU G 119 22.32 23.28 -32.24
CA LEU G 119 22.17 21.80 -32.27
C LEU G 119 20.67 21.45 -32.21
N VAL G 120 20.28 20.48 -33.01
CA VAL G 120 18.86 20.18 -33.19
C VAL G 120 18.50 18.72 -32.87
N PHE G 121 17.75 18.59 -31.78
CA PHE G 121 17.08 17.36 -31.36
C PHE G 121 15.65 17.37 -31.90
N ALA G 122 15.26 16.30 -32.57
CA ALA G 122 13.87 16.14 -33.01
C ALA G 122 13.20 15.16 -32.08
N ASP G 123 12.07 15.53 -31.47
CA ASP G 123 11.26 14.57 -30.70
C ASP G 123 10.76 13.52 -31.68
N VAL G 124 10.73 12.24 -31.29
CA VAL G 124 10.29 11.16 -32.20
C VAL G 124 9.15 10.33 -31.63
N CYS G 125 7.95 10.85 -31.86
CA CYS G 125 6.79 10.17 -31.43
C CYS G 125 5.65 10.55 -32.35
N LEU G 126 4.60 9.73 -32.29
CA LEU G 126 3.36 9.90 -33.03
C LEU G 126 2.18 10.57 -32.25
N CYS G 127 2.34 10.89 -30.96
CA CYS G 127 1.21 11.44 -30.16
C CYS G 127 0.87 12.87 -30.50
N GLU G 128 1.84 13.62 -30.99
CA GLU G 128 1.53 14.95 -31.52
C GLU G 128 0.83 14.87 -32.89
N TYR G 129 0.83 13.70 -33.51
CA TYR G 129 0.36 13.53 -34.89
C TYR G 129 -0.84 12.58 -35.10
N THR G 130 -1.29 11.91 -34.04
CA THR G 130 -2.34 10.92 -34.17
C THR G 130 -3.67 11.47 -33.72
N ASP G 131 -4.60 11.44 -34.66
CA ASP G 131 -6.02 11.15 -34.46
C ASP G 131 -6.53 10.87 -33.01
N HIS G 132 -5.98 9.86 -32.35
CA HIS G 132 -6.47 9.37 -31.05
C HIS G 132 -5.68 9.81 -29.83
N GLY G 133 -4.45 10.28 -30.03
CA GLY G 133 -3.63 10.84 -28.94
C GLY G 133 -2.46 9.99 -28.45
N HIS G 134 -2.60 8.67 -28.54
CA HIS G 134 -1.56 7.71 -28.15
C HIS G 134 -0.28 7.81 -28.96
N CYS G 135 0.80 7.38 -28.32
CA CYS G 135 2.18 7.57 -28.81
C CYS G 135 2.54 6.60 -29.90
N GLY G 136 1.76 5.51 -29.95
CA GLY G 136 1.80 4.60 -31.04
C GLY G 136 0.46 4.42 -31.71
N VAL G 137 0.50 3.46 -32.62
CA VAL G 137 -0.62 2.92 -33.38
C VAL G 137 -1.43 1.95 -32.50
N VAL G 138 -2.76 2.12 -32.47
CA VAL G 138 -3.64 1.34 -31.63
C VAL G 138 -4.18 0.22 -32.47
N LYS G 139 -4.40 -0.94 -31.86
CA LYS G 139 -5.09 -2.07 -32.48
C LYS G 139 -6.05 -2.60 -31.43
N GLU G 140 -6.88 -3.57 -31.79
CA GLU G 140 -7.75 -4.23 -30.83
C GLU G 140 -7.71 -5.71 -31.15
N LYS G 141 -7.42 -6.53 -30.15
CA LYS G 141 -7.70 -7.96 -30.21
C LYS G 141 -8.59 -8.30 -28.99
N ARG G 142 -8.65 -9.59 -28.63
CA ARG G 142 -9.67 -10.16 -27.71
C ARG G 142 -10.71 -9.17 -27.07
N ASP G 143 -10.38 -8.64 -25.89
CA ASP G 143 -11.30 -7.81 -25.12
C ASP G 143 -11.21 -6.36 -25.59
N ARG G 144 -10.00 -5.81 -25.56
CA ARG G 144 -9.77 -4.38 -25.51
C ARG G 144 -8.72 -3.89 -26.52
N TRP G 145 -8.36 -2.60 -26.43
CA TRP G 145 -7.31 -1.97 -27.21
C TRP G 145 -5.91 -2.21 -26.65
N TYR G 146 -4.95 -2.17 -27.54
CA TYR G 146 -3.57 -2.31 -27.17
C TYR G 146 -2.78 -1.50 -28.15
N VAL G 147 -1.96 -0.56 -27.69
CA VAL G 147 -1.09 0.19 -28.59
C VAL G 147 0.04 -0.75 -29.07
N ASP G 148 -0.20 -1.48 -30.17
CA ASP G 148 0.76 -2.41 -30.80
C ASP G 148 2.10 -1.74 -30.92
N ASN G 149 3.11 -2.46 -30.48
CA ASN G 149 4.43 -1.93 -30.32
C ASN G 149 5.14 -2.06 -31.61
N ASP G 150 5.16 -3.30 -32.11
CA ASP G 150 6.09 -3.70 -33.15
C ASP G 150 5.87 -2.95 -34.47
N GLU G 151 4.62 -2.62 -34.81
CA GLU G 151 4.38 -1.72 -35.95
C GLU G 151 4.74 -0.27 -35.63
N THR G 152 4.31 0.22 -34.48
CA THR G 152 4.60 1.59 -34.05
C THR G 152 6.06 1.99 -34.27
N ILE G 153 6.95 1.14 -33.75
CA ILE G 153 8.42 1.26 -33.84
C ILE G 153 8.95 1.68 -35.21
N LYS G 154 8.45 1.03 -36.26
CA LYS G 154 8.90 1.24 -37.65
C LYS G 154 8.49 2.62 -38.14
N LEU G 155 7.39 3.12 -37.60
CA LEU G 155 6.95 4.48 -37.89
C LEU G 155 7.89 5.47 -37.22
N TYR G 156 8.29 5.18 -35.98
CA TYR G 156 9.27 6.03 -35.29
C TYR G 156 10.56 6.13 -36.13
N ALA G 157 10.94 5.03 -36.78
CA ALA G 157 12.13 4.98 -37.65
C ALA G 157 11.97 5.88 -38.87
N LYS G 158 10.84 5.75 -39.57
CA LYS G 158 10.51 6.65 -40.68
C LYS G 158 10.63 8.10 -40.24
N GLU G 159 10.01 8.43 -39.12
CA GLU G 159 10.12 9.78 -38.54
C GLU G 159 11.54 10.24 -38.50
N ALA G 160 12.38 9.40 -37.88
CA ALA G 160 13.78 9.73 -37.64
C ALA G 160 14.57 9.91 -38.92
N VAL G 161 14.43 8.96 -39.83
CA VAL G 161 15.12 9.02 -41.11
C VAL G 161 14.75 10.30 -41.88
N VAL G 162 13.51 10.78 -41.69
CA VAL G 162 13.07 12.04 -42.32
C VAL G 162 13.70 13.21 -41.61
N TYR G 163 13.50 13.28 -40.30
CA TYR G 163 13.96 14.45 -39.58
C TYR G 163 15.47 14.61 -39.62
N ALA G 164 16.17 13.51 -39.90
CA ALA G 164 17.62 13.53 -40.13
C ALA G 164 18.07 14.06 -41.53
N GLU G 165 17.36 13.66 -42.59
CA GLU G 165 17.56 14.19 -43.97
C GLU G 165 17.31 15.68 -44.01
N ALA G 166 16.26 16.08 -43.29
CA ALA G 166 15.92 17.48 -43.12
C ALA G 166 16.92 18.33 -42.29
N GLY G 167 17.95 17.71 -41.70
CA GLY G 167 19.06 18.44 -41.04
C GLY G 167 19.42 18.05 -39.62
N ALA G 168 18.61 17.18 -38.98
CA ALA G 168 18.72 16.94 -37.54
C ALA G 168 20.01 16.23 -37.18
N ASP G 169 20.46 16.54 -35.96
CA ASP G 169 21.68 16.00 -35.41
C ASP G 169 21.29 14.91 -34.43
N PHE G 170 20.23 15.13 -33.65
CA PHE G 170 19.69 14.10 -32.75
C PHE G 170 18.20 13.84 -32.97
N VAL G 171 17.73 12.78 -32.35
CA VAL G 171 16.48 12.18 -32.68
C VAL G 171 16.06 11.52 -31.37
N ALA G 172 14.99 11.97 -30.72
CA ALA G 172 14.68 11.50 -29.36
C ALA G 172 13.35 10.74 -29.19
N PRO G 173 13.38 9.39 -29.17
CA PRO G 173 12.09 8.66 -29.08
C PRO G 173 11.43 8.72 -27.68
N SER G 174 10.19 9.19 -27.62
CA SER G 174 9.49 9.51 -26.35
C SER G 174 8.22 8.68 -26.11
N GLY G 175 8.05 7.63 -26.93
CA GLY G 175 6.86 6.79 -26.92
C GLY G 175 7.01 5.59 -26.02
N MET G 176 8.23 5.34 -25.57
CA MET G 176 8.47 4.27 -24.64
C MET G 176 8.00 2.95 -25.24
N MET G 177 8.39 2.74 -26.49
CA MET G 177 8.12 1.50 -27.22
C MET G 177 9.36 0.58 -27.12
N ASP G 178 9.14 -0.70 -26.81
CA ASP G 178 10.25 -1.63 -26.59
C ASP G 178 10.82 -1.99 -27.93
N GLY G 179 12.11 -1.81 -28.10
CA GLY G 179 12.76 -2.08 -29.38
C GLY G 179 13.02 -0.83 -30.20
N GLN G 180 12.58 0.32 -29.67
CA GLN G 180 12.49 1.56 -30.45
C GLN G 180 13.87 2.06 -30.84
N VAL G 181 14.82 2.06 -29.90
CA VAL G 181 16.15 2.62 -30.16
C VAL G 181 16.85 1.87 -31.28
N ARG G 182 16.74 0.55 -31.23
CA ARG G 182 17.35 -0.33 -32.22
C ARG G 182 16.79 -0.05 -33.62
N GLU G 183 15.45 -0.05 -33.72
CA GLU G 183 14.81 0.04 -35.03
C GLU G 183 14.99 1.43 -35.61
N ILE G 184 15.12 2.45 -34.75
CA ILE G 184 15.54 3.75 -35.25
C ILE G 184 16.99 3.73 -35.69
N ARG G 185 17.88 3.38 -34.79
CA ARG G 185 19.31 3.33 -35.06
C ARG G 185 19.55 2.62 -36.38
N ARG G 186 18.94 1.47 -36.55
CA ARG G 186 19.09 0.68 -37.77
C ARG G 186 18.68 1.42 -38.99
N ALA G 187 17.49 2.04 -38.97
CA ALA G 187 17.04 2.84 -40.07
C ALA G 187 18.12 3.88 -40.37
N LEU G 188 18.30 4.88 -39.52
CA LEU G 188 19.32 5.92 -39.76
C LEU G 188 20.58 5.39 -40.43
N ASP G 189 21.09 4.24 -39.97
CA ASP G 189 22.35 3.65 -40.51
C ASP G 189 22.21 3.07 -41.92
N ALA G 190 21.05 2.52 -42.26
CA ALA G 190 20.79 2.05 -43.61
C ALA G 190 20.84 3.24 -44.55
N HIS G 191 20.38 4.41 -44.09
CA HIS G 191 20.29 5.58 -44.95
C HIS G 191 21.53 6.49 -44.89
N GLY G 192 22.68 5.95 -44.46
CA GLY G 192 23.95 6.71 -44.39
C GLY G 192 24.15 7.64 -43.18
N PHE G 193 23.14 7.74 -42.32
CA PHE G 193 23.13 8.64 -41.16
C PHE G 193 23.76 8.04 -39.89
N GLU G 194 24.66 7.05 -40.03
CA GLU G 194 25.77 6.77 -39.08
C GLU G 194 26.11 7.89 -38.07
N GLU G 195 26.22 9.12 -38.57
CA GLU G 195 26.58 10.29 -37.78
C GLU G 195 25.50 10.83 -36.89
N VAL G 196 24.25 10.43 -37.10
CA VAL G 196 23.08 11.06 -36.45
C VAL G 196 22.65 10.27 -35.20
N GLY G 197 22.71 10.92 -34.02
CA GLY G 197 22.60 10.21 -32.73
C GLY G 197 21.19 10.09 -32.20
N ILE G 198 21.02 9.22 -31.20
CA ILE G 198 19.72 9.03 -30.51
C ILE G 198 19.78 9.47 -29.04
N MET G 199 18.78 10.23 -28.60
CA MET G 199 18.62 10.59 -27.20
C MET G 199 17.42 9.85 -26.64
N ALA G 200 17.61 8.60 -26.25
CA ALA G 200 16.51 7.79 -25.70
C ALA G 200 15.86 8.32 -24.43
N TYR G 201 14.60 8.80 -24.53
CA TYR G 201 13.73 8.96 -23.35
C TYR G 201 13.52 7.52 -22.91
N SER G 202 14.45 7.01 -22.10
CA SER G 202 14.56 5.59 -21.87
C SER G 202 13.81 5.16 -20.63
N ALA G 203 13.94 5.95 -19.56
CA ALA G 203 13.19 5.75 -18.33
C ALA G 203 12.19 6.88 -18.17
N LYS G 204 11.14 6.81 -19.02
CA LYS G 204 10.04 7.78 -19.07
C LYS G 204 8.80 7.25 -18.36
N TYR G 205 8.20 8.08 -17.55
CA TYR G 205 7.28 7.61 -16.52
C TYR G 205 5.83 8.05 -16.77
N ALA G 206 4.86 7.18 -16.45
CA ALA G 206 3.42 7.54 -16.47
C ALA G 206 3.05 8.62 -15.45
N SER G 207 3.13 9.88 -15.86
CA SER G 207 3.18 10.97 -14.92
C SER G 207 2.01 11.96 -14.97
N ALA G 208 1.61 12.43 -13.79
CA ALA G 208 0.63 13.52 -13.66
C ALA G 208 1.18 14.89 -14.03
N PHE G 209 2.50 15.05 -14.18
CA PHE G 209 3.07 16.33 -14.53
C PHE G 209 2.97 16.69 -16.03
N TYR G 210 2.19 15.92 -16.79
CA TYR G 210 2.05 16.15 -18.22
C TYR G 210 0.81 16.93 -18.69
N GLY G 211 -0.10 17.37 -17.81
CA GLY G 211 -1.28 18.12 -18.29
C GLY G 211 -0.85 19.25 -19.23
N PRO G 212 0.04 20.15 -18.75
CA PRO G 212 0.51 21.34 -19.53
C PRO G 212 1.33 21.19 -20.85
N PHE G 213 1.62 19.95 -21.26
CA PHE G 213 2.16 19.62 -22.60
C PHE G 213 1.06 19.01 -23.45
N ARG G 214 0.26 18.12 -22.84
CA ARG G 214 -1.00 17.65 -23.44
C ARG G 214 -1.85 18.81 -24.05
N VAL G 215 -1.85 19.96 -23.37
CA VAL G 215 -2.53 21.16 -23.90
C VAL G 215 -1.65 21.93 -24.91
N ALA G 216 -0.35 22.00 -24.67
CA ALA G 216 0.59 22.68 -25.58
C ALA G 216 0.76 22.02 -26.97
N ALA G 217 0.65 20.68 -27.03
CA ALA G 217 0.87 19.89 -28.26
C ALA G 217 -0.37 19.17 -28.86
N ALA G 218 -1.46 19.11 -28.08
CA ALA G 218 -2.74 18.48 -28.46
C ALA G 218 -2.63 16.97 -28.45
N SER G 219 -1.97 16.50 -27.39
CA SER G 219 -1.50 15.12 -27.26
C SER G 219 -2.34 14.23 -26.32
N ALA G 220 -3.12 14.86 -25.45
CA ALA G 220 -4.12 14.19 -24.63
C ALA G 220 -4.72 12.97 -25.33
N PRO G 221 -4.68 11.79 -24.71
CA PRO G 221 -5.28 10.64 -25.37
C PRO G 221 -6.81 10.60 -25.25
N LYS G 222 -7.52 10.51 -26.38
CA LYS G 222 -9.00 10.45 -26.40
C LYS G 222 -9.55 9.26 -25.61
N PHE G 223 -8.86 8.12 -25.60
CA PHE G 223 -9.24 6.98 -24.74
C PHE G 223 -8.12 6.56 -23.77
N GLY G 224 -8.44 6.56 -22.48
CA GLY G 224 -7.57 5.98 -21.45
C GLY G 224 -6.29 6.74 -21.22
N ASP G 225 -5.22 5.99 -20.91
CA ASP G 225 -3.94 6.48 -20.31
C ASP G 225 -2.69 5.99 -21.09
N ARG G 226 -1.50 6.36 -20.63
CA ARG G 226 -0.26 5.81 -21.18
C ARG G 226 0.34 4.71 -20.26
N ARG G 227 -0.43 4.09 -19.38
CA ARG G 227 0.11 3.23 -18.34
C ARG G 227 0.76 1.95 -18.85
N THR G 228 0.34 1.52 -20.04
CA THR G 228 0.80 0.28 -20.69
C THR G 228 2.01 0.42 -21.60
N TYR G 229 2.56 1.66 -21.70
CA TYR G 229 3.93 1.93 -22.23
C TYR G 229 4.83 2.76 -21.28
N GLN G 230 4.37 3.89 -20.77
CA GLN G 230 5.11 4.65 -19.75
C GLN G 230 5.15 3.88 -18.41
N MET G 231 6.24 4.06 -17.66
CA MET G 231 6.55 3.15 -16.55
C MET G 231 5.86 3.63 -15.30
N ASP G 232 5.23 2.69 -14.63
CA ASP G 232 4.81 2.83 -13.23
C ASP G 232 5.80 3.65 -12.38
N PRO G 233 5.41 4.83 -11.86
CA PRO G 233 6.36 5.57 -11.00
C PRO G 233 6.63 4.98 -9.62
N ARG G 234 5.86 3.99 -9.19
CA ARG G 234 6.32 3.04 -8.16
C ARG G 234 7.74 2.39 -8.41
N ASN G 235 8.10 2.13 -9.66
CA ASN G 235 9.34 1.38 -9.99
C ASN G 235 10.60 2.23 -10.29
N ALA G 236 11.66 2.10 -9.50
CA ALA G 236 12.95 2.75 -9.82
C ALA G 236 13.97 1.82 -10.50
N TYR G 237 14.27 0.69 -9.87
CA TYR G 237 15.20 -0.25 -10.49
C TYR G 237 14.80 -0.65 -11.94
N GLU G 238 13.51 -0.85 -12.22
CA GLU G 238 13.06 -1.06 -13.59
C GLU G 238 13.83 -0.12 -14.52
N ALA G 239 14.15 1.11 -14.09
CA ALA G 239 14.82 2.11 -14.97
C ALA G 239 16.22 1.70 -15.42
N LEU G 240 16.89 0.92 -14.58
CA LEU G 240 18.18 0.40 -14.94
C LEU G 240 18.11 -0.60 -16.11
N LYS G 241 17.01 -1.35 -16.20
CA LYS G 241 16.73 -2.26 -17.34
C LYS G 241 16.42 -1.48 -18.59
N GLU G 242 15.65 -0.41 -18.41
CA GLU G 242 15.28 0.42 -19.52
C GLU G 242 16.54 1.05 -20.06
N VAL G 243 17.33 1.74 -19.24
CA VAL G 243 18.63 2.33 -19.68
C VAL G 243 19.64 1.31 -20.28
N ALA G 244 19.79 0.18 -19.60
CA ALA G 244 20.56 -0.91 -20.13
C ALA G 244 20.18 -1.28 -21.59
N MET G 245 18.94 -1.63 -21.85
CA MET G 245 18.61 -2.02 -23.22
C MET G 245 18.80 -0.81 -24.17
N ASP G 246 18.20 0.33 -23.88
CA ASP G 246 18.39 1.53 -24.72
C ASP G 246 19.90 1.79 -25.04
N LEU G 247 20.84 1.52 -24.16
CA LEU G 247 22.22 1.76 -24.57
C LEU G 247 22.77 0.73 -25.57
N GLU G 248 22.55 -0.56 -25.25
CA GLU G 248 22.95 -1.69 -26.10
C GLU G 248 22.46 -1.57 -27.51
N GLU G 249 21.27 -0.98 -27.67
CA GLU G 249 20.60 -0.82 -28.97
C GLU G 249 21.28 0.28 -29.81
N GLY G 250 21.48 1.43 -29.23
CA GLY G 250 22.52 2.34 -29.72
C GLY G 250 22.56 3.75 -29.17
N ALA G 251 21.82 3.97 -28.09
CA ALA G 251 21.49 5.30 -27.66
C ALA G 251 22.79 5.93 -27.20
N ASP G 252 22.95 7.21 -27.54
CA ASP G 252 24.18 7.92 -27.27
C ASP G 252 24.09 8.63 -25.96
N ILE G 253 22.93 9.22 -25.75
CA ILE G 253 22.53 9.81 -24.49
C ILE G 253 21.27 9.10 -23.99
N VAL G 254 21.01 9.12 -22.68
CA VAL G 254 19.72 8.66 -22.12
C VAL G 254 19.13 9.73 -21.22
N MET G 255 17.88 9.56 -20.83
CA MET G 255 17.25 10.52 -19.94
C MET G 255 16.09 9.93 -19.15
N VAL G 256 15.72 10.68 -18.11
CA VAL G 256 14.62 10.31 -17.21
C VAL G 256 13.57 11.42 -17.26
N LYS G 257 12.32 11.08 -17.59
CA LYS G 257 11.23 12.05 -17.72
C LYS G 257 10.08 11.53 -16.88
N PRO G 258 9.53 12.34 -15.95
CA PRO G 258 10.00 13.68 -15.56
C PRO G 258 11.25 13.67 -14.72
N ALA G 259 11.73 14.85 -14.32
CA ALA G 259 13.00 15.00 -13.58
C ALA G 259 12.86 15.22 -12.08
N LEU G 260 12.12 16.27 -11.70
CA LEU G 260 12.06 16.74 -10.31
C LEU G 260 11.57 15.67 -9.37
N ALA G 261 10.49 14.98 -9.71
CA ALA G 261 10.01 13.91 -8.82
C ALA G 261 10.70 12.52 -9.01
N TYR G 262 11.78 12.49 -9.78
CA TYR G 262 12.50 11.26 -10.11
C TYR G 262 14.02 11.48 -9.94
N LEU G 263 14.36 12.34 -9.00
CA LEU G 263 15.73 12.75 -8.83
C LEU G 263 16.44 11.56 -8.30
N ASP G 264 15.74 10.78 -7.49
CA ASP G 264 16.32 9.54 -6.99
C ASP G 264 16.61 8.53 -8.12
N VAL G 265 15.75 8.47 -9.13
CA VAL G 265 15.99 7.60 -10.29
C VAL G 265 17.17 8.16 -11.08
N ILE G 266 17.23 9.47 -11.28
CA ILE G 266 18.40 10.08 -11.92
C ILE G 266 19.71 9.61 -11.27
N ARG G 267 19.78 9.72 -9.95
CA ARG G 267 20.94 9.26 -9.22
C ARG G 267 21.11 7.78 -9.48
N LEU G 268 20.12 6.95 -9.12
CA LEU G 268 20.19 5.47 -9.32
C LEU G 268 20.77 5.05 -10.70
N VAL G 269 20.32 5.73 -11.73
CA VAL G 269 20.79 5.45 -13.09
C VAL G 269 22.21 5.92 -13.28
N LYS G 270 22.53 7.11 -12.78
CA LYS G 270 23.86 7.68 -13.00
C LYS G 270 24.90 6.90 -12.23
N GLN G 271 24.51 6.32 -11.11
CA GLN G 271 25.47 5.58 -10.36
C GLN G 271 25.71 4.23 -10.98
N HIS G 272 24.74 3.70 -11.72
CA HIS G 272 25.01 2.44 -12.44
C HIS G 272 25.69 2.62 -13.84
N PHE G 273 25.50 3.80 -14.45
CA PHE G 273 25.96 4.10 -15.82
C PHE G 273 26.70 5.44 -15.84
N PRO G 274 27.84 5.51 -15.09
CA PRO G 274 28.65 6.71 -14.96
C PRO G 274 29.27 7.25 -16.25
N TRP G 275 29.38 6.39 -17.27
CA TRP G 275 30.05 6.68 -18.56
C TRP G 275 29.12 7.16 -19.70
N VAL G 276 27.84 6.84 -19.63
CA VAL G 276 26.86 7.49 -20.51
C VAL G 276 26.60 8.92 -20.07
N PRO G 277 26.23 9.81 -21.00
CA PRO G 277 25.63 11.08 -20.55
C PRO G 277 24.19 10.83 -20.18
N LEU G 278 23.75 11.56 -19.16
CA LEU G 278 22.41 11.46 -18.63
C LEU G 278 21.71 12.81 -18.85
N ALA G 279 20.50 12.81 -19.40
CA ALA G 279 19.69 14.02 -19.51
C ALA G 279 18.42 13.90 -18.65
N ALA G 280 17.74 15.00 -18.39
CA ALA G 280 16.49 14.95 -17.61
C ALA G 280 15.55 16.09 -18.02
N TYR G 281 14.32 15.72 -18.38
CA TYR G 281 13.32 16.67 -18.87
C TYR G 281 12.66 17.22 -17.63
N ASN G 282 12.91 18.50 -17.32
CA ASN G 282 12.17 19.25 -16.28
C ASN G 282 10.85 19.78 -16.84
N VAL G 283 9.81 19.10 -16.39
CA VAL G 283 8.79 18.68 -17.29
C VAL G 283 7.80 19.73 -17.64
N SER G 284 7.21 19.47 -18.79
CA SER G 284 5.89 19.93 -19.20
C SER G 284 5.19 20.79 -18.12
N GLY G 285 4.71 20.17 -17.03
CA GLY G 285 4.05 20.87 -15.91
C GLY G 285 4.67 20.94 -14.52
N GLU G 286 5.99 20.88 -14.42
CA GLU G 286 6.75 21.30 -13.20
C GLU G 286 7.09 22.77 -13.33
N TYR G 287 7.33 23.20 -14.57
CA TYR G 287 7.30 24.60 -14.97
C TYR G 287 6.01 25.29 -14.54
N SER G 288 4.86 24.66 -14.80
CA SER G 288 3.56 25.29 -14.47
C SER G 288 3.32 25.34 -12.97
N LEU G 289 3.93 24.42 -12.22
CA LEU G 289 3.86 24.49 -10.76
C LEU G 289 4.58 25.74 -10.21
N VAL G 290 5.82 25.94 -10.67
CA VAL G 290 6.64 27.12 -10.35
C VAL G 290 5.95 28.46 -10.73
N LYS G 291 5.12 28.47 -11.77
CA LYS G 291 4.41 29.69 -12.14
C LYS G 291 3.13 29.89 -11.33
N ALA G 292 2.23 28.90 -11.34
CA ALA G 292 0.95 28.97 -10.55
C ALA G 292 1.18 29.38 -9.10
N ALA G 293 2.28 28.91 -8.52
CA ALA G 293 2.67 29.26 -7.17
C ALA G 293 3.36 30.62 -7.06
N ALA G 294 4.12 31.04 -8.08
CA ALA G 294 4.77 32.38 -8.06
C ALA G 294 3.73 33.47 -7.98
N THR G 295 2.81 33.45 -8.95
CA THR G 295 1.72 34.42 -9.07
C THR G 295 0.75 34.38 -7.85
N ALA G 296 0.32 33.19 -7.44
CA ALA G 296 -0.60 33.04 -6.27
C ALA G 296 -0.01 33.36 -4.88
N GLY G 297 1.26 33.80 -4.85
CA GLY G 297 1.83 34.47 -3.68
C GLY G 297 2.82 33.63 -2.89
N TYR G 298 2.92 32.36 -3.22
CA TYR G 298 3.42 31.37 -2.28
C TYR G 298 4.96 31.24 -2.18
N VAL G 299 5.67 31.40 -3.30
CA VAL G 299 7.14 31.21 -3.35
C VAL G 299 7.85 32.16 -4.29
N ASP G 300 9.14 32.44 -4.04
CA ASP G 300 9.92 33.29 -4.93
C ASP G 300 10.35 32.45 -6.09
N GLU G 301 9.93 32.86 -7.27
CA GLU G 301 10.17 32.14 -8.50
C GLU G 301 11.68 32.00 -8.70
N ARG G 302 12.39 33.12 -8.80
CA ARG G 302 13.81 33.11 -9.16
C ARG G 302 14.58 31.97 -8.50
N THR G 303 14.47 31.87 -7.17
CA THR G 303 15.21 30.86 -6.44
C THR G 303 14.58 29.48 -6.68
N ILE G 304 13.31 29.31 -6.34
CA ILE G 304 12.68 27.99 -6.47
C ILE G 304 12.82 27.35 -7.87
N THR G 305 13.04 28.12 -8.94
CA THR G 305 13.41 27.48 -10.22
C THR G 305 14.88 27.05 -10.05
N LEU G 306 15.76 28.01 -9.75
CA LEU G 306 17.19 27.72 -9.64
C LEU G 306 17.53 26.70 -8.56
N GLU G 307 16.57 26.49 -7.65
CA GLU G 307 16.67 25.43 -6.65
C GLU G 307 16.30 24.05 -7.23
N ILE G 308 15.27 24.02 -8.08
CA ILE G 308 14.85 22.80 -8.77
C ILE G 308 15.83 22.41 -9.83
N LEU G 309 16.30 23.37 -10.62
CA LEU G 309 17.33 23.07 -11.62
C LEU G 309 18.63 22.58 -11.02
N THR G 310 19.07 23.15 -9.89
CA THR G 310 20.30 22.69 -9.21
C THR G 310 20.16 21.25 -8.74
N ALA G 311 18.96 20.93 -8.26
CA ALA G 311 18.66 19.56 -7.83
C ALA G 311 18.84 18.53 -8.93
N ILE G 312 18.29 18.83 -10.09
CA ILE G 312 18.40 17.93 -11.23
C ILE G 312 19.89 17.74 -11.58
N LYS G 313 20.67 18.82 -11.57
CA LYS G 313 22.13 18.73 -11.74
C LYS G 313 22.83 17.88 -10.68
N ARG G 314 22.70 18.32 -9.43
CA ARG G 314 23.15 17.59 -8.26
C ARG G 314 22.83 16.07 -8.31
N ALA G 315 21.60 15.75 -8.76
CA ALA G 315 21.13 14.37 -8.85
C ALA G 315 21.94 13.47 -9.78
N GLY G 316 22.44 14.03 -10.87
CA GLY G 316 23.12 13.20 -11.86
C GLY G 316 23.16 13.75 -13.26
N ALA G 317 22.17 14.54 -13.63
CA ALA G 317 22.04 15.01 -15.00
C ALA G 317 23.22 15.94 -15.37
N ASP G 318 23.67 15.81 -16.61
CA ASP G 318 24.65 16.69 -17.26
C ASP G 318 23.90 17.65 -18.18
N LEU G 319 22.63 17.30 -18.45
CA LEU G 319 21.75 17.92 -19.45
C LEU G 319 20.30 17.95 -18.90
N ILE G 320 19.71 19.15 -18.84
CA ILE G 320 18.34 19.34 -18.40
C ILE G 320 17.56 19.98 -19.52
N LEU G 321 16.49 19.31 -19.97
CA LEU G 321 15.56 19.93 -20.91
C LEU G 321 14.55 20.74 -20.11
N THR G 322 14.66 22.08 -20.14
CA THR G 322 13.74 22.96 -19.38
C THR G 322 13.02 23.97 -20.24
N TYR G 323 11.80 24.27 -19.81
CA TYR G 323 11.09 25.41 -20.35
C TYR G 323 11.62 26.68 -19.68
N HIS G 324 12.19 26.56 -18.46
CA HIS G 324 12.80 27.72 -17.75
C HIS G 324 14.04 28.28 -18.46
N ALA G 325 14.65 27.51 -19.37
CA ALA G 325 16.00 27.80 -19.92
C ALA G 325 16.37 29.28 -20.17
N LEU G 326 15.50 30.06 -20.81
CA LEU G 326 15.80 31.45 -21.15
C LEU G 326 15.74 32.40 -19.94
N GLU G 327 14.67 32.34 -19.16
CA GLU G 327 14.57 33.12 -17.91
C GLU G 327 15.62 32.66 -16.87
N ALA G 328 15.93 31.36 -16.88
CA ALA G 328 16.97 30.80 -16.03
C ALA G 328 18.39 31.18 -16.46
N ALA G 329 18.58 31.37 -17.76
CA ALA G 329 19.92 31.64 -18.31
C ALA G 329 20.44 33.03 -17.94
N LYS G 330 19.56 34.01 -17.90
CA LYS G 330 19.95 35.35 -17.45
C LYS G 330 20.26 35.38 -15.93
N TRP G 331 19.73 34.42 -15.18
CA TRP G 331 20.15 34.24 -13.78
C TRP G 331 21.67 33.81 -13.66
N ILE G 332 22.49 34.85 -13.60
CA ILE G 332 23.97 34.85 -13.78
C ILE G 332 24.60 35.55 -12.54
N LYS G 333 24.44 34.86 -11.40
CA LYS G 333 24.54 35.38 -10.02
C LYS G 333 23.49 34.57 -9.18
N GLU G 334 23.88 33.81 -8.14
CA GLU G 334 23.01 32.67 -7.66
C GLU G 334 22.57 32.51 -6.20
N GLY G 335 21.29 32.18 -6.00
CA GLY G 335 20.67 32.14 -4.68
C GLY G 335 21.44 31.50 -3.51
N LEU G 336 22.15 30.40 -3.77
CA LEU G 336 22.30 29.28 -2.80
C LEU G 336 23.66 29.25 -2.05
N MET H 1 34.54 -4.38 13.36
CA MET H 1 35.81 -4.26 14.17
C MET H 1 36.09 -2.79 14.61
N ARG H 2 35.13 -2.26 15.39
CA ARG H 2 35.31 -1.06 16.23
C ARG H 2 35.53 -1.59 17.67
N VAL H 3 36.52 -2.50 17.80
CA VAL H 3 36.69 -3.48 18.90
C VAL H 3 38.05 -3.34 19.67
N GLN H 4 37.97 -3.47 21.00
CA GLN H 4 39.08 -3.17 21.94
C GLN H 4 39.56 -4.33 22.79
N PHE H 5 40.75 -4.09 23.30
CA PHE H 5 41.32 -4.83 24.40
C PHE H 5 41.17 -3.90 25.60
N PRO H 6 40.65 -4.39 26.74
CA PRO H 6 40.41 -5.83 27.06
C PRO H 6 38.94 -6.38 27.08
N THR H 7 38.02 -5.62 26.48
CA THR H 7 36.61 -6.00 26.41
C THR H 7 36.44 -7.25 25.56
N THR H 8 37.13 -7.33 24.42
CA THR H 8 37.05 -8.55 23.62
C THR H 8 38.44 -9.08 23.59
N ARG H 9 38.60 -10.28 24.13
CA ARG H 9 39.86 -11.01 24.14
C ARG H 9 39.73 -12.23 23.18
N PRO H 10 40.22 -12.09 21.90
CA PRO H 10 40.14 -13.11 20.84
C PRO H 10 40.44 -14.54 21.23
N ARG H 11 41.25 -14.71 22.28
CA ARG H 11 41.63 -16.01 22.79
C ARG H 11 40.56 -16.76 23.54
N ARG H 12 39.42 -16.14 23.85
CA ARG H 12 38.37 -16.91 24.51
C ARG H 12 37.93 -18.03 23.59
N LEU H 13 37.93 -17.74 22.28
CA LEU H 13 37.51 -18.69 21.25
C LEU H 13 38.57 -19.71 20.91
N ARG H 14 39.81 -19.47 21.32
CA ARG H 14 40.90 -20.45 21.12
C ARG H 14 41.03 -21.51 22.24
N ALA H 15 40.43 -21.22 23.41
CA ALA H 15 40.84 -21.78 24.71
C ALA H 15 40.50 -23.27 25.02
N SER H 16 39.43 -23.83 24.44
CA SER H 16 39.14 -25.30 24.51
C SER H 16 39.45 -25.88 23.16
N LYS H 17 39.38 -27.20 23.03
CA LYS H 17 39.27 -27.81 21.71
C LYS H 17 37.83 -27.87 21.32
N ILE H 18 36.93 -28.11 22.24
CA ILE H 18 35.53 -28.22 21.89
C ILE H 18 35.08 -26.92 21.21
N ILE H 19 35.56 -25.78 21.71
CA ILE H 19 35.19 -24.50 21.12
C ILE H 19 35.86 -24.20 19.79
N ARG H 20 37.16 -24.43 19.64
CA ARG H 20 37.80 -24.13 18.37
C ARG H 20 37.12 -24.93 17.28
N ASP H 21 36.76 -26.17 17.59
CA ASP H 21 35.98 -27.03 16.69
C ASP H 21 34.57 -26.45 16.50
N ALA H 22 33.97 -26.00 17.59
CA ALA H 22 32.68 -25.29 17.51
C ALA H 22 32.66 -24.08 16.57
N VAL H 23 33.74 -23.30 16.52
CA VAL H 23 33.69 -22.05 15.76
C VAL H 23 34.46 -22.06 14.46
N ALA H 24 34.95 -23.22 14.03
CA ALA H 24 35.95 -23.21 12.96
C ALA H 24 35.37 -22.88 11.61
N GLU H 25 35.99 -21.92 10.93
CA GLU H 25 35.53 -21.43 9.66
C GLU H 25 35.42 -22.53 8.64
N THR H 26 36.37 -23.43 8.62
CA THR H 26 36.49 -24.41 7.57
C THR H 26 36.32 -25.82 8.10
N GLN H 27 35.91 -26.74 7.23
CA GLN H 27 36.13 -28.16 7.52
C GLN H 27 36.26 -28.95 6.21
N ILE H 28 36.65 -30.21 6.35
CA ILE H 28 37.07 -31.05 5.23
C ILE H 28 36.63 -32.52 5.46
N ASP H 29 36.38 -33.28 4.39
CA ASP H 29 36.12 -34.75 4.52
C ASP H 29 36.43 -35.50 3.23
N ALA H 30 36.21 -36.80 3.17
CA ALA H 30 36.68 -37.51 1.98
C ALA H 30 35.75 -37.43 0.74
N GLY H 31 34.61 -36.74 0.88
CA GLY H 31 33.70 -36.38 -0.24
C GLY H 31 34.43 -35.44 -1.15
N ASP H 32 35.03 -34.44 -0.55
CA ASP H 32 35.87 -33.47 -1.23
C ASP H 32 37.04 -34.01 -2.08
N PHE H 33 37.50 -35.24 -1.88
CA PHE H 33 38.63 -35.66 -2.71
C PHE H 33 38.29 -36.23 -4.09
N ILE H 34 39.26 -36.10 -4.97
CA ILE H 34 39.33 -36.78 -6.24
C ILE H 34 40.71 -37.48 -6.30
N TYR H 35 40.75 -38.82 -6.20
CA TYR H 35 42.01 -39.58 -6.32
C TYR H 35 42.42 -39.86 -7.78
N PRO H 36 43.66 -39.49 -8.20
CA PRO H 36 44.15 -39.81 -9.56
C PRO H 36 44.73 -41.19 -9.74
N LEU H 37 44.44 -41.82 -10.86
CA LEU H 37 44.98 -43.14 -11.13
C LEU H 37 45.88 -43.12 -12.34
N PHE H 38 47.12 -43.58 -12.17
CA PHE H 38 48.02 -43.78 -13.29
C PHE H 38 47.82 -45.17 -13.86
N VAL H 39 47.81 -45.26 -15.19
CA VAL H 39 47.22 -46.39 -15.91
C VAL H 39 47.99 -46.60 -17.20
N LYS H 40 48.25 -47.87 -17.54
CA LYS H 40 49.18 -48.27 -18.61
C LYS H 40 48.86 -49.66 -19.21
N PRO H 41 49.31 -49.90 -20.45
CA PRO H 41 49.02 -51.20 -21.05
C PRO H 41 49.89 -52.33 -20.47
N GLY H 42 51.21 -52.13 -20.44
CA GLY H 42 52.21 -52.95 -19.72
C GLY H 42 51.94 -54.34 -19.14
N GLY H 43 50.84 -54.51 -18.42
CA GLY H 43 50.56 -55.76 -17.71
C GLY H 43 51.23 -55.92 -16.34
N GLU H 44 52.32 -55.18 -16.07
CA GLU H 44 53.05 -55.29 -14.80
C GLU H 44 53.01 -53.97 -14.06
N ARG H 45 52.46 -54.00 -12.84
CA ARG H 45 52.52 -52.90 -11.83
C ARG H 45 53.89 -52.18 -11.88
N GLU H 46 53.95 -50.85 -11.71
CA GLU H 46 55.25 -50.13 -11.90
C GLU H 46 55.44 -48.82 -11.11
N PRO H 47 56.23 -48.85 -10.03
CA PRO H 47 56.28 -47.74 -9.07
C PRO H 47 56.96 -46.47 -9.54
N ILE H 48 56.36 -45.35 -9.16
CA ILE H 48 56.83 -44.02 -9.52
C ILE H 48 57.82 -43.61 -8.40
N GLY H 49 59.07 -43.36 -8.79
CA GLY H 49 60.10 -43.07 -7.82
C GLY H 49 59.69 -41.84 -7.06
N PRO H 50 59.78 -40.67 -7.71
CA PRO H 50 59.56 -39.43 -7.03
C PRO H 50 58.16 -39.24 -6.45
N MET H 51 57.37 -40.30 -6.34
CA MET H 51 56.18 -40.27 -5.47
C MET H 51 56.64 -40.57 -4.01
N PRO H 52 56.09 -41.54 -3.27
CA PRO H 52 55.98 -42.88 -3.71
C PRO H 52 54.84 -43.63 -3.05
N GLY H 53 54.66 -44.88 -3.47
CA GLY H 53 53.53 -45.63 -3.04
C GLY H 53 52.40 -45.29 -3.97
N ILE H 54 52.63 -44.40 -4.94
CA ILE H 54 51.68 -44.23 -6.02
C ILE H 54 52.32 -44.91 -7.20
N TYR H 55 51.55 -45.79 -7.81
CA TYR H 55 52.04 -46.76 -8.76
C TYR H 55 51.43 -46.45 -10.10
N ARG H 56 51.97 -47.04 -11.16
CA ARG H 56 51.36 -46.98 -12.51
C ARG H 56 50.57 -48.26 -12.84
N TRP H 57 49.34 -48.34 -12.35
CA TRP H 57 48.59 -49.60 -12.42
C TRP H 57 48.39 -50.03 -13.88
N PRO H 58 48.45 -51.35 -14.18
CA PRO H 58 48.02 -51.82 -15.49
C PRO H 58 46.54 -52.15 -15.41
N VAL H 59 45.91 -52.29 -16.57
CA VAL H 59 44.45 -52.47 -16.66
C VAL H 59 44.01 -53.94 -16.38
N GLY H 60 43.69 -54.23 -15.13
CA GLY H 60 43.58 -55.62 -14.68
C GLY H 60 42.87 -55.72 -13.35
N ARG H 61 43.59 -55.99 -12.26
CA ARG H 61 43.02 -55.88 -10.92
C ARG H 61 43.76 -54.82 -10.11
N GLU H 62 43.63 -53.62 -10.63
CA GLU H 62 43.65 -52.35 -9.89
C GLU H 62 42.20 -51.93 -9.66
N LEU H 63 41.32 -52.57 -10.40
CA LEU H 63 39.95 -52.75 -10.04
C LEU H 63 39.71 -53.18 -8.56
N ILE H 64 39.63 -54.50 -8.31
CA ILE H 64 39.13 -55.09 -7.03
C ILE H 64 40.37 -55.41 -6.16
N ASN H 65 41.54 -54.93 -6.62
CA ASN H 65 42.56 -54.45 -5.69
C ASN H 65 42.17 -53.01 -5.23
N HIS H 66 42.44 -52.03 -6.08
CA HIS H 66 42.79 -50.68 -5.61
C HIS H 66 41.66 -49.68 -5.63
N VAL H 67 40.90 -49.63 -6.72
CA VAL H 67 39.74 -48.73 -6.79
C VAL H 67 38.76 -49.13 -5.69
N GLU H 68 38.56 -50.44 -5.53
CA GLU H 68 37.69 -50.99 -4.48
C GLU H 68 38.20 -50.68 -3.06
N GLU H 69 39.52 -50.59 -2.86
CA GLU H 69 40.13 -50.09 -1.58
C GLU H 69 39.80 -48.62 -1.35
N ALA H 70 40.11 -47.78 -2.34
CA ALA H 70 39.82 -46.33 -2.31
C ALA H 70 38.39 -46.01 -1.97
N LEU H 71 37.49 -46.80 -2.54
CA LEU H 71 36.06 -46.64 -2.34
C LEU H 71 35.68 -46.91 -0.90
N SER H 72 36.13 -48.05 -0.36
CA SER H 72 35.83 -48.42 1.02
C SER H 72 36.13 -47.31 2.03
N LEU H 73 37.00 -46.36 1.67
CA LEU H 73 37.35 -45.23 2.54
C LEU H 73 36.47 -43.98 2.39
N GLY H 74 35.54 -43.98 1.45
CA GLY H 74 34.68 -42.80 1.18
C GLY H 74 35.12 -41.95 -0.01
N ILE H 75 35.91 -42.59 -0.89
CA ILE H 75 36.60 -41.94 -1.99
C ILE H 75 36.12 -42.62 -3.26
N ASN H 76 35.20 -41.94 -3.96
CA ASN H 76 34.35 -42.48 -5.05
C ASN H 76 34.45 -41.71 -6.38
N LYS H 77 35.48 -40.89 -6.54
CA LYS H 77 35.72 -40.06 -7.73
C LYS H 77 37.17 -40.21 -8.16
N PHE H 78 37.39 -40.42 -9.45
CA PHE H 78 38.72 -40.75 -9.95
C PHE H 78 39.01 -40.05 -11.24
N ILE H 79 40.27 -39.61 -11.38
CA ILE H 79 40.71 -39.03 -12.61
C ILE H 79 41.78 -39.95 -13.15
N LEU H 80 41.75 -40.26 -14.43
CA LEU H 80 42.69 -41.18 -15.03
C LEU H 80 43.71 -40.50 -15.93
N PHE H 81 44.99 -40.74 -15.66
CA PHE H 81 46.02 -40.39 -16.63
C PHE H 81 46.68 -41.63 -17.20
N GLY H 82 46.67 -41.77 -18.53
CA GLY H 82 47.23 -42.94 -19.20
C GLY H 82 48.69 -42.69 -19.45
N VAL H 83 49.53 -43.70 -19.32
CA VAL H 83 50.97 -43.55 -19.50
C VAL H 83 51.40 -44.56 -20.52
N LEU H 84 52.52 -44.34 -21.20
CA LEU H 84 52.97 -45.36 -22.18
C LEU H 84 54.41 -45.24 -22.72
N PRO H 85 54.95 -46.36 -23.25
CA PRO H 85 56.28 -46.45 -23.91
C PRO H 85 56.53 -45.52 -25.09
N ASP H 86 57.75 -44.93 -25.20
CA ASP H 86 58.13 -44.08 -26.36
C ASP H 86 57.89 -44.74 -27.70
N GLU H 87 57.99 -46.08 -27.71
CA GLU H 87 57.67 -46.96 -28.87
C GLU H 87 56.39 -46.54 -29.56
N LEU H 88 55.33 -46.36 -28.75
CA LEU H 88 53.98 -46.02 -29.23
C LEU H 88 53.54 -44.58 -28.93
N LYS H 89 54.45 -43.61 -29.03
CA LYS H 89 54.13 -42.18 -29.14
C LYS H 89 54.57 -41.65 -30.52
N ASN H 90 53.72 -40.89 -31.20
CA ASN H 90 54.11 -40.11 -32.40
C ASN H 90 53.83 -38.61 -32.18
N PRO H 91 54.23 -37.72 -33.12
CA PRO H 91 53.96 -36.27 -32.93
C PRO H 91 52.51 -35.75 -32.86
N GLU H 92 51.55 -36.50 -33.41
CA GLU H 92 50.13 -36.10 -33.43
C GLU H 92 49.35 -36.83 -32.34
N GLY H 93 50.05 -37.58 -31.49
CA GLY H 93 49.51 -38.03 -30.21
C GLY H 93 48.56 -39.20 -30.13
N THR H 94 48.29 -39.87 -31.25
CA THR H 94 47.23 -40.89 -31.38
C THR H 94 46.81 -41.72 -30.17
N GLY H 95 47.79 -42.25 -29.43
CA GLY H 95 47.48 -43.09 -28.27
C GLY H 95 46.37 -42.56 -27.36
N GLY H 96 46.23 -41.22 -27.30
CA GLY H 96 45.12 -40.57 -26.62
C GLY H 96 43.82 -40.97 -27.26
N TYR H 97 43.55 -40.38 -28.44
CA TYR H 97 42.34 -40.65 -29.26
C TYR H 97 42.48 -41.97 -30.00
N ASP H 98 42.09 -43.05 -29.32
CA ASP H 98 42.36 -44.41 -29.74
C ASP H 98 41.49 -45.32 -28.88
N PRO H 99 40.32 -45.76 -29.41
CA PRO H 99 39.33 -46.59 -28.68
C PRO H 99 39.91 -47.75 -27.87
N GLU H 100 41.02 -48.29 -28.39
CA GLU H 100 41.69 -49.45 -27.85
C GLU H 100 42.83 -49.05 -26.91
N GLY H 101 43.25 -47.77 -26.93
CA GLY H 101 44.36 -47.25 -26.10
C GLY H 101 44.13 -47.42 -24.61
N VAL H 102 45.02 -46.89 -23.77
CA VAL H 102 44.98 -47.24 -22.32
C VAL H 102 43.75 -46.74 -21.56
N VAL H 103 43.63 -45.41 -21.48
CA VAL H 103 42.55 -44.71 -20.75
C VAL H 103 41.18 -45.30 -21.06
N PRO H 104 40.82 -45.46 -22.35
CA PRO H 104 39.53 -46.05 -22.67
C PRO H 104 39.38 -47.42 -22.07
N ARG H 105 40.37 -48.29 -22.28
CA ARG H 105 40.31 -49.65 -21.70
C ARG H 105 39.98 -49.55 -20.22
N ALA H 106 40.68 -48.67 -19.51
CA ALA H 106 40.50 -48.51 -18.07
C ALA H 106 39.12 -47.97 -17.77
N ILE H 107 38.70 -46.92 -18.47
CA ILE H 107 37.38 -46.34 -18.21
C ILE H 107 36.33 -47.44 -18.27
N ARG H 108 36.34 -48.22 -19.36
CA ARG H 108 35.36 -49.26 -19.58
C ARG H 108 35.44 -50.27 -18.47
N LEU H 109 36.64 -50.72 -18.14
CA LEU H 109 36.84 -51.66 -17.04
C LEU H 109 36.18 -51.12 -15.76
N ILE H 110 36.63 -49.98 -15.24
CA ILE H 110 36.13 -49.42 -13.95
C ILE H 110 34.63 -49.16 -13.97
N LYS H 111 34.05 -48.86 -15.12
CA LYS H 111 32.64 -48.59 -15.13
C LYS H 111 31.80 -49.83 -15.05
N GLU H 112 32.25 -50.93 -15.62
CA GLU H 112 31.30 -52.00 -15.92
C GLU H 112 30.98 -52.94 -14.74
N ILE H 113 31.35 -52.50 -13.54
CA ILE H 113 31.94 -53.36 -12.51
C ILE H 113 31.95 -52.68 -11.13
N PHE H 114 32.01 -51.36 -11.14
CA PHE H 114 31.47 -50.48 -10.12
C PHE H 114 30.23 -49.83 -10.72
N GLY H 115 30.42 -49.17 -11.86
CA GLY H 115 29.31 -48.55 -12.55
C GLY H 115 29.12 -47.21 -11.92
N ASP H 116 27.89 -46.94 -11.50
CA ASP H 116 27.49 -45.65 -10.94
C ASP H 116 27.88 -45.53 -9.48
N ARG H 117 28.60 -46.52 -8.97
CA ARG H 117 29.15 -46.49 -7.65
C ARG H 117 30.29 -45.47 -7.55
N VAL H 118 30.91 -45.11 -8.68
CA VAL H 118 31.95 -44.07 -8.70
C VAL H 118 31.83 -43.09 -9.87
N LEU H 119 32.52 -41.96 -9.79
CA LEU H 119 32.68 -41.07 -10.95
C LEU H 119 33.99 -41.30 -11.66
N VAL H 120 34.01 -41.20 -12.99
CA VAL H 120 35.29 -41.32 -13.71
C VAL H 120 35.59 -40.07 -14.59
N PHE H 121 36.44 -39.21 -14.05
CA PHE H 121 36.98 -38.03 -14.72
C PHE H 121 38.08 -38.58 -15.63
N ALA H 122 38.29 -37.99 -16.79
CA ALA H 122 39.31 -38.49 -17.71
C ALA H 122 40.15 -37.31 -18.08
N ASP H 123 41.44 -37.32 -17.75
CA ASP H 123 42.30 -36.22 -18.19
C ASP H 123 42.29 -36.25 -19.68
N VAL H 124 42.25 -35.07 -20.28
CA VAL H 124 42.37 -34.95 -21.71
C VAL H 124 43.56 -34.10 -22.06
N CYS H 125 44.56 -34.77 -22.62
CA CYS H 125 45.74 -34.10 -23.09
C CYS H 125 46.57 -34.95 -24.04
N LEU H 126 47.58 -34.33 -24.63
CA LEU H 126 48.53 -35.05 -25.46
C LEU H 126 49.97 -35.11 -24.91
N CYS H 127 50.24 -34.59 -23.71
CA CYS H 127 51.59 -34.67 -23.15
C CYS H 127 52.00 -36.08 -22.87
N GLU H 128 51.06 -36.88 -22.36
CA GLU H 128 51.35 -38.29 -22.08
C GLU H 128 51.47 -39.12 -23.34
N TYR H 129 51.01 -38.58 -24.47
CA TYR H 129 50.94 -39.33 -25.71
C TYR H 129 51.83 -38.84 -26.85
N THR H 130 52.70 -37.87 -26.60
CA THR H 130 53.61 -37.40 -27.66
C THR H 130 55.13 -37.55 -27.43
N ASP H 131 55.71 -38.17 -28.46
CA ASP H 131 57.02 -37.88 -29.08
C ASP H 131 57.87 -36.74 -28.46
N HIS H 132 57.37 -35.50 -28.51
CA HIS H 132 58.09 -34.32 -28.00
C HIS H 132 57.85 -34.04 -26.51
N GLY H 133 57.04 -34.86 -25.84
CA GLY H 133 56.58 -34.55 -24.46
C GLY H 133 55.53 -33.43 -24.26
N HIS H 134 55.46 -32.45 -25.20
CA HIS H 134 54.49 -31.32 -25.22
C HIS H 134 53.00 -31.69 -25.31
N CYS H 135 52.15 -30.71 -24.99
CA CYS H 135 50.68 -30.92 -24.88
C CYS H 135 49.91 -30.61 -26.18
N GLY H 136 50.60 -30.36 -27.28
CA GLY H 136 49.91 -30.17 -28.53
C GLY H 136 50.81 -30.46 -29.70
N VAL H 137 50.24 -30.34 -30.89
CA VAL H 137 50.97 -30.29 -32.15
C VAL H 137 52.03 -29.17 -32.11
N VAL H 138 53.24 -29.45 -32.55
CA VAL H 138 54.33 -28.45 -32.56
C VAL H 138 54.57 -27.96 -34.01
N LYS H 139 55.06 -26.72 -34.17
CA LYS H 139 55.38 -26.12 -35.49
C LYS H 139 56.59 -25.17 -35.41
N GLU H 140 56.98 -24.63 -36.57
CA GLU H 140 57.96 -23.54 -36.61
C GLU H 140 57.43 -22.40 -37.43
N LYS H 141 57.45 -21.23 -36.80
CA LYS H 141 57.38 -19.95 -37.50
C LYS H 141 58.74 -19.33 -37.30
N ARG H 142 59.63 -19.62 -38.24
CA ARG H 142 60.75 -18.74 -38.57
C ARG H 142 61.84 -18.88 -37.49
N ASP H 143 62.14 -17.79 -36.79
CA ASP H 143 63.07 -17.83 -35.70
C ASP H 143 62.85 -19.07 -34.79
N ARG H 144 61.60 -19.28 -34.34
CA ARG H 144 61.26 -20.20 -33.20
C ARG H 144 60.13 -21.24 -33.43
N TRP H 145 59.89 -22.06 -32.40
CA TRP H 145 58.85 -23.12 -32.36
C TRP H 145 57.54 -22.64 -31.68
N TYR H 146 56.54 -23.52 -31.60
CA TYR H 146 55.34 -23.27 -30.76
C TYR H 146 54.34 -24.41 -30.78
N VAL H 147 53.46 -24.43 -29.80
CA VAL H 147 52.40 -25.43 -29.77
C VAL H 147 51.18 -24.80 -30.42
N ASP H 148 51.01 -25.07 -31.71
CA ASP H 148 49.86 -24.56 -32.47
C ASP H 148 48.58 -24.93 -31.76
N ASN H 149 47.69 -23.95 -31.67
CA ASN H 149 46.54 -24.06 -30.82
C ASN H 149 45.45 -24.86 -31.47
N ASP H 150 44.82 -24.28 -32.49
CA ASP H 150 43.53 -24.75 -33.01
C ASP H 150 43.63 -26.11 -33.67
N GLU H 151 44.83 -26.53 -34.05
CA GLU H 151 45.04 -27.88 -34.53
C GLU H 151 45.05 -28.90 -33.37
N THR H 152 45.34 -28.48 -32.15
CA THR H 152 45.45 -29.42 -31.02
C THR H 152 44.12 -29.53 -30.27
N ILE H 153 43.48 -28.41 -30.05
CA ILE H 153 42.08 -28.33 -29.67
C ILE H 153 41.16 -29.42 -30.33
N LYS H 154 41.36 -29.61 -31.62
CA LYS H 154 40.64 -30.62 -32.37
C LYS H 154 41.00 -32.00 -31.89
N LEU H 155 42.26 -32.19 -31.53
CA LEU H 155 42.69 -33.48 -31.00
C LEU H 155 42.14 -33.70 -29.61
N TYR H 156 42.07 -32.65 -28.81
CA TYR H 156 41.47 -32.77 -27.48
C TYR H 156 40.00 -33.21 -27.62
N ALA H 157 39.30 -32.64 -28.62
CA ALA H 157 37.93 -33.02 -28.92
C ALA H 157 37.81 -34.50 -29.15
N LYS H 158 38.73 -35.07 -29.93
CA LYS H 158 38.65 -36.49 -30.27
C LYS H 158 38.85 -37.36 -29.05
N GLU H 159 39.86 -37.00 -28.28
CA GLU H 159 40.13 -37.67 -27.02
C GLU H 159 38.89 -37.61 -26.15
N ALA H 160 38.40 -36.40 -25.92
CA ALA H 160 37.21 -36.21 -25.12
C ALA H 160 36.07 -37.14 -25.57
N VAL H 161 35.82 -37.22 -26.87
CA VAL H 161 34.72 -38.03 -27.41
C VAL H 161 35.05 -39.53 -27.39
N VAL H 162 36.33 -39.89 -27.54
CA VAL H 162 36.76 -41.28 -27.30
C VAL H 162 36.53 -41.72 -25.84
N TYR H 163 36.87 -40.88 -24.85
CA TYR H 163 36.71 -41.31 -23.46
C TYR H 163 35.21 -41.26 -23.08
N ALA H 164 34.47 -40.36 -23.70
CA ALA H 164 33.02 -40.33 -23.47
C ALA H 164 32.43 -41.60 -23.97
N GLU H 165 32.72 -41.94 -25.23
CA GLU H 165 32.19 -43.17 -25.82
C GLU H 165 32.49 -44.38 -24.91
N ALA H 166 33.63 -44.38 -24.19
CA ALA H 166 34.01 -45.49 -23.29
C ALA H 166 33.25 -45.61 -21.99
N GLY H 167 32.65 -44.51 -21.53
CA GLY H 167 31.97 -44.46 -20.22
C GLY H 167 32.20 -43.20 -19.36
N ALA H 168 33.13 -42.34 -19.77
CA ALA H 168 33.63 -41.27 -18.90
C ALA H 168 32.48 -40.35 -18.47
N ASP H 169 32.46 -39.97 -17.20
CA ASP H 169 31.44 -39.11 -16.64
C ASP H 169 31.80 -37.66 -16.85
N PHE H 170 33.09 -37.36 -16.84
CA PHE H 170 33.63 -36.02 -17.12
C PHE H 170 34.94 -36.16 -17.83
N VAL H 171 35.26 -35.10 -18.50
CA VAL H 171 36.33 -35.06 -19.42
C VAL H 171 36.99 -33.82 -18.82
N ALA H 172 38.31 -33.76 -18.79
CA ALA H 172 38.95 -32.70 -18.06
C ALA H 172 40.22 -32.19 -18.72
N PRO H 173 40.10 -31.11 -19.52
CA PRO H 173 41.24 -30.75 -20.37
C PRO H 173 42.38 -30.02 -19.64
N SER H 174 43.55 -30.65 -19.61
CA SER H 174 44.66 -30.16 -18.81
C SER H 174 45.64 -29.31 -19.64
N GLY H 175 45.25 -28.99 -20.87
CA GLY H 175 46.21 -28.49 -21.84
C GLY H 175 46.54 -27.00 -21.74
N MET H 176 45.67 -26.20 -21.12
CA MET H 176 45.75 -24.74 -21.24
C MET H 176 45.80 -24.12 -22.67
N MET H 177 45.58 -24.93 -23.73
CA MET H 177 45.19 -24.45 -25.07
C MET H 177 43.90 -23.59 -25.00
N ASP H 178 43.89 -22.50 -25.75
CA ASP H 178 42.76 -21.59 -25.73
C ASP H 178 41.59 -22.14 -26.54
N GLY H 179 40.37 -21.85 -26.14
CA GLY H 179 39.21 -22.40 -26.85
C GLY H 179 38.82 -23.84 -26.55
N GLN H 180 39.70 -24.65 -25.95
CA GLN H 180 39.48 -26.09 -25.88
C GLN H 180 38.18 -26.53 -25.24
N VAL H 181 37.68 -25.77 -24.28
CA VAL H 181 36.47 -26.19 -23.54
C VAL H 181 35.35 -26.21 -24.54
N ARG H 182 35.22 -25.12 -25.27
CA ARG H 182 34.24 -25.04 -26.30
C ARG H 182 34.45 -26.03 -27.43
N GLU H 183 35.65 -26.26 -27.95
CA GLU H 183 35.76 -27.30 -29.00
C GLU H 183 35.45 -28.72 -28.46
N ILE H 184 35.53 -28.93 -27.15
CA ILE H 184 35.24 -30.25 -26.55
C ILE H 184 33.74 -30.40 -26.38
N ARG H 185 33.13 -29.40 -25.73
CA ARG H 185 31.70 -29.33 -25.33
C ARG H 185 30.81 -29.43 -26.53
N ARG H 186 31.31 -28.94 -27.66
CA ARG H 186 30.58 -29.01 -28.93
C ARG H 186 30.73 -30.39 -29.57
N ALA H 187 31.97 -30.82 -29.76
CA ALA H 187 32.21 -32.11 -30.35
C ALA H 187 31.48 -33.17 -29.54
N LEU H 188 31.47 -33.05 -28.22
CA LEU H 188 30.64 -33.88 -27.36
C LEU H 188 29.13 -33.79 -27.54
N ASP H 189 28.59 -32.57 -27.45
CA ASP H 189 27.19 -32.36 -27.73
C ASP H 189 26.80 -33.03 -29.08
N ALA H 190 27.70 -32.92 -30.08
CA ALA H 190 27.45 -33.52 -31.39
C ALA H 190 27.31 -35.03 -31.36
N HIS H 191 28.13 -35.74 -30.58
CA HIS H 191 28.10 -37.22 -30.60
C HIS H 191 27.07 -37.79 -29.62
N GLY H 192 26.36 -36.89 -28.94
CA GLY H 192 25.18 -37.24 -28.14
C GLY H 192 25.55 -37.40 -26.70
N PHE H 193 26.45 -36.54 -26.23
CA PHE H 193 27.02 -36.62 -24.91
C PHE H 193 26.80 -35.29 -24.20
N GLU H 194 25.55 -34.86 -24.21
CA GLU H 194 25.05 -33.79 -23.34
C GLU H 194 25.27 -34.10 -21.89
N GLU H 195 25.11 -35.38 -21.54
CA GLU H 195 25.21 -35.92 -20.17
C GLU H 195 26.64 -35.97 -19.60
N VAL H 196 27.67 -35.79 -20.43
CA VAL H 196 29.06 -35.86 -19.98
C VAL H 196 29.52 -34.48 -19.61
N GLY H 197 30.09 -34.33 -18.43
CA GLY H 197 30.56 -33.04 -17.98
C GLY H 197 31.99 -32.73 -18.37
N ILE H 198 32.39 -31.48 -18.14
CA ILE H 198 33.72 -30.97 -18.47
C ILE H 198 34.22 -30.33 -17.21
N MET H 199 35.35 -30.82 -16.69
CA MET H 199 36.04 -30.14 -15.58
C MET H 199 37.25 -29.44 -16.17
N ALA H 200 37.26 -28.12 -16.22
CA ALA H 200 38.33 -27.44 -16.95
C ALA H 200 39.43 -27.11 -16.01
N TYR H 201 40.68 -27.43 -16.40
CA TYR H 201 41.84 -27.01 -15.65
C TYR H 201 42.03 -25.57 -16.09
N SER H 202 41.27 -24.69 -15.47
CA SER H 202 41.04 -23.37 -16.01
C SER H 202 42.28 -22.52 -15.84
N ALA H 203 42.68 -22.35 -14.58
CA ALA H 203 43.85 -21.57 -14.21
C ALA H 203 44.91 -22.52 -13.66
N LYS H 204 45.61 -23.14 -14.61
CA LYS H 204 46.73 -24.02 -14.35
C LYS H 204 48.02 -23.30 -14.73
N TYR H 205 48.98 -23.34 -13.80
CA TYR H 205 50.19 -22.50 -13.82
C TYR H 205 51.44 -23.25 -14.27
N ALA H 206 52.38 -22.47 -14.86
CA ALA H 206 53.71 -22.94 -15.24
C ALA H 206 54.56 -23.31 -14.00
N SER H 207 54.24 -24.43 -13.37
CA SER H 207 54.77 -24.66 -12.04
C SER H 207 55.99 -25.55 -12.08
N ALA H 208 56.95 -25.24 -11.21
CA ALA H 208 57.99 -26.20 -10.85
C ALA H 208 57.54 -27.40 -9.97
N PHE H 209 56.33 -27.34 -9.41
CA PHE H 209 55.81 -28.43 -8.55
C PHE H 209 55.42 -29.70 -9.35
N TYR H 210 55.54 -29.72 -10.68
CA TYR H 210 55.08 -30.89 -11.43
C TYR H 210 56.12 -31.97 -11.57
N GLY H 211 57.39 -31.67 -11.23
CA GLY H 211 58.50 -32.63 -11.45
C GLY H 211 58.17 -34.13 -11.38
N PRO H 212 57.72 -34.60 -10.19
CA PRO H 212 57.24 -35.96 -9.95
C PRO H 212 56.22 -36.51 -10.96
N PHE H 213 55.31 -35.66 -11.44
CA PHE H 213 54.33 -36.06 -12.44
C PHE H 213 55.03 -36.58 -13.69
N ARG H 214 55.84 -35.74 -14.30
CA ARG H 214 56.37 -36.03 -15.63
C ARG H 214 57.11 -37.39 -15.70
N VAL H 215 57.82 -37.72 -14.63
CA VAL H 215 58.31 -39.07 -14.36
C VAL H 215 57.18 -40.14 -14.20
N ALA H 216 56.18 -39.86 -13.36
CA ALA H 216 54.93 -40.67 -13.29
C ALA H 216 54.17 -40.84 -14.62
N ALA H 217 54.31 -39.89 -15.56
CA ALA H 217 53.53 -39.88 -16.79
C ALA H 217 54.35 -40.10 -18.05
N ALA H 218 55.65 -40.24 -17.89
CA ALA H 218 56.57 -40.24 -19.03
C ALA H 218 56.13 -39.13 -19.95
N SER H 219 55.95 -37.95 -19.36
CA SER H 219 55.38 -36.79 -20.03
C SER H 219 56.21 -35.51 -20.00
N ALA H 220 57.40 -35.53 -19.40
CA ALA H 220 58.29 -34.37 -19.36
C ALA H 220 58.46 -33.83 -20.77
N PRO H 221 58.47 -32.50 -20.95
CA PRO H 221 58.66 -32.00 -22.28
C PRO H 221 60.12 -32.18 -22.73
N LYS H 222 60.31 -32.99 -23.78
CA LYS H 222 61.62 -33.38 -24.29
C LYS H 222 62.44 -32.19 -24.81
N PHE H 223 61.82 -31.03 -25.06
CA PHE H 223 62.55 -29.79 -25.33
C PHE H 223 61.72 -28.57 -24.95
N GLY H 224 62.38 -27.59 -24.33
CA GLY H 224 61.74 -26.31 -24.01
C GLY H 224 60.82 -26.39 -22.81
N ASP H 225 60.23 -25.24 -22.49
CA ASP H 225 59.22 -25.15 -21.43
C ASP H 225 57.77 -25.04 -21.95
N ARG H 226 56.86 -25.20 -20.99
CA ARG H 226 55.45 -24.97 -21.22
C ARG H 226 55.08 -23.52 -20.89
N ARG H 227 56.01 -22.59 -20.67
CA ARG H 227 55.65 -21.25 -20.20
C ARG H 227 54.87 -20.45 -21.24
N THR H 228 54.54 -21.13 -22.33
CA THR H 228 53.98 -20.59 -23.56
C THR H 228 52.45 -20.85 -23.61
N TYR H 229 51.94 -21.61 -22.65
CA TYR H 229 50.50 -21.88 -22.50
C TYR H 229 50.02 -21.99 -21.04
N GLN H 230 50.75 -22.70 -20.20
CA GLN H 230 50.53 -22.61 -18.76
C GLN H 230 50.81 -21.17 -18.23
N MET H 231 49.98 -20.73 -17.30
CA MET H 231 49.98 -19.32 -16.85
C MET H 231 51.21 -18.93 -16.07
N ASP H 232 51.39 -17.62 -15.96
CA ASP H 232 52.60 -17.04 -15.38
C ASP H 232 52.40 -16.86 -13.88
N PRO H 233 53.09 -17.66 -13.06
CA PRO H 233 52.88 -17.60 -11.60
C PRO H 233 52.86 -16.23 -11.02
N ARG H 234 53.51 -15.31 -11.70
CA ARG H 234 53.29 -13.90 -11.45
C ARG H 234 51.82 -13.40 -11.42
N ASN H 235 50.85 -14.12 -11.98
CA ASN H 235 49.52 -13.53 -12.30
C ASN H 235 48.34 -14.16 -11.63
N ALA H 236 47.64 -13.37 -10.82
CA ALA H 236 46.39 -13.82 -10.19
C ALA H 236 45.13 -13.39 -10.95
N TYR H 237 45.00 -12.10 -11.12
CA TYR H 237 43.91 -11.56 -11.87
C TYR H 237 43.74 -12.11 -13.30
N GLU H 238 44.82 -12.53 -13.94
CA GLU H 238 44.75 -13.25 -15.23
C GLU H 238 43.82 -14.45 -15.11
N ALA H 239 43.75 -15.11 -13.95
CA ALA H 239 42.91 -16.32 -13.82
C ALA H 239 41.42 -16.07 -13.75
N LEU H 240 41.01 -14.83 -13.51
CA LEU H 240 39.61 -14.48 -13.59
C LEU H 240 39.20 -14.44 -15.07
N LYS H 241 40.08 -13.98 -15.95
CA LYS H 241 39.86 -14.07 -17.40
C LYS H 241 39.77 -15.51 -17.86
N GLU H 242 40.64 -16.38 -17.36
CA GLU H 242 40.70 -17.78 -17.82
C GLU H 242 39.49 -18.61 -17.35
N VAL H 243 39.06 -18.39 -16.11
CA VAL H 243 37.88 -19.03 -15.53
C VAL H 243 36.57 -18.53 -16.18
N ALA H 244 36.49 -17.26 -16.54
CA ALA H 244 35.28 -16.70 -17.11
C ALA H 244 34.95 -17.26 -18.46
N MET H 245 35.98 -17.31 -19.29
CA MET H 245 35.86 -17.88 -20.63
C MET H 245 35.57 -19.38 -20.57
N ASP H 246 36.13 -20.11 -19.61
CA ASP H 246 35.89 -21.56 -19.55
C ASP H 246 34.40 -21.78 -19.18
N LEU H 247 33.82 -20.83 -18.43
CA LEU H 247 32.43 -20.92 -17.96
C LEU H 247 31.51 -20.65 -19.09
N GLU H 248 31.82 -19.61 -19.86
CA GLU H 248 31.07 -19.27 -21.04
C GLU H 248 31.13 -20.43 -22.01
N GLU H 249 32.21 -21.17 -22.08
CA GLU H 249 32.30 -22.26 -23.03
C GLU H 249 31.45 -23.52 -22.66
N GLY H 250 31.08 -23.67 -21.40
CA GLY H 250 30.29 -24.85 -20.93
C GLY H 250 30.91 -25.74 -19.85
N ALA H 251 32.03 -25.27 -19.29
CA ALA H 251 32.69 -25.99 -18.22
C ALA H 251 31.73 -26.08 -17.04
N ASP H 252 31.56 -27.27 -16.53
CA ASP H 252 30.64 -27.51 -15.43
C ASP H 252 31.30 -27.18 -14.11
N ILE H 253 32.60 -27.42 -14.05
CA ILE H 253 33.48 -27.23 -12.89
C ILE H 253 34.80 -26.63 -13.45
N VAL H 254 35.42 -25.77 -12.65
CA VAL H 254 36.53 -24.94 -13.04
C VAL H 254 37.61 -25.27 -12.00
N MET H 255 38.90 -25.41 -12.35
CA MET H 255 39.96 -25.71 -11.29
C MET H 255 41.20 -24.85 -11.30
N VAL H 256 41.88 -24.79 -10.14
CA VAL H 256 43.17 -24.10 -9.96
C VAL H 256 44.27 -25.14 -9.68
N LYS H 257 45.33 -25.14 -10.51
CA LYS H 257 46.44 -26.11 -10.43
C LYS H 257 47.73 -25.32 -10.68
N PRO H 258 48.73 -25.43 -9.83
CA PRO H 258 48.71 -26.22 -8.59
C PRO H 258 47.93 -25.49 -7.50
N ALA H 259 47.73 -26.15 -6.35
CA ALA H 259 46.84 -25.66 -5.31
C ALA H 259 47.52 -24.88 -4.17
N LEU H 260 48.63 -25.39 -3.64
CA LEU H 260 49.20 -24.92 -2.36
C LEU H 260 49.81 -23.55 -2.51
N ALA H 261 50.66 -23.41 -3.52
CA ALA H 261 51.29 -22.14 -3.79
C ALA H 261 50.43 -21.17 -4.63
N TYR H 262 49.10 -21.39 -4.68
CA TYR H 262 48.14 -20.52 -5.40
C TYR H 262 46.78 -20.38 -4.64
N LEU H 263 46.88 -20.33 -3.31
CA LEU H 263 45.71 -20.28 -2.45
C LEU H 263 45.12 -18.91 -2.55
N ASP H 264 45.97 -17.94 -2.78
CA ASP H 264 45.49 -16.60 -3.03
C ASP H 264 44.56 -16.62 -4.25
N VAL H 265 44.95 -17.36 -5.29
CA VAL H 265 44.24 -17.39 -6.57
C VAL H 265 42.99 -18.18 -6.41
N ILE H 266 43.02 -19.30 -5.67
CA ILE H 266 41.76 -20.00 -5.38
C ILE H 266 40.75 -19.01 -4.84
N ARG H 267 40.97 -18.48 -3.64
CA ARG H 267 40.10 -17.46 -3.05
C ARG H 267 39.70 -16.31 -4.01
N LEU H 268 40.59 -15.83 -4.88
CA LEU H 268 40.25 -14.73 -5.81
C LEU H 268 39.19 -15.14 -6.83
N VAL H 269 39.38 -16.34 -7.40
CA VAL H 269 38.40 -16.96 -8.28
C VAL H 269 37.11 -17.14 -7.52
N LYS H 270 37.18 -17.68 -6.31
CA LYS H 270 36.01 -18.14 -5.61
C LYS H 270 35.22 -16.99 -5.19
N GLN H 271 35.86 -15.88 -4.89
CA GLN H 271 35.15 -14.69 -4.44
C GLN H 271 34.59 -13.85 -5.60
N HIS H 272 34.12 -14.52 -6.65
CA HIS H 272 33.93 -13.92 -7.97
C HIS H 272 33.09 -14.77 -8.83
N PHE H 273 33.21 -16.07 -8.62
CA PHE H 273 32.35 -17.03 -9.17
C PHE H 273 31.97 -17.90 -7.99
N PRO H 274 31.19 -17.34 -7.05
CA PRO H 274 30.68 -18.12 -5.92
C PRO H 274 29.76 -19.28 -6.30
N TRP H 275 29.15 -19.18 -7.48
CA TRP H 275 28.09 -20.07 -7.95
C TRP H 275 28.65 -21.25 -8.72
N VAL H 276 29.92 -21.18 -9.13
CA VAL H 276 30.57 -22.34 -9.79
C VAL H 276 31.20 -23.22 -8.69
N PRO H 277 31.18 -24.55 -8.85
CA PRO H 277 32.10 -25.38 -8.08
C PRO H 277 33.50 -25.14 -8.56
N LEU H 278 34.42 -25.07 -7.60
CA LEU H 278 35.83 -24.83 -7.84
C LEU H 278 36.66 -26.01 -7.37
N ALA H 279 37.31 -26.71 -8.30
CA ALA H 279 38.31 -27.74 -7.97
C ALA H 279 39.68 -27.11 -7.64
N ALA H 280 40.56 -27.89 -7.02
CA ALA H 280 41.97 -27.52 -6.78
C ALA H 280 42.84 -28.78 -6.81
N TYR H 281 44.00 -28.68 -7.46
CA TYR H 281 44.88 -29.84 -7.59
C TYR H 281 46.11 -29.75 -6.66
N ASN H 282 46.07 -30.51 -5.56
CA ASN H 282 47.22 -30.75 -4.70
C ASN H 282 48.13 -31.70 -5.45
N VAL H 283 49.20 -31.14 -6.01
CA VAL H 283 49.90 -31.79 -7.13
C VAL H 283 50.95 -32.83 -6.76
N SER H 284 51.37 -33.51 -7.84
CA SER H 284 52.61 -34.23 -7.95
C SER H 284 53.64 -33.72 -6.89
N GLY H 285 53.96 -32.42 -6.95
CA GLY H 285 54.96 -31.78 -6.08
C GLY H 285 54.69 -31.57 -4.60
N GLU H 286 53.49 -31.18 -4.22
CA GLU H 286 53.17 -30.85 -2.82
C GLU H 286 52.79 -32.12 -2.04
N TYR H 287 52.89 -33.25 -2.72
CA TYR H 287 52.95 -34.56 -2.11
C TYR H 287 54.42 -34.92 -1.90
N SER H 288 55.19 -34.83 -2.98
CA SER H 288 56.64 -35.14 -2.99
C SER H 288 57.45 -34.25 -2.08
N LEU H 289 57.18 -32.95 -2.09
CA LEU H 289 57.71 -32.05 -1.06
C LEU H 289 57.41 -32.61 0.32
N VAL H 290 56.15 -32.94 0.61
CA VAL H 290 55.81 -33.42 1.95
C VAL H 290 56.47 -34.75 2.30
N LYS H 291 56.37 -35.76 1.45
CA LYS H 291 56.99 -37.06 1.74
C LYS H 291 58.50 -36.97 1.89
N ALA H 292 59.10 -36.00 1.22
CA ALA H 292 60.51 -35.70 1.40
C ALA H 292 60.81 -35.24 2.85
N ALA H 293 60.23 -34.11 3.26
CA ALA H 293 60.44 -33.60 4.62
C ALA H 293 60.07 -34.67 5.65
N ALA H 294 58.94 -35.32 5.43
CA ALA H 294 58.48 -36.41 6.29
C ALA H 294 59.58 -37.43 6.49
N THR H 295 59.96 -38.16 5.43
CA THR H 295 61.05 -39.15 5.48
C THR H 295 62.27 -38.56 6.22
N ALA H 296 62.80 -37.45 5.72
CA ALA H 296 64.04 -36.88 6.27
C ALA H 296 63.80 -35.88 7.43
N GLY H 297 63.00 -36.30 8.42
CA GLY H 297 63.10 -35.73 9.77
C GLY H 297 62.31 -34.49 10.16
N TYR H 298 62.12 -33.56 9.22
CA TYR H 298 61.74 -32.15 9.53
C TYR H 298 60.30 -31.89 10.06
N VAL H 299 59.35 -32.76 9.69
CA VAL H 299 57.90 -32.48 9.83
C VAL H 299 57.08 -33.73 10.19
N ASP H 300 55.88 -33.53 10.78
CA ASP H 300 54.87 -34.60 10.97
C ASP H 300 54.02 -34.70 9.74
N GLU H 301 54.31 -35.71 8.92
CA GLU H 301 53.51 -36.07 7.75
C GLU H 301 51.99 -35.91 7.95
N ARG H 302 51.44 -36.45 9.03
CA ARG H 302 50.00 -36.35 9.27
C ARG H 302 49.55 -34.91 9.51
N THR H 303 50.09 -34.23 10.52
CA THR H 303 49.56 -32.91 10.84
C THR H 303 49.87 -31.86 9.77
N ILE H 304 50.93 -32.01 8.97
CA ILE H 304 51.18 -31.06 7.89
C ILE H 304 50.44 -31.37 6.58
N THR H 305 49.98 -32.59 6.32
CA THR H 305 49.13 -32.77 5.12
C THR H 305 47.68 -32.30 5.39
N LEU H 306 47.26 -32.35 6.65
CA LEU H 306 45.94 -31.93 7.03
C LEU H 306 45.88 -30.43 7.31
N GLU H 307 47.05 -29.80 7.47
CA GLU H 307 47.13 -28.34 7.48
C GLU H 307 47.06 -27.88 6.02
N ILE H 308 47.78 -28.60 5.15
CA ILE H 308 47.84 -28.29 3.74
C ILE H 308 46.49 -28.50 3.01
N LEU H 309 45.83 -29.65 3.22
CA LEU H 309 44.53 -29.91 2.58
C LEU H 309 43.46 -29.02 3.16
N THR H 310 43.52 -28.73 4.47
CA THR H 310 42.57 -27.80 5.05
C THR H 310 42.78 -26.44 4.46
N ALA H 311 44.02 -26.04 4.22
CA ALA H 311 44.30 -24.72 3.62
C ALA H 311 43.61 -24.56 2.29
N ILE H 312 43.73 -25.57 1.44
CA ILE H 312 42.98 -25.65 0.15
C ILE H 312 41.43 -25.44 0.27
N LYS H 313 40.79 -26.06 1.24
CA LYS H 313 39.37 -25.81 1.52
C LYS H 313 39.05 -24.38 1.98
N ARG H 314 39.87 -23.89 2.90
CA ARG H 314 39.61 -22.62 3.56
C ARG H 314 39.63 -21.48 2.58
N ALA H 315 40.53 -21.59 1.60
CA ALA H 315 40.66 -20.65 0.50
C ALA H 315 39.41 -20.69 -0.44
N GLY H 316 38.84 -21.88 -0.65
CA GLY H 316 37.61 -21.94 -1.42
C GLY H 316 37.26 -23.19 -2.19
N ALA H 317 38.21 -24.08 -2.34
CA ALA H 317 38.01 -25.23 -3.20
C ALA H 317 36.90 -26.09 -2.69
N ASP H 318 36.08 -26.61 -3.60
CA ASP H 318 34.97 -27.45 -3.20
C ASP H 318 35.42 -28.86 -3.28
N LEU H 319 36.19 -29.18 -4.33
CA LEU H 319 36.85 -30.48 -4.49
C LEU H 319 38.37 -30.33 -4.42
N ILE H 320 39.05 -31.38 -3.98
CA ILE H 320 40.51 -31.41 -4.07
C ILE H 320 40.91 -32.65 -4.85
N LEU H 321 41.76 -32.50 -5.87
CA LEU H 321 42.45 -33.66 -6.46
C LEU H 321 43.68 -33.79 -5.65
N THR H 322 44.06 -34.98 -5.18
CA THR H 322 45.30 -35.18 -4.42
C THR H 322 45.72 -36.61 -4.48
N TYR H 323 47.02 -36.85 -4.41
CA TYR H 323 47.51 -38.23 -4.44
C TYR H 323 47.56 -38.79 -3.00
N HIS H 324 47.39 -37.88 -2.01
CA HIS H 324 47.15 -38.25 -0.59
C HIS H 324 45.79 -38.92 -0.44
N ALA H 325 44.74 -38.28 -0.95
CA ALA H 325 43.38 -38.86 -0.95
C ALA H 325 43.11 -40.01 0.04
N LEU H 326 43.58 -41.23 -0.26
CA LEU H 326 43.39 -42.40 0.62
C LEU H 326 43.96 -42.16 2.00
N GLU H 327 45.27 -41.88 2.11
CA GLU H 327 45.89 -41.61 3.44
C GLU H 327 45.20 -40.46 4.23
N ALA H 328 44.88 -39.35 3.55
CA ALA H 328 44.14 -38.23 4.15
C ALA H 328 42.75 -38.62 4.66
N ALA H 329 42.14 -39.64 4.03
CA ALA H 329 40.79 -40.06 4.38
C ALA H 329 40.73 -40.81 5.69
N LYS H 330 41.68 -41.71 5.95
CA LYS H 330 41.76 -42.39 7.27
C LYS H 330 42.16 -41.43 8.38
N TRP H 331 42.81 -40.33 8.02
CA TRP H 331 42.90 -39.14 8.89
C TRP H 331 41.44 -38.53 9.04
N ILE H 332 40.77 -39.23 9.95
CA ILE H 332 39.32 -39.33 10.14
C ILE H 332 39.17 -39.07 11.65
N LYS H 333 39.93 -38.07 12.12
CA LYS H 333 40.09 -37.70 13.55
C LYS H 333 40.94 -36.39 13.62
N GLU H 334 40.28 -35.24 13.75
CA GLU H 334 40.79 -33.96 13.23
C GLU H 334 41.78 -33.11 14.09
N GLY H 335 43.09 -33.21 13.79
CA GLY H 335 44.12 -32.77 14.72
C GLY H 335 44.48 -31.32 14.64
N LEU H 336 43.61 -30.46 15.20
CA LEU H 336 43.63 -28.96 14.93
C LEU H 336 42.90 -28.11 16.04
N MET I 1 -60.83 -7.44 -21.25
CA MET I 1 -62.08 -7.01 -21.97
C MET I 1 -62.55 -8.17 -22.87
N ARG I 2 -63.87 -8.33 -23.02
CA ARG I 2 -64.46 -9.40 -23.86
C ARG I 2 -64.58 -9.02 -25.34
N VAL I 3 -64.06 -7.84 -25.70
CA VAL I 3 -64.13 -7.31 -27.04
C VAL I 3 -62.97 -7.86 -27.87
N GLN I 4 -63.29 -8.26 -29.11
CA GLN I 4 -62.41 -9.01 -30.00
C GLN I 4 -62.48 -8.44 -31.44
N PHE I 5 -61.36 -8.51 -32.17
CA PHE I 5 -61.26 -8.11 -33.58
C PHE I 5 -61.34 -9.38 -34.47
N PRO I 6 -61.86 -9.28 -35.71
CA PRO I 6 -62.35 -8.06 -36.37
C PRO I 6 -63.78 -7.58 -36.04
N THR I 7 -64.52 -8.35 -35.22
CA THR I 7 -65.90 -8.03 -34.84
C THR I 7 -65.99 -6.61 -34.29
N THR I 8 -64.94 -6.18 -33.58
CA THR I 8 -64.76 -4.78 -33.08
C THR I 8 -63.51 -4.08 -33.70
N ARG I 9 -63.74 -2.89 -34.25
CA ARG I 9 -62.73 -2.10 -34.97
C ARG I 9 -62.57 -0.72 -34.30
N PRO I 10 -61.70 -0.62 -33.27
CA PRO I 10 -61.48 0.65 -32.57
C PRO I 10 -61.42 1.89 -33.47
N ARG I 11 -60.93 1.69 -34.69
CA ARG I 11 -60.60 2.76 -35.57
C ARG I 11 -61.80 3.37 -36.27
N ARG I 12 -62.97 2.71 -36.15
CA ARG I 12 -64.26 3.24 -36.62
C ARG I 12 -64.56 4.55 -35.94
N LEU I 13 -64.26 4.65 -34.63
CA LEU I 13 -64.43 5.93 -33.90
C LEU I 13 -63.36 7.02 -34.16
N ARG I 14 -62.50 6.81 -35.14
CA ARG I 14 -61.47 7.78 -35.49
C ARG I 14 -61.59 8.23 -36.95
N ALA I 15 -62.59 7.70 -37.64
CA ALA I 15 -62.84 7.96 -39.06
C ALA I 15 -63.11 9.41 -39.45
N SER I 16 -64.14 10.02 -38.85
CA SER I 16 -64.45 11.44 -39.12
C SER I 16 -63.91 12.31 -38.00
N LYS I 17 -63.91 13.63 -38.19
CA LYS I 17 -63.56 14.51 -37.07
C LYS I 17 -64.77 14.57 -36.17
N ILE I 18 -65.88 15.06 -36.71
CA ILE I 18 -67.14 15.08 -35.98
C ILE I 18 -67.12 13.98 -34.93
N ILE I 19 -66.92 12.74 -35.39
CA ILE I 19 -67.07 11.59 -34.53
C ILE I 19 -66.01 11.44 -33.48
N ARG I 20 -64.78 11.86 -33.73
CA ARG I 20 -63.74 11.85 -32.68
C ARG I 20 -64.11 12.83 -31.57
N ASP I 21 -64.73 13.94 -31.98
CA ASP I 21 -65.23 14.96 -31.08
C ASP I 21 -66.55 14.56 -30.46
N ALA I 22 -67.36 13.81 -31.18
CA ALA I 22 -68.57 13.21 -30.59
C ALA I 22 -68.31 12.52 -29.26
N VAL I 23 -67.29 11.65 -29.26
CA VAL I 23 -67.04 10.64 -28.22
C VAL I 23 -65.78 10.84 -27.41
N ALA I 24 -65.06 11.93 -27.66
CA ALA I 24 -63.91 12.30 -26.82
C ALA I 24 -64.32 12.46 -25.36
N GLU I 25 -63.47 11.92 -24.50
CA GLU I 25 -63.74 11.79 -23.08
C GLU I 25 -63.46 13.05 -22.27
N THR I 26 -62.76 14.02 -22.87
CA THR I 26 -62.21 15.17 -22.16
C THR I 26 -62.43 16.45 -22.94
N GLN I 27 -62.93 17.50 -22.29
CA GLN I 27 -62.99 18.82 -22.92
C GLN I 27 -62.28 19.83 -22.04
N ILE I 28 -62.15 21.04 -22.58
CA ILE I 28 -61.39 22.14 -21.98
C ILE I 28 -61.98 23.48 -22.41
N ASP I 29 -61.72 24.54 -21.64
CA ASP I 29 -62.10 25.92 -22.01
C ASP I 29 -61.52 26.93 -21.02
N ALA I 30 -61.60 28.21 -21.38
CA ALA I 30 -60.95 29.27 -20.59
C ALA I 30 -61.67 29.53 -19.30
N GLY I 31 -62.81 28.88 -19.12
CA GLY I 31 -63.47 28.83 -17.84
C GLY I 31 -62.66 28.07 -16.83
N ASP I 32 -61.90 27.08 -17.28
CA ASP I 32 -61.10 26.26 -16.39
C ASP I 32 -59.69 26.81 -16.07
N PHE I 33 -59.28 27.95 -16.64
CA PHE I 33 -57.96 28.58 -16.30
C PHE I 33 -57.96 29.56 -15.13
N ILE I 34 -56.78 29.72 -14.53
CA ILE I 34 -56.50 30.84 -13.66
C ILE I 34 -55.20 31.51 -14.12
N TYR I 35 -55.27 32.75 -14.56
CA TYR I 35 -54.10 33.43 -15.09
C TYR I 35 -53.33 33.99 -13.90
N PRO I 36 -52.00 33.80 -13.89
CA PRO I 36 -51.14 34.53 -12.97
C PRO I 36 -50.68 35.91 -13.45
N LEU I 37 -50.56 36.81 -12.46
CA LEU I 37 -50.03 38.15 -12.66
C LEU I 37 -48.87 38.32 -11.74
N PHE I 38 -47.72 38.71 -12.28
CA PHE I 38 -46.61 39.17 -11.45
C PHE I 38 -46.74 40.68 -11.26
N VAL I 39 -46.75 41.11 -10.02
CA VAL I 39 -47.12 42.47 -9.64
C VAL I 39 -45.99 43.05 -8.83
N LYS I 40 -45.72 44.33 -9.02
CA LYS I 40 -44.49 44.95 -8.51
C LYS I 40 -44.76 46.38 -8.03
N PRO I 41 -43.99 46.83 -6.99
CA PRO I 41 -44.45 47.92 -6.17
C PRO I 41 -44.15 49.25 -6.78
N GLY I 42 -43.14 49.32 -7.66
CA GLY I 42 -42.80 50.58 -8.31
C GLY I 42 -42.71 50.45 -9.81
N GLY I 43 -41.83 51.27 -10.39
CA GLY I 43 -41.35 51.14 -11.75
C GLY I 43 -42.42 51.12 -12.82
N GLU I 44 -41.96 50.73 -14.02
CA GLU I 44 -42.77 50.63 -15.24
C GLU I 44 -42.83 49.18 -15.70
N ARG I 45 -43.58 48.93 -16.77
CA ARG I 45 -43.86 47.58 -17.21
C ARG I 45 -42.61 46.94 -17.73
N GLU I 46 -42.34 45.74 -17.24
CA GLU I 46 -41.01 45.16 -17.25
C GLU I 46 -41.11 43.76 -17.88
N PRO I 47 -40.42 43.52 -19.01
CA PRO I 47 -40.56 42.23 -19.66
C PRO I 47 -39.78 41.16 -18.95
N ILE I 48 -40.38 39.99 -18.78
CA ILE I 48 -39.72 38.89 -18.08
C ILE I 48 -38.92 38.07 -19.07
N GLY I 49 -37.71 37.72 -18.67
CA GLY I 49 -36.70 37.23 -19.58
C GLY I 49 -36.97 35.82 -19.99
N PRO I 50 -36.80 34.85 -19.06
CA PRO I 50 -36.88 33.45 -19.40
C PRO I 50 -38.30 32.92 -19.33
N MET I 51 -39.31 33.81 -19.41
CA MET I 51 -40.63 33.38 -19.85
C MET I 51 -40.56 33.05 -21.39
N PRO I 52 -41.02 33.86 -22.37
CA PRO I 52 -41.44 35.23 -22.29
C PRO I 52 -42.72 35.45 -23.06
N GLY I 53 -43.15 36.70 -23.08
CA GLY I 53 -44.51 37.04 -23.43
C GLY I 53 -45.28 37.35 -22.16
N ILE I 54 -44.66 37.06 -21.00
CA ILE I 54 -45.17 37.48 -19.72
C ILE I 54 -44.30 38.62 -19.24
N TYR I 55 -44.94 39.58 -18.55
CA TYR I 55 -44.30 40.78 -18.01
C TYR I 55 -44.63 40.93 -16.52
N ARG I 56 -43.86 41.77 -15.85
CA ARG I 56 -44.11 42.14 -14.45
C ARG I 56 -44.89 43.43 -14.46
N TRP I 57 -46.09 43.37 -13.89
CA TRP I 57 -47.00 44.50 -13.97
C TRP I 57 -46.77 45.35 -12.75
N PRO I 58 -46.43 46.63 -12.96
CA PRO I 58 -46.54 47.63 -11.90
C PRO I 58 -47.96 47.98 -11.60
N VAL I 59 -48.38 47.78 -10.36
CA VAL I 59 -49.78 47.95 -10.05
C VAL I 59 -50.21 49.36 -10.41
N GLY I 60 -50.76 49.49 -11.61
CA GLY I 60 -51.03 50.78 -12.20
C GLY I 60 -52.34 50.68 -12.93
N ARG I 61 -52.34 51.00 -14.22
CA ARG I 61 -53.51 50.86 -15.10
C ARG I 61 -53.12 49.92 -16.21
N GLU I 62 -52.28 48.92 -15.93
CA GLU I 62 -52.15 47.76 -16.81
C GLU I 62 -52.76 46.52 -16.17
N LEU I 63 -53.50 46.73 -15.10
CA LEU I 63 -54.90 46.29 -15.02
C LEU I 63 -55.68 46.34 -16.35
N ILE I 64 -55.74 47.53 -16.96
CA ILE I 64 -56.42 47.77 -18.26
C ILE I 64 -55.83 46.73 -19.22
N ASN I 65 -54.54 46.92 -19.47
CA ASN I 65 -53.69 46.14 -20.38
C ASN I 65 -54.07 44.65 -20.30
N HIS I 66 -54.36 44.17 -19.09
CA HIS I 66 -54.45 42.77 -18.85
C HIS I 66 -55.74 42.32 -18.28
N VAL I 67 -56.05 42.72 -17.07
CA VAL I 67 -57.19 42.06 -16.42
C VAL I 67 -58.46 42.28 -17.28
N GLU I 68 -58.55 43.44 -17.94
CA GLU I 68 -59.63 43.70 -18.90
C GLU I 68 -59.44 42.83 -20.15
N GLU I 69 -58.23 42.78 -20.70
CA GLU I 69 -57.95 41.91 -21.86
C GLU I 69 -58.30 40.47 -21.58
N ALA I 70 -57.82 39.99 -20.44
CA ALA I 70 -58.10 38.64 -19.95
C ALA I 70 -59.57 38.33 -19.86
N LEU I 71 -60.35 39.31 -19.45
CA LEU I 71 -61.82 39.17 -19.40
C LEU I 71 -62.52 39.17 -20.78
N SER I 72 -62.03 39.96 -21.73
CA SER I 72 -62.52 39.89 -23.12
C SER I 72 -62.28 38.50 -23.72
N LEU I 73 -61.30 37.77 -23.20
CA LEU I 73 -61.03 36.39 -23.62
C LEU I 73 -61.62 35.34 -22.68
N GLY I 74 -62.64 35.70 -21.92
CA GLY I 74 -63.31 34.74 -21.03
C GLY I 74 -62.54 34.11 -19.87
N ILE I 75 -61.57 34.86 -19.30
CA ILE I 75 -60.73 34.43 -18.15
C ILE I 75 -60.85 35.40 -16.97
N ASN I 76 -61.47 34.90 -15.91
CA ASN I 76 -61.87 35.71 -14.74
C ASN I 76 -61.33 35.16 -13.37
N LYS I 77 -60.21 34.50 -13.41
CA LYS I 77 -59.59 34.01 -12.21
C LYS I 77 -58.17 34.47 -12.30
N PHE I 78 -57.71 35.12 -11.24
CA PHE I 78 -56.33 35.57 -11.19
C PHE I 78 -55.73 35.15 -9.88
N ILE I 79 -54.43 34.90 -9.93
CA ILE I 79 -53.60 34.62 -8.75
C ILE I 79 -52.41 35.61 -8.72
N LEU I 80 -52.31 36.30 -7.57
CA LEU I 80 -51.43 37.47 -7.39
C LEU I 80 -50.11 37.13 -6.69
N PHE I 81 -49.01 37.50 -7.38
CA PHE I 81 -47.66 37.16 -6.98
C PHE I 81 -46.85 38.44 -6.89
N GLY I 82 -46.28 38.69 -5.69
CA GLY I 82 -45.45 39.86 -5.44
C GLY I 82 -44.05 39.67 -5.95
N VAL I 83 -43.48 40.73 -6.53
CA VAL I 83 -42.09 40.75 -6.97
C VAL I 83 -41.60 42.04 -6.44
N LEU I 84 -40.72 41.99 -5.45
CA LEU I 84 -40.13 43.25 -4.94
C LEU I 84 -38.60 43.09 -4.78
N PRO I 85 -37.87 44.24 -4.79
CA PRO I 85 -36.43 44.19 -4.95
C PRO I 85 -35.69 43.90 -3.64
N ASP I 86 -34.40 43.55 -3.79
CA ASP I 86 -33.48 43.23 -2.66
C ASP I 86 -33.65 44.15 -1.49
N GLU I 87 -33.67 45.44 -1.82
CA GLU I 87 -33.61 46.55 -0.84
C GLU I 87 -34.74 46.63 0.22
N LEU I 88 -35.82 45.88 0.03
CA LEU I 88 -36.84 45.69 1.07
C LEU I 88 -37.29 44.24 1.20
N LYS I 89 -36.32 43.40 1.48
CA LYS I 89 -36.54 42.00 1.83
C LYS I 89 -35.84 41.78 3.18
N ASN I 90 -36.62 41.50 4.22
CA ASN I 90 -36.13 41.17 5.57
C ASN I 90 -35.53 39.79 5.63
N PRO I 91 -35.18 39.32 6.85
CA PRO I 91 -35.07 37.88 7.10
C PRO I 91 -36.38 37.22 7.60
N GLU I 92 -37.42 38.03 7.89
CA GLU I 92 -38.80 37.56 8.18
C GLU I 92 -39.83 38.12 7.18
N GLY I 93 -39.37 38.38 5.94
CA GLY I 93 -40.14 38.96 4.84
C GLY I 93 -41.50 39.57 5.09
N THR I 94 -41.54 40.89 5.26
CA THR I 94 -42.78 41.55 5.66
C THR I 94 -43.70 41.83 4.46
N GLY I 95 -43.15 42.16 3.29
CA GLY I 95 -43.94 42.57 2.12
C GLY I 95 -45.22 41.78 1.93
N GLY I 96 -45.14 40.50 2.33
CA GLY I 96 -46.29 39.63 2.54
C GLY I 96 -47.35 40.27 3.43
N TYR I 97 -47.03 40.42 4.72
CA TYR I 97 -47.97 40.89 5.76
C TYR I 97 -47.90 42.40 6.03
N ASP I 98 -47.27 43.12 5.10
CA ASP I 98 -47.37 44.57 5.00
C ASP I 98 -48.70 44.89 4.31
N PRO I 99 -49.58 45.70 4.94
CA PRO I 99 -50.86 46.02 4.29
C PRO I 99 -50.77 47.05 3.16
N GLU I 100 -49.62 47.72 3.03
CA GLU I 100 -49.37 48.66 1.93
C GLU I 100 -48.47 48.08 0.84
N GLY I 101 -48.29 46.75 0.85
CA GLY I 101 -47.40 46.07 -0.10
C GLY I 101 -48.02 45.96 -1.48
N VAL I 102 -47.24 45.45 -2.44
CA VAL I 102 -47.74 45.15 -3.79
C VAL I 102 -49.05 44.42 -3.89
N VAL I 103 -49.13 43.34 -3.14
CA VAL I 103 -50.15 42.32 -3.35
C VAL I 103 -51.43 42.66 -2.57
N PRO I 104 -51.40 43.45 -1.47
CA PRO I 104 -52.71 44.00 -1.07
C PRO I 104 -53.13 45.19 -1.92
N ARG I 105 -52.17 46.00 -2.35
CA ARG I 105 -52.48 47.12 -3.23
C ARG I 105 -53.13 46.67 -4.51
N ALA I 106 -52.61 45.57 -5.05
CA ALA I 106 -53.12 44.99 -6.27
C ALA I 106 -54.51 44.43 -6.04
N ILE I 107 -54.69 43.63 -4.98
CA ILE I 107 -56.02 43.05 -4.66
C ILE I 107 -57.04 44.18 -4.53
N ARG I 108 -56.75 45.15 -3.68
CA ARG I 108 -57.67 46.28 -3.51
C ARG I 108 -58.01 46.97 -4.83
N LEU I 109 -57.06 47.13 -5.77
CA LEU I 109 -57.32 47.84 -7.04
C LEU I 109 -58.18 47.08 -8.03
N ILE I 110 -57.88 45.79 -8.18
CA ILE I 110 -58.65 44.92 -9.07
C ILE I 110 -60.08 44.80 -8.55
N LYS I 111 -60.24 44.34 -7.30
CA LYS I 111 -61.59 44.16 -6.73
C LYS I 111 -62.36 45.48 -6.66
N GLU I 112 -61.67 46.61 -6.62
CA GLU I 112 -62.33 47.91 -6.67
C GLU I 112 -62.83 48.26 -8.06
N ILE I 113 -62.04 47.96 -9.08
CA ILE I 113 -62.45 48.24 -10.47
C ILE I 113 -63.36 47.20 -11.11
N PHE I 114 -63.10 45.90 -10.94
CA PHE I 114 -63.89 44.85 -11.59
C PHE I 114 -64.88 44.17 -10.67
N GLY I 115 -64.84 44.45 -9.39
CA GLY I 115 -65.89 43.95 -8.49
C GLY I 115 -65.97 42.45 -8.37
N ASP I 116 -67.19 41.92 -8.41
CA ASP I 116 -67.45 40.47 -8.54
C ASP I 116 -67.35 39.92 -9.97
N ARG I 117 -66.83 40.69 -10.94
CA ARG I 117 -66.60 40.17 -12.30
C ARG I 117 -65.33 39.34 -12.40
N VAL I 118 -64.46 39.42 -11.38
CA VAL I 118 -63.29 38.56 -11.30
C VAL I 118 -63.12 37.92 -9.93
N LEU I 119 -62.37 36.83 -9.91
CA LEU I 119 -61.94 36.17 -8.68
C LEU I 119 -60.44 36.39 -8.46
N VAL I 120 -60.07 36.67 -7.21
CA VAL I 120 -58.70 36.99 -6.84
C VAL I 120 -58.16 36.06 -5.75
N PHE I 121 -57.23 35.23 -6.16
CA PHE I 121 -56.47 34.35 -5.28
C PHE I 121 -55.18 35.11 -4.92
N ALA I 122 -54.76 35.06 -3.67
CA ALA I 122 -53.48 35.63 -3.33
C ALA I 122 -52.59 34.44 -3.03
N ASP I 123 -51.38 34.44 -3.60
CA ASP I 123 -50.37 33.50 -3.14
C ASP I 123 -49.88 33.94 -1.75
N VAL I 124 -49.98 33.01 -0.80
CA VAL I 124 -49.39 33.13 0.54
C VAL I 124 -48.09 32.34 0.57
N CYS I 125 -46.97 33.07 0.48
CA CYS I 125 -45.67 32.53 0.84
C CYS I 125 -44.66 33.65 0.87
N LEU I 126 -43.60 33.41 1.63
CA LEU I 126 -42.57 34.41 1.90
C LEU I 126 -41.35 34.40 0.97
N CYS I 127 -41.16 33.35 0.16
CA CYS I 127 -40.00 33.24 -0.76
C CYS I 127 -39.70 34.53 -1.55
N GLU I 128 -40.75 35.21 -2.03
CA GLU I 128 -40.61 36.45 -2.80
C GLU I 128 -40.31 37.67 -1.92
N TYR I 129 -40.41 37.48 -0.59
CA TYR I 129 -40.33 38.51 0.43
C TYR I 129 -39.17 38.43 1.41
N THR I 130 -38.56 37.26 1.58
CA THR I 130 -37.34 37.13 2.43
C THR I 130 -36.09 37.41 1.65
N ASP I 131 -35.07 37.95 2.32
CA ASP I 131 -33.71 38.07 1.74
C ASP I 131 -33.04 36.70 1.41
N HIS I 132 -33.22 35.76 2.34
CA HIS I 132 -32.60 34.46 2.17
C HIS I 132 -33.30 33.65 1.12
N GLY I 133 -34.54 34.01 0.80
CA GLY I 133 -35.22 33.51 -0.39
C GLY I 133 -35.84 32.14 -0.19
N HIS I 134 -36.30 31.86 1.02
CA HIS I 134 -36.93 30.59 1.34
C HIS I 134 -38.36 30.87 1.62
N CYS I 135 -39.15 29.82 1.47
CA CYS I 135 -40.56 29.92 1.73
C CYS I 135 -40.86 30.03 3.22
N GLY I 136 -39.85 29.83 4.09
CA GLY I 136 -40.02 30.08 5.51
C GLY I 136 -38.91 30.87 6.15
N VAL I 137 -38.88 30.78 7.49
CA VAL I 137 -37.95 31.48 8.38
C VAL I 137 -36.77 30.52 8.65
N VAL I 138 -35.54 31.00 8.44
CA VAL I 138 -34.34 30.20 8.61
C VAL I 138 -33.88 30.29 10.05
N LYS I 139 -33.45 29.17 10.61
CA LYS I 139 -33.00 29.03 12.01
C LYS I 139 -31.91 27.94 12.06
N GLU I 140 -31.22 27.83 13.19
CA GLU I 140 -30.20 26.79 13.40
C GLU I 140 -30.50 26.04 14.69
N LYS I 141 -30.57 24.70 14.60
CA LYS I 141 -30.57 23.81 15.76
C LYS I 141 -29.17 23.27 15.71
N ARG I 142 -28.33 23.79 16.60
CA ARG I 142 -26.84 23.73 16.51
C ARG I 142 -26.24 23.06 15.26
N ASP I 143 -26.70 21.84 14.97
CA ASP I 143 -26.45 21.14 13.69
C ASP I 143 -26.20 22.13 12.53
N ARG I 144 -27.25 22.71 11.96
CA ARG I 144 -27.11 23.72 10.88
C ARG I 144 -28.44 24.45 10.58
N TRP I 145 -28.42 25.19 9.45
CA TRP I 145 -29.57 25.60 8.58
C TRP I 145 -30.80 24.64 8.52
N TYR I 146 -31.99 25.15 8.87
CA TYR I 146 -33.24 24.37 8.75
C TYR I 146 -34.43 25.35 8.75
N VAL I 147 -35.51 25.06 8.02
CA VAL I 147 -36.52 26.10 7.75
C VAL I 147 -37.69 25.97 8.69
N ASP I 148 -37.62 26.65 9.83
CA ASP I 148 -38.47 26.30 10.99
C ASP I 148 -39.96 26.37 10.70
N ASN I 149 -40.63 25.27 11.05
CA ASN I 149 -41.99 25.02 10.65
C ASN I 149 -42.92 25.96 11.35
N ASP I 150 -43.26 25.71 12.61
CA ASP I 150 -44.39 26.40 13.19
C ASP I 150 -44.15 27.91 13.33
N GLU I 151 -42.91 28.39 13.16
CA GLU I 151 -42.67 29.86 13.14
C GLU I 151 -43.09 30.48 11.83
N THR I 152 -42.70 29.84 10.73
CA THR I 152 -43.09 30.32 9.41
C THR I 152 -44.62 30.32 9.20
N ILE I 153 -45.27 29.23 9.62
CA ILE I 153 -46.73 29.08 9.60
C ILE I 153 -47.57 30.21 10.21
N LYS I 154 -47.09 30.77 11.30
CA LYS I 154 -47.75 31.91 11.93
C LYS I 154 -47.84 33.10 10.98
N LEU I 155 -46.80 33.31 10.18
CA LEU I 155 -46.68 34.48 9.28
C LEU I 155 -47.42 34.29 7.97
N TYR I 156 -47.72 33.05 7.65
CA TYR I 156 -48.52 32.75 6.49
C TYR I 156 -49.85 33.27 6.92
N ALA I 157 -50.33 32.75 8.04
CA ALA I 157 -51.62 33.18 8.58
C ALA I 157 -51.75 34.69 8.82
N LYS I 158 -50.62 35.39 8.96
CA LYS I 158 -50.60 36.85 8.96
C LYS I 158 -50.82 37.43 7.56
N GLU I 159 -50.11 36.88 6.56
CA GLU I 159 -50.27 37.24 5.12
C GLU I 159 -51.70 37.01 4.70
N ALA I 160 -52.18 35.81 5.00
CA ALA I 160 -53.51 35.36 4.64
C ALA I 160 -54.61 36.26 5.18
N VAL I 161 -54.39 36.78 6.39
CA VAL I 161 -55.35 37.64 7.05
C VAL I 161 -55.32 39.05 6.48
N VAL I 162 -54.15 39.49 6.00
CA VAL I 162 -53.94 40.82 5.34
C VAL I 162 -54.42 40.90 3.88
N TYR I 163 -54.45 39.77 3.18
CA TYR I 163 -55.03 39.76 1.84
C TYR I 163 -56.55 39.83 1.94
N ALA I 164 -57.12 39.15 2.94
CA ALA I 164 -58.53 39.23 3.22
C ALA I 164 -58.95 40.57 3.82
N GLU I 165 -58.01 41.35 4.35
CA GLU I 165 -58.28 42.77 4.63
C GLU I 165 -58.57 43.42 3.27
N ALA I 166 -57.60 43.33 2.35
CA ALA I 166 -57.73 43.82 0.96
C ALA I 166 -58.90 43.23 0.16
N GLY I 167 -59.32 42.02 0.51
CA GLY I 167 -60.51 41.38 -0.07
C GLY I 167 -60.20 40.32 -1.12
N ALA I 168 -59.24 39.48 -0.78
CA ALA I 168 -58.87 38.41 -1.67
C ALA I 168 -60.04 37.49 -1.59
N ASP I 169 -60.52 37.03 -2.73
CA ASP I 169 -61.64 36.09 -2.77
C ASP I 169 -61.24 34.74 -2.19
N PHE I 170 -59.97 34.39 -2.40
CA PHE I 170 -59.38 33.13 -1.99
C PHE I 170 -57.94 33.39 -1.53
N VAL I 171 -57.29 32.37 -0.98
CA VAL I 171 -55.97 32.50 -0.38
C VAL I 171 -55.22 31.19 -0.69
N ALA I 172 -53.92 31.22 -1.03
CA ALA I 172 -53.24 29.95 -1.46
C ALA I 172 -51.80 29.67 -0.96
N PRO I 173 -51.64 28.84 0.08
CA PRO I 173 -50.30 28.64 0.63
C PRO I 173 -49.34 27.71 -0.19
N SER I 174 -48.30 28.32 -0.78
CA SER I 174 -47.37 27.57 -1.62
C SER I 174 -46.12 26.99 -0.92
N GLY I 175 -45.99 27.20 0.40
CA GLY I 175 -44.78 26.83 1.12
C GLY I 175 -44.59 25.37 1.48
N MET I 176 -45.57 24.52 1.22
CA MET I 176 -45.50 23.14 1.70
C MET I 176 -45.08 22.97 3.16
N MET I 177 -45.34 23.99 3.98
CA MET I 177 -45.10 23.89 5.43
C MET I 177 -46.29 23.13 6.07
N ASP I 178 -46.02 22.45 7.18
CA ASP I 178 -46.92 21.41 7.69
C ASP I 178 -47.92 22.00 8.68
N GLY I 179 -49.23 21.78 8.45
CA GLY I 179 -50.28 22.41 9.26
C GLY I 179 -50.51 23.89 8.98
N GLN I 180 -50.12 24.34 7.79
CA GLN I 180 -50.26 25.73 7.33
C GLN I 180 -51.68 26.08 6.83
N VAL I 181 -52.47 25.08 6.40
CA VAL I 181 -53.90 25.31 6.08
C VAL I 181 -54.61 25.60 7.37
N ARG I 182 -54.51 24.65 8.28
CA ARG I 182 -55.09 24.78 9.62
C ARG I 182 -54.82 26.12 10.25
N GLU I 183 -53.55 26.54 10.22
CA GLU I 183 -53.14 27.79 10.86
C GLU I 183 -53.85 28.99 10.21
N ILE I 184 -53.88 28.99 8.87
CA ILE I 184 -54.57 30.02 8.10
C ILE I 184 -56.08 30.03 8.34
N ARG I 185 -56.72 28.86 8.28
CA ARG I 185 -58.18 28.74 8.52
C ARG I 185 -58.56 29.37 9.84
N ARG I 186 -57.98 28.87 10.92
CA ARG I 186 -58.27 29.34 12.26
C ARG I 186 -58.19 30.88 12.34
N ALA I 187 -57.20 31.47 11.63
CA ALA I 187 -56.96 32.92 11.66
C ALA I 187 -58.01 33.73 10.93
N LEU I 188 -58.24 33.38 9.66
CA LEU I 188 -59.26 34.05 8.80
C LEU I 188 -60.62 34.00 9.47
N ASP I 189 -60.96 32.85 10.05
CA ASP I 189 -62.24 32.68 10.73
C ASP I 189 -62.35 33.65 11.93
N ALA I 190 -61.33 33.65 12.79
CA ALA I 190 -61.32 34.52 13.95
C ALA I 190 -61.12 36.03 13.67
N HIS I 191 -60.80 36.43 12.42
CA HIS I 191 -61.03 37.83 11.96
C HIS I 191 -62.31 37.98 11.10
N GLY I 192 -63.25 37.05 11.23
CA GLY I 192 -64.56 37.19 10.62
C GLY I 192 -64.58 37.04 9.12
N PHE I 193 -63.59 36.30 8.59
CA PHE I 193 -63.47 36.02 7.14
C PHE I 193 -63.70 34.55 6.79
N GLU I 194 -64.82 34.00 7.26
CA GLU I 194 -65.21 32.65 6.86
C GLU I 194 -65.53 32.61 5.36
N GLU I 195 -65.95 33.77 4.84
CA GLU I 195 -66.28 33.92 3.42
C GLU I 195 -65.02 33.65 2.55
N VAL I 196 -63.82 33.88 3.08
CA VAL I 196 -62.55 33.64 2.35
C VAL I 196 -62.18 32.18 2.35
N GLY I 197 -61.88 31.66 1.16
CA GLY I 197 -61.50 30.26 0.97
C GLY I 197 -60.01 30.06 0.75
N ILE I 198 -59.58 28.81 0.94
CA ILE I 198 -58.18 28.40 0.81
C ILE I 198 -57.99 27.42 -0.36
N MET I 199 -57.31 27.85 -1.44
CA MET I 199 -56.81 26.93 -2.46
C MET I 199 -55.43 26.42 -2.01
N ALA I 200 -55.36 25.19 -1.50
CA ALA I 200 -54.07 24.67 -1.02
C ALA I 200 -53.21 24.12 -2.15
N TYR I 201 -51.96 24.57 -2.21
CA TYR I 201 -50.96 23.93 -3.03
C TYR I 201 -50.55 22.68 -2.25
N SER I 202 -51.29 21.61 -2.40
CA SER I 202 -51.22 20.47 -1.48
C SER I 202 -50.08 19.48 -1.77
N ALA I 203 -49.79 19.28 -3.04
CA ALA I 203 -48.70 18.43 -3.47
C ALA I 203 -47.84 19.26 -4.40
N LYS I 204 -47.04 20.15 -3.80
CA LYS I 204 -46.03 20.94 -4.54
C LYS I 204 -44.67 20.24 -4.49
N TYR I 205 -44.10 20.00 -5.65
CA TYR I 205 -42.92 19.16 -5.73
C TYR I 205 -41.63 19.99 -5.84
N ALA I 206 -40.59 19.49 -5.18
CA ALA I 206 -39.20 19.86 -5.47
C ALA I 206 -38.88 19.69 -6.94
N SER I 207 -39.09 20.75 -7.70
CA SER I 207 -38.93 20.62 -9.14
C SER I 207 -37.83 21.50 -9.73
N ALA I 208 -37.19 20.94 -10.76
CA ALA I 208 -36.43 21.69 -11.76
C ALA I 208 -37.28 22.65 -12.60
N PHE I 209 -38.56 22.34 -12.81
CA PHE I 209 -39.42 23.16 -13.68
C PHE I 209 -39.77 24.59 -13.17
N TYR I 210 -39.16 25.08 -12.08
CA TYR I 210 -39.42 26.45 -11.60
C TYR I 210 -38.38 27.48 -12.00
N GLY I 211 -37.37 27.10 -12.80
CA GLY I 211 -36.25 28.01 -13.09
C GLY I 211 -36.72 29.45 -13.33
N PRO I 212 -37.57 29.63 -14.36
CA PRO I 212 -38.10 30.93 -14.74
C PRO I 212 -38.97 31.66 -13.69
N PHE I 213 -39.83 30.95 -12.95
CA PHE I 213 -40.66 31.63 -11.92
C PHE I 213 -39.80 32.40 -10.95
N ARG I 214 -38.65 31.83 -10.59
CA ARG I 214 -37.71 32.54 -9.73
C ARG I 214 -37.20 33.85 -10.39
N VAL I 215 -37.01 33.82 -11.71
CA VAL I 215 -36.59 35.00 -12.45
C VAL I 215 -37.75 35.97 -12.72
N ALA I 216 -38.98 35.48 -12.68
CA ALA I 216 -40.13 36.36 -12.55
C ALA I 216 -40.11 37.10 -11.21
N ALA I 217 -40.16 36.36 -10.10
CA ALA I 217 -40.44 36.96 -8.79
C ALA I 217 -39.27 37.34 -7.83
N ALA I 218 -38.01 37.16 -8.24
CA ALA I 218 -36.88 37.22 -7.30
C ALA I 218 -37.15 36.31 -6.10
N SER I 219 -37.40 35.04 -6.43
CA SER I 219 -37.84 34.03 -5.48
C SER I 219 -36.69 33.11 -5.06
N ALA I 220 -35.68 33.00 -5.91
CA ALA I 220 -34.65 31.95 -5.77
C ALA I 220 -33.94 31.89 -4.42
N PRO I 221 -33.67 30.67 -3.91
CA PRO I 221 -32.95 30.53 -2.65
C PRO I 221 -31.47 30.81 -2.87
N LYS I 222 -30.82 31.35 -1.83
CA LYS I 222 -29.37 31.60 -1.82
C LYS I 222 -28.61 30.54 -1.04
N PHE I 223 -29.29 29.68 -0.25
CA PHE I 223 -28.66 28.48 0.36
C PHE I 223 -29.34 27.26 -0.30
N GLY I 224 -29.07 27.14 -1.59
CA GLY I 224 -30.07 26.66 -2.52
C GLY I 224 -30.63 25.27 -2.40
N ASP I 225 -31.62 25.03 -1.52
CA ASP I 225 -32.40 23.78 -1.58
C ASP I 225 -33.77 23.83 -0.91
N ARG I 226 -34.82 23.66 -1.71
CA ARG I 226 -36.17 23.47 -1.18
C ARG I 226 -36.53 22.00 -0.82
N ARG I 227 -35.63 21.03 -1.02
CA ARG I 227 -36.06 19.62 -1.02
C ARG I 227 -36.56 19.15 0.37
N THR I 228 -36.28 19.96 1.40
CA THR I 228 -36.69 19.72 2.80
C THR I 228 -38.05 20.25 3.21
N TYR I 229 -38.76 20.91 2.29
CA TYR I 229 -40.21 21.21 2.46
C TYR I 229 -41.02 20.69 1.25
N GLN I 230 -40.61 21.01 0.03
CA GLN I 230 -41.27 20.50 -1.17
C GLN I 230 -41.12 18.99 -1.35
N MET I 231 -42.04 18.42 -2.14
CA MET I 231 -42.17 16.95 -2.27
C MET I 231 -41.15 16.29 -3.20
N ASP I 232 -40.58 15.19 -2.74
CA ASP I 232 -39.74 14.31 -3.57
C ASP I 232 -40.51 13.95 -4.86
N PRO I 233 -40.02 14.35 -6.07
CA PRO I 233 -40.55 13.80 -7.32
C PRO I 233 -40.83 12.30 -7.36
N ARG I 234 -40.05 11.50 -6.65
CA ARG I 234 -40.29 10.06 -6.65
C ARG I 234 -41.54 9.61 -5.87
N ASN I 235 -42.15 10.44 -5.04
CA ASN I 235 -43.34 10.02 -4.27
C ASN I 235 -44.67 10.46 -4.89
N ALA I 236 -45.50 9.49 -5.27
CA ALA I 236 -46.82 9.79 -5.78
C ALA I 236 -47.81 9.61 -4.68
N TYR I 237 -47.76 8.44 -4.05
CA TYR I 237 -48.67 8.11 -2.98
C TYR I 237 -48.58 9.04 -1.79
N GLU I 238 -47.39 9.50 -1.43
CA GLU I 238 -47.23 10.59 -0.45
C GLU I 238 -48.29 11.71 -0.62
N ALA I 239 -48.75 11.99 -1.84
CA ALA I 239 -49.70 13.07 -2.08
C ALA I 239 -51.09 12.86 -1.58
N LEU I 240 -51.55 11.62 -1.53
CA LEU I 240 -52.85 11.34 -0.93
C LEU I 240 -52.88 11.82 0.52
N LYS I 241 -51.81 11.53 1.26
CA LYS I 241 -51.60 12.01 2.63
C LYS I 241 -51.46 13.54 2.69
N GLU I 242 -50.73 14.13 1.75
CA GLU I 242 -50.56 15.58 1.73
C GLU I 242 -51.89 16.30 1.39
N VAL I 243 -52.69 15.71 0.50
CA VAL I 243 -53.99 16.27 0.18
C VAL I 243 -54.99 16.04 1.32
N ALA I 244 -55.07 14.82 1.83
CA ALA I 244 -56.05 14.48 2.87
C ALA I 244 -56.03 15.38 4.10
N MET I 245 -54.83 15.64 4.63
CA MET I 245 -54.69 16.55 5.76
C MET I 245 -55.12 17.97 5.33
N ASP I 246 -54.57 18.50 4.25
CA ASP I 246 -55.01 19.82 3.82
C ASP I 246 -56.54 19.79 3.76
N LEU I 247 -57.16 18.67 3.37
CA LEU I 247 -58.64 18.57 3.31
C LEU I 247 -59.36 18.59 4.66
N GLU I 248 -58.80 17.95 5.71
CA GLU I 248 -59.31 18.07 7.10
C GLU I 248 -59.20 19.50 7.62
N GLU I 249 -58.02 20.07 7.43
CA GLU I 249 -57.66 21.38 7.97
C GLU I 249 -58.54 22.53 7.43
N GLY I 250 -59.18 22.31 6.29
CA GLY I 250 -60.23 23.23 5.78
C GLY I 250 -60.17 23.68 4.32
N ALA I 251 -59.29 23.05 3.55
CA ALA I 251 -59.07 23.43 2.17
C ALA I 251 -60.32 23.20 1.38
N ASP I 252 -60.55 24.10 0.43
CA ASP I 252 -61.71 24.09 -0.41
C ASP I 252 -61.33 23.53 -1.74
N ILE I 253 -60.22 24.02 -2.25
CA ILE I 253 -59.64 23.55 -3.49
C ILE I 253 -58.23 23.04 -3.14
N VAL I 254 -57.75 22.08 -3.92
CA VAL I 254 -56.55 21.32 -3.62
C VAL I 254 -55.73 21.23 -4.90
N MET I 255 -54.40 21.16 -4.80
CA MET I 255 -53.53 21.31 -5.98
C MET I 255 -52.34 20.36 -6.12
N VAL I 256 -51.88 20.20 -7.36
CA VAL I 256 -50.67 19.47 -7.72
C VAL I 256 -49.79 20.35 -8.64
N LYS I 257 -48.64 20.77 -8.11
CA LYS I 257 -47.71 21.66 -8.81
C LYS I 257 -46.38 20.95 -8.72
N PRO I 258 -45.65 20.77 -9.82
CA PRO I 258 -45.99 21.22 -11.15
C PRO I 258 -46.95 20.26 -11.76
N ALA I 259 -47.46 20.56 -12.95
CA ALA I 259 -48.66 19.91 -13.45
C ALA I 259 -48.37 18.71 -14.33
N LEU I 260 -47.69 18.97 -15.45
CA LEU I 260 -47.63 18.09 -16.64
C LEU I 260 -46.73 16.95 -16.40
N ALA I 261 -45.62 17.25 -15.76
CA ALA I 261 -44.72 16.20 -15.28
C ALA I 261 -45.27 15.30 -14.17
N TYR I 262 -46.46 15.62 -13.63
CA TYR I 262 -47.12 14.87 -12.53
C TYR I 262 -48.61 14.58 -12.84
N LEU I 263 -48.91 14.31 -14.11
CA LEU I 263 -50.28 14.06 -14.53
C LEU I 263 -50.78 12.89 -13.77
N ASP I 264 -49.97 11.86 -13.67
CA ASP I 264 -50.37 10.69 -12.91
C ASP I 264 -50.74 11.02 -11.44
N VAL I 265 -50.00 11.93 -10.82
CA VAL I 265 -50.31 12.30 -9.43
C VAL I 265 -51.65 12.96 -9.40
N ILE I 266 -51.95 13.79 -10.39
CA ILE I 266 -53.31 14.31 -10.56
C ILE I 266 -54.34 13.17 -10.58
N ARG I 267 -54.18 12.25 -11.54
CA ARG I 267 -55.09 11.13 -11.67
C ARG I 267 -55.23 10.36 -10.34
N LEU I 268 -54.14 10.22 -9.62
CA LEU I 268 -54.15 9.42 -8.40
C LEU I 268 -55.00 10.13 -7.35
N VAL I 269 -54.71 11.41 -7.09
CA VAL I 269 -55.52 12.26 -6.20
C VAL I 269 -56.98 12.26 -6.52
N LYS I 270 -57.29 12.31 -7.82
CA LYS I 270 -58.66 12.50 -8.26
C LYS I 270 -59.52 11.30 -7.96
N GLN I 271 -58.99 10.10 -8.12
CA GLN I 271 -59.78 8.89 -7.98
C GLN I 271 -59.61 8.39 -6.58
N HIS I 272 -59.93 9.21 -5.60
CA HIS I 272 -59.43 9.07 -4.20
C HIS I 272 -59.99 10.27 -3.47
N PHE I 273 -60.01 11.41 -4.15
CA PHE I 273 -60.79 12.56 -3.74
C PHE I 273 -61.64 13.03 -4.93
N PRO I 274 -62.64 12.22 -5.32
CA PRO I 274 -63.46 12.50 -6.48
C PRO I 274 -64.47 13.60 -6.27
N TRP I 275 -64.56 14.12 -5.05
CA TRP I 275 -65.58 15.08 -4.68
C TRP I 275 -64.93 16.40 -4.32
N VAL I 276 -63.70 16.59 -4.75
CA VAL I 276 -62.90 17.71 -4.35
C VAL I 276 -62.38 18.40 -5.59
N PRO I 277 -62.67 19.72 -5.72
CA PRO I 277 -62.16 20.51 -6.84
C PRO I 277 -60.63 20.49 -6.83
N LEU I 278 -60.07 19.85 -7.84
CA LEU I 278 -58.63 19.64 -7.94
C LEU I 278 -58.06 20.57 -9.04
N ALA I 279 -57.05 21.37 -8.68
CA ALA I 279 -56.31 22.17 -9.68
C ALA I 279 -54.89 21.66 -9.95
N ALA I 280 -54.32 22.06 -11.07
CA ALA I 280 -52.94 21.75 -11.32
C ALA I 280 -52.31 23.05 -11.80
N TYR I 281 -50.98 23.16 -11.72
CA TYR I 281 -50.32 24.40 -12.10
C TYR I 281 -49.42 24.21 -13.34
N ASN I 282 -49.87 24.68 -14.52
CA ASN I 282 -49.03 24.55 -15.73
C ASN I 282 -47.87 25.53 -15.55
N VAL I 283 -46.77 24.93 -15.16
CA VAL I 283 -45.78 25.60 -14.38
C VAL I 283 -44.87 26.53 -15.19
N SER I 284 -44.36 27.51 -14.45
CA SER I 284 -43.27 28.42 -14.82
C SER I 284 -42.47 27.90 -16.02
N GLY I 285 -41.85 26.74 -15.84
CA GLY I 285 -41.01 26.13 -16.83
C GLY I 285 -41.61 25.14 -17.79
N GLU I 286 -42.86 24.72 -17.58
CA GLU I 286 -43.64 23.96 -18.59
C GLU I 286 -44.23 24.90 -19.66
N TYR I 287 -43.71 26.12 -19.70
CA TYR I 287 -44.19 27.19 -20.56
C TYR I 287 -42.99 27.70 -21.29
N SER I 288 -41.98 28.10 -20.54
CA SER I 288 -40.63 28.32 -21.07
C SER I 288 -40.15 27.16 -21.92
N LEU I 289 -40.48 25.93 -21.51
CA LEU I 289 -40.17 24.72 -22.29
C LEU I 289 -40.88 24.71 -23.62
N VAL I 290 -42.15 25.09 -23.66
CA VAL I 290 -42.89 25.08 -24.94
C VAL I 290 -42.41 26.23 -25.78
N LYS I 291 -42.39 27.43 -25.19
CA LYS I 291 -41.95 28.68 -25.87
C LYS I 291 -40.55 28.69 -26.48
N ALA I 292 -39.70 27.72 -26.13
CA ALA I 292 -38.36 27.62 -26.65
C ALA I 292 -38.26 26.64 -27.82
N ALA I 293 -38.89 25.48 -27.69
CA ALA I 293 -38.98 24.52 -28.80
C ALA I 293 -39.71 25.17 -29.98
N ALA I 294 -40.73 25.98 -29.66
CA ALA I 294 -41.45 26.74 -30.68
C ALA I 294 -40.48 27.67 -31.37
N THR I 295 -39.92 28.60 -30.59
CA THR I 295 -38.94 29.58 -31.07
C THR I 295 -37.91 28.96 -32.01
N ALA I 296 -37.26 27.89 -31.60
CA ALA I 296 -36.15 27.33 -32.36
C ALA I 296 -36.55 26.15 -33.26
N GLY I 297 -37.79 26.14 -33.74
CA GLY I 297 -38.19 25.27 -34.86
C GLY I 297 -38.86 23.93 -34.57
N TYR I 298 -38.59 23.36 -33.41
CA TYR I 298 -38.82 21.90 -33.21
C TYR I 298 -40.29 21.43 -33.21
N VAL I 299 -41.22 22.27 -32.75
CA VAL I 299 -42.51 21.76 -32.33
C VAL I 299 -43.59 22.80 -32.55
N ASP I 300 -44.79 22.34 -32.96
CA ASP I 300 -45.86 23.28 -33.35
C ASP I 300 -46.46 23.89 -32.12
N GLU I 301 -46.34 25.21 -31.98
CA GLU I 301 -46.67 25.84 -30.70
C GLU I 301 -48.17 25.75 -30.33
N ARG I 302 -49.05 25.93 -31.31
CA ARG I 302 -50.47 25.95 -31.04
C ARG I 302 -50.90 24.58 -30.57
N THR I 303 -50.53 23.56 -31.32
CA THR I 303 -51.06 22.26 -31.04
C THR I 303 -50.53 21.81 -29.69
N ILE I 304 -49.22 21.81 -29.55
CA ILE I 304 -48.57 21.28 -28.35
C ILE I 304 -49.01 21.95 -27.04
N THR I 305 -49.28 23.27 -27.03
CA THR I 305 -49.84 23.87 -25.80
C THR I 305 -51.23 23.35 -25.48
N LEU I 306 -52.05 23.10 -26.50
CA LEU I 306 -53.41 22.56 -26.31
C LEU I 306 -53.42 21.06 -26.01
N GLU I 307 -52.33 20.38 -26.35
CA GLU I 307 -52.14 18.95 -26.01
C GLU I 307 -51.74 18.83 -24.57
N ILE I 308 -50.84 19.72 -24.14
CA ILE I 308 -50.41 19.83 -22.76
C ILE I 308 -51.58 20.21 -21.87
N LEU I 309 -52.30 21.26 -22.23
CA LEU I 309 -53.48 21.68 -21.46
C LEU I 309 -54.60 20.62 -21.38
N THR I 310 -54.88 19.96 -22.50
CA THR I 310 -55.86 18.87 -22.52
C THR I 310 -55.41 17.80 -21.56
N ALA I 311 -54.12 17.47 -21.60
CA ALA I 311 -53.62 16.39 -20.77
C ALA I 311 -53.85 16.60 -19.29
N ILE I 312 -53.80 17.85 -18.86
CA ILE I 312 -53.98 18.22 -17.44
C ILE I 312 -55.44 18.01 -17.06
N LYS I 313 -56.33 18.55 -17.87
CA LYS I 313 -57.74 18.22 -17.74
C LYS I 313 -57.99 16.73 -17.77
N ARG I 314 -57.47 16.09 -18.81
CA ARG I 314 -57.64 14.64 -19.00
C ARG I 314 -57.29 13.79 -17.77
N ALA I 315 -56.31 14.21 -16.98
CA ALA I 315 -55.99 13.51 -15.75
C ALA I 315 -57.03 13.69 -14.66
N GLY I 316 -57.52 14.91 -14.46
CA GLY I 316 -58.36 15.14 -13.30
C GLY I 316 -58.64 16.58 -12.93
N ALA I 317 -57.68 17.46 -13.22
CA ALA I 317 -57.82 18.88 -12.94
C ALA I 317 -59.16 19.43 -13.41
N ASP I 318 -59.89 20.10 -12.52
CA ASP I 318 -61.05 20.89 -12.93
C ASP I 318 -60.62 22.30 -13.23
N LEU I 319 -59.45 22.67 -12.70
CA LEU I 319 -58.83 24.00 -12.82
C LEU I 319 -57.32 23.96 -13.15
N ILE I 320 -56.88 24.81 -14.08
CA ILE I 320 -55.48 24.87 -14.44
C ILE I 320 -54.91 26.28 -14.36
N LEU I 321 -53.96 26.47 -13.45
CA LEU I 321 -53.30 27.77 -13.34
C LEU I 321 -52.25 27.77 -14.42
N THR I 322 -52.50 28.47 -15.52
CA THR I 322 -51.50 28.55 -16.59
C THR I 322 -51.16 29.98 -16.96
N TYR I 323 -49.90 30.20 -17.38
CA TYR I 323 -49.49 31.48 -17.95
C TYR I 323 -49.88 31.47 -19.41
N HIS I 324 -50.19 30.29 -19.96
CA HIS I 324 -50.73 30.15 -21.33
C HIS I 324 -52.14 30.72 -21.57
N ALA I 325 -52.90 31.07 -20.52
CA ALA I 325 -54.38 31.28 -20.60
C ALA I 325 -54.86 32.17 -21.71
N LEU I 326 -54.35 33.39 -21.74
CA LEU I 326 -54.78 34.36 -22.76
C LEU I 326 -54.58 33.86 -24.18
N GLU I 327 -53.40 33.35 -24.53
CA GLU I 327 -53.23 32.79 -25.87
C GLU I 327 -54.06 31.52 -26.07
N ALA I 328 -54.28 30.74 -25.02
CA ALA I 328 -55.07 29.50 -25.16
C ALA I 328 -56.58 29.74 -25.30
N ALA I 329 -57.06 30.80 -24.67
CA ALA I 329 -58.47 31.16 -24.70
C ALA I 329 -58.93 31.40 -26.13
N LYS I 330 -58.18 32.25 -26.81
CA LYS I 330 -58.48 32.53 -28.20
C LYS I 330 -58.27 31.35 -29.14
N TRP I 331 -57.54 30.34 -28.68
CA TRP I 331 -57.59 29.03 -29.30
C TRP I 331 -58.90 28.21 -28.94
N ILE I 332 -59.87 28.40 -29.83
CA ILE I 332 -61.23 27.86 -29.70
C ILE I 332 -61.44 26.75 -30.75
N LYS I 333 -60.99 27.00 -31.99
CA LYS I 333 -60.91 25.97 -33.07
C LYS I 333 -59.86 24.86 -32.73
N GLU I 334 -60.30 23.67 -32.31
CA GLU I 334 -59.46 22.83 -31.44
C GLU I 334 -59.04 21.44 -31.89
N GLY I 335 -58.27 21.30 -32.95
CA GLY I 335 -57.85 19.96 -33.38
C GLY I 335 -56.64 19.66 -32.57
N LEU I 336 -56.33 18.39 -32.21
CA LEU I 336 -57.23 17.20 -31.85
C LEU I 336 -58.62 17.01 -32.50
N MET J 1 -58.55 -13.32 -16.70
CA MET J 1 -57.36 -12.98 -17.56
C MET J 1 -57.54 -13.73 -18.89
N ARG J 2 -58.19 -13.03 -19.83
CA ARG J 2 -58.67 -13.60 -21.11
C ARG J 2 -57.54 -13.98 -22.11
N VAL J 3 -56.29 -13.71 -21.74
CA VAL J 3 -55.12 -14.16 -22.47
C VAL J 3 -54.99 -15.71 -22.51
N GLN J 4 -54.43 -16.26 -23.59
CA GLN J 4 -54.52 -17.72 -23.86
C GLN J 4 -53.42 -18.30 -24.78
N PHE J 5 -53.24 -19.62 -24.69
CA PHE J 5 -52.14 -20.39 -25.34
C PHE J 5 -52.56 -21.11 -26.62
N PRO J 6 -51.72 -21.16 -27.69
CA PRO J 6 -50.36 -20.62 -27.77
C PRO J 6 -50.16 -19.13 -28.11
N THR J 7 -51.23 -18.37 -28.44
CA THR J 7 -51.08 -16.97 -28.94
C THR J 7 -50.28 -16.16 -27.95
N THR J 8 -50.57 -16.33 -26.67
CA THR J 8 -49.71 -15.81 -25.62
C THR J 8 -48.85 -16.95 -25.04
N ARG J 9 -47.52 -16.83 -25.22
CA ARG J 9 -46.49 -17.69 -24.59
C ARG J 9 -45.67 -16.97 -23.50
N PRO J 10 -46.00 -17.19 -22.22
CA PRO J 10 -45.22 -16.65 -21.12
C PRO J 10 -43.69 -16.71 -21.21
N ARG J 11 -43.11 -17.69 -21.89
CA ARG J 11 -41.64 -17.93 -21.84
C ARG J 11 -40.79 -16.88 -22.53
N ARG J 12 -41.41 -16.04 -23.33
CA ARG J 12 -40.69 -15.03 -24.07
C ARG J 12 -40.11 -13.95 -23.17
N LEU J 13 -40.58 -13.89 -21.93
CA LEU J 13 -40.08 -12.97 -20.92
C LEU J 13 -39.25 -13.73 -19.90
N ARG J 14 -38.83 -14.93 -20.29
CA ARG J 14 -37.79 -15.68 -19.56
C ARG J 14 -36.65 -16.17 -20.45
N ALA J 15 -36.76 -16.00 -21.77
CA ALA J 15 -35.86 -16.61 -22.74
C ALA J 15 -34.40 -16.16 -22.63
N SER J 16 -34.16 -14.95 -22.13
CA SER J 16 -32.79 -14.44 -21.94
C SER J 16 -32.67 -13.57 -20.72
N LYS J 17 -31.43 -13.40 -20.25
CA LYS J 17 -31.10 -12.62 -19.01
C LYS J 17 -31.42 -11.14 -19.19
N ILE J 18 -31.31 -10.63 -20.42
CA ILE J 18 -31.61 -9.24 -20.68
C ILE J 18 -33.12 -8.98 -20.68
N ILE J 19 -33.92 -9.88 -21.26
CA ILE J 19 -35.40 -9.72 -21.20
C ILE J 19 -35.86 -9.92 -19.75
N ARG J 20 -35.54 -11.07 -19.15
CA ARG J 20 -35.86 -11.31 -17.71
C ARG J 20 -35.72 -10.08 -16.78
N ASP J 21 -34.65 -9.30 -16.97
CA ASP J 21 -34.34 -8.09 -16.20
C ASP J 21 -35.05 -6.83 -16.65
N ALA J 22 -35.44 -6.74 -17.92
CA ALA J 22 -36.27 -5.61 -18.36
C ALA J 22 -37.63 -5.56 -17.66
N VAL J 23 -38.30 -6.70 -17.65
CA VAL J 23 -39.70 -6.77 -17.22
C VAL J 23 -39.88 -6.86 -15.69
N ALA J 24 -38.91 -7.48 -15.01
CA ALA J 24 -38.73 -7.46 -13.55
C ALA J 24 -39.54 -6.45 -12.75
N GLU J 25 -40.44 -6.98 -11.93
CA GLU J 25 -41.31 -6.19 -11.09
C GLU J 25 -40.56 -5.51 -9.94
N THR J 26 -39.45 -6.11 -9.51
CA THR J 26 -38.77 -5.71 -8.29
C THR J 26 -37.28 -5.47 -8.53
N GLN J 27 -36.67 -4.66 -7.67
CA GLN J 27 -35.21 -4.58 -7.57
C GLN J 27 -34.84 -4.27 -6.12
N ILE J 28 -33.55 -4.13 -5.86
CA ILE J 28 -33.05 -4.07 -4.51
C ILE J 28 -31.66 -3.44 -4.56
N ASP J 29 -31.37 -2.47 -3.69
CA ASP J 29 -30.02 -1.83 -3.64
C ASP J 29 -29.58 -1.47 -2.23
N ALA J 30 -28.26 -1.29 -2.09
CA ALA J 30 -27.60 -0.87 -0.83
C ALA J 30 -28.40 0.11 -0.01
N GLY J 31 -28.81 1.19 -0.69
CA GLY J 31 -29.60 2.25 -0.11
C GLY J 31 -30.95 1.85 0.44
N ASP J 32 -31.33 0.57 0.33
CA ASP J 32 -32.54 0.06 0.94
C ASP J 32 -32.30 -0.67 2.28
N PHE J 33 -31.05 -0.72 2.76
CA PHE J 33 -30.75 -1.46 4.01
C PHE J 33 -30.51 -0.56 5.20
N ILE J 34 -30.98 -0.99 6.37
CA ILE J 34 -30.60 -0.39 7.64
C ILE J 34 -29.87 -1.48 8.42
N TYR J 35 -28.58 -1.25 8.67
CA TYR J 35 -27.70 -2.29 9.24
C TYR J 35 -27.58 -2.17 10.76
N PRO J 36 -27.77 -3.28 11.50
CA PRO J 36 -27.69 -3.16 12.94
C PRO J 36 -26.31 -3.38 13.53
N LEU J 37 -26.03 -2.59 14.56
CA LEU J 37 -24.78 -2.64 15.31
C LEU J 37 -25.07 -3.00 16.75
N PHE J 38 -24.41 -4.06 17.21
CA PHE J 38 -24.40 -4.39 18.62
C PHE J 38 -23.25 -3.65 19.27
N VAL J 39 -23.57 -2.94 20.34
CA VAL J 39 -22.72 -1.96 20.94
C VAL J 39 -22.74 -2.27 22.41
N LYS J 40 -21.54 -2.36 22.98
CA LYS J 40 -21.29 -2.68 24.39
C LYS J 40 -20.58 -1.48 25.05
N PRO J 41 -20.50 -1.44 26.41
CA PRO J 41 -19.75 -0.34 27.10
C PRO J 41 -18.19 -0.43 27.04
N GLY J 42 -17.61 -1.64 27.18
CA GLY J 42 -16.16 -1.81 27.01
C GLY J 42 -15.78 -3.23 26.61
N GLY J 43 -14.67 -3.35 25.88
CA GLY J 43 -14.11 -4.65 25.49
C GLY J 43 -13.38 -4.61 24.15
N GLU J 44 -13.75 -5.55 23.28
CA GLU J 44 -13.11 -5.75 21.98
C GLU J 44 -14.14 -6.44 21.07
N ARG J 45 -13.77 -6.68 19.82
CA ARG J 45 -14.67 -7.38 18.86
C ARG J 45 -15.05 -8.80 19.35
N GLU J 46 -16.00 -8.87 20.29
CA GLU J 46 -16.56 -10.11 20.82
C GLU J 46 -17.56 -10.70 19.80
N PRO J 47 -17.16 -11.71 19.00
CA PRO J 47 -18.13 -12.24 18.05
C PRO J 47 -19.29 -12.94 18.75
N ILE J 48 -20.33 -13.24 17.98
CA ILE J 48 -21.51 -13.91 18.50
C ILE J 48 -21.88 -15.00 17.52
N GLY J 49 -21.06 -16.06 17.52
CA GLY J 49 -21.25 -17.25 16.71
C GLY J 49 -22.57 -18.01 16.80
N PRO J 50 -23.49 -17.60 17.71
CA PRO J 50 -24.93 -17.83 17.45
C PRO J 50 -25.40 -17.26 16.10
N MET J 51 -24.80 -16.14 15.66
CA MET J 51 -24.88 -15.69 14.25
C MET J 51 -24.12 -16.68 13.30
N PRO J 52 -22.94 -16.41 12.67
CA PRO J 52 -21.81 -15.67 13.22
C PRO J 52 -21.56 -14.32 12.59
N GLY J 53 -20.94 -14.23 11.40
CA GLY J 53 -20.48 -12.95 10.85
C GLY J 53 -20.43 -11.73 11.76
N ILE J 54 -21.54 -11.44 12.43
CA ILE J 54 -21.73 -10.24 13.25
C ILE J 54 -21.00 -10.33 14.60
N TYR J 55 -20.47 -9.18 15.04
CA TYR J 55 -19.68 -9.01 16.27
C TYR J 55 -20.40 -8.06 17.19
N ARG J 56 -19.84 -7.89 18.38
CA ARG J 56 -20.29 -6.88 19.33
C ARG J 56 -19.23 -5.81 19.44
N TRP J 57 -19.47 -4.64 18.87
CA TRP J 57 -18.44 -3.61 18.86
C TRP J 57 -18.49 -2.87 20.19
N PRO J 58 -17.30 -2.56 20.71
CA PRO J 58 -17.17 -1.72 21.86
C PRO J 58 -17.10 -0.30 21.39
N VAL J 59 -18.04 0.48 21.91
CA VAL J 59 -18.11 1.91 21.65
C VAL J 59 -16.69 2.51 21.59
N GLY J 60 -16.20 2.72 20.38
CA GLY J 60 -14.81 3.17 20.18
C GLY J 60 -14.47 3.46 18.74
N ARG J 61 -13.22 3.17 18.36
CA ARG J 61 -12.68 3.42 17.00
C ARG J 61 -12.88 2.21 16.06
N GLU J 62 -13.62 1.21 16.54
CA GLU J 62 -14.50 0.35 15.72
C GLU J 62 -15.23 1.03 14.53
N LEU J 63 -15.42 2.35 14.60
CA LEU J 63 -15.79 3.17 13.47
C LEU J 63 -15.27 2.55 12.17
N ILE J 64 -13.94 2.66 11.97
CA ILE J 64 -13.23 2.13 10.78
C ILE J 64 -13.68 0.71 10.50
N ASN J 65 -13.69 -0.09 11.58
CA ASN J 65 -14.02 -1.51 11.51
C ASN J 65 -15.42 -1.72 10.92
N HIS J 66 -16.38 -0.85 11.25
CA HIS J 66 -17.68 -1.01 10.67
C HIS J 66 -18.33 0.18 10.05
N VAL J 67 -18.95 1.04 10.84
CA VAL J 67 -19.71 2.15 10.24
C VAL J 67 -19.01 2.83 9.02
N GLU J 68 -17.69 3.01 9.08
CA GLU J 68 -16.92 3.56 7.96
C GLU J 68 -16.87 2.56 6.79
N GLU J 69 -16.48 1.32 7.08
CA GLU J 69 -16.39 0.28 6.04
C GLU J 69 -17.75 0.13 5.38
N ALA J 70 -18.79 0.08 6.20
CA ALA J 70 -20.19 -0.02 5.72
C ALA J 70 -20.59 1.11 4.79
N LEU J 71 -20.55 2.35 5.29
CA LEU J 71 -20.75 3.53 4.47
C LEU J 71 -20.09 3.36 3.11
N SER J 72 -18.85 2.84 3.07
CA SER J 72 -18.09 2.64 1.81
C SER J 72 -18.72 1.72 0.78
N LEU J 73 -19.57 0.79 1.23
CA LEU J 73 -20.40 0.01 0.29
C LEU J 73 -21.81 0.58 0.08
N GLY J 74 -22.01 1.86 0.43
CA GLY J 74 -23.29 2.53 0.30
C GLY J 74 -24.34 2.10 1.30
N ILE J 75 -23.92 1.80 2.52
CA ILE J 75 -24.87 1.50 3.58
C ILE J 75 -24.67 2.59 4.61
N ASN J 76 -25.65 3.46 4.71
CA ASN J 76 -25.51 4.63 5.55
C ASN J 76 -26.73 4.83 6.44
N LYS J 77 -27.34 3.72 6.85
CA LYS J 77 -28.46 3.72 7.80
C LYS J 77 -28.13 2.66 8.84
N PHE J 78 -28.13 3.05 10.10
CA PHE J 78 -27.84 2.10 11.14
C PHE J 78 -28.85 2.16 12.22
N ILE J 79 -29.05 1.01 12.86
CA ILE J 79 -29.84 0.89 14.09
C ILE J 79 -28.97 0.34 15.23
N LEU J 80 -29.15 0.89 16.44
CA LEU J 80 -28.28 0.59 17.61
C LEU J 80 -28.93 -0.20 18.73
N PHE J 81 -28.35 -1.35 19.05
CA PHE J 81 -28.79 -2.18 20.15
C PHE J 81 -27.77 -2.15 21.24
N GLY J 82 -28.21 -1.92 22.48
CA GLY J 82 -27.29 -1.94 23.63
C GLY J 82 -27.10 -3.35 24.19
N VAL J 83 -25.87 -3.69 24.60
CA VAL J 83 -25.62 -4.97 25.30
C VAL J 83 -24.58 -4.80 26.41
N LEU J 84 -25.05 -4.88 27.66
CA LEU J 84 -24.21 -4.59 28.83
C LEU J 84 -24.23 -5.78 29.78
N PRO J 85 -23.19 -5.91 30.64
CA PRO J 85 -23.20 -6.94 31.67
C PRO J 85 -24.38 -6.80 32.60
N ASP J 86 -24.90 -7.94 33.10
CA ASP J 86 -25.98 -7.93 34.13
C ASP J 86 -25.53 -7.72 35.60
N GLU J 87 -24.30 -7.23 35.79
CA GLU J 87 -23.89 -6.49 37.02
C GLU J 87 -24.70 -5.20 37.15
N LEU J 88 -25.16 -4.65 36.02
CA LEU J 88 -25.95 -3.41 35.97
C LEU J 88 -27.30 -3.58 35.23
N LYS J 89 -28.16 -4.44 35.77
CA LYS J 89 -29.48 -4.74 35.20
C LYS J 89 -30.60 -4.95 36.27
N ASN J 90 -31.47 -3.96 36.43
CA ASN J 90 -32.50 -3.97 37.48
C ASN J 90 -33.90 -4.21 36.89
N PRO J 91 -34.93 -4.45 37.76
CA PRO J 91 -36.28 -4.69 37.19
C PRO J 91 -37.05 -3.45 36.61
N GLU J 92 -36.53 -2.25 36.85
CA GLU J 92 -37.09 -0.98 36.36
C GLU J 92 -36.38 -0.45 35.10
N GLY J 93 -35.26 -1.07 34.73
CA GLY J 93 -34.62 -0.83 33.44
C GLY J 93 -33.74 0.40 33.27
N THR J 94 -33.11 0.88 34.35
CA THR J 94 -32.23 2.10 34.35
C THR J 94 -31.32 2.33 33.15
N GLY J 95 -30.72 1.26 32.64
CA GLY J 95 -29.68 1.32 31.60
C GLY J 95 -30.01 2.05 30.29
N GLY J 96 -31.27 1.92 29.86
CA GLY J 96 -31.75 2.56 28.64
C GLY J 96 -31.81 4.07 28.74
N TYR J 97 -32.41 4.56 29.83
CA TYR J 97 -32.62 6.00 30.04
C TYR J 97 -31.48 6.54 30.91
N ASP J 98 -30.27 6.37 30.39
CA ASP J 98 -29.04 6.61 31.12
C ASP J 98 -28.20 7.43 30.13
N PRO J 99 -28.23 8.77 30.25
CA PRO J 99 -27.48 9.72 29.39
C PRO J 99 -26.01 9.38 29.03
N GLU J 100 -25.32 8.65 29.92
CA GLU J 100 -23.93 8.19 29.71
C GLU J 100 -23.84 6.67 29.40
N GLY J 101 -24.99 6.03 29.19
CA GLY J 101 -25.08 4.58 29.00
C GLY J 101 -24.44 4.14 27.70
N VAL J 102 -24.68 2.88 27.34
CA VAL J 102 -23.91 2.24 26.25
C VAL J 102 -24.20 2.94 24.95
N VAL J 103 -25.50 3.10 24.73
CA VAL J 103 -26.05 3.52 23.45
C VAL J 103 -25.96 5.04 23.29
N PRO J 104 -26.40 5.81 24.31
CA PRO J 104 -26.33 7.26 24.09
C PRO J 104 -24.91 7.82 23.94
N ARG J 105 -23.86 7.10 24.34
CA ARG J 105 -22.48 7.45 23.94
C ARG J 105 -22.23 7.03 22.49
N ALA J 106 -22.69 5.84 22.10
CA ALA J 106 -22.56 5.36 20.70
C ALA J 106 -23.18 6.32 19.67
N ILE J 107 -24.38 6.85 19.97
CA ILE J 107 -25.06 7.83 19.10
C ILE J 107 -24.27 9.14 19.06
N ARG J 108 -23.63 9.43 20.19
CA ARG J 108 -22.84 10.65 20.38
C ARG J 108 -21.61 10.67 19.47
N LEU J 109 -20.85 9.58 19.53
CA LEU J 109 -19.56 9.47 18.85
C LEU J 109 -19.70 9.37 17.30
N ILE J 110 -20.76 8.69 16.84
CA ILE J 110 -20.99 8.48 15.40
C ILE J 110 -21.54 9.71 14.71
N LYS J 111 -22.44 10.44 15.36
CA LYS J 111 -22.86 11.77 14.88
C LYS J 111 -21.74 12.85 14.97
N GLU J 112 -20.76 12.66 15.86
CA GLU J 112 -19.61 13.58 16.04
C GLU J 112 -18.51 13.50 14.96
N ILE J 113 -18.34 12.32 14.37
CA ILE J 113 -17.41 12.15 13.23
C ILE J 113 -18.14 12.33 11.90
N PHE J 114 -19.25 11.63 11.71
CA PHE J 114 -19.96 11.60 10.42
C PHE J 114 -21.00 12.75 10.25
N GLY J 115 -21.81 12.95 11.29
CA GLY J 115 -22.91 13.88 11.23
C GLY J 115 -23.97 13.48 10.21
N ASP J 116 -24.40 14.46 9.42
CA ASP J 116 -25.46 14.30 8.40
C ASP J 116 -25.16 13.27 7.27
N ARG J 117 -23.91 12.77 7.18
CA ARG J 117 -23.52 11.80 6.13
C ARG J 117 -24.08 10.37 6.34
N VAL J 118 -24.70 10.15 7.50
CA VAL J 118 -25.17 8.83 7.92
C VAL J 118 -26.30 8.97 8.93
N LEU J 119 -27.28 8.06 8.86
CA LEU J 119 -28.50 8.12 9.67
C LEU J 119 -28.57 7.08 10.78
N VAL J 120 -29.04 7.50 11.94
CA VAL J 120 -28.93 6.67 13.17
C VAL J 120 -30.29 6.38 13.81
N PHE J 121 -30.77 5.17 13.53
CA PHE J 121 -31.98 4.67 14.15
C PHE J 121 -31.51 4.16 15.49
N ALA J 122 -32.36 4.34 16.48
CA ALA J 122 -32.03 3.94 17.85
C ALA J 122 -33.19 3.16 18.43
N ASP J 123 -32.95 1.87 18.63
CA ASP J 123 -33.96 1.00 19.23
C ASP J 123 -34.38 1.58 20.58
N VAL J 124 -35.67 1.47 20.88
CA VAL J 124 -36.21 1.71 22.24
C VAL J 124 -36.85 0.41 22.68
N CYS J 125 -36.22 -0.25 23.66
CA CYS J 125 -36.88 -1.25 24.49
C CYS J 125 -36.18 -1.33 25.83
N LEU J 126 -36.80 -2.04 26.77
CA LEU J 126 -36.20 -2.37 28.07
C LEU J 126 -35.72 -3.82 28.27
N CYS J 127 -36.11 -4.75 27.40
CA CYS J 127 -35.67 -6.15 27.51
C CYS J 127 -34.15 -6.28 27.62
N GLU J 128 -33.46 -5.47 26.83
CA GLU J 128 -32.00 -5.25 26.93
C GLU J 128 -31.48 -5.01 28.36
N TYR J 129 -32.10 -4.04 29.04
CA TYR J 129 -31.56 -3.46 30.26
C TYR J 129 -32.28 -3.90 31.56
N THR J 130 -32.87 -5.10 31.59
CA THR J 130 -33.53 -5.58 32.83
C THR J 130 -33.22 -7.01 33.22
N ASP J 131 -32.76 -7.16 34.44
CA ASP J 131 -33.06 -8.28 35.33
C ASP J 131 -33.74 -9.51 34.65
N HIS J 132 -35.06 -9.41 34.42
CA HIS J 132 -35.91 -10.53 33.90
C HIS J 132 -35.84 -10.71 32.38
N GLY J 133 -35.41 -9.68 31.66
CA GLY J 133 -35.29 -9.76 30.21
C GLY J 133 -36.55 -9.44 29.42
N HIS J 134 -37.72 -9.41 30.06
CA HIS J 134 -38.94 -8.90 29.41
C HIS J 134 -38.85 -7.43 29.07
N CYS J 135 -39.63 -7.05 28.05
CA CYS J 135 -39.58 -5.73 27.41
C CYS J 135 -40.09 -4.56 28.26
N GLY J 136 -40.63 -4.86 29.43
CA GLY J 136 -41.12 -3.83 30.31
C GLY J 136 -41.01 -4.21 31.76
N VAL J 137 -41.78 -3.52 32.59
CA VAL J 137 -41.75 -3.71 34.02
C VAL J 137 -42.77 -4.83 34.28
N VAL J 138 -42.32 -5.90 34.94
CA VAL J 138 -43.25 -6.92 35.45
C VAL J 138 -43.97 -6.37 36.68
N LYS J 139 -45.22 -6.77 36.85
CA LYS J 139 -46.01 -6.31 37.98
C LYS J 139 -46.72 -7.52 38.51
N GLU J 140 -46.95 -7.54 39.81
CA GLU J 140 -47.73 -8.60 40.44
C GLU J 140 -49.10 -8.03 40.74
N LYS J 141 -50.10 -8.91 40.77
CA LYS J 141 -51.31 -8.69 41.56
C LYS J 141 -51.28 -9.65 42.75
N ARG J 142 -51.33 -10.96 42.44
CA ARG J 142 -51.39 -12.04 43.45
C ARG J 142 -51.41 -13.40 42.76
N ASP J 143 -52.32 -13.50 41.79
CA ASP J 143 -52.48 -14.66 40.93
C ASP J 143 -51.20 -14.97 40.13
N ARG J 144 -50.82 -14.06 39.22
CA ARG J 144 -49.55 -14.17 38.46
C ARG J 144 -49.05 -12.75 38.11
N TRP J 145 -48.23 -12.64 37.06
CA TRP J 145 -47.64 -11.38 36.64
C TRP J 145 -48.28 -10.92 35.32
N TYR J 146 -48.13 -9.64 35.03
CA TYR J 146 -48.21 -9.15 33.66
C TYR J 146 -47.05 -8.19 33.42
N VAL J 147 -46.78 -7.86 32.16
CA VAL J 147 -45.91 -6.74 31.86
C VAL J 147 -46.81 -5.53 31.76
N ASP J 148 -46.73 -4.65 32.76
CA ASP J 148 -47.65 -3.50 32.87
C ASP J 148 -47.48 -2.55 31.68
N ASN J 149 -48.60 -2.25 31.02
CA ASN J 149 -48.61 -1.51 29.77
C ASN J 149 -48.24 -0.07 29.99
N ASP J 150 -48.96 0.59 30.89
CA ASP J 150 -48.91 2.04 31.01
C ASP J 150 -47.72 2.56 31.80
N GLU J 151 -47.23 1.78 32.78
CA GLU J 151 -45.99 2.19 33.51
C GLU J 151 -44.66 1.77 32.82
N THR J 152 -44.75 1.00 31.73
CA THR J 152 -43.54 0.63 30.93
C THR J 152 -43.33 1.57 29.71
N ILE J 153 -44.45 2.00 29.13
CA ILE J 153 -44.49 3.05 28.10
C ILE J 153 -43.72 4.31 28.54
N LYS J 154 -44.03 4.82 29.74
CA LYS J 154 -43.43 6.06 30.30
C LYS J 154 -41.92 6.01 30.23
N LEU J 155 -41.37 4.82 30.44
CA LEU J 155 -39.93 4.58 30.36
C LEU J 155 -39.42 4.60 28.93
N TYR J 156 -40.15 3.97 28.00
CA TYR J 156 -39.81 4.04 26.57
C TYR J 156 -39.67 5.49 26.15
N ALA J 157 -40.54 6.34 26.68
CA ALA J 157 -40.47 7.77 26.43
C ALA J 157 -39.25 8.41 27.07
N LYS J 158 -38.93 7.96 28.28
CA LYS J 158 -37.69 8.36 28.92
C LYS J 158 -36.46 8.00 28.05
N GLU J 159 -36.37 6.74 27.59
CA GLU J 159 -35.26 6.30 26.69
C GLU J 159 -35.14 7.15 25.41
N ALA J 160 -36.31 7.46 24.83
CA ALA J 160 -36.41 8.17 23.55
C ALA J 160 -35.71 9.52 23.59
N VAL J 161 -36.08 10.32 24.59
CA VAL J 161 -35.58 11.69 24.76
C VAL J 161 -34.11 11.71 25.14
N VAL J 162 -33.65 10.67 25.84
CA VAL J 162 -32.22 10.45 25.94
C VAL J 162 -31.67 10.31 24.51
N TYR J 163 -32.00 9.23 23.81
CA TYR J 163 -31.36 8.99 22.51
C TYR J 163 -31.56 10.18 21.57
N ALA J 164 -32.70 10.87 21.70
CA ALA J 164 -32.93 12.09 20.95
C ALA J 164 -31.95 13.20 21.33
N GLU J 165 -31.72 13.42 22.64
CA GLU J 165 -30.67 14.38 23.15
C GLU J 165 -29.24 14.02 22.70
N ALA J 166 -28.98 12.73 22.54
CA ALA J 166 -27.71 12.24 21.98
C ALA J 166 -27.48 12.66 20.54
N GLY J 167 -28.58 13.02 19.85
CA GLY J 167 -28.61 13.46 18.43
C GLY J 167 -29.09 12.37 17.49
N ALA J 168 -29.86 11.41 18.00
CA ALA J 168 -30.29 10.28 17.19
C ALA J 168 -31.35 10.82 16.25
N ASP J 169 -31.26 10.42 14.99
CA ASP J 169 -32.19 10.86 13.96
C ASP J 169 -33.57 10.29 14.17
N PHE J 170 -33.63 9.05 14.67
CA PHE J 170 -34.85 8.22 14.68
C PHE J 170 -34.91 7.23 15.82
N VAL J 171 -36.04 7.15 16.47
CA VAL J 171 -36.23 6.24 17.59
C VAL J 171 -37.20 5.14 17.16
N ALA J 172 -36.75 3.91 17.22
CA ALA J 172 -37.57 2.78 16.82
C ALA J 172 -38.03 1.97 18.04
N PRO J 173 -39.31 2.10 18.44
CA PRO J 173 -39.86 1.41 19.62
C PRO J 173 -40.33 -0.05 19.39
N SER J 174 -39.76 -1.00 20.14
CA SER J 174 -39.87 -2.42 19.80
C SER J 174 -40.45 -3.30 20.90
N GLY J 175 -41.26 -2.70 21.76
CA GLY J 175 -41.89 -3.41 22.86
C GLY J 175 -43.17 -4.14 22.52
N MET J 176 -43.94 -3.61 21.56
CA MET J 176 -45.31 -4.05 21.30
C MET J 176 -46.29 -3.72 22.44
N MET J 177 -45.93 -2.71 23.23
CA MET J 177 -46.83 -2.22 24.27
C MET J 177 -47.71 -1.22 23.53
N ASP J 178 -48.98 -1.11 23.94
CA ASP J 178 -49.90 -0.23 23.23
C ASP J 178 -49.57 1.17 23.66
N GLY J 179 -50.20 2.17 23.04
CA GLY J 179 -50.00 3.60 23.42
C GLY J 179 -48.58 4.16 23.45
N GLN J 180 -47.62 3.36 22.97
CA GLN J 180 -46.20 3.68 23.11
C GLN J 180 -45.76 4.74 22.09
N VAL J 181 -46.16 4.56 20.83
CA VAL J 181 -45.83 5.47 19.75
C VAL J 181 -46.32 6.85 20.13
N ARG J 182 -47.50 6.95 20.72
CA ARG J 182 -48.01 8.27 21.12
C ARG J 182 -47.25 8.81 22.34
N GLU J 183 -46.98 7.98 23.33
CA GLU J 183 -46.20 8.44 24.47
C GLU J 183 -44.82 8.98 24.06
N ILE J 184 -44.16 8.28 23.14
CA ILE J 184 -42.83 8.70 22.68
C ILE J 184 -42.96 9.95 21.89
N ARG J 185 -44.03 10.05 21.11
CA ARG J 185 -44.24 11.21 20.28
C ARG J 185 -44.41 12.45 21.12
N ARG J 186 -45.19 12.34 22.19
CA ARG J 186 -45.43 13.50 23.04
C ARG J 186 -44.14 13.90 23.72
N ALA J 187 -43.50 12.90 24.32
CA ALA J 187 -42.30 13.14 25.12
C ALA J 187 -41.14 13.77 24.33
N LEU J 188 -40.96 13.39 23.07
CA LEU J 188 -39.97 14.07 22.23
C LEU J 188 -40.38 15.52 22.05
N ASP J 189 -41.61 15.74 21.59
CA ASP J 189 -42.16 17.10 21.30
C ASP J 189 -42.08 18.07 22.49
N ALA J 190 -42.44 17.54 23.68
CA ALA J 190 -42.32 18.21 24.99
C ALA J 190 -40.95 18.86 25.25
N HIS J 191 -39.89 18.12 24.94
CA HIS J 191 -38.52 18.56 25.15
C HIS J 191 -37.96 19.05 23.81
N GLY J 192 -38.83 19.64 22.97
CA GLY J 192 -38.50 20.13 21.64
C GLY J 192 -37.74 19.19 20.71
N PHE J 193 -38.32 18.04 20.39
CA PHE J 193 -37.74 17.10 19.43
C PHE J 193 -38.71 16.76 18.30
N GLU J 194 -39.38 17.79 17.81
CA GLU J 194 -40.31 17.65 16.71
C GLU J 194 -39.54 16.98 15.58
N GLU J 195 -38.34 17.49 15.32
CA GLU J 195 -37.41 16.95 14.31
C GLU J 195 -37.32 15.43 14.30
N VAL J 196 -37.15 14.83 15.46
CA VAL J 196 -36.83 13.41 15.57
C VAL J 196 -38.02 12.55 15.18
N GLY J 197 -37.82 11.62 14.25
CA GLY J 197 -38.89 10.74 13.77
C GLY J 197 -39.07 9.48 14.59
N ILE J 198 -40.27 8.90 14.53
CA ILE J 198 -40.55 7.57 15.11
C ILE J 198 -40.71 6.56 13.97
N MET J 199 -39.98 5.45 14.05
CA MET J 199 -40.12 4.29 13.16
C MET J 199 -40.68 3.13 13.98
N ALA J 200 -42.00 3.05 14.14
CA ALA J 200 -42.62 2.03 15.00
C ALA J 200 -42.44 0.58 14.49
N TYR J 201 -42.10 -0.35 15.39
CA TYR J 201 -42.18 -1.80 15.10
C TYR J 201 -43.66 -2.25 15.19
N SER J 202 -44.48 -1.78 14.26
CA SER J 202 -45.93 -1.87 14.40
C SER J 202 -46.49 -3.28 14.57
N ALA J 203 -46.05 -4.22 13.73
CA ALA J 203 -46.49 -5.61 13.84
C ALA J 203 -45.29 -6.56 14.04
N LYS J 204 -44.87 -6.67 15.30
CA LYS J 204 -43.80 -7.57 15.72
C LYS J 204 -44.42 -8.85 16.31
N TYR J 205 -44.27 -9.96 15.60
CA TYR J 205 -44.83 -11.24 16.00
C TYR J 205 -43.97 -11.92 17.02
N ALA J 206 -44.58 -12.78 17.83
CA ALA J 206 -43.85 -13.58 18.84
C ALA J 206 -43.29 -14.81 18.16
N SER J 207 -41.98 -14.80 17.94
CA SER J 207 -41.35 -15.67 16.94
C SER J 207 -40.21 -16.56 17.48
N ALA J 208 -40.14 -17.77 16.91
CA ALA J 208 -38.99 -18.64 17.09
C ALA J 208 -37.72 -18.15 16.36
N PHE J 209 -37.79 -17.11 15.53
CA PHE J 209 -36.61 -16.62 14.85
C PHE J 209 -35.76 -15.66 15.68
N TYR J 210 -36.16 -15.29 16.90
CA TYR J 210 -35.34 -14.33 17.70
C TYR J 210 -34.21 -14.94 18.52
N GLY J 211 -34.04 -16.26 18.54
CA GLY J 211 -33.07 -16.91 19.42
C GLY J 211 -31.66 -16.32 19.39
N PRO J 212 -31.11 -16.13 18.17
CA PRO J 212 -29.82 -15.47 17.98
C PRO J 212 -29.72 -14.00 18.45
N PHE J 213 -30.82 -13.25 18.44
CA PHE J 213 -30.84 -11.90 19.04
C PHE J 213 -30.56 -12.02 20.54
N ARG J 214 -31.30 -12.94 21.18
CA ARG J 214 -31.20 -13.20 22.62
C ARG J 214 -29.76 -13.53 23.07
N VAL J 215 -29.05 -14.34 22.27
CA VAL J 215 -27.64 -14.65 22.59
C VAL J 215 -26.75 -13.41 22.32
N ALA J 216 -27.12 -12.57 21.35
CA ALA J 216 -26.33 -11.37 21.03
C ALA J 216 -26.45 -10.31 22.11
N ALA J 217 -27.70 -10.03 22.49
CA ALA J 217 -28.05 -8.90 23.35
C ALA J 217 -28.38 -9.24 24.83
N ALA J 218 -28.49 -10.53 25.16
CA ALA J 218 -29.06 -10.97 26.43
C ALA J 218 -30.49 -10.45 26.68
N SER J 219 -31.29 -10.36 25.61
CA SER J 219 -32.73 -10.04 25.71
C SER J 219 -33.46 -11.22 26.31
N ALA J 220 -32.89 -12.42 26.18
CA ALA J 220 -33.37 -13.66 26.81
C ALA J 220 -34.41 -13.41 27.93
N PRO J 221 -35.71 -13.69 27.66
CA PRO J 221 -36.75 -13.41 28.65
C PRO J 221 -36.80 -14.55 29.66
N LYS J 222 -36.47 -14.25 30.91
CA LYS J 222 -36.21 -15.27 31.92
C LYS J 222 -37.47 -16.08 32.38
N PHE J 223 -38.69 -15.59 32.05
CA PHE J 223 -39.94 -16.38 32.16
C PHE J 223 -40.83 -16.31 30.87
N GLY J 224 -40.53 -17.17 29.90
CA GLY J 224 -40.54 -16.85 28.44
C GLY J 224 -41.79 -16.57 27.59
N ASP J 225 -42.83 -16.03 28.20
CA ASP J 225 -44.05 -15.70 27.49
C ASP J 225 -43.94 -14.24 27.09
N ARG J 226 -43.27 -14.01 25.98
CA ARG J 226 -43.44 -12.75 25.25
C ARG J 226 -44.85 -12.72 24.65
N ARG J 227 -45.48 -13.87 24.47
CA ARG J 227 -46.84 -14.01 23.91
C ARG J 227 -47.93 -13.10 24.47
N THR J 228 -47.70 -12.46 25.62
CA THR J 228 -48.68 -11.51 26.19
C THR J 228 -48.61 -10.09 25.62
N TYR J 229 -47.46 -9.72 25.03
CA TYR J 229 -47.30 -8.40 24.34
C TYR J 229 -47.06 -8.48 22.81
N GLN J 230 -46.03 -9.23 22.38
CA GLN J 230 -45.79 -9.53 20.97
C GLN J 230 -46.90 -10.41 20.38
N MET J 231 -47.04 -10.36 19.06
CA MET J 231 -48.24 -10.87 18.39
C MET J 231 -48.32 -12.38 18.24
N ASP J 232 -49.56 -12.84 18.08
CA ASP J 232 -49.89 -14.21 17.68
C ASP J 232 -49.73 -14.39 16.15
N PRO J 233 -48.75 -15.21 15.71
CA PRO J 233 -48.43 -15.38 14.28
C PRO J 233 -49.41 -16.17 13.44
N ARG J 234 -50.52 -16.60 14.03
CA ARG J 234 -51.66 -17.02 13.24
C ARG J 234 -52.29 -15.82 12.50
N ASN J 235 -52.02 -14.60 12.94
CA ASN J 235 -52.85 -13.46 12.58
C ASN J 235 -52.22 -12.39 11.69
N ALA J 236 -52.72 -12.33 10.46
CA ALA J 236 -52.33 -11.30 9.49
C ALA J 236 -53.09 -10.00 9.69
N TYR J 237 -54.42 -10.10 9.73
CA TYR J 237 -55.24 -8.92 9.70
C TYR J 237 -55.15 -8.09 10.96
N GLU J 238 -54.71 -8.67 12.06
CA GLU J 238 -54.47 -7.90 13.27
C GLU J 238 -53.42 -6.83 13.02
N ALA J 239 -52.40 -7.18 12.25
CA ALA J 239 -51.34 -6.23 11.91
C ALA J 239 -51.87 -4.94 11.26
N LEU J 240 -52.95 -5.01 10.51
CA LEU J 240 -53.55 -3.81 9.99
C LEU J 240 -53.90 -2.90 11.16
N LYS J 241 -54.72 -3.41 12.09
CA LYS J 241 -55.09 -2.65 13.30
C LYS J 241 -53.85 -2.03 14.01
N GLU J 242 -52.78 -2.84 14.11
CA GLU J 242 -51.54 -2.39 14.76
C GLU J 242 -50.84 -1.27 13.97
N VAL J 243 -50.64 -1.48 12.66
CA VAL J 243 -50.01 -0.46 11.80
C VAL J 243 -50.84 0.83 11.86
N ALA J 244 -52.16 0.65 11.76
CA ALA J 244 -53.12 1.73 11.74
C ALA J 244 -53.04 2.60 12.95
N MET J 245 -53.13 2.00 14.14
CA MET J 245 -53.04 2.78 15.39
C MET J 245 -51.71 3.55 15.48
N ASP J 246 -50.60 2.92 15.09
CA ASP J 246 -49.28 3.54 15.20
C ASP J 246 -49.15 4.75 14.29
N LEU J 247 -49.82 4.70 13.16
CA LEU J 247 -49.90 5.86 12.29
C LEU J 247 -50.79 6.97 12.85
N GLU J 248 -51.94 6.64 13.43
CA GLU J 248 -52.76 7.63 14.14
C GLU J 248 -51.94 8.42 15.19
N GLU J 249 -51.02 7.74 15.86
CA GLU J 249 -50.22 8.32 16.93
C GLU J 249 -48.97 9.14 16.51
N GLY J 250 -48.62 9.12 15.21
CA GLY J 250 -47.53 9.93 14.68
C GLY J 250 -46.35 9.21 14.02
N ALA J 251 -46.36 7.89 14.03
CA ALA J 251 -45.26 7.08 13.47
C ALA J 251 -45.00 7.40 12.03
N ASP J 252 -43.76 7.69 11.69
CA ASP J 252 -43.40 8.17 10.36
C ASP J 252 -43.11 7.00 9.39
N ILE J 253 -42.53 5.94 9.94
CA ILE J 253 -42.22 4.70 9.24
C ILE J 253 -42.83 3.56 10.11
N VAL J 254 -42.95 2.35 9.58
CA VAL J 254 -43.69 1.26 10.21
C VAL J 254 -43.05 -0.03 9.74
N MET J 255 -43.21 -1.17 10.44
CA MET J 255 -42.52 -2.43 10.01
C MET J 255 -43.04 -3.79 10.49
N VAL J 256 -42.34 -4.86 10.13
CA VAL J 256 -42.67 -6.23 10.51
C VAL J 256 -41.42 -7.07 10.84
N LYS J 257 -41.10 -7.22 12.12
CA LYS J 257 -40.17 -8.27 12.60
C LYS J 257 -41.17 -9.42 12.76
N PRO J 258 -40.95 -10.61 12.21
CA PRO J 258 -39.97 -10.95 11.21
C PRO J 258 -40.42 -10.63 9.79
N ALA J 259 -39.54 -10.86 8.81
CA ALA J 259 -39.83 -10.59 7.40
C ALA J 259 -40.11 -11.87 6.59
N LEU J 260 -39.08 -12.69 6.35
CA LEU J 260 -39.21 -13.92 5.55
C LEU J 260 -40.50 -14.70 5.79
N ALA J 261 -40.80 -15.01 7.05
CA ALA J 261 -41.93 -15.85 7.38
C ALA J 261 -43.24 -15.09 7.61
N TYR J 262 -43.25 -13.78 7.32
CA TYR J 262 -44.46 -12.93 7.31
C TYR J 262 -44.56 -11.97 6.07
N LEU J 263 -44.04 -12.44 4.93
CA LEU J 263 -44.05 -11.67 3.70
C LEU J 263 -45.46 -11.39 3.21
N ASP J 264 -46.38 -12.30 3.51
CA ASP J 264 -47.76 -12.02 3.20
C ASP J 264 -48.29 -10.84 4.00
N VAL J 265 -47.88 -10.70 5.27
CA VAL J 265 -48.30 -9.56 6.10
C VAL J 265 -47.71 -8.25 5.54
N ILE J 266 -46.45 -8.28 5.12
CA ILE J 266 -45.90 -7.10 4.45
C ILE J 266 -46.86 -6.68 3.33
N ARG J 267 -47.09 -7.59 2.37
CA ARG J 267 -48.01 -7.37 1.24
C ARG J 267 -49.37 -6.91 1.65
N LEU J 268 -49.91 -7.50 2.71
CA LEU J 268 -51.18 -7.03 3.23
C LEU J 268 -51.09 -5.60 3.75
N VAL J 269 -50.06 -5.27 4.54
CA VAL J 269 -49.87 -3.93 5.12
C VAL J 269 -49.69 -2.85 4.05
N LYS J 270 -48.81 -3.13 3.09
CA LYS J 270 -48.49 -2.18 2.00
C LYS J 270 -49.70 -1.96 1.18
N GLN J 271 -50.38 -3.04 0.81
CA GLN J 271 -51.54 -2.87 -0.02
C GLN J 271 -52.68 -2.07 0.68
N HIS J 272 -52.73 -2.06 2.00
CA HIS J 272 -53.62 -1.14 2.75
C HIS J 272 -53.01 0.21 3.13
N PHE J 273 -51.71 0.38 2.98
CA PHE J 273 -51.08 1.63 3.39
C PHE J 273 -50.01 2.00 2.38
N PRO J 274 -50.44 2.21 1.12
CA PRO J 274 -49.50 2.46 0.02
C PRO J 274 -48.61 3.69 0.24
N TRP J 275 -49.08 4.60 1.11
CA TRP J 275 -48.47 5.91 1.36
C TRP J 275 -47.49 5.89 2.54
N VAL J 276 -47.60 4.92 3.44
CA VAL J 276 -46.58 4.78 4.52
C VAL J 276 -45.35 4.05 3.99
N PRO J 277 -44.16 4.52 4.37
CA PRO J 277 -42.99 3.76 3.98
C PRO J 277 -42.85 2.56 4.90
N LEU J 278 -42.92 1.36 4.32
CA LEU J 278 -43.03 0.13 5.07
C LEU J 278 -41.69 -0.56 5.16
N ALA J 279 -41.16 -0.70 6.37
CA ALA J 279 -39.90 -1.40 6.53
C ALA J 279 -40.12 -2.86 6.99
N ALA J 280 -39.05 -3.64 7.10
CA ALA J 280 -39.17 -5.02 7.57
C ALA J 280 -37.83 -5.55 8.04
N TYR J 281 -37.84 -6.32 9.12
CA TYR J 281 -36.62 -6.82 9.73
C TYR J 281 -36.34 -8.20 9.19
N ASN J 282 -35.22 -8.36 8.51
CA ASN J 282 -34.65 -9.68 8.21
C ASN J 282 -33.84 -10.10 9.45
N VAL J 283 -34.42 -11.06 10.17
CA VAL J 283 -34.15 -11.18 11.58
C VAL J 283 -32.89 -11.99 11.84
N SER J 284 -32.40 -11.81 13.06
CA SER J 284 -31.53 -12.69 13.79
C SER J 284 -31.63 -14.13 13.29
N GLY J 285 -32.79 -14.77 13.42
CA GLY J 285 -33.00 -16.17 13.01
C GLY J 285 -32.88 -16.46 11.52
N GLU J 286 -33.43 -15.59 10.69
CA GLU J 286 -33.41 -15.72 9.22
C GLU J 286 -32.02 -15.49 8.57
N TYR J 287 -31.13 -14.80 9.28
CA TYR J 287 -29.77 -14.58 8.79
C TYR J 287 -29.02 -15.85 9.14
N SER J 288 -28.91 -16.10 10.45
CA SER J 288 -28.21 -17.27 11.01
C SER J 288 -28.68 -18.60 10.43
N LEU J 289 -29.99 -18.70 10.19
CA LEU J 289 -30.58 -19.90 9.58
C LEU J 289 -29.99 -20.14 8.20
N VAL J 290 -29.77 -19.07 7.43
CA VAL J 290 -29.06 -19.18 6.15
C VAL J 290 -27.62 -19.67 6.32
N LYS J 291 -26.92 -19.13 7.33
CA LYS J 291 -25.53 -19.51 7.61
C LYS J 291 -25.32 -21.02 7.93
N ALA J 292 -26.18 -21.58 8.80
CA ALA J 292 -26.23 -23.03 9.08
C ALA J 292 -26.31 -23.88 7.80
N ALA J 293 -27.38 -23.70 7.03
CA ALA J 293 -27.53 -24.37 5.74
C ALA J 293 -26.43 -24.02 4.72
N ALA J 294 -25.85 -22.82 4.85
CA ALA J 294 -24.78 -22.37 3.95
C ALA J 294 -23.41 -22.99 4.23
N THR J 295 -23.12 -23.35 5.48
CA THR J 295 -21.87 -24.05 5.76
C THR J 295 -22.03 -25.58 5.68
N ALA J 296 -23.16 -26.10 6.15
CA ALA J 296 -23.50 -27.53 5.97
C ALA J 296 -23.73 -27.96 4.52
N GLY J 297 -23.45 -27.11 3.54
CA GLY J 297 -23.40 -27.50 2.14
C GLY J 297 -24.71 -27.55 1.37
N TYR J 298 -25.84 -27.20 2.00
CA TYR J 298 -27.17 -27.45 1.40
C TYR J 298 -27.63 -26.42 0.36
N VAL J 299 -27.06 -25.21 0.39
CA VAL J 299 -27.61 -24.01 -0.27
C VAL J 299 -26.47 -23.10 -0.79
N ASP J 300 -26.71 -22.38 -1.89
CA ASP J 300 -25.74 -21.36 -2.35
C ASP J 300 -25.99 -20.07 -1.57
N GLU J 301 -25.00 -19.68 -0.77
CA GLU J 301 -25.16 -18.59 0.21
C GLU J 301 -25.48 -17.22 -0.43
N ARG J 302 -24.80 -16.86 -1.53
CA ARG J 302 -25.11 -15.60 -2.23
C ARG J 302 -26.51 -15.66 -2.86
N THR J 303 -26.84 -16.78 -3.47
CA THR J 303 -28.06 -16.91 -4.25
C THR J 303 -29.29 -16.93 -3.33
N ILE J 304 -29.23 -17.63 -2.19
CA ILE J 304 -30.36 -17.63 -1.23
C ILE J 304 -30.56 -16.26 -0.57
N THR J 305 -29.48 -15.62 -0.14
CA THR J 305 -29.62 -14.37 0.62
C THR J 305 -30.04 -13.20 -0.23
N LEU J 306 -30.07 -13.35 -1.56
CA LEU J 306 -30.65 -12.33 -2.44
C LEU J 306 -32.11 -12.67 -2.78
N GLU J 307 -32.39 -13.94 -3.10
CA GLU J 307 -33.78 -14.44 -3.17
C GLU J 307 -34.66 -14.19 -1.91
N ILE J 308 -34.01 -14.10 -0.75
CA ILE J 308 -34.68 -13.76 0.52
C ILE J 308 -34.83 -12.26 0.59
N LEU J 309 -33.78 -11.53 0.24
CA LEU J 309 -33.84 -10.08 0.26
C LEU J 309 -34.78 -9.55 -0.82
N THR J 310 -34.72 -10.13 -2.00
CA THR J 310 -35.57 -9.72 -3.11
C THR J 310 -37.00 -10.01 -2.73
N ALA J 311 -37.25 -11.21 -2.22
CA ALA J 311 -38.60 -11.57 -1.74
C ALA J 311 -39.27 -10.50 -0.82
N ILE J 312 -38.49 -9.87 0.05
CA ILE J 312 -39.00 -8.83 0.95
C ILE J 312 -39.32 -7.54 0.19
N LYS J 313 -38.39 -7.10 -0.66
CA LYS J 313 -38.62 -5.94 -1.55
C LYS J 313 -39.90 -6.17 -2.39
N ARG J 314 -39.96 -7.34 -3.02
CA ARG J 314 -41.13 -7.77 -3.79
C ARG J 314 -42.46 -7.76 -3.02
N ALA J 315 -42.47 -8.14 -1.75
CA ALA J 315 -43.73 -8.24 -1.02
C ALA J 315 -44.35 -6.91 -0.64
N GLY J 316 -43.53 -5.87 -0.58
CA GLY J 316 -44.00 -4.56 -0.09
C GLY J 316 -42.99 -3.67 0.62
N ALA J 317 -41.85 -4.23 1.05
CA ALA J 317 -40.96 -3.52 1.93
C ALA J 317 -40.08 -2.53 1.16
N ASP J 318 -40.05 -1.27 1.65
CA ASP J 318 -39.24 -0.19 1.07
C ASP J 318 -37.89 -0.14 1.73
N LEU J 319 -37.85 -0.62 2.99
CA LEU J 319 -36.66 -0.64 3.85
C LEU J 319 -36.50 -2.01 4.52
N ILE J 320 -35.26 -2.51 4.51
CA ILE J 320 -34.95 -3.84 5.00
C ILE J 320 -33.82 -3.74 6.00
N LEU J 321 -34.07 -4.24 7.22
CA LEU J 321 -33.05 -4.35 8.24
C LEU J 321 -32.52 -5.74 8.11
N THR J 322 -31.31 -5.84 7.57
CA THR J 322 -30.56 -7.11 7.51
C THR J 322 -29.23 -6.99 8.26
N TYR J 323 -28.77 -8.11 8.82
CA TYR J 323 -27.35 -8.25 9.13
C TYR J 323 -26.59 -8.71 7.86
N HIS J 324 -27.29 -9.33 6.88
CA HIS J 324 -26.72 -9.55 5.54
C HIS J 324 -26.22 -8.24 4.87
N ALA J 325 -26.65 -7.08 5.34
CA ALA J 325 -26.54 -5.82 4.58
C ALA J 325 -25.21 -5.58 3.86
N LEU J 326 -24.06 -5.72 4.54
CA LEU J 326 -22.73 -5.43 3.95
C LEU J 326 -22.33 -6.43 2.90
N GLU J 327 -22.50 -7.70 3.22
CA GLU J 327 -22.23 -8.76 2.24
C GLU J 327 -23.21 -8.68 1.11
N ALA J 328 -24.48 -8.41 1.42
CA ALA J 328 -25.53 -8.21 0.41
C ALA J 328 -25.16 -7.12 -0.58
N ALA J 329 -24.61 -6.02 -0.04
CA ALA J 329 -24.26 -4.80 -0.78
C ALA J 329 -23.13 -5.01 -1.75
N LYS J 330 -22.17 -5.87 -1.39
CA LYS J 330 -21.11 -6.28 -2.34
C LYS J 330 -21.70 -6.98 -3.58
N TRP J 331 -22.78 -7.72 -3.40
CA TRP J 331 -23.47 -8.41 -4.49
C TRP J 331 -24.20 -7.44 -5.51
N ILE J 332 -23.57 -7.41 -6.71
CA ILE J 332 -23.61 -6.33 -7.73
C ILE J 332 -23.11 -6.83 -9.14
N LYS J 333 -23.83 -7.58 -10.01
CA LYS J 333 -24.20 -9.04 -9.93
C LYS J 333 -25.41 -9.61 -9.14
N GLU J 334 -26.37 -10.25 -9.83
CA GLU J 334 -27.46 -11.01 -9.16
C GLU J 334 -28.14 -12.06 -9.95
N GLY J 335 -28.46 -13.18 -9.34
CA GLY J 335 -28.84 -14.39 -10.07
C GLY J 335 -30.03 -14.29 -11.02
N LEU J 336 -31.04 -13.50 -10.65
CA LEU J 336 -32.45 -13.87 -10.87
C LEU J 336 -32.99 -13.60 -12.29
N MET K 1 -69.30 -12.06 -17.43
CA MET K 1 -70.43 -12.08 -18.42
C MET K 1 -69.98 -12.71 -19.74
N ARG K 2 -69.44 -13.94 -19.67
CA ARG K 2 -69.02 -14.69 -20.86
C ARG K 2 -70.32 -15.31 -21.40
N VAL K 3 -71.19 -14.44 -21.90
CA VAL K 3 -72.59 -14.73 -22.08
C VAL K 3 -72.93 -14.37 -23.52
N GLN K 4 -73.42 -15.35 -24.28
CA GLN K 4 -73.52 -15.25 -25.73
C GLN K 4 -74.91 -15.57 -26.30
N PHE K 5 -75.35 -14.74 -27.25
CA PHE K 5 -76.43 -15.10 -28.17
C PHE K 5 -75.93 -16.22 -29.09
N PRO K 6 -76.73 -17.21 -29.49
CA PRO K 6 -78.11 -17.43 -29.08
C PRO K 6 -78.23 -18.32 -27.81
N THR K 7 -77.10 -18.61 -27.17
CA THR K 7 -77.04 -19.46 -25.97
C THR K 7 -77.79 -18.88 -24.77
N THR K 8 -77.71 -17.56 -24.64
CA THR K 8 -78.36 -16.82 -23.56
C THR K 8 -79.22 -15.74 -24.24
N ARG K 9 -80.54 -15.91 -24.14
CA ARG K 9 -81.52 -15.02 -24.75
C ARG K 9 -82.20 -14.19 -23.67
N PRO K 10 -81.79 -12.92 -23.53
CA PRO K 10 -82.47 -11.95 -22.67
C PRO K 10 -83.99 -12.03 -22.62
N ARG K 11 -84.61 -12.28 -23.76
CA ARG K 11 -86.07 -12.20 -23.84
C ARG K 11 -86.84 -13.28 -23.04
N ARG K 12 -86.18 -14.39 -22.66
CA ARG K 12 -86.80 -15.46 -21.84
C ARG K 12 -87.28 -14.99 -20.46
N LEU K 13 -86.75 -13.87 -19.98
CA LEU K 13 -87.18 -13.25 -18.74
C LEU K 13 -88.16 -12.11 -18.97
N ARG K 14 -88.36 -11.74 -20.24
CA ARG K 14 -89.34 -10.72 -20.65
C ARG K 14 -90.61 -11.26 -21.30
N ALA K 15 -90.60 -12.54 -21.70
CA ALA K 15 -91.76 -13.21 -22.34
C ALA K 15 -93.13 -12.99 -21.67
N SER K 16 -93.31 -13.47 -20.44
CA SER K 16 -94.59 -13.38 -19.70
C SER K 16 -94.68 -12.17 -18.74
N LYS K 17 -95.90 -11.87 -18.30
CA LYS K 17 -96.19 -10.79 -17.35
C LYS K 17 -96.11 -11.29 -15.90
N ILE K 18 -96.07 -12.61 -15.73
CA ILE K 18 -95.85 -13.21 -14.44
C ILE K 18 -94.36 -13.17 -14.11
N ILE K 19 -93.52 -13.57 -15.08
CA ILE K 19 -92.07 -13.69 -14.88
C ILE K 19 -91.25 -12.38 -14.93
N ARG K 20 -91.74 -11.36 -15.62
CA ARG K 20 -91.18 -10.05 -15.40
C ARG K 20 -91.26 -9.74 -13.91
N ASP K 21 -92.43 -10.01 -13.33
CA ASP K 21 -92.71 -9.68 -11.94
C ASP K 21 -91.96 -10.56 -10.94
N ALA K 22 -91.72 -11.80 -11.31
CA ALA K 22 -90.90 -12.69 -10.51
C ALA K 22 -89.53 -12.09 -10.25
N VAL K 23 -88.87 -11.74 -11.36
CA VAL K 23 -87.44 -11.42 -11.37
C VAL K 23 -87.15 -9.92 -11.46
N ALA K 24 -88.13 -9.10 -11.14
CA ALA K 24 -87.92 -7.67 -11.01
C ALA K 24 -86.83 -7.42 -9.99
N GLU K 25 -86.31 -6.19 -9.97
CA GLU K 25 -85.35 -5.77 -8.97
C GLU K 25 -85.97 -4.84 -7.95
N THR K 26 -87.28 -4.56 -8.04
CA THR K 26 -87.94 -3.51 -7.24
C THR K 26 -89.43 -3.72 -6.81
N GLN K 27 -89.71 -3.37 -5.56
CA GLN K 27 -91.08 -3.35 -5.01
C GLN K 27 -91.55 -1.90 -4.84
N ILE K 28 -92.85 -1.72 -4.56
CA ILE K 28 -93.43 -0.41 -4.13
C ILE K 28 -94.63 -0.61 -3.15
N ASP K 29 -94.82 0.32 -2.21
CA ASP K 29 -96.02 0.32 -1.33
C ASP K 29 -96.16 1.62 -0.54
N ALA K 30 -97.37 1.82 0.00
CA ALA K 30 -97.73 3.03 0.78
C ALA K 30 -96.87 3.29 2.03
N GLY K 31 -96.20 2.25 2.51
CA GLY K 31 -95.21 2.34 3.59
C GLY K 31 -93.80 2.63 3.11
N ASP K 32 -93.68 3.07 1.86
CA ASP K 32 -92.49 3.75 1.40
C ASP K 32 -92.76 5.22 1.00
N PHE K 33 -94.05 5.62 0.91
CA PHE K 33 -94.41 7.02 0.60
C PHE K 33 -94.59 7.92 1.85
N ILE K 34 -94.31 9.22 1.69
CA ILE K 34 -94.48 10.25 2.72
C ILE K 34 -95.20 11.48 2.12
N TYR K 35 -96.48 11.65 2.46
CA TYR K 35 -97.30 12.70 1.85
C TYR K 35 -97.03 14.05 2.52
N PRO K 36 -96.63 15.07 1.72
CA PRO K 36 -96.58 16.44 2.24
C PRO K 36 -97.96 17.03 2.41
N LEU K 37 -98.17 17.70 3.53
CA LEU K 37 -99.44 18.38 3.82
C LEU K 37 -99.18 19.88 3.98
N PHE K 38 -99.61 20.66 3.00
CA PHE K 38 -99.56 22.12 3.12
C PHE K 38 -100.66 22.63 4.08
N VAL K 39 -100.24 23.30 5.17
CA VAL K 39 -101.14 23.77 6.23
C VAL K 39 -101.13 25.32 6.29
N LYS K 40 -102.31 25.92 6.49
CA LYS K 40 -102.46 27.39 6.57
C LYS K 40 -103.24 27.80 7.84
N PRO K 41 -103.13 29.07 8.25
CA PRO K 41 -103.64 29.41 9.60
C PRO K 41 -105.15 29.26 9.73
N GLY K 42 -105.90 30.12 9.03
CA GLY K 42 -107.35 30.14 9.10
C GLY K 42 -107.99 29.99 7.74
N GLY K 43 -109.26 30.36 7.66
CA GLY K 43 -110.06 30.14 6.47
C GLY K 43 -110.35 28.66 6.34
N GLU K 44 -110.50 28.23 5.09
CA GLU K 44 -110.75 26.82 4.74
C GLU K 44 -109.74 26.34 3.67
N ARG K 45 -110.00 25.18 3.06
CA ARG K 45 -109.39 24.77 1.80
C ARG K 45 -109.13 25.95 0.87
N GLU K 46 -107.99 25.92 0.20
CA GLU K 46 -107.68 26.83 -0.90
C GLU K 46 -106.92 25.97 -1.91
N PRO K 47 -107.50 25.73 -3.12
CA PRO K 47 -106.81 24.91 -4.10
C PRO K 47 -105.64 25.68 -4.71
N ILE K 48 -104.61 24.96 -5.16
CA ILE K 48 -103.37 25.55 -5.65
C ILE K 48 -103.31 25.44 -7.16
N GLY K 49 -103.28 26.59 -7.84
CA GLY K 49 -103.43 26.65 -9.29
C GLY K 49 -102.38 25.82 -9.98
N PRO K 50 -101.09 26.10 -9.70
CA PRO K 50 -100.01 25.29 -10.27
C PRO K 50 -99.79 23.84 -9.75
N MET K 51 -100.63 23.29 -8.87
CA MET K 51 -100.30 21.94 -8.37
C MET K 51 -100.69 20.83 -9.37
N PRO K 52 -101.96 20.38 -9.56
CA PRO K 52 -103.16 20.85 -8.91
C PRO K 52 -103.93 19.70 -8.21
N GLY K 53 -104.80 20.08 -7.28
CA GLY K 53 -105.65 19.14 -6.52
C GLY K 53 -105.06 18.69 -5.19
N ILE K 54 -104.08 19.44 -4.70
CA ILE K 54 -103.42 19.11 -3.44
C ILE K 54 -103.98 19.96 -2.30
N TYR K 55 -104.27 21.24 -2.57
CA TYR K 55 -104.95 22.13 -1.63
C TYR K 55 -104.09 22.57 -0.42
N ARG K 56 -104.63 23.52 0.34
CA ARG K 56 -104.02 24.07 1.56
C ARG K 56 -104.98 24.09 2.77
N TRP K 57 -104.97 23.00 3.54
CA TRP K 57 -105.92 22.79 4.65
C TRP K 57 -105.60 23.76 5.80
N PRO K 58 -106.62 24.21 6.58
CA PRO K 58 -106.34 24.84 7.87
C PRO K 58 -106.61 23.89 9.00
N VAL K 59 -105.85 24.05 10.07
CA VAL K 59 -105.94 23.15 11.20
C VAL K 59 -107.36 23.10 11.73
N GLY K 60 -107.90 21.89 11.81
CA GLY K 60 -109.29 21.67 12.20
C GLY K 60 -109.74 20.28 11.79
N ARG K 61 -111.04 20.11 11.54
CA ARG K 61 -111.58 18.81 11.15
C ARG K 61 -111.19 18.47 9.70
N GLU K 62 -110.09 19.09 9.24
CA GLU K 62 -109.35 18.69 8.03
C GLU K 62 -108.24 17.65 8.27
N LEU K 63 -108.24 17.03 9.46
CA LEU K 63 -107.57 15.76 9.67
C LEU K 63 -108.29 14.59 8.99
N ILE K 64 -109.55 14.31 9.35
CA ILE K 64 -110.37 13.28 8.65
C ILE K 64 -110.22 13.52 7.16
N ASN K 65 -110.46 14.78 6.79
CA ASN K 65 -110.42 15.29 5.43
C ASN K 65 -109.35 14.61 4.56
N HIS K 66 -108.14 14.49 5.09
CA HIS K 66 -107.10 13.79 4.35
C HIS K 66 -106.43 12.67 5.12
N VAL K 67 -106.04 12.94 6.37
CA VAL K 67 -105.15 12.02 7.12
C VAL K 67 -105.79 10.65 7.38
N GLU K 68 -107.03 10.62 7.87
CA GLU K 68 -107.76 9.35 8.01
C GLU K 68 -108.08 8.78 6.63
N GLU K 69 -108.28 9.67 5.65
CA GLU K 69 -108.48 9.25 4.26
C GLU K 69 -107.21 8.62 3.70
N ALA K 70 -106.07 9.22 4.01
CA ALA K 70 -104.79 8.73 3.54
C ALA K 70 -104.39 7.44 4.25
N LEU K 71 -104.43 7.45 5.58
CA LEU K 71 -104.17 6.27 6.43
C LEU K 71 -105.03 5.07 6.00
N SER K 72 -106.22 5.37 5.46
CA SER K 72 -107.12 4.40 4.77
C SER K 72 -106.48 3.62 3.61
N LEU K 73 -105.48 4.22 2.94
CA LEU K 73 -104.73 3.56 1.89
C LEU K 73 -103.31 3.14 2.31
N GLY K 74 -103.02 3.21 3.61
CA GLY K 74 -101.70 2.78 4.15
C GLY K 74 -100.58 3.82 4.20
N ILE K 75 -100.93 5.05 3.82
CA ILE K 75 -100.04 6.21 3.89
C ILE K 75 -100.08 6.70 5.32
N ASN K 76 -99.01 6.41 6.05
CA ASN K 76 -99.04 6.55 7.48
C ASN K 76 -97.92 7.42 8.00
N LYS K 77 -97.48 8.37 7.18
CA LYS K 77 -96.38 9.26 7.54
C LYS K 77 -96.52 10.54 6.73
N PHE K 78 -96.42 11.68 7.39
CA PHE K 78 -96.81 12.95 6.80
C PHE K 78 -95.78 14.00 7.16
N ILE K 79 -95.54 14.93 6.24
CA ILE K 79 -94.59 16.01 6.47
C ILE K 79 -95.31 17.32 6.26
N LEU K 80 -95.15 18.23 7.22
CA LEU K 80 -95.97 19.44 7.36
C LEU K 80 -95.23 20.73 7.02
N PHE K 81 -95.89 21.56 6.20
CA PHE K 81 -95.39 22.87 5.81
C PHE K 81 -96.41 23.94 6.18
N GLY K 82 -95.92 25.16 6.48
CA GLY K 82 -96.78 26.32 6.76
C GLY K 82 -96.90 27.26 5.56
N VAL K 83 -98.06 27.93 5.42
CA VAL K 83 -98.33 28.92 4.34
C VAL K 83 -98.92 30.21 4.96
N LEU K 84 -98.09 30.92 5.71
CA LEU K 84 -98.52 32.14 6.41
C LEU K 84 -98.79 33.25 5.37
N PRO K 85 -99.70 34.18 5.68
CA PRO K 85 -99.77 35.43 4.89
C PRO K 85 -98.77 36.51 5.36
N ASP K 86 -98.59 37.56 4.55
CA ASP K 86 -97.55 38.64 4.73
C ASP K 86 -97.63 39.49 5.99
N GLU K 87 -98.85 39.74 6.46
CA GLU K 87 -99.11 40.41 7.73
C GLU K 87 -98.32 39.73 8.86
N LEU K 88 -98.23 38.39 8.80
CA LEU K 88 -97.49 37.58 9.79
C LEU K 88 -95.96 37.59 9.58
N LYS K 89 -95.49 37.64 8.34
CA LYS K 89 -94.07 37.42 8.03
C LYS K 89 -93.14 38.62 8.37
N ASN K 90 -91.96 38.31 8.94
CA ASN K 90 -90.95 39.30 9.43
C ASN K 90 -89.45 38.90 9.15
N PRO K 91 -88.46 39.82 9.35
CA PRO K 91 -87.13 39.52 8.80
C PRO K 91 -86.37 38.36 9.49
N GLU K 92 -86.54 38.21 10.81
CA GLU K 92 -85.93 37.10 11.55
C GLU K 92 -86.85 35.81 11.56
N GLY K 93 -88.08 35.93 11.03
CA GLY K 93 -88.93 34.77 10.70
C GLY K 93 -89.56 34.02 11.86
N THR K 94 -90.22 34.76 12.75
CA THR K 94 -90.78 34.21 14.01
C THR K 94 -91.80 33.09 13.81
N GLY K 95 -92.46 33.06 12.65
CA GLY K 95 -93.42 32.01 12.34
C GLY K 95 -92.86 30.59 12.44
N GLY K 96 -91.55 30.45 12.33
CA GLY K 96 -90.87 29.19 12.59
C GLY K 96 -90.81 28.75 14.06
N TYR K 97 -90.75 29.71 14.98
CA TYR K 97 -90.53 29.44 16.42
C TYR K 97 -91.64 30.12 17.26
N ASP K 98 -92.87 29.67 17.02
CA ASP K 98 -94.06 30.30 17.54
C ASP K 98 -95.04 29.20 17.97
N PRO K 99 -94.95 28.71 19.23
CA PRO K 99 -95.76 27.61 19.81
C PRO K 99 -97.25 27.58 19.41
N GLU K 100 -97.85 28.76 19.33
CA GLU K 100 -99.18 28.93 18.75
C GLU K 100 -98.96 29.46 17.32
N GLY K 101 -99.04 28.54 16.34
CA GLY K 101 -98.68 28.81 14.93
C GLY K 101 -99.17 27.69 14.02
N VAL K 102 -98.97 27.82 12.71
CA VAL K 102 -99.61 26.90 11.72
C VAL K 102 -99.13 25.46 11.79
N VAL K 103 -97.80 25.28 11.77
CA VAL K 103 -97.15 23.97 11.81
C VAL K 103 -97.04 23.38 13.24
N PRO K 104 -96.96 24.24 14.31
CA PRO K 104 -97.08 23.62 15.65
C PRO K 104 -98.50 23.14 16.03
N ARG K 105 -99.52 23.98 15.87
CA ARG K 105 -100.90 23.54 16.15
C ARG K 105 -101.35 22.31 15.33
N ALA K 106 -100.92 22.22 14.07
CA ALA K 106 -101.23 21.05 13.23
C ALA K 106 -100.70 19.72 13.79
N ILE K 107 -99.50 19.74 14.38
CA ILE K 107 -98.92 18.54 15.04
C ILE K 107 -99.68 18.23 16.34
N ARG K 108 -100.00 19.26 17.12
CA ARG K 108 -100.76 19.07 18.37
C ARG K 108 -102.07 18.31 18.11
N LEU K 109 -102.79 18.73 17.06
CA LEU K 109 -104.12 18.19 16.76
C LEU K 109 -104.05 16.78 16.21
N ILE K 110 -103.15 16.56 15.24
CA ILE K 110 -103.00 15.26 14.62
C ILE K 110 -102.58 14.25 15.66
N LYS K 111 -101.43 14.48 16.30
CA LYS K 111 -100.88 13.51 17.26
C LYS K 111 -101.81 13.27 18.43
N GLU K 112 -102.65 14.23 18.80
CA GLU K 112 -103.66 13.95 19.81
C GLU K 112 -104.67 12.93 19.26
N ILE K 113 -105.50 13.31 18.28
CA ILE K 113 -106.47 12.38 17.64
C ILE K 113 -105.82 11.03 17.29
N PHE K 114 -104.77 11.07 16.48
CA PHE K 114 -104.14 9.86 15.92
C PHE K 114 -103.16 9.15 16.86
N GLY K 115 -102.29 9.90 17.54
CA GLY K 115 -101.43 9.35 18.61
C GLY K 115 -100.06 8.78 18.22
N ASP K 116 -100.04 7.50 17.92
CA ASP K 116 -98.87 6.83 17.38
C ASP K 116 -99.31 5.83 16.29
N ARG K 117 -100.38 6.20 15.60
CA ARG K 117 -100.88 5.49 14.42
C ARG K 117 -100.39 6.22 13.15
N VAL K 118 -100.05 7.51 13.29
CA VAL K 118 -99.28 8.20 12.27
C VAL K 118 -98.01 8.81 12.85
N LEU K 119 -97.03 8.92 11.95
CA LEU K 119 -95.73 9.53 12.20
C LEU K 119 -95.68 10.94 11.59
N VAL K 120 -95.19 11.91 12.35
CA VAL K 120 -95.14 13.29 11.85
C VAL K 120 -93.73 13.91 11.82
N PHE K 121 -93.30 14.24 10.60
CA PHE K 121 -92.09 15.02 10.29
C PHE K 121 -92.46 16.51 10.13
N ALA K 122 -91.60 17.40 10.60
CA ALA K 122 -91.87 18.83 10.57
C ALA K 122 -90.79 19.56 9.77
N ASP K 123 -91.20 20.31 8.73
CA ASP K 123 -90.22 21.02 7.90
C ASP K 123 -89.64 22.30 8.57
N VAL K 124 -88.32 22.26 8.70
CA VAL K 124 -87.56 23.29 9.36
C VAL K 124 -86.90 24.16 8.30
N CYS K 125 -87.52 25.30 8.01
CA CYS K 125 -86.83 26.36 7.29
C CYS K 125 -87.55 27.68 7.46
N LEU K 126 -86.85 28.75 7.08
CA LEU K 126 -87.34 30.12 7.18
C LEU K 126 -87.71 30.78 5.84
N CYS K 127 -87.80 30.03 4.75
CA CYS K 127 -88.31 30.55 3.45
C CYS K 127 -89.81 30.81 3.51
N GLU K 128 -90.53 29.80 3.95
CA GLU K 128 -91.97 29.88 4.12
C GLU K 128 -92.43 30.72 5.35
N TYR K 129 -91.50 31.40 6.07
CA TYR K 129 -91.86 32.22 7.25
C TYR K 129 -91.23 33.64 7.30
N THR K 130 -90.72 34.17 6.19
CA THR K 130 -89.95 35.45 6.22
C THR K 130 -90.47 36.58 5.31
N ASP K 131 -90.00 37.80 5.60
CA ASP K 131 -90.05 38.98 4.70
C ASP K 131 -89.66 38.62 3.27
N HIS K 132 -88.40 38.20 3.13
CA HIS K 132 -87.69 38.20 1.84
C HIS K 132 -87.90 36.97 0.96
N GLY K 133 -88.29 35.84 1.55
CA GLY K 133 -88.44 34.60 0.80
C GLY K 133 -87.27 33.67 0.94
N HIS K 134 -86.08 34.23 1.19
CA HIS K 134 -84.89 33.45 1.55
C HIS K 134 -85.00 32.56 2.77
N CYS K 135 -84.07 31.62 2.82
CA CYS K 135 -84.11 30.49 3.75
C CYS K 135 -83.21 30.76 4.95
N GLY K 136 -83.38 31.94 5.55
CA GLY K 136 -82.55 32.37 6.68
C GLY K 136 -82.14 33.83 6.66
N VAL K 137 -82.09 34.44 7.85
CA VAL K 137 -81.39 35.69 8.10
C VAL K 137 -80.53 36.16 6.93
N VAL K 138 -80.82 37.36 6.42
CA VAL K 138 -80.03 37.99 5.34
C VAL K 138 -79.20 39.16 5.89
N LYS K 139 -77.99 39.31 5.39
CA LYS K 139 -77.13 40.47 5.61
C LYS K 139 -76.72 41.04 4.25
N GLU K 140 -76.75 42.38 4.15
CA GLU K 140 -76.35 43.11 2.93
C GLU K 140 -75.09 43.88 3.30
N LYS K 141 -73.98 43.15 3.40
CA LYS K 141 -72.70 43.67 3.93
C LYS K 141 -72.12 44.85 3.12
N ARG K 142 -71.09 45.47 3.69
CA ARG K 142 -70.18 46.38 2.96
C ARG K 142 -70.04 45.94 1.51
N ASP K 143 -69.81 44.63 1.33
CA ASP K 143 -69.89 43.94 0.04
C ASP K 143 -71.30 44.06 -0.66
N ARG K 144 -72.24 43.18 -0.30
CA ARG K 144 -73.55 43.09 -0.98
C ARG K 144 -74.37 41.92 -0.34
N TRP K 145 -75.70 42.01 -0.41
CA TRP K 145 -76.63 40.92 -0.09
C TRP K 145 -76.01 39.48 -0.01
N TYR K 146 -76.00 38.90 1.20
CA TYR K 146 -75.71 37.46 1.39
C TYR K 146 -76.63 36.89 2.49
N VAL K 147 -76.62 35.57 2.70
CA VAL K 147 -77.50 34.88 3.70
C VAL K 147 -76.70 34.26 4.84
N ASP K 148 -76.69 34.89 6.02
CA ASP K 148 -75.76 34.48 7.08
C ASP K 148 -76.00 33.06 7.59
N ASN K 149 -74.93 32.26 7.56
CA ASN K 149 -74.94 30.84 7.91
C ASN K 149 -75.10 30.58 9.37
N ASP K 150 -74.48 31.41 10.20
CA ASP K 150 -74.34 31.07 11.61
C ASP K 150 -75.55 31.46 12.47
N GLU K 151 -76.22 32.58 12.16
CA GLU K 151 -77.42 32.95 12.95
C GLU K 151 -78.65 32.17 12.46
N THR K 152 -78.83 32.08 11.14
CA THR K 152 -79.95 31.31 10.57
C THR K 152 -80.08 29.88 11.17
N ILE K 153 -78.92 29.27 11.43
CA ILE K 153 -78.75 28.00 12.12
C ILE K 153 -79.45 27.91 13.49
N LYS K 154 -79.23 28.93 14.33
CA LYS K 154 -79.78 28.99 15.69
C LYS K 154 -81.26 29.30 15.73
N LEU K 155 -81.83 29.67 14.58
CA LEU K 155 -83.26 29.81 14.40
C LEU K 155 -83.90 28.54 13.85
N TYR K 156 -83.13 27.71 13.13
CA TYR K 156 -83.57 26.34 12.79
C TYR K 156 -83.64 25.52 14.06
N ALA K 157 -82.73 25.82 14.98
CA ALA K 157 -82.72 25.22 16.30
C ALA K 157 -84.02 25.48 17.05
N LYS K 158 -84.35 26.76 17.24
CA LYS K 158 -85.57 27.16 17.94
C LYS K 158 -86.79 26.52 17.26
N GLU K 159 -86.88 26.72 15.94
CA GLU K 159 -87.81 26.00 15.04
C GLU K 159 -88.02 24.55 15.43
N ALA K 160 -86.93 23.80 15.56
CA ALA K 160 -87.00 22.39 15.94
C ALA K 160 -87.58 22.23 17.35
N VAL K 161 -86.94 22.86 18.34
CA VAL K 161 -87.35 22.78 19.76
C VAL K 161 -88.87 22.86 19.85
N VAL K 162 -89.41 23.87 19.17
CA VAL K 162 -90.84 24.16 19.13
C VAL K 162 -91.68 23.07 18.47
N TYR K 163 -91.27 22.60 17.29
CA TYR K 163 -92.02 21.53 16.61
C TYR K 163 -91.91 20.21 17.37
N ALA K 164 -90.81 20.02 18.09
CA ALA K 164 -90.62 18.83 18.93
C ALA K 164 -91.47 18.86 20.17
N GLU K 165 -91.80 20.06 20.65
CA GLU K 165 -92.77 20.24 21.74
C GLU K 165 -94.22 20.05 21.28
N ALA K 166 -94.54 20.53 20.08
CA ALA K 166 -95.87 20.31 19.49
C ALA K 166 -96.19 18.83 19.19
N GLY K 167 -95.18 17.96 19.23
CA GLY K 167 -95.38 16.51 19.16
C GLY K 167 -94.61 15.77 18.07
N ALA K 168 -93.72 16.46 17.36
CA ALA K 168 -93.07 15.89 16.17
C ALA K 168 -92.16 14.70 16.50
N ASP K 169 -92.33 13.62 15.74
CA ASP K 169 -91.48 12.44 15.86
C ASP K 169 -90.09 12.72 15.30
N PHE K 170 -90.07 13.36 14.12
CA PHE K 170 -88.84 13.76 13.39
C PHE K 170 -88.94 15.23 12.89
N VAL K 171 -87.80 15.80 12.51
CA VAL K 171 -87.72 17.19 12.02
C VAL K 171 -86.81 17.24 10.77
N ALA K 172 -87.22 17.96 9.71
CA ALA K 172 -86.50 17.89 8.43
C ALA K 172 -85.99 19.26 7.87
N PRO K 173 -84.67 19.56 8.02
CA PRO K 173 -84.13 20.90 7.68
C PRO K 173 -83.73 21.20 6.23
N SER K 174 -84.65 21.90 5.54
CA SER K 174 -84.61 22.12 4.07
C SER K 174 -83.70 23.27 3.55
N GLY K 175 -83.06 23.98 4.48
CA GLY K 175 -82.41 25.25 4.18
C GLY K 175 -81.08 25.20 3.46
N MET K 176 -80.43 24.03 3.50
CA MET K 176 -79.07 23.88 2.97
C MET K 176 -78.02 24.76 3.66
N MET K 177 -78.25 25.03 4.96
CA MET K 177 -77.30 25.78 5.79
C MET K 177 -76.31 24.80 6.42
N ASP K 178 -75.09 25.30 6.62
CA ASP K 178 -73.93 24.45 6.79
C ASP K 178 -73.70 24.12 8.24
N GLY K 179 -73.66 22.83 8.55
CA GLY K 179 -73.67 22.38 9.93
C GLY K 179 -74.97 22.65 10.68
N GLN K 180 -76.08 22.81 9.96
CA GLN K 180 -77.41 23.01 10.57
C GLN K 180 -77.88 21.83 11.41
N VAL K 181 -77.49 20.62 11.02
CA VAL K 181 -77.94 19.36 11.62
C VAL K 181 -77.37 19.20 13.00
N ARG K 182 -76.07 19.44 13.09
CA ARG K 182 -75.34 19.58 14.35
C ARG K 182 -76.08 20.52 15.29
N GLU K 183 -76.41 21.71 14.80
CA GLU K 183 -77.11 22.69 15.59
C GLU K 183 -78.47 22.21 16.07
N ILE K 184 -79.35 21.86 15.12
CA ILE K 184 -80.70 21.35 15.46
C ILE K 184 -80.64 20.21 16.46
N ARG K 185 -79.80 19.22 16.16
CA ARG K 185 -79.56 18.04 17.01
C ARG K 185 -79.16 18.36 18.46
N ARG K 186 -78.42 19.46 18.65
CA ARG K 186 -77.95 19.85 19.98
C ARG K 186 -78.94 20.73 20.74
N ALA K 187 -79.77 21.49 20.03
CA ALA K 187 -80.91 22.12 20.68
C ALA K 187 -81.71 21.00 21.26
N LEU K 188 -82.21 20.14 20.39
CA LEU K 188 -83.10 19.03 20.75
C LEU K 188 -82.59 18.21 21.94
N ASP K 189 -81.27 18.02 22.04
CA ASP K 189 -80.69 17.23 23.11
C ASP K 189 -80.52 18.02 24.41
N ALA K 190 -80.26 19.31 24.30
CA ALA K 190 -80.30 20.20 25.47
C ALA K 190 -81.70 20.19 26.11
N HIS K 191 -82.74 20.18 25.26
CA HIS K 191 -84.13 20.23 25.73
C HIS K 191 -84.77 18.85 25.88
N GLY K 192 -83.95 17.79 25.94
CA GLY K 192 -84.43 16.43 26.25
C GLY K 192 -85.29 15.78 25.17
N PHE K 193 -84.77 15.73 23.94
CA PHE K 193 -85.39 15.00 22.82
C PHE K 193 -84.41 14.09 22.11
N GLU K 194 -83.87 13.14 22.86
CA GLU K 194 -83.14 12.03 22.25
C GLU K 194 -84.12 11.16 21.47
N GLU K 195 -85.38 11.13 21.91
CA GLU K 195 -86.53 10.53 21.17
C GLU K 195 -86.61 10.86 19.66
N VAL K 196 -86.38 12.14 19.35
CA VAL K 196 -86.79 12.77 18.09
C VAL K 196 -85.68 12.79 17.05
N GLY K 197 -85.98 12.23 15.88
CA GLY K 197 -85.01 12.11 14.79
C GLY K 197 -84.93 13.29 13.83
N ILE K 198 -84.02 13.18 12.87
CA ILE K 198 -83.71 14.26 11.95
C ILE K 198 -83.52 13.70 10.55
N MET K 199 -84.42 14.10 9.64
CA MET K 199 -84.30 13.80 8.21
C MET K 199 -83.65 15.00 7.50
N ALA K 200 -82.34 14.91 7.24
CA ALA K 200 -81.60 16.02 6.63
C ALA K 200 -81.84 16.15 5.12
N TYR K 201 -82.55 17.19 4.69
CA TYR K 201 -82.47 17.62 3.28
C TYR K 201 -81.02 18.08 3.18
N SER K 202 -80.21 17.17 2.68
CA SER K 202 -78.77 17.23 2.83
C SER K 202 -78.10 17.49 1.51
N ALA K 203 -78.54 16.75 0.49
CA ALA K 203 -78.13 16.98 -0.88
C ALA K 203 -79.36 17.50 -1.60
N LYS K 204 -79.78 18.71 -1.24
CA LYS K 204 -80.86 19.46 -1.93
C LYS K 204 -80.28 20.46 -2.92
N TYR K 205 -80.79 20.46 -4.14
CA TYR K 205 -80.12 21.12 -5.27
C TYR K 205 -80.82 22.44 -5.61
N ALA K 206 -80.05 23.41 -6.10
CA ALA K 206 -80.62 24.62 -6.67
C ALA K 206 -81.36 24.31 -7.98
N SER K 207 -82.69 24.22 -7.93
CA SER K 207 -83.46 23.71 -9.06
C SER K 207 -84.73 24.47 -9.48
N ALA K 208 -85.00 24.39 -10.79
CA ALA K 208 -86.24 24.89 -11.39
C ALA K 208 -87.45 24.10 -10.92
N PHE K 209 -87.30 22.79 -10.84
CA PHE K 209 -88.39 21.89 -10.41
C PHE K 209 -89.25 22.33 -9.18
N TYR K 210 -88.83 23.30 -8.39
CA TYR K 210 -89.58 23.66 -7.18
C TYR K 210 -90.71 24.67 -7.38
N GLY K 211 -90.92 25.16 -8.61
CA GLY K 211 -91.96 26.18 -8.93
C GLY K 211 -93.27 26.24 -8.15
N PRO K 212 -94.13 25.21 -8.29
CA PRO K 212 -95.38 25.12 -7.50
C PRO K 212 -95.20 25.31 -5.98
N PHE K 213 -94.12 24.82 -5.40
CA PHE K 213 -93.83 25.06 -3.98
C PHE K 213 -93.74 26.56 -3.75
N ARG K 214 -92.97 27.25 -4.60
CA ARG K 214 -92.82 28.72 -4.51
C ARG K 214 -94.17 29.46 -4.47
N VAL K 215 -95.17 28.92 -5.18
CA VAL K 215 -96.56 29.41 -5.16
C VAL K 215 -97.37 28.87 -3.95
N ALA K 216 -97.29 27.56 -3.72
CA ALA K 216 -98.07 26.85 -2.70
C ALA K 216 -97.77 27.28 -1.28
N ALA K 217 -96.49 27.41 -0.94
CA ALA K 217 -96.08 27.94 0.35
C ALA K 217 -95.97 29.47 0.40
N ALA K 218 -96.21 30.13 -0.75
CA ALA K 218 -96.00 31.55 -0.91
C ALA K 218 -94.65 31.86 -0.35
N SER K 219 -93.62 31.23 -0.93
CA SER K 219 -92.26 31.23 -0.37
C SER K 219 -91.14 31.51 -1.38
N ALA K 220 -91.48 32.16 -2.51
CA ALA K 220 -90.46 32.57 -3.48
C ALA K 220 -89.61 33.74 -2.95
N PRO K 221 -88.43 33.93 -3.50
CA PRO K 221 -87.54 34.97 -3.02
C PRO K 221 -87.82 36.23 -3.76
N LYS K 222 -87.76 37.36 -3.08
CA LYS K 222 -87.99 38.63 -3.70
C LYS K 222 -86.76 39.03 -4.48
N PHE K 223 -85.59 38.79 -3.92
CA PHE K 223 -84.37 39.13 -4.62
C PHE K 223 -83.46 37.94 -4.82
N GLY K 224 -82.88 37.87 -6.00
CA GLY K 224 -81.95 36.82 -6.35
C GLY K 224 -82.43 35.39 -6.39
N ASP K 225 -81.45 34.51 -6.55
CA ASP K 225 -81.64 33.08 -6.62
C ASP K 225 -81.17 32.41 -5.34
N ARG K 226 -81.44 31.13 -5.19
CA ARG K 226 -81.01 30.43 -4.01
C ARG K 226 -79.77 29.64 -4.35
N ARG K 227 -78.92 30.19 -5.20
CA ARG K 227 -77.75 29.44 -5.64
C ARG K 227 -76.64 29.33 -4.57
N THR K 228 -76.59 30.30 -3.67
CA THR K 228 -75.52 30.41 -2.71
C THR K 228 -75.70 29.58 -1.48
N TYR K 229 -76.72 28.73 -1.43
CA TYR K 229 -76.76 27.63 -0.46
C TYR K 229 -77.06 26.27 -1.11
N GLN K 230 -78.04 26.20 -2.01
CA GLN K 230 -78.42 24.95 -2.70
C GLN K 230 -77.35 24.57 -3.76
N MET K 231 -77.16 23.27 -3.95
CA MET K 231 -76.02 22.79 -4.70
C MET K 231 -76.28 23.05 -6.14
N ASP K 232 -75.30 23.65 -6.81
CA ASP K 232 -75.21 23.60 -8.28
C ASP K 232 -75.50 22.17 -8.84
N PRO K 233 -76.57 22.00 -9.66
CA PRO K 233 -76.86 20.68 -10.22
C PRO K 233 -75.84 20.05 -11.14
N ARG K 234 -74.80 20.77 -11.58
CA ARG K 234 -73.67 20.11 -12.25
C ARG K 234 -72.91 19.07 -11.39
N ASN K 235 -72.85 19.31 -10.08
CA ASN K 235 -72.08 18.46 -9.14
C ASN K 235 -72.87 17.23 -8.58
N ALA K 236 -72.32 16.05 -8.82
CA ALA K 236 -72.88 14.81 -8.28
C ALA K 236 -72.11 14.39 -7.03
N TYR K 237 -70.84 14.05 -7.21
CA TYR K 237 -69.97 13.68 -6.12
C TYR K 237 -70.01 14.65 -4.92
N GLU K 238 -70.08 15.96 -5.19
CA GLU K 238 -70.24 16.98 -4.11
C GLU K 238 -71.28 16.56 -3.05
N ALA K 239 -72.34 15.86 -3.45
CA ALA K 239 -73.42 15.42 -2.53
C ALA K 239 -72.98 14.41 -1.44
N LEU K 240 -72.14 13.45 -1.83
CA LEU K 240 -71.50 12.55 -0.88
C LEU K 240 -70.91 13.30 0.32
N LYS K 241 -70.14 14.36 0.05
CA LYS K 241 -69.60 15.24 1.08
C LYS K 241 -70.70 15.80 1.98
N GLU K 242 -71.72 16.38 1.35
CA GLU K 242 -72.82 17.01 2.07
C GLU K 242 -73.61 16.01 2.91
N VAL K 243 -73.65 14.75 2.48
CA VAL K 243 -74.32 13.64 3.17
C VAL K 243 -73.51 13.16 4.36
N ALA K 244 -72.24 12.88 4.12
CA ALA K 244 -71.34 12.38 5.15
C ALA K 244 -71.30 13.34 6.34
N MET K 245 -71.12 14.62 6.05
CA MET K 245 -71.24 15.66 7.06
C MET K 245 -72.52 15.53 7.90
N ASP K 246 -73.70 15.61 7.28
CA ASP K 246 -74.96 15.50 8.03
C ASP K 246 -75.14 14.17 8.82
N LEU K 247 -74.45 13.10 8.42
CA LEU K 247 -74.42 11.83 9.21
C LEU K 247 -73.58 11.93 10.50
N GLU K 248 -72.38 12.49 10.38
CA GLU K 248 -71.50 12.78 11.53
C GLU K 248 -72.27 13.58 12.54
N GLU K 249 -72.91 14.63 12.05
CA GLU K 249 -73.53 15.64 12.89
C GLU K 249 -74.66 15.03 13.76
N GLY K 250 -75.31 13.99 13.21
CA GLY K 250 -76.35 13.18 13.90
C GLY K 250 -77.68 12.95 13.18
N ALA K 251 -77.66 12.86 11.85
CA ALA K 251 -78.87 12.56 11.09
C ALA K 251 -79.16 11.08 11.19
N ASP K 252 -80.41 10.72 10.91
CA ASP K 252 -80.88 9.33 10.91
C ASP K 252 -81.23 8.87 9.49
N ILE K 253 -81.89 9.77 8.78
CA ILE K 253 -82.24 9.65 7.39
C ILE K 253 -81.63 10.86 6.68
N VAL K 254 -81.35 10.64 5.41
CA VAL K 254 -80.74 11.60 4.51
C VAL K 254 -81.66 11.63 3.30
N MET K 255 -81.77 12.76 2.60
CA MET K 255 -82.48 12.74 1.33
C MET K 255 -81.84 13.60 0.28
N VAL K 256 -82.29 13.37 -0.96
CA VAL K 256 -81.88 14.10 -2.17
C VAL K 256 -83.14 14.77 -2.77
N LYS K 257 -83.07 16.05 -3.15
CA LYS K 257 -84.23 16.83 -3.70
C LYS K 257 -83.68 17.73 -4.80
N PRO K 258 -84.28 17.79 -6.01
CA PRO K 258 -85.27 16.85 -6.55
C PRO K 258 -84.75 15.41 -6.68
N ALA K 259 -85.62 14.52 -7.16
CA ALA K 259 -85.26 13.11 -7.30
C ALA K 259 -85.24 12.62 -8.73
N LEU K 260 -86.16 13.10 -9.60
CA LEU K 260 -86.31 12.53 -10.95
C LEU K 260 -85.19 12.94 -11.88
N ALA K 261 -84.83 14.22 -11.87
CA ALA K 261 -83.62 14.62 -12.59
C ALA K 261 -82.29 14.35 -11.85
N TYR K 262 -82.34 13.66 -10.70
CA TYR K 262 -81.16 13.35 -9.87
C TYR K 262 -81.10 11.89 -9.42
N LEU K 263 -81.73 11.01 -10.20
CA LEU K 263 -81.64 9.55 -9.97
C LEU K 263 -80.18 9.06 -9.94
N ASP K 264 -79.29 9.68 -10.71
CA ASP K 264 -77.87 9.35 -10.71
C ASP K 264 -77.16 9.71 -9.36
N VAL K 265 -77.61 10.79 -8.73
CA VAL K 265 -77.07 11.18 -7.42
C VAL K 265 -77.51 10.19 -6.34
N ILE K 266 -78.76 9.71 -6.40
CA ILE K 266 -79.27 8.70 -5.45
C ILE K 266 -78.48 7.38 -5.45
N ARG K 267 -78.35 6.64 -6.57
CA ARG K 267 -77.49 5.46 -6.51
C ARG K 267 -76.11 5.87 -6.05
N LEU K 268 -75.60 7.02 -6.47
CA LEU K 268 -74.28 7.43 -5.99
C LEU K 268 -74.22 7.58 -4.45
N VAL K 269 -75.18 8.25 -3.85
CA VAL K 269 -75.23 8.37 -2.39
C VAL K 269 -75.44 6.98 -1.74
N LYS K 270 -76.31 6.15 -2.31
CA LYS K 270 -76.64 4.84 -1.71
C LYS K 270 -75.50 3.83 -1.84
N GLN K 271 -74.66 3.92 -2.87
CA GLN K 271 -73.61 2.93 -2.98
C GLN K 271 -72.37 3.29 -2.16
N HIS K 272 -72.35 4.49 -1.56
CA HIS K 272 -71.33 4.90 -0.55
C HIS K 272 -71.86 4.94 0.90
N PHE K 273 -73.15 4.68 1.09
CA PHE K 273 -73.82 4.74 2.40
C PHE K 273 -74.97 3.71 2.42
N PRO K 274 -74.66 2.42 2.15
CA PRO K 274 -75.66 1.34 2.04
C PRO K 274 -76.45 1.08 3.31
N TRP K 275 -75.86 1.45 4.44
CA TRP K 275 -76.52 1.36 5.76
C TRP K 275 -77.53 2.49 6.01
N VAL K 276 -77.18 3.71 5.62
CA VAL K 276 -78.07 4.88 5.80
C VAL K 276 -79.38 4.79 4.99
N PRO K 277 -80.54 4.90 5.67
CA PRO K 277 -81.82 5.01 4.93
C PRO K 277 -81.95 6.33 4.17
N LEU K 278 -82.04 6.23 2.85
CA LEU K 278 -82.00 7.37 1.96
C LEU K 278 -83.43 7.66 1.53
N ALA K 279 -83.93 8.82 1.92
CA ALA K 279 -85.22 9.34 1.43
C ALA K 279 -84.98 10.07 0.12
N ALA K 280 -86.06 10.53 -0.51
CA ALA K 280 -85.97 11.29 -1.76
C ALA K 280 -87.27 11.99 -2.03
N TYR K 281 -87.17 13.25 -2.41
CA TYR K 281 -88.34 14.10 -2.67
C TYR K 281 -88.64 14.12 -4.18
N ASN K 282 -89.78 13.54 -4.58
CA ASN K 282 -90.33 13.74 -5.92
C ASN K 282 -91.19 15.00 -5.87
N VAL K 283 -90.73 16.06 -6.53
CA VAL K 283 -91.04 17.41 -6.07
C VAL K 283 -92.33 18.03 -6.60
N SER K 284 -92.78 19.00 -5.82
CA SER K 284 -93.70 20.04 -6.19
C SER K 284 -93.85 20.19 -7.71
N GLY K 285 -92.80 20.54 -8.43
CA GLY K 285 -92.88 20.61 -9.92
C GLY K 285 -92.75 19.34 -10.77
N GLU K 286 -92.22 18.24 -10.21
CA GLU K 286 -92.21 16.92 -10.86
C GLU K 286 -93.63 16.33 -10.79
N TYR K 287 -94.34 16.67 -9.71
CA TYR K 287 -95.76 16.35 -9.59
C TYR K 287 -96.55 17.04 -10.72
N SER K 288 -96.46 18.36 -10.77
CA SER K 288 -97.15 19.18 -11.79
C SER K 288 -96.70 18.97 -13.25
N LEU K 289 -95.43 18.68 -13.49
CA LEU K 289 -94.97 18.42 -14.88
C LEU K 289 -95.78 17.30 -15.52
N VAL K 290 -96.06 16.25 -14.74
CA VAL K 290 -96.91 15.13 -15.17
C VAL K 290 -98.37 15.58 -15.35
N LYS K 291 -98.99 16.08 -14.28
CA LYS K 291 -100.37 16.59 -14.34
C LYS K 291 -100.66 17.46 -15.59
N ALA K 292 -99.72 18.34 -15.96
CA ALA K 292 -99.81 19.19 -17.18
C ALA K 292 -99.85 18.36 -18.46
N ALA K 293 -98.97 17.38 -18.51
CA ALA K 293 -98.84 16.54 -19.68
C ALA K 293 -99.93 15.50 -19.75
N ALA K 294 -100.42 15.01 -18.60
CA ALA K 294 -101.59 14.13 -18.58
C ALA K 294 -102.82 14.86 -19.17
N THR K 295 -102.99 16.13 -18.76
CA THR K 295 -104.02 17.06 -19.31
C THR K 295 -103.85 17.22 -20.83
N ALA K 296 -102.99 18.12 -21.32
CA ALA K 296 -102.91 18.42 -22.77
C ALA K 296 -102.61 17.20 -23.71
N GLY K 297 -102.53 16.00 -23.10
CA GLY K 297 -103.02 14.77 -23.74
C GLY K 297 -102.01 13.74 -24.17
N TYR K 298 -100.76 13.87 -23.70
CA TYR K 298 -99.63 13.18 -24.31
C TYR K 298 -99.20 11.85 -23.68
N VAL K 299 -99.60 11.56 -22.44
CA VAL K 299 -99.02 10.41 -21.72
C VAL K 299 -99.98 9.83 -20.69
N ASP K 300 -99.85 8.51 -20.46
CA ASP K 300 -100.74 7.80 -19.50
C ASP K 300 -100.42 8.18 -18.06
N GLU K 301 -101.27 9.02 -17.48
CA GLU K 301 -101.06 9.56 -16.13
C GLU K 301 -100.83 8.45 -15.12
N ARG K 302 -101.54 7.35 -15.30
CA ARG K 302 -101.48 6.23 -14.38
C ARG K 302 -100.21 5.37 -14.53
N THR K 303 -99.63 5.28 -15.73
CA THR K 303 -98.34 4.61 -15.92
C THR K 303 -97.20 5.56 -15.51
N ILE K 304 -97.14 6.72 -16.17
CA ILE K 304 -96.00 7.66 -16.02
C ILE K 304 -95.67 8.04 -14.57
N THR K 305 -96.71 8.14 -13.73
CA THR K 305 -96.51 8.41 -12.31
C THR K 305 -95.89 7.18 -11.65
N LEU K 306 -96.32 5.98 -12.03
CA LEU K 306 -95.74 4.74 -11.47
C LEU K 306 -94.45 4.28 -12.13
N GLU K 307 -94.10 4.83 -13.29
CA GLU K 307 -92.76 4.62 -13.85
C GLU K 307 -91.74 5.48 -13.08
N ILE K 308 -92.15 6.68 -12.71
CA ILE K 308 -91.35 7.62 -11.93
C ILE K 308 -91.10 7.11 -10.50
N LEU K 309 -92.16 6.91 -9.75
CA LEU K 309 -92.02 6.37 -8.41
C LEU K 309 -91.20 5.10 -8.42
N THR K 310 -91.37 4.27 -9.44
CA THR K 310 -90.53 3.08 -9.62
C THR K 310 -89.09 3.47 -9.90
N ALA K 311 -88.88 4.43 -10.80
CA ALA K 311 -87.53 4.94 -11.06
C ALA K 311 -86.80 5.29 -9.77
N ILE K 312 -87.47 6.01 -8.88
CA ILE K 312 -86.85 6.47 -7.64
C ILE K 312 -86.41 5.32 -6.72
N LYS K 313 -87.36 4.50 -6.28
CA LYS K 313 -87.07 3.23 -5.56
C LYS K 313 -85.93 2.43 -6.18
N ARG K 314 -85.87 2.42 -7.53
CA ARG K 314 -84.86 1.69 -8.29
C ARG K 314 -83.46 2.18 -7.95
N ALA K 315 -83.31 3.51 -7.88
CA ALA K 315 -82.01 4.10 -7.58
C ALA K 315 -81.44 3.72 -6.22
N GLY K 316 -82.32 3.45 -5.25
CA GLY K 316 -81.88 3.16 -3.90
C GLY K 316 -82.75 3.79 -2.86
N ALA K 317 -83.47 4.86 -3.23
CA ALA K 317 -84.43 5.54 -2.36
C ALA K 317 -85.33 4.59 -1.54
N ASP K 318 -85.14 4.62 -0.21
CA ASP K 318 -85.87 3.77 0.75
C ASP K 318 -87.23 4.38 1.09
N LEU K 319 -87.25 5.71 1.16
CA LEU K 319 -88.49 6.48 1.37
C LEU K 319 -88.64 7.51 0.25
N ILE K 320 -89.86 7.78 -0.19
CA ILE K 320 -90.10 8.70 -1.29
C ILE K 320 -91.17 9.66 -0.91
N LEU K 321 -90.84 10.94 -0.81
CA LEU K 321 -91.86 11.96 -0.52
C LEU K 321 -92.55 12.35 -1.83
N THR K 322 -93.85 12.12 -1.93
CA THR K 322 -94.55 12.45 -3.16
C THR K 322 -95.84 13.20 -2.95
N TYR K 323 -96.18 14.01 -3.95
CA TYR K 323 -97.52 14.58 -4.04
C TYR K 323 -98.50 13.68 -4.83
N HIS K 324 -98.03 12.56 -5.40
CA HIS K 324 -98.90 11.47 -5.92
C HIS K 324 -99.21 10.40 -4.84
N ALA K 325 -99.04 10.73 -3.56
CA ALA K 325 -99.09 9.73 -2.48
C ALA K 325 -100.37 8.87 -2.44
N LEU K 326 -101.52 9.50 -2.15
CA LEU K 326 -102.84 8.82 -2.10
C LEU K 326 -103.27 8.26 -3.44
N GLU K 327 -102.96 9.02 -4.50
CA GLU K 327 -103.32 8.67 -5.86
C GLU K 327 -102.60 7.43 -6.41
N ALA K 328 -101.30 7.33 -6.16
CA ALA K 328 -100.52 6.14 -6.57
C ALA K 328 -100.69 4.94 -5.63
N ALA K 329 -101.16 5.22 -4.42
CA ALA K 329 -101.51 4.19 -3.45
C ALA K 329 -102.73 3.43 -3.93
N LYS K 330 -103.70 4.17 -4.45
CA LYS K 330 -104.89 3.62 -5.10
C LYS K 330 -104.47 2.60 -6.15
N TRP K 331 -103.48 2.95 -6.95
CA TRP K 331 -102.92 2.03 -7.95
C TRP K 331 -102.15 0.83 -7.30
N ILE K 332 -102.96 -0.16 -6.89
CA ILE K 332 -102.53 -1.51 -6.45
C ILE K 332 -102.53 -2.47 -7.66
N LYS K 333 -101.88 -2.03 -8.73
CA LYS K 333 -101.87 -2.72 -10.05
C LYS K 333 -100.58 -2.27 -10.84
N GLU K 334 -99.54 -3.11 -10.90
CA GLU K 334 -98.25 -2.74 -11.56
C GLU K 334 -98.46 -2.51 -13.06
N GLY K 335 -98.08 -1.35 -13.59
CA GLY K 335 -97.94 -1.24 -15.04
C GLY K 335 -96.94 -2.26 -15.61
N LEU K 336 -95.85 -2.47 -14.86
CA LEU K 336 -94.52 -2.77 -15.41
C LEU K 336 -94.17 -4.28 -15.39
N MET L 1 -63.63 -15.53 -14.13
CA MET L 1 -64.00 -16.98 -14.08
C MET L 1 -64.26 -17.41 -15.53
N ARG L 2 -63.16 -17.63 -16.26
CA ARG L 2 -63.15 -18.03 -17.70
C ARG L 2 -63.12 -19.57 -17.93
N VAL L 3 -63.62 -20.32 -16.95
CA VAL L 3 -63.59 -21.77 -16.96
C VAL L 3 -64.94 -22.29 -17.53
N GLN L 4 -64.86 -23.34 -18.33
CA GLN L 4 -66.00 -23.86 -19.08
C GLN L 4 -66.00 -25.37 -18.99
N PHE L 5 -67.19 -25.98 -18.93
CA PHE L 5 -67.31 -27.44 -19.08
C PHE L 5 -67.02 -27.77 -20.56
N PRO L 6 -66.38 -28.90 -20.92
CA PRO L 6 -65.92 -29.98 -20.06
C PRO L 6 -64.47 -29.89 -19.56
N THR L 7 -63.66 -28.98 -20.10
CA THR L 7 -62.23 -28.90 -19.75
C THR L 7 -62.01 -28.72 -18.23
N THR L 8 -62.98 -28.15 -17.51
CA THR L 8 -62.98 -28.18 -16.02
C THR L 8 -64.27 -28.84 -15.54
N ARG L 9 -64.15 -29.75 -14.55
CA ARG L 9 -65.28 -30.51 -14.00
C ARG L 9 -65.29 -30.37 -12.48
N PRO L 10 -66.18 -29.50 -11.94
CA PRO L 10 -66.33 -29.33 -10.51
C PRO L 10 -66.39 -30.59 -9.69
N ARG L 11 -66.98 -31.67 -10.23
CA ARG L 11 -67.05 -32.96 -9.52
C ARG L 11 -65.74 -33.75 -9.35
N ARG L 12 -64.64 -33.32 -9.97
CA ARG L 12 -63.32 -33.94 -9.69
C ARG L 12 -62.89 -33.71 -8.26
N LEU L 13 -63.24 -32.56 -7.71
CA LEU L 13 -62.91 -32.26 -6.33
C LEU L 13 -63.89 -32.99 -5.39
N ARG L 14 -65.12 -33.18 -5.85
CA ARG L 14 -66.11 -33.92 -5.08
C ARG L 14 -66.04 -35.44 -5.29
N ALA L 15 -65.13 -35.91 -6.15
CA ALA L 15 -65.06 -37.31 -6.55
C ALA L 15 -64.92 -38.30 -5.38
N SER L 16 -64.13 -37.94 -4.37
CA SER L 16 -63.63 -38.90 -3.38
C SER L 16 -63.83 -38.49 -1.89
N LYS L 17 -63.72 -39.50 -1.01
CA LYS L 17 -63.75 -39.36 0.46
C LYS L 17 -62.76 -38.30 0.98
N ILE L 18 -61.49 -38.53 0.65
CA ILE L 18 -60.35 -37.73 1.09
C ILE L 18 -60.31 -36.36 0.45
N ILE L 19 -60.43 -36.36 -0.87
CA ILE L 19 -60.20 -35.17 -1.68
C ILE L 19 -61.23 -34.03 -1.45
N ARG L 20 -62.43 -34.37 -0.97
CA ARG L 20 -63.41 -33.36 -0.50
C ARG L 20 -62.93 -32.58 0.74
N ASP L 21 -62.40 -33.32 1.71
CA ASP L 21 -61.86 -32.74 2.94
C ASP L 21 -60.56 -32.02 2.63
N ALA L 22 -59.87 -32.48 1.59
CA ALA L 22 -58.62 -31.85 1.16
C ALA L 22 -58.84 -30.41 0.81
N VAL L 23 -59.84 -30.19 -0.06
CA VAL L 23 -60.13 -28.89 -0.73
C VAL L 23 -61.08 -28.01 0.11
N ALA L 24 -61.93 -28.67 0.91
CA ALA L 24 -62.82 -28.04 1.91
C ALA L 24 -62.36 -26.67 2.40
N GLU L 25 -63.22 -25.66 2.29
CA GLU L 25 -62.84 -24.29 2.58
C GLU L 25 -62.86 -23.98 4.09
N THR L 26 -63.89 -24.40 4.80
CA THR L 26 -64.01 -24.19 6.24
C THR L 26 -63.65 -25.43 7.06
N GLN L 27 -63.39 -25.26 8.35
CA GLN L 27 -63.34 -26.38 9.30
C GLN L 27 -63.50 -25.94 10.78
N ILE L 28 -63.52 -26.91 11.69
CA ILE L 28 -63.99 -26.68 13.06
C ILE L 28 -63.24 -27.50 14.12
N ASP L 29 -63.34 -27.07 15.38
CA ASP L 29 -62.92 -27.87 16.52
C ASP L 29 -63.56 -27.33 17.81
N ALA L 30 -63.27 -28.00 18.93
CA ALA L 30 -63.77 -27.65 20.26
C ALA L 30 -63.42 -26.23 20.69
N GLY L 31 -62.15 -25.88 20.55
CA GLY L 31 -61.66 -24.58 21.00
C GLY L 31 -62.05 -23.37 20.17
N ASP L 32 -63.06 -23.51 19.31
CA ASP L 32 -63.78 -22.38 18.75
C ASP L 32 -65.20 -22.22 19.36
N PHE L 33 -65.60 -23.11 20.30
CA PHE L 33 -66.94 -23.08 20.97
C PHE L 33 -66.96 -22.32 22.27
N ILE L 34 -68.12 -21.72 22.57
CA ILE L 34 -68.40 -21.07 23.86
C ILE L 34 -69.66 -21.65 24.47
N TYR L 35 -69.52 -22.33 25.62
CA TYR L 35 -70.62 -23.09 26.23
C TYR L 35 -71.48 -22.27 27.23
N PRO L 36 -72.79 -22.14 26.96
CA PRO L 36 -73.68 -21.51 27.92
C PRO L 36 -74.06 -22.36 29.15
N LEU L 37 -73.97 -21.72 30.32
CA LEU L 37 -74.34 -22.29 31.61
C LEU L 37 -75.35 -21.40 32.30
N PHE L 38 -76.55 -21.95 32.54
CA PHE L 38 -77.52 -21.31 33.39
C PHE L 38 -77.23 -21.70 34.83
N VAL L 39 -77.03 -20.69 35.69
CA VAL L 39 -76.51 -20.89 37.04
C VAL L 39 -77.39 -20.17 38.06
N LYS L 40 -77.75 -20.88 39.15
CA LYS L 40 -78.80 -20.49 40.13
C LYS L 40 -78.29 -20.53 41.61
N PRO L 41 -79.12 -20.04 42.59
CA PRO L 41 -78.64 -20.04 43.98
C PRO L 41 -78.71 -21.40 44.68
N GLY L 42 -79.80 -22.17 44.48
CA GLY L 42 -79.99 -23.45 45.18
C GLY L 42 -81.10 -24.36 44.63
N GLY L 43 -80.81 -25.66 44.59
CA GLY L 43 -81.71 -26.70 44.05
C GLY L 43 -80.90 -27.89 43.55
N GLU L 44 -81.59 -28.90 43.03
CA GLU L 44 -80.93 -30.00 42.28
C GLU L 44 -80.83 -29.60 40.76
N ARG L 45 -80.65 -30.54 39.82
CA ARG L 45 -80.70 -30.21 38.38
C ARG L 45 -82.15 -29.99 37.98
N GLU L 46 -82.58 -28.73 37.97
CA GLU L 46 -83.85 -28.36 37.32
C GLU L 46 -83.58 -28.40 35.82
N PRO L 47 -84.23 -29.33 35.08
CA PRO L 47 -84.09 -29.31 33.64
C PRO L 47 -85.00 -28.26 33.03
N ILE L 48 -84.53 -27.61 31.97
CA ILE L 48 -85.25 -26.51 31.34
C ILE L 48 -86.29 -27.10 30.40
N GLY L 49 -87.55 -26.74 30.63
CA GLY L 49 -88.71 -27.32 29.94
C GLY L 49 -88.60 -27.43 28.43
N PRO L 50 -88.56 -26.29 27.71
CA PRO L 50 -88.36 -26.35 26.27
C PRO L 50 -86.87 -26.30 25.80
N MET L 51 -85.95 -27.01 26.46
CA MET L 51 -84.59 -27.06 25.92
C MET L 51 -84.45 -28.17 24.87
N PRO L 52 -84.23 -29.46 25.17
CA PRO L 52 -83.96 -30.10 26.45
C PRO L 52 -82.45 -30.29 26.61
N GLY L 53 -82.00 -31.24 27.44
CA GLY L 53 -80.59 -31.63 27.48
C GLY L 53 -79.76 -30.80 28.44
N ILE L 54 -80.01 -29.50 28.49
CA ILE L 54 -79.32 -28.57 29.39
C ILE L 54 -80.08 -28.63 30.71
N TYR L 55 -79.43 -28.18 31.78
CA TYR L 55 -80.04 -28.01 33.09
C TYR L 55 -79.83 -26.59 33.60
N ARG L 56 -80.63 -26.20 34.61
CA ARG L 56 -80.39 -24.96 35.37
C ARG L 56 -79.55 -25.39 36.54
N TRP L 57 -78.33 -24.87 36.62
CA TRP L 57 -77.35 -25.42 37.57
C TRP L 57 -77.30 -24.67 38.89
N PRO L 58 -77.28 -25.42 40.02
CA PRO L 58 -77.05 -24.80 41.31
C PRO L 58 -75.57 -24.46 41.41
N VAL L 59 -75.29 -23.26 41.90
CA VAL L 59 -73.92 -22.80 42.09
C VAL L 59 -73.12 -23.66 43.11
N GLY L 60 -72.57 -24.80 42.66
CA GLY L 60 -71.74 -25.69 43.51
C GLY L 60 -71.49 -27.12 43.01
N ARG L 61 -72.55 -27.79 42.55
CA ARG L 61 -72.48 -29.19 42.11
C ARG L 61 -71.51 -29.39 40.97
N GLU L 62 -71.70 -28.54 39.95
CA GLU L 62 -71.28 -28.79 38.57
C GLU L 62 -69.82 -28.48 38.18
N LEU L 63 -68.96 -28.32 39.18
CA LEU L 63 -67.53 -28.26 38.93
C LEU L 63 -67.05 -29.57 38.24
N ILE L 64 -66.74 -30.61 39.03
CA ILE L 64 -66.49 -31.97 38.51
C ILE L 64 -67.64 -32.34 37.57
N ASN L 65 -68.85 -32.11 38.07
CA ASN L 65 -70.09 -32.58 37.44
C ASN L 65 -70.23 -32.12 35.95
N HIS L 66 -69.66 -30.96 35.55
CA HIS L 66 -69.91 -30.44 34.19
C HIS L 66 -68.80 -29.65 33.49
N VAL L 67 -68.36 -28.57 34.12
CA VAL L 67 -67.32 -27.74 33.53
C VAL L 67 -65.96 -28.46 33.46
N GLU L 68 -65.75 -29.39 34.39
CA GLU L 68 -64.60 -30.30 34.32
C GLU L 68 -64.89 -31.31 33.21
N GLU L 69 -66.11 -31.86 33.22
CA GLU L 69 -66.54 -32.83 32.22
C GLU L 69 -66.40 -32.31 30.80
N ALA L 70 -66.74 -31.04 30.60
CA ALA L 70 -66.68 -30.40 29.27
C ALA L 70 -65.25 -30.09 28.84
N LEU L 71 -64.51 -29.46 29.75
CA LEU L 71 -63.10 -29.14 29.58
C LEU L 71 -62.28 -30.31 29.03
N SER L 72 -62.65 -31.55 29.39
CA SER L 72 -62.07 -32.79 28.80
C SER L 72 -62.06 -32.81 27.26
N LEU L 73 -63.20 -32.46 26.65
CA LEU L 73 -63.37 -32.50 25.18
C LEU L 73 -63.08 -31.17 24.50
N GLY L 74 -62.24 -30.31 25.12
CA GLY L 74 -61.75 -29.06 24.51
C GLY L 74 -62.43 -27.77 24.92
N ILE L 75 -63.63 -27.84 25.48
CA ILE L 75 -64.45 -26.64 25.68
C ILE L 75 -63.96 -25.88 26.91
N ASN L 76 -63.43 -24.69 26.70
CA ASN L 76 -62.78 -23.92 27.76
C ASN L 76 -63.17 -22.45 27.75
N LYS L 77 -64.37 -22.16 27.24
CA LYS L 77 -64.87 -20.80 27.20
C LYS L 77 -66.32 -20.94 27.57
N PHE L 78 -66.68 -20.44 28.74
CA PHE L 78 -68.04 -20.56 29.22
C PHE L 78 -68.62 -19.17 29.40
N ILE L 79 -69.93 -19.03 29.19
CA ILE L 79 -70.60 -17.76 29.43
C ILE L 79 -71.80 -18.04 30.35
N LEU L 80 -72.02 -17.16 31.35
CA LEU L 80 -72.91 -17.44 32.50
C LEU L 80 -74.19 -16.62 32.55
N PHE L 81 -75.31 -17.30 32.74
CA PHE L 81 -76.61 -16.65 32.75
C PHE L 81 -77.32 -16.69 34.08
N GLY L 82 -78.07 -15.63 34.36
CA GLY L 82 -78.80 -15.48 35.61
C GLY L 82 -80.21 -16.06 35.60
N VAL L 83 -80.41 -17.09 36.44
CA VAL L 83 -81.73 -17.71 36.65
C VAL L 83 -82.17 -17.49 38.10
N LEU L 84 -82.79 -16.34 38.32
CA LEU L 84 -83.30 -15.96 39.63
C LEU L 84 -84.84 -16.11 39.66
N PRO L 85 -85.37 -16.87 40.64
CA PRO L 85 -86.80 -16.79 40.96
C PRO L 85 -87.23 -15.43 41.51
N ASP L 86 -88.55 -15.17 41.45
CA ASP L 86 -89.12 -13.78 41.42
C ASP L 86 -88.99 -12.97 42.70
N GLU L 87 -88.42 -13.57 43.74
CA GLU L 87 -88.39 -13.04 45.09
C GLU L 87 -87.28 -12.00 45.31
N LEU L 88 -86.30 -11.99 44.40
CA LEU L 88 -85.42 -10.85 44.21
C LEU L 88 -85.45 -10.47 42.73
N LYS L 89 -86.52 -9.76 42.35
CA LYS L 89 -86.71 -9.26 40.98
C LYS L 89 -87.50 -7.92 40.96
N ASN L 90 -86.80 -6.82 40.65
CA ASN L 90 -87.25 -5.43 40.90
C ASN L 90 -87.24 -4.60 39.61
N PRO L 91 -87.79 -3.36 39.66
CA PRO L 91 -87.79 -2.55 38.43
C PRO L 91 -86.41 -1.98 38.02
N GLU L 92 -85.38 -2.13 38.86
CA GLU L 92 -83.98 -1.84 38.49
C GLU L 92 -83.01 -3.03 38.67
N GLY L 93 -83.51 -4.17 39.12
CA GLY L 93 -82.81 -5.45 39.08
C GLY L 93 -81.38 -5.51 39.60
N THR L 94 -81.23 -5.73 40.91
CA THR L 94 -79.91 -5.85 41.56
C THR L 94 -79.22 -7.07 40.95
N GLY L 95 -79.78 -8.25 41.20
CA GLY L 95 -79.28 -9.54 40.69
C GLY L 95 -77.80 -9.70 40.41
N GLY L 96 -77.35 -9.10 39.30
CA GLY L 96 -75.94 -9.07 38.92
C GLY L 96 -75.07 -8.30 39.90
N TYR L 97 -75.37 -7.00 40.07
CA TYR L 97 -74.53 -6.09 40.91
C TYR L 97 -74.85 -6.24 42.40
N ASP L 98 -74.62 -7.46 42.86
CA ASP L 98 -75.02 -7.94 44.14
C ASP L 98 -73.86 -8.82 44.52
N PRO L 99 -72.76 -8.22 44.99
CA PRO L 99 -71.44 -8.87 45.13
C PRO L 99 -71.44 -10.35 45.52
N GLU L 100 -72.25 -10.73 46.52
CA GLU L 100 -72.44 -12.16 46.90
C GLU L 100 -73.77 -12.66 46.28
N GLY L 101 -73.94 -12.43 44.98
CA GLY L 101 -75.10 -12.89 44.21
C GLY L 101 -74.84 -14.26 43.61
N VAL L 102 -75.64 -14.63 42.60
CA VAL L 102 -75.56 -15.95 41.97
C VAL L 102 -74.39 -16.04 40.97
N VAL L 103 -74.47 -15.30 39.87
CA VAL L 103 -73.42 -15.38 38.83
C VAL L 103 -72.05 -14.85 39.30
N PRO L 104 -72.01 -13.97 40.33
CA PRO L 104 -70.70 -13.60 40.91
C PRO L 104 -69.93 -14.72 41.64
N ARG L 105 -70.62 -15.56 42.40
CA ARG L 105 -69.94 -16.65 43.11
C ARG L 105 -69.58 -17.74 42.11
N ALA L 106 -70.56 -18.10 41.28
CA ALA L 106 -70.35 -18.94 40.10
C ALA L 106 -68.95 -18.72 39.50
N ILE L 107 -68.67 -17.46 39.12
CA ILE L 107 -67.38 -17.05 38.57
C ILE L 107 -66.25 -17.51 39.51
N ARG L 108 -66.31 -17.02 40.76
CA ARG L 108 -65.23 -17.17 41.74
C ARG L 108 -64.85 -18.63 41.98
N LEU L 109 -65.88 -19.48 42.08
CA LEU L 109 -65.71 -20.92 42.29
C LEU L 109 -64.98 -21.56 41.11
N ILE L 110 -65.46 -21.27 39.90
CA ILE L 110 -64.85 -21.84 38.70
C ILE L 110 -63.42 -21.31 38.68
N LYS L 111 -63.29 -19.99 38.81
CA LYS L 111 -61.98 -19.34 38.82
C LYS L 111 -60.97 -19.97 39.77
N GLU L 112 -61.37 -20.29 41.01
CA GLU L 112 -60.41 -20.71 42.06
C GLU L 112 -59.96 -22.19 42.05
N ILE L 113 -60.71 -23.08 41.39
CA ILE L 113 -60.28 -24.48 41.17
C ILE L 113 -60.09 -24.88 39.68
N PHE L 114 -60.10 -23.90 38.77
CA PHE L 114 -59.67 -24.10 37.37
C PHE L 114 -58.68 -22.99 36.99
N GLY L 115 -59.19 -21.76 36.80
CA GLY L 115 -58.40 -20.52 36.82
C GLY L 115 -57.29 -20.29 35.82
N ASP L 116 -57.66 -20.12 34.57
CA ASP L 116 -56.72 -20.06 33.43
C ASP L 116 -56.29 -21.46 32.91
N ARG L 117 -56.93 -22.52 33.40
CA ARG L 117 -57.22 -23.68 32.57
C ARG L 117 -58.49 -23.35 31.76
N VAL L 118 -59.31 -22.44 32.30
CA VAL L 118 -60.59 -22.00 31.72
C VAL L 118 -60.62 -20.47 31.57
N LEU L 119 -61.43 -20.03 30.60
CA LEU L 119 -61.76 -18.63 30.39
C LEU L 119 -63.25 -18.42 30.55
N VAL L 120 -63.63 -17.31 31.20
CA VAL L 120 -65.01 -17.09 31.65
C VAL L 120 -65.63 -15.75 31.17
N PHE L 121 -66.83 -15.87 30.58
CA PHE L 121 -67.60 -14.75 30.00
C PHE L 121 -68.86 -14.47 30.83
N ALA L 122 -69.04 -13.20 31.16
CA ALA L 122 -70.03 -12.80 32.12
C ALA L 122 -71.11 -11.97 31.46
N ASP L 123 -72.26 -12.59 31.16
CA ASP L 123 -73.30 -11.90 30.43
C ASP L 123 -73.90 -10.77 31.27
N VAL L 124 -73.91 -9.57 30.67
CA VAL L 124 -74.39 -8.35 31.32
C VAL L 124 -75.73 -7.96 30.71
N CYS L 125 -76.80 -8.24 31.45
CA CYS L 125 -78.15 -7.75 31.13
C CYS L 125 -79.08 -7.79 32.34
N LEU L 126 -80.13 -6.97 32.30
CA LEU L 126 -81.14 -6.84 33.37
C LEU L 126 -82.43 -7.71 33.23
N CYS L 127 -82.72 -8.22 32.03
CA CYS L 127 -83.86 -9.14 31.77
C CYS L 127 -83.86 -10.38 32.68
N GLU L 128 -82.67 -11.00 32.75
CA GLU L 128 -82.36 -12.11 33.67
C GLU L 128 -82.84 -11.81 35.08
N TYR L 129 -82.59 -10.58 35.55
CA TYR L 129 -82.82 -10.17 36.93
C TYR L 129 -83.89 -9.07 37.13
N THR L 130 -84.95 -9.05 36.32
CA THR L 130 -85.99 -8.01 36.49
C THR L 130 -87.45 -8.46 36.47
N ASP L 131 -88.16 -7.97 37.51
CA ASP L 131 -89.63 -7.72 37.62
C ASP L 131 -90.40 -7.73 36.29
N HIS L 132 -90.02 -6.83 35.39
CA HIS L 132 -90.62 -6.73 34.05
C HIS L 132 -90.04 -7.77 33.09
N GLY L 133 -88.72 -7.97 33.11
CA GLY L 133 -88.04 -8.90 32.20
C GLY L 133 -87.59 -8.32 30.86
N HIS L 134 -87.78 -7.01 30.66
CA HIS L 134 -87.04 -6.24 29.64
C HIS L 134 -85.57 -6.12 29.99
N CYS L 135 -84.76 -5.88 28.95
CA CYS L 135 -83.31 -5.77 29.11
C CYS L 135 -82.88 -4.46 29.73
N GLY L 136 -83.75 -3.46 29.66
CA GLY L 136 -83.53 -2.19 30.35
C GLY L 136 -84.65 -1.88 31.31
N VAL L 137 -84.62 -0.64 31.79
CA VAL L 137 -85.52 -0.16 32.82
C VAL L 137 -86.77 0.39 32.15
N VAL L 138 -87.93 -0.23 32.44
CA VAL L 138 -89.21 0.29 31.99
C VAL L 138 -89.41 1.62 32.72
N LYS L 139 -89.30 2.73 31.97
CA LYS L 139 -89.39 4.07 32.55
C LYS L 139 -90.06 5.04 31.56
N GLU L 140 -91.37 4.85 31.39
CA GLU L 140 -92.31 5.80 30.76
C GLU L 140 -91.98 7.31 31.03
N LYS L 141 -92.07 8.15 30.00
CA LYS L 141 -91.95 9.63 30.14
C LYS L 141 -93.22 10.17 30.83
N ARG L 142 -93.53 11.46 30.70
CA ARG L 142 -94.90 11.94 31.00
C ARG L 142 -95.84 11.51 29.83
N ASP L 143 -95.28 11.44 28.61
CA ASP L 143 -96.00 10.94 27.42
C ASP L 143 -96.36 9.46 27.57
N ARG L 144 -95.48 8.55 27.15
CA ARG L 144 -95.80 7.13 27.29
C ARG L 144 -94.54 6.21 27.29
N TRP L 145 -94.79 4.91 27.17
CA TRP L 145 -93.96 3.83 27.73
C TRP L 145 -92.73 3.57 26.86
N TYR L 146 -91.55 3.44 27.47
CA TYR L 146 -90.30 3.14 26.73
C TYR L 146 -89.14 2.86 27.69
N VAL L 147 -88.14 2.11 27.22
CA VAL L 147 -86.93 1.85 28.00
C VAL L 147 -86.05 3.09 27.96
N ASP L 148 -85.60 3.58 29.12
CA ASP L 148 -84.63 4.69 29.11
C ASP L 148 -83.30 4.14 28.70
N ASN L 149 -82.63 4.89 27.82
CA ASN L 149 -81.33 4.51 27.28
C ASN L 149 -80.29 4.68 28.38
N ASP L 150 -80.06 5.92 28.80
CA ASP L 150 -78.91 6.27 29.62
C ASP L 150 -78.87 5.68 31.05
N GLU L 151 -80.00 5.25 31.62
CA GLU L 151 -80.03 4.69 32.99
C GLU L 151 -79.57 3.24 33.02
N THR L 152 -80.14 2.43 32.13
CA THR L 152 -79.83 0.98 32.01
C THR L 152 -78.36 0.71 31.68
N ILE L 153 -77.79 1.64 30.93
CA ILE L 153 -76.40 1.57 30.51
C ILE L 153 -75.42 1.64 31.69
N LYS L 154 -75.78 2.38 32.75
CA LYS L 154 -74.93 2.53 33.94
C LYS L 154 -74.95 1.26 34.74
N LEU L 155 -76.13 0.62 34.74
CA LEU L 155 -76.36 -0.62 35.45
C LEU L 155 -75.75 -1.82 34.69
N TYR L 156 -75.55 -1.68 33.39
CA TYR L 156 -74.64 -2.58 32.68
C TYR L 156 -73.23 -2.34 33.23
N ALA L 157 -72.82 -1.08 33.37
CA ALA L 157 -71.49 -0.72 33.92
C ALA L 157 -71.31 -1.08 35.40
N LYS L 158 -72.40 -1.16 36.15
CA LYS L 158 -72.35 -1.65 37.54
C LYS L 158 -72.19 -3.20 37.60
N GLU L 159 -72.89 -3.90 36.70
CA GLU L 159 -72.84 -5.38 36.59
C GLU L 159 -71.47 -5.95 36.27
N ALA L 160 -70.75 -5.27 35.37
CA ALA L 160 -69.42 -5.66 34.91
C ALA L 160 -68.38 -5.41 35.99
N VAL L 161 -68.41 -4.20 36.56
CA VAL L 161 -67.68 -3.83 37.77
C VAL L 161 -67.62 -5.02 38.76
N VAL L 162 -68.80 -5.54 39.12
CA VAL L 162 -68.93 -6.68 40.05
C VAL L 162 -68.36 -7.98 39.47
N TYR L 163 -68.69 -8.31 38.22
CA TYR L 163 -68.15 -9.53 37.59
C TYR L 163 -66.64 -9.43 37.33
N ALA L 164 -66.12 -8.20 37.19
CA ALA L 164 -64.68 -7.95 37.08
C ALA L 164 -64.01 -8.09 38.44
N GLU L 165 -64.66 -7.53 39.47
CA GLU L 165 -64.32 -7.77 40.88
C GLU L 165 -64.44 -9.25 41.25
N ALA L 166 -65.34 -9.98 40.60
CA ALA L 166 -65.45 -11.43 40.75
C ALA L 166 -64.34 -12.23 40.06
N GLY L 167 -63.40 -11.56 39.39
CA GLY L 167 -62.28 -12.20 38.70
C GLY L 167 -62.62 -12.85 37.36
N ALA L 168 -63.71 -12.40 36.71
CA ALA L 168 -64.09 -12.92 35.40
C ALA L 168 -63.18 -12.31 34.35
N ASP L 169 -62.93 -13.05 33.28
CA ASP L 169 -62.07 -12.59 32.17
C ASP L 169 -62.76 -11.56 31.26
N PHE L 170 -64.04 -11.81 30.98
CA PHE L 170 -64.79 -11.05 29.98
C PHE L 170 -66.22 -10.73 30.43
N VAL L 171 -66.66 -9.55 30.05
CA VAL L 171 -68.01 -9.04 30.28
C VAL L 171 -68.66 -9.02 28.91
N ALA L 172 -69.98 -9.21 28.83
CA ALA L 172 -70.67 -9.22 27.50
C ALA L 172 -72.03 -8.46 27.46
N PRO L 173 -72.02 -7.19 26.93
CA PRO L 173 -73.26 -6.41 26.96
C PRO L 173 -74.27 -6.89 25.92
N SER L 174 -75.28 -7.62 26.40
CA SER L 174 -76.36 -8.17 25.56
C SER L 174 -77.65 -7.31 25.56
N GLY L 175 -77.56 -6.08 26.08
CA GLY L 175 -78.73 -5.23 26.24
C GLY L 175 -79.27 -4.65 24.94
N MET L 176 -78.37 -4.53 23.95
CA MET L 176 -78.64 -3.80 22.71
C MET L 176 -79.07 -2.36 22.95
N MET L 177 -78.54 -1.75 24.02
CA MET L 177 -78.75 -0.33 24.33
C MET L 177 -77.53 0.44 23.81
N ASP L 178 -77.77 1.63 23.25
CA ASP L 178 -76.73 2.37 22.53
C ASP L 178 -75.77 3.00 23.51
N GLY L 179 -74.48 2.98 23.19
CA GLY L 179 -73.43 3.56 24.04
C GLY L 179 -73.04 2.71 25.22
N GLN L 180 -73.52 1.46 25.25
CA GLN L 180 -73.34 0.50 26.34
C GLN L 180 -71.90 0.01 26.52
N VAL L 181 -71.21 -0.20 25.41
CA VAL L 181 -69.86 -0.72 25.44
C VAL L 181 -68.94 0.34 26.04
N ARG L 182 -69.12 1.59 25.65
CA ARG L 182 -68.27 2.68 26.13
C ARG L 182 -68.59 3.08 27.57
N GLU L 183 -69.85 3.00 27.96
CA GLU L 183 -70.16 3.18 29.38
C GLU L 183 -69.48 2.08 30.22
N ILE L 184 -69.58 0.83 29.78
CA ILE L 184 -68.87 -0.27 30.47
C ILE L 184 -67.35 -0.10 30.41
N ARG L 185 -66.81 0.35 29.27
CA ARG L 185 -65.35 0.48 29.12
C ARG L 185 -64.76 1.43 30.17
N ARG L 186 -65.26 2.68 30.17
CA ARG L 186 -64.93 3.73 31.17
C ARG L 186 -64.85 3.24 32.60
N ALA L 187 -65.88 2.47 32.98
CA ALA L 187 -66.07 2.02 34.35
C ALA L 187 -65.10 0.90 34.75
N LEU L 188 -64.97 -0.13 33.90
CA LEU L 188 -63.99 -1.20 34.13
C LEU L 188 -62.58 -0.67 34.05
N ASP L 189 -62.34 0.22 33.08
CA ASP L 189 -61.07 0.93 32.98
C ASP L 189 -60.81 1.74 34.29
N ALA L 190 -61.82 2.44 34.81
CA ALA L 190 -61.71 3.26 36.06
C ALA L 190 -61.31 2.48 37.32
N HIS L 191 -61.73 1.22 37.39
CA HIS L 191 -61.42 0.33 38.51
C HIS L 191 -60.10 -0.46 38.34
N GLY L 192 -59.25 -0.09 37.39
CA GLY L 192 -58.05 -0.87 37.08
C GLY L 192 -58.34 -2.27 36.53
N PHE L 193 -59.36 -2.38 35.67
CA PHE L 193 -59.67 -3.64 35.00
C PHE L 193 -59.55 -3.49 33.45
N GLU L 194 -58.37 -3.04 33.03
CA GLU L 194 -58.04 -2.91 31.60
C GLU L 194 -57.48 -4.23 31.08
N GLU L 195 -57.37 -5.22 31.97
CA GLU L 195 -57.12 -6.60 31.61
C GLU L 195 -58.45 -7.15 31.11
N VAL L 196 -59.51 -6.90 31.88
CA VAL L 196 -60.83 -7.48 31.65
C VAL L 196 -61.44 -6.85 30.40
N GLY L 197 -61.63 -7.67 29.37
CA GLY L 197 -62.10 -7.21 28.07
C GLY L 197 -63.59 -7.40 27.86
N ILE L 198 -64.15 -6.62 26.93
CA ILE L 198 -65.58 -6.66 26.60
C ILE L 198 -65.81 -7.42 25.30
N MET L 199 -66.92 -8.16 25.24
CA MET L 199 -67.40 -8.81 24.00
C MET L 199 -68.83 -8.36 23.68
N ALA L 200 -69.01 -7.47 22.72
CA ALA L 200 -70.33 -6.89 22.43
C ALA L 200 -71.24 -7.82 21.64
N TYR L 201 -72.47 -7.98 22.14
CA TYR L 201 -73.61 -8.37 21.32
C TYR L 201 -73.95 -7.05 20.66
N SER L 202 -73.24 -6.76 19.57
CA SER L 202 -73.40 -5.52 18.83
C SER L 202 -74.54 -5.66 17.81
N ALA L 203 -74.59 -6.80 17.11
CA ALA L 203 -75.55 -7.02 16.04
C ALA L 203 -76.52 -8.16 16.39
N LYS L 204 -77.34 -7.91 17.41
CA LYS L 204 -78.30 -8.87 17.97
C LYS L 204 -79.75 -8.54 17.58
N TYR L 205 -80.38 -9.42 16.81
CA TYR L 205 -81.72 -9.17 16.25
C TYR L 205 -82.94 -9.54 17.13
N ALA L 206 -84.08 -8.96 16.73
CA ALA L 206 -85.39 -9.18 17.36
C ALA L 206 -86.10 -10.35 16.71
N SER L 207 -85.78 -11.55 17.20
CA SER L 207 -86.22 -12.79 16.58
C SER L 207 -87.05 -13.66 17.51
N ALA L 208 -87.95 -14.46 16.94
CA ALA L 208 -88.69 -15.44 17.73
C ALA L 208 -87.83 -16.62 18.17
N PHE L 209 -86.67 -16.80 17.51
CA PHE L 209 -85.66 -17.80 17.89
C PHE L 209 -85.20 -17.78 19.38
N TYR L 210 -85.59 -16.78 20.18
CA TYR L 210 -85.39 -16.84 21.64
C TYR L 210 -86.68 -17.32 22.32
N GLY L 211 -87.15 -18.51 21.99
CA GLY L 211 -88.30 -19.10 22.68
C GLY L 211 -87.91 -19.71 24.02
N PRO L 212 -86.92 -20.61 24.01
CA PRO L 212 -86.37 -21.17 25.26
C PRO L 212 -85.30 -20.35 25.98
N PHE L 213 -85.01 -19.11 25.57
CA PHE L 213 -84.16 -18.24 26.38
C PHE L 213 -85.03 -17.52 27.41
N ARG L 214 -86.21 -17.07 26.98
CA ARG L 214 -87.21 -16.55 27.91
C ARG L 214 -87.54 -17.60 28.97
N VAL L 215 -87.77 -18.83 28.52
CA VAL L 215 -88.25 -19.91 29.39
C VAL L 215 -87.13 -20.50 30.28
N ALA L 216 -85.88 -20.48 29.81
CA ALA L 216 -84.74 -20.89 30.63
C ALA L 216 -84.46 -19.90 31.75
N ALA L 217 -84.23 -18.65 31.36
CA ALA L 217 -83.73 -17.61 32.27
C ALA L 217 -84.77 -17.03 33.25
N ALA L 218 -86.04 -17.00 32.82
CA ALA L 218 -87.19 -16.28 33.48
C ALA L 218 -87.34 -14.83 32.97
N SER L 219 -87.00 -14.62 31.70
CA SER L 219 -86.75 -13.29 31.12
C SER L 219 -87.76 -12.90 30.05
N ALA L 220 -89.00 -13.38 30.17
CA ALA L 220 -90.09 -12.97 29.28
C ALA L 220 -90.53 -11.55 29.65
N PRO L 221 -90.76 -10.65 28.67
CA PRO L 221 -91.24 -9.32 29.06
C PRO L 221 -92.78 -9.22 29.35
N LYS L 222 -93.13 -8.59 30.47
CA LYS L 222 -94.53 -8.38 30.86
C LYS L 222 -95.19 -7.48 29.84
N PHE L 223 -94.55 -6.35 29.57
CA PHE L 223 -94.95 -5.45 28.50
C PHE L 223 -94.30 -6.01 27.20
N GLY L 224 -94.74 -7.20 26.82
CA GLY L 224 -94.04 -8.07 25.86
C GLY L 224 -93.64 -7.47 24.53
N ASP L 225 -92.40 -6.99 24.45
CA ASP L 225 -91.85 -6.35 23.23
C ASP L 225 -90.32 -6.18 23.35
N ARG L 226 -89.60 -6.36 22.24
CA ARG L 226 -88.13 -6.09 22.21
C ARG L 226 -87.70 -5.33 20.95
N ARG L 227 -88.61 -4.58 20.35
CA ARG L 227 -88.33 -4.01 19.03
C ARG L 227 -87.79 -2.57 19.12
N THR L 228 -87.93 -1.94 20.29
CA THR L 228 -87.44 -0.59 20.54
C THR L 228 -85.96 -0.55 20.81
N TYR L 229 -85.35 -1.71 21.13
CA TYR L 229 -83.86 -1.90 21.15
C TYR L 229 -83.29 -2.89 20.11
N GLN L 230 -83.69 -4.17 20.16
CA GLN L 230 -83.13 -5.23 19.31
C GLN L 230 -83.43 -5.02 17.83
N MET L 231 -82.42 -5.30 17.01
CA MET L 231 -82.43 -4.95 15.59
C MET L 231 -83.51 -5.69 14.83
N ASP L 232 -84.23 -4.93 14.01
CA ASP L 232 -85.29 -5.44 13.16
C ASP L 232 -84.64 -6.28 12.05
N PRO L 233 -85.01 -7.56 11.92
CA PRO L 233 -84.32 -8.46 10.97
C PRO L 233 -84.44 -8.15 9.50
N ARG L 234 -85.34 -7.24 9.09
CA ARG L 234 -85.35 -6.71 7.72
C ARG L 234 -84.04 -5.99 7.32
N ASN L 235 -83.41 -5.28 8.27
CA ASN L 235 -82.20 -4.46 8.06
C ASN L 235 -80.86 -5.20 8.28
N ALA L 236 -80.08 -5.38 7.21
CA ALA L 236 -78.76 -6.07 7.25
C ALA L 236 -77.55 -5.12 7.36
N TYR L 237 -77.39 -4.18 6.41
CA TYR L 237 -76.33 -3.15 6.47
C TYR L 237 -76.37 -2.28 7.74
N GLU L 238 -77.53 -2.16 8.40
CA GLU L 238 -77.61 -1.59 9.75
C GLU L 238 -76.57 -2.23 10.67
N ALA L 239 -76.41 -3.56 10.60
CA ALA L 239 -75.43 -4.30 11.45
C ALA L 239 -73.99 -3.80 11.41
N LEU L 240 -73.58 -3.18 10.29
CA LEU L 240 -72.26 -2.58 10.17
C LEU L 240 -72.16 -1.33 11.06
N LYS L 241 -73.16 -0.43 11.02
CA LYS L 241 -73.23 0.73 11.94
C LYS L 241 -73.05 0.28 13.38
N GLU L 242 -73.86 -0.70 13.78
CA GLU L 242 -73.78 -1.30 15.10
C GLU L 242 -72.38 -1.78 15.50
N VAL L 243 -71.66 -2.41 14.56
CA VAL L 243 -70.28 -2.84 14.82
C VAL L 243 -69.27 -1.66 14.85
N ALA L 244 -69.43 -0.70 13.95
CA ALA L 244 -68.49 0.44 13.88
C ALA L 244 -68.36 1.11 15.22
N MET L 245 -69.52 1.43 15.78
CA MET L 245 -69.60 2.20 16.99
C MET L 245 -69.20 1.41 18.21
N ASP L 246 -69.57 0.13 18.31
CA ASP L 246 -69.14 -0.72 19.43
C ASP L 246 -67.62 -1.02 19.44
N LEU L 247 -66.99 -1.04 18.25
CA LEU L 247 -65.50 -1.07 18.12
C LEU L 247 -64.74 0.21 18.58
N GLU L 248 -65.19 1.38 18.10
CA GLU L 248 -64.70 2.74 18.55
C GLU L 248 -64.79 2.90 20.06
N GLU L 249 -65.95 2.48 20.55
CA GLU L 249 -66.30 2.48 21.97
C GLU L 249 -65.33 1.58 22.75
N GLY L 250 -64.84 0.54 22.09
CA GLY L 250 -63.62 -0.17 22.52
C GLY L 250 -63.77 -1.67 22.72
N ALA L 251 -64.68 -2.29 21.97
CA ALA L 251 -64.94 -3.71 22.13
C ALA L 251 -63.73 -4.44 21.65
N ASP L 252 -63.57 -5.66 22.17
CA ASP L 252 -62.47 -6.54 21.82
C ASP L 252 -62.98 -7.60 20.84
N ILE L 253 -64.11 -8.25 21.19
CA ILE L 253 -64.83 -9.15 20.29
C ILE L 253 -66.23 -8.56 20.06
N VAL L 254 -66.72 -8.68 18.84
CA VAL L 254 -68.01 -8.18 18.40
C VAL L 254 -68.76 -9.43 17.97
N MET L 255 -70.10 -9.36 17.96
CA MET L 255 -70.90 -10.59 17.75
C MET L 255 -72.29 -10.43 17.14
N VAL L 256 -72.67 -11.41 16.32
CA VAL L 256 -73.94 -11.40 15.59
C VAL L 256 -74.81 -12.51 16.17
N LYS L 257 -76.02 -12.15 16.58
CA LYS L 257 -77.02 -13.06 17.16
C LYS L 257 -78.36 -12.76 16.46
N PRO L 258 -79.12 -13.74 15.98
CA PRO L 258 -78.79 -15.16 15.99
C PRO L 258 -77.82 -15.54 14.89
N ALA L 259 -77.53 -16.84 14.81
CA ALA L 259 -76.59 -17.36 13.84
C ALA L 259 -77.30 -17.89 12.60
N LEU L 260 -77.86 -19.11 12.65
CA LEU L 260 -78.38 -19.82 11.45
C LEU L 260 -79.17 -18.90 10.52
N ALA L 261 -80.19 -18.27 11.07
CA ALA L 261 -81.07 -17.40 10.30
C ALA L 261 -80.48 -16.02 9.89
N TYR L 262 -79.23 -15.75 10.24
CA TYR L 262 -78.56 -14.51 9.86
C TYR L 262 -77.10 -14.77 9.47
N LEU L 263 -76.88 -15.79 8.63
CA LEU L 263 -75.55 -16.07 8.11
C LEU L 263 -75.13 -15.01 7.11
N ASP L 264 -76.09 -14.51 6.32
CA ASP L 264 -75.81 -13.46 5.35
C ASP L 264 -75.27 -12.20 6.01
N VAL L 265 -75.66 -11.94 7.26
CA VAL L 265 -75.17 -10.77 8.00
C VAL L 265 -73.73 -10.99 8.51
N ILE L 266 -73.44 -12.19 9.05
CA ILE L 266 -72.07 -12.56 9.55
C ILE L 266 -70.99 -12.31 8.48
N ARG L 267 -71.08 -13.07 7.38
CA ARG L 267 -70.30 -12.82 6.17
C ARG L 267 -70.07 -11.32 5.91
N LEU L 268 -71.17 -10.57 5.74
CA LEU L 268 -71.16 -9.10 5.61
C LEU L 268 -70.27 -8.41 6.70
N VAL L 269 -70.55 -8.63 7.99
CA VAL L 269 -69.73 -8.02 9.04
C VAL L 269 -68.26 -8.37 8.82
N LYS L 270 -67.98 -9.64 8.57
CA LYS L 270 -66.60 -10.12 8.52
C LYS L 270 -65.84 -9.71 7.28
N GLN L 271 -66.54 -9.27 6.24
CA GLN L 271 -65.87 -8.76 5.05
C GLN L 271 -65.70 -7.24 5.06
N HIS L 272 -66.21 -6.58 6.10
CA HIS L 272 -66.01 -5.15 6.32
C HIS L 272 -65.09 -4.93 7.51
N PHE L 273 -64.87 -5.97 8.29
CA PHE L 273 -64.13 -5.89 9.54
C PHE L 273 -63.35 -7.19 9.67
N PRO L 274 -62.42 -7.43 8.73
CA PRO L 274 -61.66 -8.68 8.67
C PRO L 274 -60.75 -8.88 9.89
N TRP L 275 -60.40 -7.75 10.50
CA TRP L 275 -59.46 -7.67 11.58
C TRP L 275 -60.10 -7.84 12.94
N VAL L 276 -61.44 -7.83 13.03
CA VAL L 276 -62.13 -8.12 14.31
C VAL L 276 -62.32 -9.64 14.48
N PRO L 277 -62.10 -10.15 15.70
CA PRO L 277 -62.68 -11.44 16.06
C PRO L 277 -64.21 -11.35 15.98
N LEU L 278 -64.83 -12.27 15.22
CA LEU L 278 -66.29 -12.29 15.11
C LEU L 278 -66.87 -13.53 15.76
N ALA L 279 -67.93 -13.32 16.55
CA ALA L 279 -68.64 -14.40 17.23
C ALA L 279 -70.13 -14.45 16.85
N ALA L 280 -70.72 -15.65 16.94
CA ALA L 280 -72.08 -15.91 16.47
C ALA L 280 -72.83 -16.77 17.46
N TYR L 281 -74.13 -16.53 17.64
CA TYR L 281 -74.94 -17.24 18.64
C TYR L 281 -75.93 -18.24 18.02
N ASN L 282 -75.58 -19.52 18.13
CA ASN L 282 -76.50 -20.61 17.88
C ASN L 282 -77.45 -20.64 19.08
N VAL L 283 -78.56 -19.93 18.95
CA VAL L 283 -79.43 -19.58 20.09
C VAL L 283 -80.29 -20.78 20.52
N SER L 284 -80.95 -20.61 21.66
CA SER L 284 -81.90 -21.55 22.26
C SER L 284 -82.93 -22.19 21.30
N GLY L 285 -83.40 -21.41 20.32
CA GLY L 285 -84.33 -21.90 19.30
C GLY L 285 -83.72 -22.80 18.21
N GLU L 286 -82.57 -22.40 17.67
CA GLU L 286 -81.88 -23.14 16.58
C GLU L 286 -81.29 -24.45 17.09
N TYR L 287 -81.08 -24.51 18.40
CA TYR L 287 -80.79 -25.74 19.14
C TYR L 287 -82.03 -26.62 19.25
N SER L 288 -83.07 -26.09 19.92
CA SER L 288 -84.31 -26.83 20.18
C SER L 288 -85.12 -27.18 18.91
N LEU L 289 -84.96 -26.40 17.84
CA LEU L 289 -85.50 -26.75 16.51
C LEU L 289 -84.92 -28.07 16.00
N VAL L 290 -83.63 -28.29 16.26
CA VAL L 290 -82.95 -29.52 15.86
C VAL L 290 -83.43 -30.71 16.72
N LYS L 291 -83.56 -30.49 18.02
CA LYS L 291 -84.03 -31.54 18.93
C LYS L 291 -85.50 -31.90 18.70
N ALA L 292 -86.33 -30.87 18.48
CA ALA L 292 -87.77 -31.07 18.22
C ALA L 292 -88.07 -31.93 16.99
N ALA L 293 -87.28 -31.76 15.93
CA ALA L 293 -87.42 -32.55 14.69
C ALA L 293 -86.53 -33.81 14.62
N ALA L 294 -85.52 -33.89 15.50
CA ALA L 294 -84.70 -35.10 15.65
C ALA L 294 -85.42 -36.17 16.47
N THR L 295 -85.94 -35.77 17.64
CA THR L 295 -86.74 -36.65 18.54
C THR L 295 -88.13 -37.02 17.89
N ALA L 296 -88.77 -36.06 17.19
CA ALA L 296 -89.93 -36.34 16.32
C ALA L 296 -89.57 -37.08 15.00
N GLY L 297 -88.27 -37.14 14.68
CA GLY L 297 -87.75 -38.07 13.65
C GLY L 297 -87.93 -37.66 12.20
N TYR L 298 -88.10 -36.35 11.98
CA TYR L 298 -88.24 -35.81 10.62
C TYR L 298 -86.89 -35.74 9.89
N VAL L 299 -85.89 -35.15 10.56
CA VAL L 299 -84.57 -34.89 9.97
C VAL L 299 -83.50 -35.49 10.89
N ASP L 300 -82.36 -35.84 10.31
CA ASP L 300 -81.21 -36.35 11.08
C ASP L 300 -80.73 -35.32 12.12
N GLU L 301 -79.97 -35.75 13.15
CA GLU L 301 -79.43 -34.82 14.16
C GLU L 301 -77.91 -34.62 14.18
N ARG L 302 -77.12 -35.68 14.09
CA ARG L 302 -75.65 -35.52 14.13
C ARG L 302 -75.19 -34.60 12.99
N THR L 303 -75.66 -34.87 11.78
CA THR L 303 -75.30 -34.06 10.61
C THR L 303 -75.89 -32.65 10.66
N ILE L 304 -77.20 -32.56 10.91
CA ILE L 304 -77.86 -31.25 10.93
C ILE L 304 -77.23 -30.36 11.99
N THR L 305 -76.72 -30.93 13.10
CA THR L 305 -76.03 -30.11 14.11
C THR L 305 -74.68 -29.66 13.61
N LEU L 306 -73.88 -30.58 13.08
CA LEU L 306 -72.56 -30.22 12.56
C LEU L 306 -72.71 -29.25 11.41
N GLU L 307 -73.47 -29.65 10.40
CA GLU L 307 -73.71 -28.82 9.24
C GLU L 307 -74.12 -27.38 9.62
N ILE L 308 -74.94 -27.23 10.66
CA ILE L 308 -75.31 -25.90 11.15
C ILE L 308 -74.07 -25.15 11.66
N LEU L 309 -73.25 -25.83 12.43
CA LEU L 309 -72.06 -25.20 12.99
C LEU L 309 -70.99 -24.99 11.93
N THR L 310 -70.93 -25.87 10.93
CA THR L 310 -70.07 -25.63 9.77
C THR L 310 -70.53 -24.40 8.99
N ALA L 311 -71.84 -24.19 8.98
CA ALA L 311 -72.44 -23.07 8.27
C ALA L 311 -72.26 -21.75 8.97
N ILE L 312 -72.11 -21.76 10.30
CA ILE L 312 -71.80 -20.53 11.05
C ILE L 312 -70.34 -20.12 10.82
N LYS L 313 -69.42 -21.05 11.11
CA LYS L 313 -67.99 -20.91 10.77
C LYS L 313 -67.73 -20.49 9.31
N ARG L 314 -68.44 -21.13 8.38
CA ARG L 314 -68.26 -20.83 6.94
C ARG L 314 -68.51 -19.36 6.66
N ALA L 315 -69.68 -18.87 7.10
CA ALA L 315 -70.07 -17.45 6.98
C ALA L 315 -68.94 -16.56 7.44
N GLY L 316 -68.32 -16.89 8.57
CA GLY L 316 -67.23 -16.09 9.09
C GLY L 316 -66.84 -16.31 10.52
N ALA L 317 -67.80 -16.66 11.37
CA ALA L 317 -67.58 -16.71 12.81
C ALA L 317 -66.28 -17.41 13.25
N ASP L 318 -65.44 -16.64 13.94
CA ASP L 318 -64.26 -17.15 14.61
C ASP L 318 -64.65 -17.93 15.86
N LEU L 319 -65.84 -17.62 16.40
CA LEU L 319 -66.32 -18.21 17.63
C LEU L 319 -67.83 -18.45 17.60
N ILE L 320 -68.26 -19.55 18.21
CA ILE L 320 -69.66 -19.97 18.21
C ILE L 320 -70.10 -20.22 19.64
N LEU L 321 -71.16 -19.51 20.04
CA LEU L 321 -71.83 -19.78 21.28
C LEU L 321 -72.93 -20.77 20.97
N THR L 322 -72.80 -22.00 21.48
CA THR L 322 -73.82 -23.03 21.30
C THR L 322 -74.10 -23.75 22.60
N TYR L 323 -75.34 -24.21 22.75
CA TYR L 323 -75.68 -25.19 23.78
C TYR L 323 -75.34 -26.61 23.25
N HIS L 324 -75.21 -26.77 21.92
CA HIS L 324 -74.62 -27.98 21.30
C HIS L 324 -73.19 -28.34 21.71
N ALA L 325 -72.40 -27.36 22.14
CA ALA L 325 -70.98 -27.52 22.56
C ALA L 325 -70.46 -28.94 22.86
N LEU L 326 -71.09 -29.60 23.83
CA LEU L 326 -70.60 -30.86 24.39
C LEU L 326 -70.70 -32.01 23.41
N GLU L 327 -71.93 -32.38 23.05
CA GLU L 327 -72.19 -33.35 22.00
C GLU L 327 -71.44 -33.04 20.68
N ALA L 328 -71.32 -31.76 20.35
CA ALA L 328 -70.69 -31.29 19.12
C ALA L 328 -69.23 -31.67 19.12
N ALA L 329 -68.52 -31.26 20.16
CA ALA L 329 -67.09 -31.59 20.32
C ALA L 329 -66.89 -33.11 20.45
N LYS L 330 -67.85 -33.75 21.12
CA LYS L 330 -67.92 -35.23 21.18
C LYS L 330 -68.00 -35.88 19.78
N TRP L 331 -68.01 -35.05 18.72
CA TRP L 331 -67.97 -35.52 17.33
C TRP L 331 -66.60 -35.27 16.62
N ILE L 332 -65.84 -36.37 16.73
CA ILE L 332 -64.57 -36.62 16.10
C ILE L 332 -64.83 -37.76 15.07
N LYS L 333 -65.24 -37.38 13.85
CA LYS L 333 -65.43 -38.26 12.64
C LYS L 333 -66.34 -37.50 11.64
N GLU L 334 -65.74 -36.65 10.81
CA GLU L 334 -66.53 -35.67 10.01
C GLU L 334 -67.56 -36.28 9.07
N GLY L 335 -68.83 -35.92 9.25
CA GLY L 335 -69.90 -36.42 8.40
C GLY L 335 -70.19 -35.55 7.19
N LEU L 336 -69.14 -35.03 6.51
CA LEU L 336 -69.23 -34.07 5.34
C LEU L 336 -68.11 -34.38 4.30
#